data_3RI5
#
_entry.id   3RI5
#
_cell.length_a   154.843
_cell.length_b   154.843
_cell.length_c   573.473
_cell.angle_alpha   90.00
_cell.angle_beta   90.00
_cell.angle_gamma   90.00
#
_symmetry.space_group_name_H-M   'P 43 21 2'
#
loop_
_entity.id
_entity.type
_entity.pdbx_description
1 polymer 'Avermectin-sensitive glutamate-gated chloride channel GluCl alpha'
2 polymer 'Mouse monoclonal Fab fragment, heavy chain'
3 polymer 'Mouse monoclonal Fab fragment, light chain'
4 non-polymer "(2aE,4E,5'S,6S,6'R,7S,8E,11R,13R,15S,17aR,20R,20aR,20bS)-6'-[(2S)-butan-2-yl]-20,20b-dihydroxy-5',6,8,19-tetramethyl-17 -oxo-3',4',5',6,6',10,11,14,15,17,17a,20,20a,20b-tetradecahydro-2H,7H-spiro[11,15-methanofuro[4,3,2-pq][2,6]benzodioxacy clooctadecine-13,2'-pyran]-7-yl 2,6-dideoxy-4-O-(2,6-dideoxy-3-O-methyl-alpha-L-arabino-hexopyranosyl)-3-O-methyl-alpha-L-arabino-hexopyranoside"
5 non-polymer DODECYL-BETA-D-MALTOSIDE
6 non-polymer 2-acetamido-2-deoxy-beta-D-glucopyranose
7 non-polymer N-OCTANE
8 non-polymer UNDECANE
9 non-polymer 'CHLORIDE ION'
10 non-polymer '(1aR,2aR,3S,6R,6aS,8aS,8bR,9R)-2a-hydroxy-8b-methyl-9-(prop-1-en-2-yl)hexahydro-3,6-methano-1,5,7-trioxacyclopenta[ij]c yclopropa[a]azulene-4,8(3H)-dione'
#
loop_
_entity_poly.entity_id
_entity_poly.type
_entity_poly.pdbx_seq_one_letter_code
_entity_poly.pdbx_strand_id
1 'polypeptide(L)'
;SDSKILAHLFTSGYDFRVRPPTDNGGPVVVSVNMLLRTISKIDVVNMEYSAQLTLRESWIDKRLSYGVKGDGQPDFVILT
VGHQIWMPDTFFPNEKQAYKHTIDKPNVLIRIHNDGTVLYSVRISLVLSCPMYLQYYPMDVQQCSIDLASYAYTTKDIEY
LWKEHSPLQLKVGLSSSLPSFQLTNTSTTYCTSVTNTGIYSCLRTTIQLKREFSFYLLQLYIPSCMLVIVSWVSFWFDRT
AIPARVTLGVTTLLTMTAQSAGINSQLPPVSYIKAIDVWIGACMTFIFCALLEFALVNHIANAGTTEWNDISKRVDLISR
ALFPVLFFVFNILYWSRFGHHHHHHHH
;
A,B,C,D,E
2 'polypeptide(L)'
;EVQLQQSGPELVRPGASMKISCKASGYSFTGYTMNWVKQSHGKNLEWIGLINPYNGGTSYNQKFKGKATLTVDKSSSTAY
MELLSLTSEDSAVYYCARDGDYYRYGRYFDYWGQGTTLTVSSAKTTPPSVYPLAPGSAAQTNSMVTLGCLVKGYFPEPVT
VTWNSGSLSSGVHTFPAVLQSDLYTLSSSVTVPSSTWPSETVTCNVAHPASSTKVDKKIVP
;
F,G,H,I,J
3 'polypeptide(L)'
;QAVVTQESALTTSPGETVTLTCRSSTGAVTTINFANWVQEKPDHLFTGLIGGINNRAPGVPARFSGSLIGDKAALTITGA
QTEDEAIYFCALWYSNHWVFGGGTKLTVLGQPKSSPSVTLFPPSSEELETNKATLVCTITDFYPGVVTVDWKVDGTPVTQ
GMETTQPSKQSNNKYMASSYLTLTARAWERHSSYSCQVTHEGHTVEKSLS
;
K,L,M,N,O
#
# COMPACT_ATOMS: atom_id res chain seq x y z
N SER A 1 -10.70 -15.73 -36.67
CA SER A 1 -10.82 -17.09 -36.16
C SER A 1 -11.11 -17.11 -34.67
N ASP A 2 -10.08 -16.83 -33.85
CA ASP A 2 -10.24 -16.81 -32.41
C ASP A 2 -11.23 -15.74 -31.96
N SER A 3 -11.09 -14.54 -32.53
CA SER A 3 -11.99 -13.44 -32.22
C SER A 3 -13.41 -13.78 -32.63
N LYS A 4 -13.55 -14.55 -33.70
CA LYS A 4 -14.87 -14.97 -34.19
C LYS A 4 -15.47 -16.05 -33.28
N ILE A 5 -14.64 -16.98 -32.83
CA ILE A 5 -15.07 -18.02 -31.92
C ILE A 5 -15.59 -17.43 -30.62
N LEU A 6 -14.87 -16.43 -30.11
CA LEU A 6 -15.29 -15.75 -28.89
C LEU A 6 -16.60 -15.01 -29.12
N ALA A 7 -16.69 -14.30 -30.24
CA ALA A 7 -17.90 -13.56 -30.58
C ALA A 7 -19.11 -14.48 -30.64
N HIS A 8 -18.91 -15.70 -31.14
CA HIS A 8 -20.00 -16.65 -31.27
C HIS A 8 -20.54 -17.10 -29.90
N LEU A 9 -19.65 -17.15 -28.91
CA LEU A 9 -20.00 -17.60 -27.57
C LEU A 9 -20.79 -16.55 -26.79
N PHE A 10 -20.47 -15.29 -27.01
CA PHE A 10 -21.08 -14.20 -26.24
C PHE A 10 -22.13 -13.42 -27.02
N THR A 11 -22.35 -13.80 -28.28
CA THR A 11 -23.40 -13.17 -29.07
C THR A 11 -24.74 -13.75 -28.66
N SER A 12 -24.74 -14.98 -28.17
CA SER A 12 -25.94 -15.60 -27.63
C SER A 12 -26.20 -15.10 -26.23
N GLY A 13 -27.20 -15.67 -25.57
CA GLY A 13 -27.55 -15.26 -24.22
C GLY A 13 -26.69 -15.95 -23.19
N TYR A 14 -25.58 -15.31 -22.82
CA TYR A 14 -24.68 -15.87 -21.82
C TYR A 14 -24.57 -14.97 -20.60
N ASP A 15 -24.83 -15.53 -19.43
CA ASP A 15 -24.80 -14.76 -18.19
C ASP A 15 -23.66 -15.24 -17.29
N PHE A 16 -22.63 -14.39 -17.16
CA PHE A 16 -21.47 -14.74 -16.33
C PHE A 16 -21.84 -14.80 -14.86
N ARG A 17 -23.06 -14.39 -14.54
CA ARG A 17 -23.52 -14.36 -13.16
C ARG A 17 -24.14 -15.71 -12.79
N VAL A 18 -24.56 -16.44 -13.82
CA VAL A 18 -25.19 -17.74 -13.63
C VAL A 18 -24.16 -18.85 -13.60
N ARG A 19 -24.26 -19.71 -12.60
CA ARG A 19 -23.39 -20.87 -12.46
C ARG A 19 -23.54 -21.79 -13.68
N PRO A 20 -22.43 -22.39 -14.13
CA PRO A 20 -22.48 -23.33 -15.26
C PRO A 20 -23.41 -24.49 -14.96
N PRO A 21 -24.22 -24.91 -15.95
CA PRO A 21 -25.15 -26.04 -15.81
C PRO A 21 -24.44 -27.38 -15.67
N THR A 22 -25.13 -28.35 -15.08
CA THR A 22 -24.57 -29.69 -14.91
C THR A 22 -25.57 -30.72 -15.42
N ASP A 23 -25.06 -31.88 -15.83
CA ASP A 23 -25.90 -32.92 -16.40
C ASP A 23 -26.92 -33.46 -15.39
N ASN A 24 -26.46 -33.74 -14.18
CA ASN A 24 -27.32 -34.27 -13.13
C ASN A 24 -27.70 -33.24 -12.08
N GLY A 25 -27.42 -31.96 -12.38
CA GLY A 25 -27.72 -30.88 -11.46
C GLY A 25 -26.72 -30.79 -10.34
N GLY A 26 -25.71 -31.65 -10.40
CA GLY A 26 -24.66 -31.66 -9.39
C GLY A 26 -23.92 -30.33 -9.34
N PRO A 27 -22.95 -30.23 -8.41
CA PRO A 27 -22.18 -29.00 -8.25
C PRO A 27 -21.11 -28.86 -9.33
N VAL A 28 -20.61 -27.65 -9.53
CA VAL A 28 -19.51 -27.41 -10.46
C VAL A 28 -18.22 -27.88 -9.82
N VAL A 29 -17.54 -28.83 -10.46
CA VAL A 29 -16.29 -29.35 -9.91
C VAL A 29 -15.09 -28.55 -10.39
N VAL A 30 -14.41 -27.91 -9.45
CA VAL A 30 -13.26 -27.08 -9.76
C VAL A 30 -11.96 -27.75 -9.33
N SER A 31 -11.18 -28.22 -10.29
CA SER A 31 -9.88 -28.81 -9.99
C SER A 31 -8.86 -27.71 -9.75
N VAL A 32 -8.04 -27.88 -8.72
CA VAL A 32 -7.09 -26.85 -8.32
C VAL A 32 -5.64 -27.31 -8.35
N ASN A 33 -4.81 -26.56 -9.05
CA ASN A 33 -3.36 -26.76 -9.02
C ASN A 33 -2.72 -25.54 -8.40
N MET A 34 -1.64 -25.74 -7.67
CA MET A 34 -1.01 -24.64 -6.94
C MET A 34 0.51 -24.69 -7.03
N LEU A 35 1.11 -23.60 -7.48
CA LEU A 35 2.55 -23.52 -7.66
C LEU A 35 3.16 -22.45 -6.77
N LEU A 36 3.88 -22.88 -5.73
CA LEU A 36 4.55 -21.97 -4.83
C LEU A 36 5.80 -21.38 -5.48
N ARG A 37 5.89 -20.06 -5.50
CA ARG A 37 7.05 -19.38 -6.09
C ARG A 37 8.10 -19.05 -5.05
N THR A 38 7.68 -18.36 -3.99
CA THR A 38 8.57 -17.99 -2.91
C THR A 38 7.85 -17.99 -1.56
N ILE A 39 8.53 -18.49 -0.54
CA ILE A 39 8.02 -18.46 0.82
C ILE A 39 8.98 -17.65 1.68
N SER A 40 8.56 -16.45 2.08
CA SER A 40 9.45 -15.51 2.74
C SER A 40 8.86 -14.91 4.01
N LYS A 41 9.63 -14.05 4.67
CA LYS A 41 9.19 -13.36 5.88
C LYS A 41 8.36 -14.24 6.80
N ILE A 42 9.00 -15.27 7.37
CA ILE A 42 8.34 -16.14 8.33
C ILE A 42 8.36 -15.53 9.73
N ASP A 43 7.40 -14.66 10.01
CA ASP A 43 7.35 -13.92 11.26
C ASP A 43 6.91 -14.81 12.41
N VAL A 44 7.76 -14.96 13.43
CA VAL A 44 7.47 -15.83 14.55
C VAL A 44 6.76 -15.09 15.68
N VAL A 45 6.94 -13.77 15.72
CA VAL A 45 6.28 -12.93 16.70
C VAL A 45 4.78 -12.81 16.43
N ASN A 46 4.44 -12.44 15.20
CA ASN A 46 3.03 -12.33 14.81
C ASN A 46 2.50 -13.64 14.24
N MET A 47 3.35 -14.66 14.23
CA MET A 47 2.95 -15.97 13.74
C MET A 47 2.20 -15.88 12.43
N GLU A 48 2.93 -15.48 11.39
CA GLU A 48 2.41 -15.43 10.04
C GLU A 48 3.59 -15.57 9.08
N TYR A 49 3.29 -15.76 7.80
CA TYR A 49 4.34 -15.85 6.81
C TYR A 49 3.84 -15.36 5.46
N SER A 50 4.76 -14.87 4.64
CA SER A 50 4.42 -14.40 3.30
C SER A 50 4.76 -15.47 2.29
N ALA A 51 4.00 -15.52 1.20
CA ALA A 51 4.22 -16.51 0.16
C ALA A 51 3.58 -16.06 -1.14
N GLN A 52 4.31 -16.21 -2.24
CA GLN A 52 3.79 -15.87 -3.56
C GLN A 52 3.59 -17.14 -4.37
N LEU A 53 2.38 -17.33 -4.87
CA LEU A 53 2.02 -18.57 -5.55
C LEU A 53 1.23 -18.30 -6.81
N THR A 54 1.12 -19.32 -7.66
CA THR A 54 0.29 -19.26 -8.84
C THR A 54 -0.90 -20.18 -8.68
N LEU A 55 -2.09 -19.58 -8.59
CA LEU A 55 -3.33 -20.34 -8.47
C LEU A 55 -3.79 -20.78 -9.85
N ARG A 56 -4.18 -22.04 -9.97
CA ARG A 56 -4.65 -22.58 -11.25
C ARG A 56 -5.94 -23.36 -11.09
N GLU A 57 -7.02 -22.81 -11.58
CA GLU A 57 -8.33 -23.44 -11.46
C GLU A 57 -8.83 -23.94 -12.80
N SER A 58 -9.56 -25.05 -12.78
CA SER A 58 -10.09 -25.64 -13.99
C SER A 58 -11.47 -26.24 -13.76
N TRP A 59 -12.46 -25.78 -14.50
CA TRP A 59 -13.81 -26.32 -14.40
C TRP A 59 -14.41 -26.45 -15.80
N ILE A 60 -15.60 -27.03 -15.88
CA ILE A 60 -16.27 -27.18 -17.17
C ILE A 60 -17.49 -26.28 -17.27
N ASP A 61 -17.61 -25.60 -18.41
CA ASP A 61 -18.72 -24.70 -18.66
C ASP A 61 -19.25 -24.98 -20.06
N LYS A 62 -20.16 -25.93 -20.18
CA LYS A 62 -20.64 -26.37 -21.48
C LYS A 62 -21.09 -25.21 -22.36
N ARG A 63 -21.59 -24.15 -21.74
CA ARG A 63 -22.04 -22.96 -22.46
C ARG A 63 -20.91 -22.35 -23.30
N LEU A 64 -19.67 -22.60 -22.89
CA LEU A 64 -18.52 -21.99 -23.55
C LEU A 64 -17.90 -22.90 -24.60
N SER A 65 -18.41 -24.11 -24.73
CA SER A 65 -17.90 -25.03 -25.74
C SER A 65 -18.23 -24.50 -27.13
N TYR A 66 -17.21 -24.46 -27.99
CA TYR A 66 -17.37 -23.89 -29.32
C TYR A 66 -17.01 -24.91 -30.39
N GLY A 67 -15.95 -25.68 -30.13
CA GLY A 67 -15.49 -26.66 -31.07
C GLY A 67 -16.03 -28.04 -30.76
N VAL A 68 -16.46 -28.23 -29.51
CA VAL A 68 -16.95 -29.52 -29.06
C VAL A 68 -15.90 -30.60 -29.37
N LYS A 69 -16.17 -31.42 -30.37
CA LYS A 69 -15.19 -32.41 -30.82
C LYS A 69 -14.00 -31.69 -31.43
N GLY A 70 -14.29 -30.57 -32.08
CA GLY A 70 -13.26 -29.77 -32.73
C GLY A 70 -12.58 -30.54 -33.84
N ASP A 71 -11.29 -30.80 -33.66
CA ASP A 71 -10.52 -31.58 -34.63
C ASP A 71 -10.54 -30.93 -36.01
N GLY A 72 -11.18 -29.76 -36.09
CA GLY A 72 -11.12 -28.91 -37.25
C GLY A 72 -10.78 -27.49 -36.81
N GLN A 73 -11.03 -27.21 -35.54
CA GLN A 73 -10.76 -25.91 -34.94
C GLN A 73 -9.61 -25.97 -33.95
N PRO A 74 -9.16 -24.80 -33.47
CA PRO A 74 -8.09 -24.74 -32.46
C PRO A 74 -8.50 -25.43 -31.16
N ASP A 75 -7.57 -26.12 -30.52
CA ASP A 75 -7.86 -26.84 -29.29
C ASP A 75 -8.54 -25.93 -28.27
N PHE A 76 -7.94 -24.77 -28.02
CA PHE A 76 -8.48 -23.81 -27.08
C PHE A 76 -8.32 -22.37 -27.57
N VAL A 77 -9.05 -21.45 -26.94
CA VAL A 77 -8.97 -20.05 -27.31
C VAL A 77 -8.66 -19.21 -26.07
N ILE A 78 -7.68 -18.33 -26.18
CA ILE A 78 -7.34 -17.43 -25.08
C ILE A 78 -8.42 -16.37 -24.93
N LEU A 79 -8.99 -16.28 -23.72
CA LEU A 79 -10.05 -15.32 -23.46
C LEU A 79 -9.47 -13.91 -23.38
N THR A 80 -9.92 -13.05 -24.29
CA THR A 80 -9.45 -11.67 -24.34
C THR A 80 -10.26 -10.77 -23.42
N VAL A 81 -9.79 -9.55 -23.23
CA VAL A 81 -10.45 -8.57 -22.36
C VAL A 81 -11.82 -8.20 -22.90
N GLY A 82 -12.76 -7.95 -21.98
CA GLY A 82 -14.08 -7.52 -22.36
C GLY A 82 -15.09 -8.65 -22.51
N HIS A 83 -14.67 -9.86 -22.17
CA HIS A 83 -15.56 -11.01 -22.20
C HIS A 83 -15.68 -11.62 -20.80
N GLN A 84 -16.85 -11.47 -20.20
CA GLN A 84 -17.09 -11.97 -18.85
C GLN A 84 -17.35 -13.47 -18.84
N ILE A 85 -16.81 -14.14 -17.82
CA ILE A 85 -17.02 -15.57 -17.66
C ILE A 85 -17.25 -15.90 -16.20
N TRP A 86 -18.23 -16.75 -15.91
CA TRP A 86 -18.46 -17.18 -14.54
C TRP A 86 -17.20 -17.83 -14.00
N MET A 87 -16.82 -17.44 -12.79
CA MET A 87 -15.63 -17.99 -12.15
C MET A 87 -15.89 -18.31 -10.68
N PRO A 88 -15.25 -19.37 -10.18
CA PRO A 88 -15.37 -19.70 -8.75
C PRO A 88 -14.87 -18.54 -7.91
N ASP A 89 -15.74 -17.99 -7.05
CA ASP A 89 -15.35 -16.87 -6.20
C ASP A 89 -14.49 -17.35 -5.04
N THR A 90 -13.36 -17.98 -5.36
CA THR A 90 -12.53 -18.57 -4.34
C THR A 90 -11.73 -17.51 -3.57
N PHE A 91 -11.51 -17.78 -2.28
CA PHE A 91 -10.72 -16.89 -1.45
C PHE A 91 -9.85 -17.73 -0.53
N PHE A 92 -8.92 -17.07 0.17
CA PHE A 92 -8.03 -17.78 1.07
C PHE A 92 -8.41 -17.50 2.53
N PRO A 93 -9.15 -18.44 3.15
CA PRO A 93 -9.71 -18.29 4.50
C PRO A 93 -8.70 -17.79 5.52
N ASN A 94 -7.45 -18.22 5.45
CA ASN A 94 -6.45 -17.79 6.42
C ASN A 94 -5.50 -16.72 5.89
N GLU A 95 -5.92 -16.02 4.83
CA GLU A 95 -5.16 -14.89 4.30
C GLU A 95 -5.42 -13.64 5.12
N LYS A 96 -4.37 -12.96 5.53
CA LYS A 96 -4.51 -11.69 6.24
C LYS A 96 -4.31 -10.53 5.27
N GLN A 97 -3.56 -10.78 4.20
CA GLN A 97 -3.29 -9.79 3.17
C GLN A 97 -3.07 -10.49 1.83
N ALA A 98 -3.54 -9.86 0.76
CA ALA A 98 -3.42 -10.46 -0.57
C ALA A 98 -3.29 -9.41 -1.66
N TYR A 99 -2.44 -9.68 -2.65
CA TYR A 99 -2.28 -8.76 -3.77
C TYR A 99 -2.24 -9.52 -5.08
N LYS A 100 -3.00 -9.06 -6.07
CA LYS A 100 -2.85 -9.55 -7.43
C LYS A 100 -1.78 -8.72 -8.10
N HIS A 101 -1.02 -9.34 -9.01
CA HIS A 101 0.00 -8.62 -9.74
C HIS A 101 -0.55 -8.09 -11.05
N THR A 102 -0.41 -6.78 -11.25
CA THR A 102 -1.01 -6.12 -12.41
C THR A 102 0.01 -5.31 -13.19
N ILE A 103 1.29 -5.66 -13.06
CA ILE A 103 2.37 -4.90 -13.68
C ILE A 103 2.34 -4.96 -15.21
N ASP A 104 2.34 -3.78 -15.82
CA ASP A 104 1.97 -3.62 -17.22
C ASP A 104 0.54 -4.11 -17.41
N LYS A 105 0.39 -5.34 -17.89
CA LYS A 105 -0.92 -5.97 -17.97
C LYS A 105 -1.11 -6.89 -16.75
N PRO A 106 -2.35 -7.04 -16.29
CA PRO A 106 -2.63 -7.92 -15.15
C PRO A 106 -2.15 -9.34 -15.41
N ASN A 107 -1.54 -9.96 -14.40
CA ASN A 107 -1.00 -11.31 -14.56
C ASN A 107 -2.06 -12.40 -14.44
N VAL A 108 -2.90 -12.52 -15.46
CA VAL A 108 -3.89 -13.59 -15.50
C VAL A 108 -3.90 -14.28 -16.84
N LEU A 109 -4.40 -15.50 -16.86
CA LEU A 109 -4.55 -16.27 -18.09
C LEU A 109 -5.83 -17.07 -18.03
N ILE A 110 -6.69 -16.90 -19.02
CA ILE A 110 -7.89 -17.70 -19.11
C ILE A 110 -7.97 -18.38 -20.46
N ARG A 111 -8.13 -19.71 -20.46
CA ARG A 111 -8.28 -20.46 -21.68
C ARG A 111 -9.62 -21.16 -21.72
N ILE A 112 -10.24 -21.17 -22.89
CA ILE A 112 -11.52 -21.85 -23.07
C ILE A 112 -11.35 -22.96 -24.08
N HIS A 113 -11.20 -24.19 -23.60
CA HIS A 113 -11.04 -25.34 -24.49
C HIS A 113 -12.32 -25.61 -25.26
N ASN A 114 -12.18 -26.23 -26.43
CA ASN A 114 -13.31 -26.49 -27.31
C ASN A 114 -14.47 -27.20 -26.61
N ASP A 115 -14.15 -28.09 -25.67
CA ASP A 115 -15.18 -28.86 -24.98
C ASP A 115 -15.88 -28.06 -23.88
N GLY A 116 -15.39 -26.85 -23.63
CA GLY A 116 -15.97 -26.00 -22.60
C GLY A 116 -15.17 -25.98 -21.32
N THR A 117 -14.06 -26.71 -21.31
CA THR A 117 -13.17 -26.72 -20.16
C THR A 117 -12.43 -25.39 -20.05
N VAL A 118 -12.43 -24.82 -18.86
CA VAL A 118 -11.80 -23.52 -18.62
C VAL A 118 -10.55 -23.66 -17.77
N LEU A 119 -9.45 -23.03 -18.20
CA LEU A 119 -8.25 -22.94 -17.37
C LEU A 119 -8.05 -21.51 -16.90
N TYR A 120 -7.87 -21.35 -15.60
CA TYR A 120 -7.66 -20.04 -15.02
C TYR A 120 -6.35 -20.01 -14.24
N SER A 121 -5.47 -19.07 -14.58
CA SER A 121 -4.18 -18.95 -13.92
C SER A 121 -3.95 -17.52 -13.48
N VAL A 122 -3.47 -17.34 -12.26
CA VAL A 122 -3.26 -16.00 -11.72
C VAL A 122 -2.17 -15.98 -10.67
N ARG A 123 -1.32 -14.96 -10.70
CA ARG A 123 -0.31 -14.77 -9.67
C ARG A 123 -0.90 -14.04 -8.50
N ILE A 124 -0.61 -14.53 -7.30
CA ILE A 124 -1.14 -13.94 -6.08
C ILE A 124 -0.07 -13.92 -4.99
N SER A 125 0.08 -12.78 -4.34
CA SER A 125 0.97 -12.69 -3.19
C SER A 125 0.14 -12.67 -1.92
N LEU A 126 0.48 -13.52 -0.97
CA LEU A 126 -0.32 -13.67 0.25
C LEU A 126 0.50 -13.42 1.50
N VAL A 127 -0.19 -13.04 2.57
CA VAL A 127 0.36 -13.05 3.91
C VAL A 127 -0.59 -13.85 4.78
N LEU A 128 -0.20 -15.07 5.10
CA LEU A 128 -1.08 -16.01 5.77
C LEU A 128 -0.74 -16.12 7.25
N SER A 129 -1.74 -16.41 8.08
CA SER A 129 -1.48 -16.65 9.49
C SER A 129 -1.09 -18.10 9.69
N CYS A 130 -0.01 -18.33 10.44
CA CYS A 130 0.50 -19.68 10.67
C CYS A 130 0.87 -19.84 12.14
N PRO A 131 -0.08 -20.34 12.95
CA PRO A 131 0.17 -20.56 14.37
C PRO A 131 1.37 -21.48 14.55
N MET A 132 2.36 -21.01 15.31
CA MET A 132 3.58 -21.77 15.51
C MET A 132 3.74 -22.20 16.97
N TYR A 133 4.47 -23.28 17.18
CA TYR A 133 4.63 -23.86 18.51
C TYR A 133 6.11 -24.00 18.84
N LEU A 134 6.56 -23.18 19.79
CA LEU A 134 8.00 -23.05 20.07
C LEU A 134 8.48 -23.87 21.25
N GLN A 135 7.83 -25.01 21.51
CA GLN A 135 8.23 -25.86 22.61
C GLN A 135 9.71 -26.24 22.52
N TYR A 136 10.16 -26.55 21.31
CA TYR A 136 11.54 -26.92 21.09
C TYR A 136 12.29 -25.81 20.35
N TYR A 137 11.87 -24.57 20.60
CA TYR A 137 12.23 -23.42 19.74
C TYR A 137 13.47 -23.56 18.86
N PRO A 138 14.65 -23.69 19.48
CA PRO A 138 15.88 -23.70 18.67
C PRO A 138 15.80 -24.77 17.58
N MET A 139 15.41 -25.99 17.96
CA MET A 139 15.26 -27.09 17.00
C MET A 139 13.80 -27.49 16.82
N ASP A 140 13.01 -26.62 16.21
CA ASP A 140 11.59 -26.89 16.01
C ASP A 140 11.24 -27.12 14.54
N VAL A 141 10.03 -27.62 14.29
CA VAL A 141 9.48 -27.67 12.95
C VAL A 141 8.06 -27.11 12.98
N GLN A 142 7.79 -26.19 12.06
CA GLN A 142 6.47 -25.59 11.98
C GLN A 142 5.75 -26.10 10.75
N GLN A 143 4.42 -26.08 10.78
CA GLN A 143 3.63 -26.43 9.61
C GLN A 143 2.70 -25.30 9.23
N CYS A 144 2.94 -24.73 8.07
CA CYS A 144 2.15 -23.60 7.59
C CYS A 144 1.24 -24.02 6.45
N SER A 145 0.06 -23.43 6.38
CA SER A 145 -0.94 -23.87 5.42
C SER A 145 -1.56 -22.72 4.62
N ILE A 146 -2.00 -23.04 3.42
CA ILE A 146 -2.78 -22.13 2.60
C ILE A 146 -4.16 -22.76 2.41
N ASP A 147 -5.20 -22.10 2.90
CA ASP A 147 -6.55 -22.61 2.72
C ASP A 147 -7.22 -21.95 1.53
N LEU A 148 -8.06 -22.72 0.84
CA LEU A 148 -8.71 -22.24 -0.36
C LEU A 148 -10.14 -22.75 -0.40
N ALA A 149 -11.10 -21.86 -0.56
CA ALA A 149 -12.51 -22.24 -0.57
C ALA A 149 -13.38 -21.20 -1.26
N SER A 150 -14.61 -21.59 -1.60
CA SER A 150 -15.58 -20.66 -2.15
C SER A 150 -16.20 -19.87 -1.03
N TYR A 151 -16.58 -18.62 -1.30
CA TYR A 151 -17.15 -17.78 -0.26
C TYR A 151 -18.67 -17.81 -0.24
N ALA A 152 -19.27 -17.67 -1.42
CA ALA A 152 -20.72 -17.57 -1.52
C ALA A 152 -21.36 -18.90 -1.86
N TYR A 153 -20.73 -19.64 -2.77
CA TYR A 153 -21.28 -20.91 -3.24
C TYR A 153 -21.05 -22.03 -2.25
N THR A 154 -22.13 -22.75 -1.95
CA THR A 154 -22.10 -23.82 -0.98
C THR A 154 -21.65 -25.14 -1.62
N THR A 155 -22.00 -26.26 -1.01
CA THR A 155 -21.54 -27.56 -1.47
C THR A 155 -22.40 -28.11 -2.62
N LYS A 156 -23.55 -27.48 -2.85
CA LYS A 156 -24.45 -27.93 -3.89
C LYS A 156 -24.11 -27.27 -5.21
N ASP A 157 -23.31 -26.20 -5.15
CA ASP A 157 -23.01 -25.42 -6.33
C ASP A 157 -21.55 -25.55 -6.78
N ILE A 158 -20.64 -25.70 -5.82
CA ILE A 158 -19.23 -25.73 -6.16
C ILE A 158 -18.45 -26.67 -5.23
N GLU A 159 -17.58 -27.49 -5.81
CA GLU A 159 -16.81 -28.45 -5.05
C GLU A 159 -15.37 -28.45 -5.53
N TYR A 160 -14.43 -28.29 -4.60
CA TYR A 160 -13.02 -28.25 -4.96
C TYR A 160 -12.33 -29.60 -4.81
N LEU A 161 -11.46 -29.91 -5.76
CA LEU A 161 -10.67 -31.12 -5.73
C LEU A 161 -9.27 -30.80 -6.21
N TRP A 162 -8.27 -31.34 -5.51
CA TRP A 162 -6.89 -31.16 -5.92
C TRP A 162 -6.62 -31.90 -7.23
N LYS A 163 -5.89 -31.27 -8.13
CA LYS A 163 -5.52 -31.91 -9.38
C LYS A 163 -5.03 -33.33 -9.08
N GLU A 164 -5.33 -34.27 -9.96
CA GLU A 164 -4.99 -35.66 -9.71
C GLU A 164 -3.48 -35.88 -9.66
N HIS A 165 -2.75 -35.27 -10.59
CA HIS A 165 -1.30 -35.42 -10.66
C HIS A 165 -0.56 -34.13 -10.28
N SER A 166 0.34 -34.25 -9.31
CA SER A 166 1.11 -33.13 -8.78
C SER A 166 0.26 -31.88 -8.57
N PRO A 167 -0.60 -31.90 -7.52
CA PRO A 167 -1.49 -30.79 -7.20
C PRO A 167 -0.68 -29.59 -6.72
N LEU A 168 0.37 -29.85 -5.94
CA LEU A 168 1.24 -28.80 -5.46
C LEU A 168 2.62 -28.91 -6.08
N GLN A 169 3.10 -27.82 -6.65
CA GLN A 169 4.43 -27.77 -7.25
C GLN A 169 5.22 -26.62 -6.64
N LEU A 170 6.54 -26.77 -6.60
CA LEU A 170 7.42 -25.72 -6.12
C LEU A 170 8.32 -25.23 -7.24
N LYS A 171 8.52 -23.91 -7.32
CA LYS A 171 9.49 -23.37 -8.27
C LYS A 171 10.88 -23.78 -7.81
N VAL A 172 11.79 -23.92 -8.76
CA VAL A 172 13.12 -24.42 -8.44
C VAL A 172 13.87 -23.50 -7.47
N GLY A 173 13.74 -22.20 -7.67
CA GLY A 173 14.41 -21.24 -6.80
C GLY A 173 13.59 -20.84 -5.59
N LEU A 174 13.03 -21.82 -4.89
CA LEU A 174 12.24 -21.54 -3.69
C LEU A 174 13.09 -21.72 -2.44
N SER A 175 13.76 -22.86 -2.33
CA SER A 175 14.61 -23.14 -1.18
C SER A 175 15.79 -22.20 -1.09
N SER A 176 16.23 -21.67 -2.23
CA SER A 176 17.37 -20.77 -2.27
C SER A 176 17.00 -19.38 -1.78
N SER A 177 15.72 -19.05 -1.88
CA SER A 177 15.21 -17.76 -1.40
C SER A 177 14.69 -17.90 0.02
N LEU A 178 14.87 -19.09 0.59
CA LEU A 178 14.45 -19.39 1.96
C LEU A 178 15.64 -19.91 2.75
N PRO A 179 16.46 -18.99 3.26
CA PRO A 179 17.76 -19.30 3.88
C PRO A 179 17.64 -19.82 5.31
N SER A 180 16.64 -19.32 6.03
CA SER A 180 16.52 -19.60 7.46
C SER A 180 15.91 -20.97 7.76
N PHE A 181 15.15 -21.50 6.81
CA PHE A 181 14.48 -22.79 7.00
C PHE A 181 14.80 -23.79 5.89
N GLN A 182 14.28 -24.99 6.07
CA GLN A 182 14.42 -26.05 5.07
C GLN A 182 13.06 -26.70 4.82
N LEU A 183 12.49 -26.48 3.64
CA LEU A 183 11.17 -27.01 3.30
C LEU A 183 11.23 -28.52 3.10
N THR A 184 11.01 -29.27 4.16
CA THR A 184 11.23 -30.71 4.15
C THR A 184 10.09 -31.51 3.50
N ASN A 185 8.86 -31.17 3.83
CA ASN A 185 7.72 -31.94 3.35
C ASN A 185 6.52 -31.07 2.98
N THR A 186 5.74 -31.51 2.00
CA THR A 186 4.49 -30.85 1.67
C THR A 186 3.33 -31.84 1.61
N SER A 187 2.12 -31.34 1.80
CA SER A 187 0.93 -32.17 1.76
C SER A 187 -0.24 -31.43 1.14
N THR A 188 -1.16 -32.19 0.56
CA THR A 188 -2.34 -31.62 -0.08
C THR A 188 -3.60 -32.28 0.49
N THR A 189 -4.43 -31.50 1.19
CA THR A 189 -5.55 -32.05 1.95
C THR A 189 -6.83 -31.27 1.74
N TYR A 190 -7.92 -31.77 2.31
CA TYR A 190 -9.22 -31.09 2.27
C TYR A 190 -9.62 -30.59 3.66
N CYS A 191 -10.27 -29.43 3.71
CA CYS A 191 -10.67 -28.83 4.97
C CYS A 191 -12.12 -28.37 4.94
N THR A 192 -12.92 -28.98 4.06
CA THR A 192 -14.35 -28.70 3.99
C THR A 192 -14.92 -28.62 5.39
N SER A 193 -15.75 -27.62 5.66
CA SER A 193 -16.31 -27.44 6.98
C SER A 193 -17.78 -27.03 6.94
N VAL A 194 -18.49 -27.33 8.02
CA VAL A 194 -19.90 -26.98 8.11
C VAL A 194 -20.11 -25.76 9.00
N THR A 195 -20.57 -24.67 8.40
CA THR A 195 -20.77 -23.41 9.11
C THR A 195 -22.25 -23.10 9.29
N ASN A 196 -22.55 -21.93 9.85
CA ASN A 196 -23.93 -21.53 10.08
C ASN A 196 -24.63 -21.11 8.80
N THR A 197 -23.85 -20.76 7.79
CA THR A 197 -24.41 -20.35 6.51
C THR A 197 -24.47 -21.51 5.51
N GLY A 198 -23.88 -22.64 5.88
CA GLY A 198 -23.92 -23.83 5.04
C GLY A 198 -22.64 -24.65 5.09
N ILE A 199 -22.54 -25.64 4.21
CA ILE A 199 -21.35 -26.48 4.15
C ILE A 199 -20.47 -26.08 2.95
N TYR A 200 -19.28 -25.57 3.23
CA TYR A 200 -18.42 -25.04 2.17
C TYR A 200 -17.22 -25.94 1.86
N SER A 201 -17.04 -26.26 0.58
CA SER A 201 -15.90 -27.07 0.16
C SER A 201 -14.62 -26.30 0.35
N CYS A 202 -13.53 -27.00 0.70
CA CYS A 202 -12.28 -26.33 1.03
C CYS A 202 -11.05 -27.22 0.84
N LEU A 203 -10.02 -26.66 0.21
CA LEU A 203 -8.73 -27.34 0.05
C LEU A 203 -7.70 -26.75 1.00
N ARG A 204 -6.68 -27.53 1.32
CA ARG A 204 -5.62 -27.04 2.18
C ARG A 204 -4.27 -27.62 1.81
N THR A 205 -3.35 -26.75 1.39
CA THR A 205 -1.98 -27.17 1.12
C THR A 205 -1.12 -26.86 2.36
N THR A 206 -0.17 -27.74 2.65
CA THR A 206 0.63 -27.61 3.86
C THR A 206 2.12 -27.84 3.60
N ILE A 207 2.94 -26.86 3.96
CA ILE A 207 4.39 -27.01 3.88
C ILE A 207 4.97 -27.20 5.27
N GLN A 208 6.04 -27.97 5.38
CA GLN A 208 6.68 -28.22 6.67
C GLN A 208 8.05 -27.58 6.72
N LEU A 209 8.24 -26.65 7.64
CA LEU A 209 9.47 -25.88 7.73
C LEU A 209 10.33 -26.31 8.90
N LYS A 210 11.56 -26.70 8.60
CA LYS A 210 12.51 -27.14 9.61
C LYS A 210 13.57 -26.07 9.81
N ARG A 211 13.66 -25.54 11.03
CA ARG A 211 14.54 -24.41 11.31
C ARG A 211 16.01 -24.79 11.19
N GLU A 212 16.78 -23.99 10.45
CA GLU A 212 18.21 -24.24 10.29
C GLU A 212 18.93 -24.09 11.62
N PHE A 213 19.85 -25.00 11.88
CA PHE A 213 20.50 -25.10 13.20
C PHE A 213 21.85 -24.38 13.26
N SER A 214 22.52 -24.27 12.12
CA SER A 214 23.86 -23.68 12.05
C SER A 214 23.96 -22.34 12.76
N PHE A 215 22.95 -21.49 12.58
CA PHE A 215 22.92 -20.19 13.22
C PHE A 215 22.91 -20.33 14.75
N TYR A 216 21.97 -21.11 15.27
CA TYR A 216 21.83 -21.23 16.72
C TYR A 216 23.01 -21.95 17.37
N LEU A 217 23.67 -22.81 16.61
CA LEU A 217 24.89 -23.44 17.08
C LEU A 217 25.96 -22.38 17.33
N LEU A 218 26.14 -21.49 16.36
CA LEU A 218 27.19 -20.48 16.43
C LEU A 218 26.84 -19.26 17.28
N GLN A 219 25.56 -18.89 17.34
CA GLN A 219 25.18 -17.65 18.00
C GLN A 219 24.59 -17.87 19.39
N LEU A 220 24.44 -19.12 19.79
CA LEU A 220 23.85 -19.42 21.09
C LEU A 220 24.58 -20.50 21.87
N TYR A 221 24.66 -21.70 21.31
CA TYR A 221 25.27 -22.82 22.03
C TYR A 221 26.78 -22.68 22.19
N ILE A 222 27.50 -22.61 21.08
CA ILE A 222 28.95 -22.45 21.12
C ILE A 222 29.38 -21.34 22.08
N PRO A 223 28.86 -20.12 21.88
CA PRO A 223 29.30 -19.01 22.72
C PRO A 223 28.97 -19.20 24.21
N SER A 224 27.88 -19.91 24.51
CA SER A 224 27.52 -20.15 25.90
C SER A 224 28.45 -21.17 26.55
N CYS A 225 28.80 -22.22 25.81
CA CYS A 225 29.78 -23.16 26.30
C CYS A 225 31.08 -22.41 26.56
N MET A 226 31.47 -21.60 25.58
CA MET A 226 32.69 -20.81 25.70
C MET A 226 32.62 -19.90 26.91
N LEU A 227 31.41 -19.45 27.25
CA LEU A 227 31.21 -18.58 28.40
C LEU A 227 31.26 -19.36 29.72
N VAL A 228 30.64 -20.54 29.73
CA VAL A 228 30.67 -21.40 30.91
C VAL A 228 32.08 -21.94 31.17
N ILE A 229 32.79 -22.28 30.10
CA ILE A 229 34.16 -22.78 30.23
C ILE A 229 35.07 -21.72 30.84
N VAL A 230 34.81 -20.46 30.50
CA VAL A 230 35.59 -19.36 31.07
C VAL A 230 35.40 -19.29 32.59
N SER A 231 34.17 -19.52 33.05
CA SER A 231 33.89 -19.46 34.48
C SER A 231 34.67 -20.50 35.26
N TRP A 232 35.19 -21.51 34.55
CA TRP A 232 35.94 -22.58 35.19
C TRP A 232 37.41 -22.25 35.39
N VAL A 233 37.96 -21.42 34.51
CA VAL A 233 39.37 -21.09 34.59
C VAL A 233 39.69 -20.27 35.83
N SER A 234 38.68 -20.01 36.65
CA SER A 234 38.89 -19.32 37.91
C SER A 234 39.14 -20.32 39.05
N PHE A 235 38.89 -21.59 38.77
CA PHE A 235 39.18 -22.65 39.74
C PHE A 235 40.67 -22.89 39.85
N TRP A 236 41.43 -22.29 38.93
CA TRP A 236 42.87 -22.50 38.87
C TRP A 236 43.64 -21.29 39.37
N PHE A 237 42.91 -20.25 39.75
CA PHE A 237 43.51 -19.10 40.42
C PHE A 237 43.60 -19.37 41.91
N ASP A 238 44.72 -18.98 42.53
CA ASP A 238 44.89 -19.16 43.97
C ASP A 238 43.71 -18.58 44.73
N ARG A 239 43.29 -19.28 45.78
CA ARG A 239 42.12 -18.89 46.57
C ARG A 239 42.29 -17.54 47.25
N THR A 240 43.52 -17.02 47.26
CA THR A 240 43.80 -15.74 47.89
C THR A 240 43.40 -14.58 46.98
N ALA A 241 43.59 -14.76 45.68
CA ALA A 241 43.22 -13.74 44.70
C ALA A 241 41.76 -13.91 44.27
N ILE A 242 40.85 -13.56 45.17
CA ILE A 242 39.42 -13.68 44.90
C ILE A 242 38.87 -12.61 43.95
N PRO A 243 39.52 -11.43 43.89
CA PRO A 243 39.06 -10.44 42.92
C PRO A 243 39.01 -11.00 41.50
N ALA A 244 40.05 -11.74 41.12
CA ALA A 244 40.11 -12.36 39.80
C ALA A 244 38.93 -13.30 39.57
N ARG A 245 38.68 -14.17 40.55
CA ARG A 245 37.59 -15.13 40.46
C ARG A 245 36.24 -14.44 40.25
N VAL A 246 35.92 -13.49 41.13
CA VAL A 246 34.66 -12.78 41.04
C VAL A 246 34.50 -12.12 39.68
N THR A 247 35.53 -11.42 39.24
CA THR A 247 35.51 -10.74 37.94
C THR A 247 35.12 -11.69 36.81
N LEU A 248 35.69 -12.89 36.83
CA LEU A 248 35.35 -13.90 35.84
C LEU A 248 33.90 -14.34 35.99
N GLY A 249 33.59 -14.94 37.14
CA GLY A 249 32.24 -15.43 37.39
C GLY A 249 31.15 -14.41 37.13
N VAL A 250 31.38 -13.18 37.56
CA VAL A 250 30.39 -12.11 37.41
C VAL A 250 30.25 -11.65 35.96
N THR A 251 31.37 -11.45 35.28
CA THR A 251 31.33 -11.01 33.89
C THR A 251 30.65 -12.03 32.98
N THR A 252 31.03 -13.30 33.14
CA THR A 252 30.42 -14.36 32.34
C THR A 252 28.93 -14.45 32.62
N LEU A 253 28.53 -14.24 33.87
CA LEU A 253 27.12 -14.30 34.25
C LEU A 253 26.34 -13.17 33.59
N LEU A 254 26.86 -11.94 33.71
CA LEU A 254 26.24 -10.79 33.08
C LEU A 254 26.11 -11.02 31.57
N THR A 255 27.21 -11.39 30.92
CA THR A 255 27.21 -11.66 29.49
C THR A 255 26.18 -12.71 29.14
N MET A 256 26.07 -13.74 29.98
CA MET A 256 25.07 -14.78 29.78
C MET A 256 23.69 -14.16 29.67
N THR A 257 23.37 -13.27 30.61
CA THR A 257 22.11 -12.55 30.60
C THR A 257 21.89 -11.83 29.28
N ALA A 258 22.84 -10.98 28.93
CA ALA A 258 22.76 -10.20 27.70
C ALA A 258 22.43 -11.09 26.51
N GLN A 259 23.26 -12.11 26.29
CA GLN A 259 23.06 -13.01 25.16
C GLN A 259 21.63 -13.53 25.11
N SER A 260 21.13 -13.97 26.25
CA SER A 260 19.78 -14.50 26.33
C SER A 260 18.74 -13.44 25.95
N ALA A 261 18.92 -12.24 26.48
CA ALA A 261 18.04 -11.13 26.16
C ALA A 261 17.95 -10.93 24.65
N GLY A 262 19.06 -11.17 23.96
CA GLY A 262 19.10 -11.04 22.51
C GLY A 262 18.19 -12.05 21.82
N ILE A 263 18.35 -13.33 22.16
CA ILE A 263 17.56 -14.37 21.54
C ILE A 263 16.09 -14.20 21.90
N ASN A 264 15.82 -14.00 23.19
CA ASN A 264 14.46 -13.87 23.68
C ASN A 264 13.74 -12.64 23.15
N SER A 265 14.49 -11.71 22.57
CA SER A 265 13.89 -10.49 22.04
C SER A 265 13.21 -10.71 20.69
N GLN A 266 13.67 -11.71 19.94
CA GLN A 266 13.10 -12.00 18.64
C GLN A 266 11.97 -13.02 18.75
N LEU A 267 11.51 -13.25 19.98
CA LEU A 267 10.45 -14.22 20.23
C LEU A 267 9.23 -13.58 20.88
N PRO A 268 8.04 -14.12 20.59
CA PRO A 268 6.80 -13.62 21.19
C PRO A 268 6.62 -14.23 22.56
N PRO A 269 6.20 -13.43 23.55
CA PRO A 269 5.91 -14.01 24.86
C PRO A 269 4.90 -15.14 24.75
N VAL A 270 5.26 -16.33 25.24
CA VAL A 270 4.36 -17.47 25.18
C VAL A 270 3.96 -17.92 26.57
N SER A 271 3.24 -19.03 26.65
CA SER A 271 2.73 -19.53 27.93
C SER A 271 3.40 -20.82 28.36
N TYR A 272 4.42 -21.25 27.62
CA TYR A 272 5.10 -22.51 27.91
C TYR A 272 6.61 -22.33 28.01
N ILE A 273 7.29 -23.34 28.54
CA ILE A 273 8.74 -23.30 28.63
C ILE A 273 9.38 -23.89 27.38
N LYS A 274 10.21 -23.08 26.71
CA LYS A 274 10.87 -23.51 25.48
C LYS A 274 12.17 -24.28 25.81
N ALA A 275 12.61 -25.12 24.88
CA ALA A 275 13.84 -25.86 25.07
C ALA A 275 15.03 -24.90 25.17
N ILE A 276 14.92 -23.75 24.53
CA ILE A 276 15.92 -22.70 24.63
C ILE A 276 16.03 -22.21 26.08
N ASP A 277 14.90 -22.16 26.78
CA ASP A 277 14.88 -21.68 28.16
C ASP A 277 15.63 -22.63 29.09
N VAL A 278 15.42 -23.93 28.89
CA VAL A 278 16.11 -24.95 29.70
C VAL A 278 17.62 -24.86 29.54
N TRP A 279 18.08 -24.52 28.33
CA TRP A 279 19.51 -24.49 28.08
C TRP A 279 20.16 -23.21 28.60
N ILE A 280 19.48 -22.08 28.45
CA ILE A 280 19.97 -20.82 29.02
C ILE A 280 19.96 -20.92 30.54
N GLY A 281 18.85 -21.39 31.11
CA GLY A 281 18.71 -21.51 32.55
C GLY A 281 19.77 -22.38 33.18
N ALA A 282 20.14 -23.46 32.50
CA ALA A 282 21.12 -24.39 33.04
C ALA A 282 22.51 -23.76 33.07
N CYS A 283 22.96 -23.25 31.91
CA CYS A 283 24.26 -22.62 31.83
C CYS A 283 24.34 -21.50 32.85
N MET A 284 23.21 -20.83 33.05
CA MET A 284 23.11 -19.77 34.03
C MET A 284 23.48 -20.31 35.42
N THR A 285 22.98 -21.50 35.72
CA THR A 285 23.22 -22.14 37.01
C THR A 285 24.68 -22.51 37.22
N PHE A 286 25.28 -23.15 36.22
CA PHE A 286 26.68 -23.54 36.29
C PHE A 286 27.59 -22.36 36.63
N ILE A 287 27.25 -21.19 36.11
CA ILE A 287 28.03 -19.99 36.39
C ILE A 287 27.69 -19.43 37.77
N PHE A 288 26.43 -19.55 38.16
CA PHE A 288 25.99 -19.10 39.47
C PHE A 288 26.66 -19.93 40.57
N CYS A 289 26.73 -21.24 40.37
CA CYS A 289 27.35 -22.13 41.32
C CYS A 289 28.85 -21.91 41.39
N ALA A 290 29.43 -21.48 40.27
CA ALA A 290 30.85 -21.14 40.26
C ALA A 290 31.09 -20.02 41.27
N LEU A 291 30.28 -18.97 41.19
CA LEU A 291 30.35 -17.87 42.15
C LEU A 291 30.17 -18.39 43.57
N LEU A 292 29.13 -19.18 43.78
CA LEU A 292 28.87 -19.79 45.07
C LEU A 292 30.11 -20.50 45.58
N GLU A 293 30.77 -21.23 44.69
CA GLU A 293 31.98 -21.96 45.04
C GLU A 293 33.08 -21.00 45.51
N PHE A 294 33.26 -19.90 44.79
CA PHE A 294 34.25 -18.89 45.18
C PHE A 294 34.02 -18.44 46.61
N ALA A 295 32.78 -18.14 46.94
CA ALA A 295 32.42 -17.70 48.27
C ALA A 295 32.71 -18.78 49.31
N LEU A 296 32.18 -19.97 49.09
CA LEU A 296 32.43 -21.10 49.99
C LEU A 296 33.92 -21.29 50.24
N VAL A 297 34.68 -21.41 49.15
CA VAL A 297 36.12 -21.62 49.25
C VAL A 297 36.80 -20.49 50.04
N ASN A 298 36.56 -19.26 49.64
CA ASN A 298 37.20 -18.11 50.27
C ASN A 298 36.80 -17.94 51.74
N HIS A 299 35.60 -18.38 52.08
CA HIS A 299 35.09 -18.21 53.44
C HIS A 299 35.76 -19.17 54.42
N ILE A 300 35.77 -20.45 54.10
CA ILE A 300 36.39 -21.46 54.96
C ILE A 300 37.92 -21.39 54.89
N ALA A 301 38.43 -20.62 53.94
CA ALA A 301 39.87 -20.51 53.75
C ALA A 301 40.52 -19.60 54.79
N ASN A 302 39.92 -18.44 55.03
CA ASN A 302 40.46 -17.50 55.99
C ASN A 302 40.24 -17.90 57.44
N ALA A 303 39.49 -18.99 57.63
CA ALA A 303 39.28 -19.54 58.97
C ALA A 303 40.61 -19.94 59.57
N GLY A 304 40.84 -19.55 60.82
CA GLY A 304 42.11 -19.74 61.48
C GLY A 304 42.70 -21.13 61.37
N THR A 305 41.89 -22.15 61.64
CA THR A 305 42.37 -23.54 61.69
C THR A 305 42.78 -24.06 60.31
N THR A 306 43.86 -24.84 60.29
CA THR A 306 44.30 -25.48 59.06
C THR A 306 43.32 -26.58 58.67
N GLU A 307 42.43 -26.92 59.60
CA GLU A 307 41.42 -27.94 59.36
C GLU A 307 40.53 -27.55 58.19
N TRP A 308 40.07 -26.30 58.20
CA TRP A 308 39.22 -25.79 57.13
C TRP A 308 40.04 -25.42 55.91
N ASN A 309 41.27 -24.95 56.16
CA ASN A 309 42.12 -24.46 55.07
C ASN A 309 42.35 -25.48 53.97
N ASP A 310 42.68 -26.72 54.35
CA ASP A 310 42.92 -27.77 53.35
C ASP A 310 41.61 -28.32 52.79
N ILE A 311 40.52 -28.11 53.51
CA ILE A 311 39.18 -28.39 52.95
C ILE A 311 38.91 -27.42 51.81
N SER A 312 39.27 -26.16 52.03
CA SER A 312 39.15 -25.14 51.01
C SER A 312 39.88 -25.58 49.74
N LYS A 313 41.10 -26.10 49.92
CA LYS A 313 41.88 -26.60 48.80
C LYS A 313 41.17 -27.76 48.13
N ARG A 314 40.57 -28.62 48.95
CA ARG A 314 39.89 -29.82 48.45
C ARG A 314 38.71 -29.46 47.55
N VAL A 315 37.95 -28.44 47.94
CA VAL A 315 36.79 -28.01 47.17
C VAL A 315 37.19 -27.62 45.74
N ASP A 316 38.27 -26.86 45.61
CA ASP A 316 38.77 -26.49 44.28
C ASP A 316 39.09 -27.72 43.45
N LEU A 317 39.92 -28.60 44.00
CA LEU A 317 40.30 -29.82 43.30
C LEU A 317 39.09 -30.55 42.77
N ILE A 318 38.09 -30.72 43.63
CA ILE A 318 36.85 -31.38 43.23
C ILE A 318 36.12 -30.61 42.14
N SER A 319 35.99 -29.29 42.32
CA SER A 319 35.30 -28.45 41.35
C SER A 319 35.94 -28.52 39.98
N ARG A 320 37.27 -28.42 39.92
CA ARG A 320 38.00 -28.43 38.66
C ARG A 320 37.60 -29.59 37.77
N ALA A 321 37.12 -30.67 38.38
CA ALA A 321 36.70 -31.85 37.65
C ALA A 321 35.18 -31.99 37.63
N LEU A 322 34.56 -31.82 38.79
CA LEU A 322 33.12 -32.01 38.92
C LEU A 322 32.31 -31.14 37.98
N PHE A 323 32.66 -29.85 37.91
CA PHE A 323 31.93 -28.93 37.03
C PHE A 323 31.91 -29.37 35.58
N PRO A 324 33.10 -29.56 34.97
CA PRO A 324 33.14 -30.05 33.59
C PRO A 324 32.32 -31.33 33.42
N VAL A 325 32.59 -32.33 34.26
CA VAL A 325 31.87 -33.59 34.22
C VAL A 325 30.36 -33.38 34.26
N LEU A 326 29.88 -32.62 35.23
CA LEU A 326 28.45 -32.34 35.35
C LEU A 326 27.90 -31.63 34.11
N PHE A 327 28.66 -30.66 33.60
CA PHE A 327 28.21 -29.91 32.43
C PHE A 327 28.14 -30.82 31.21
N PHE A 328 29.07 -31.77 31.15
CA PHE A 328 29.08 -32.76 30.08
C PHE A 328 27.87 -33.68 30.19
N VAL A 329 27.57 -34.10 31.42
CA VAL A 329 26.39 -34.91 31.69
C VAL A 329 25.14 -34.15 31.26
N PHE A 330 25.06 -32.88 31.65
CA PHE A 330 23.92 -32.05 31.26
C PHE A 330 23.74 -32.05 29.75
N ASN A 331 24.79 -31.65 29.03
CA ASN A 331 24.74 -31.64 27.57
C ASN A 331 24.16 -32.94 27.02
N ILE A 332 24.63 -34.07 27.53
CA ILE A 332 24.15 -35.37 27.07
C ILE A 332 22.65 -35.52 27.29
N LEU A 333 22.18 -35.22 28.49
CA LEU A 333 20.75 -35.27 28.78
C LEU A 333 19.97 -34.26 27.93
N TYR A 334 20.51 -33.05 27.82
CA TYR A 334 19.83 -32.00 27.07
C TYR A 334 19.65 -32.38 25.61
N TRP A 335 20.74 -32.74 24.93
CA TRP A 335 20.69 -32.99 23.50
C TRP A 335 19.90 -34.24 23.14
N SER A 336 19.90 -35.23 24.02
CA SER A 336 19.12 -36.44 23.77
C SER A 336 17.63 -36.13 23.90
N ARG A 337 17.33 -35.11 24.68
CA ARG A 337 15.94 -34.76 24.97
C ARG A 337 15.32 -33.84 23.93
N PHE A 338 16.14 -32.99 23.32
CA PHE A 338 15.62 -31.96 22.41
C PHE A 338 16.19 -32.04 20.99
N GLY A 339 17.24 -32.82 20.80
CA GLY A 339 17.82 -32.99 19.49
C GLY A 339 17.14 -34.10 18.71
N HIS A 340 16.25 -34.82 19.40
CA HIS A 340 15.54 -35.95 18.82
C HIS A 340 14.86 -35.57 17.51
N SER B 1 -34.32 -19.97 -13.59
CA SER B 1 -35.01 -20.01 -12.30
C SER B 1 -34.53 -18.88 -11.38
N ASP B 2 -33.34 -19.04 -10.82
CA ASP B 2 -32.77 -18.03 -9.93
C ASP B 2 -32.56 -16.70 -10.65
N SER B 3 -32.00 -16.76 -11.85
CA SER B 3 -31.79 -15.56 -12.65
C SER B 3 -33.11 -14.89 -13.01
N LYS B 4 -34.15 -15.70 -13.17
CA LYS B 4 -35.48 -15.21 -13.49
C LYS B 4 -36.12 -14.55 -12.27
N ILE B 5 -35.94 -15.18 -11.11
CA ILE B 5 -36.46 -14.65 -9.85
C ILE B 5 -35.86 -13.28 -9.55
N LEU B 6 -34.55 -13.15 -9.80
CA LEU B 6 -33.86 -11.89 -9.59
C LEU B 6 -34.38 -10.84 -10.57
N ALA B 7 -34.50 -11.24 -11.84
CA ALA B 7 -35.00 -10.35 -12.88
C ALA B 7 -36.38 -9.81 -12.54
N HIS B 8 -37.21 -10.64 -11.93
CA HIS B 8 -38.57 -10.24 -11.57
C HIS B 8 -38.58 -9.17 -10.48
N LEU B 9 -37.57 -9.22 -9.60
CA LEU B 9 -37.49 -8.27 -8.48
C LEU B 9 -37.01 -6.90 -8.91
N PHE B 10 -36.12 -6.86 -9.90
CA PHE B 10 -35.52 -5.60 -10.33
C PHE B 10 -36.09 -5.07 -11.64
N THR B 11 -37.02 -5.81 -12.23
CA THR B 11 -37.68 -5.35 -13.44
C THR B 11 -38.73 -4.30 -13.08
N SER B 12 -39.25 -4.40 -11.87
CA SER B 12 -40.19 -3.41 -11.35
C SER B 12 -39.42 -2.19 -10.87
N GLY B 13 -40.14 -1.25 -10.25
CA GLY B 13 -39.51 -0.04 -9.75
C GLY B 13 -38.91 -0.24 -8.37
N TYR B 14 -37.62 -0.60 -8.34
CA TYR B 14 -36.93 -0.82 -7.08
C TYR B 14 -35.76 0.13 -6.92
N ASP B 15 -35.76 0.86 -5.80
CA ASP B 15 -34.72 1.86 -5.55
C ASP B 15 -33.86 1.44 -4.36
N PHE B 16 -32.62 1.05 -4.64
CA PHE B 16 -31.70 0.61 -3.60
C PHE B 16 -31.31 1.77 -2.67
N ARG B 17 -31.72 2.97 -3.05
CA ARG B 17 -31.39 4.15 -2.27
C ARG B 17 -32.44 4.39 -1.21
N VAL B 18 -33.63 3.84 -1.45
CA VAL B 18 -34.74 3.99 -0.52
C VAL B 18 -34.74 2.90 0.54
N ARG B 19 -34.88 3.32 1.80
CA ARG B 19 -34.97 2.41 2.92
C ARG B 19 -36.17 1.47 2.76
N PRO B 20 -36.01 0.20 3.15
CA PRO B 20 -37.12 -0.77 3.09
C PRO B 20 -38.30 -0.30 3.92
N PRO B 21 -39.52 -0.47 3.39
CA PRO B 21 -40.77 -0.07 4.07
C PRO B 21 -41.05 -0.91 5.30
N THR B 22 -41.83 -0.37 6.23
CA THR B 22 -42.20 -1.10 7.43
C THR B 22 -43.72 -1.03 7.61
N ASP B 23 -44.27 -2.01 8.32
CA ASP B 23 -45.72 -2.10 8.52
C ASP B 23 -46.26 -0.92 9.32
N ASN B 24 -45.58 -0.59 10.42
CA ASN B 24 -46.01 0.49 11.28
C ASN B 24 -45.15 1.75 11.12
N GLY B 25 -44.33 1.78 10.07
CA GLY B 25 -43.46 2.91 9.81
C GLY B 25 -42.24 2.90 10.70
N GLY B 26 -42.13 1.86 11.53
CA GLY B 26 -41.01 1.72 12.43
C GLY B 26 -39.69 1.64 11.68
N PRO B 27 -38.59 1.55 12.43
CA PRO B 27 -37.25 1.49 11.83
C PRO B 27 -36.96 0.09 11.26
N VAL B 28 -35.98 0.01 10.37
CA VAL B 28 -35.54 -1.27 9.85
C VAL B 28 -34.68 -1.96 10.90
N VAL B 29 -35.10 -3.15 11.33
CA VAL B 29 -34.37 -3.88 12.35
C VAL B 29 -33.30 -4.78 11.73
N VAL B 30 -32.04 -4.48 12.05
CA VAL B 30 -30.92 -5.23 11.52
C VAL B 30 -30.28 -6.12 12.59
N SER B 31 -30.48 -7.42 12.48
CA SER B 31 -29.85 -8.36 13.39
C SER B 31 -28.41 -8.59 12.99
N VAL B 32 -27.52 -8.61 13.98
CA VAL B 32 -26.09 -8.71 13.70
C VAL B 32 -25.43 -9.92 14.36
N ASN B 33 -24.75 -10.72 13.56
CA ASN B 33 -23.91 -11.79 14.05
C ASN B 33 -22.47 -11.48 13.73
N MET B 34 -21.55 -11.89 14.60
CA MET B 34 -20.15 -11.53 14.41
C MET B 34 -19.23 -12.70 14.75
N LEU B 35 -18.36 -13.04 13.81
CA LEU B 35 -17.45 -14.16 13.97
C LEU B 35 -16.01 -13.70 13.92
N LEU B 36 -15.34 -13.73 15.06
CA LEU B 36 -13.93 -13.36 15.15
C LEU B 36 -13.05 -14.47 14.59
N ARG B 37 -12.19 -14.12 13.65
CA ARG B 37 -11.29 -15.09 13.04
C ARG B 37 -9.93 -15.10 13.73
N THR B 38 -9.31 -13.94 13.82
CA THR B 38 -8.01 -13.79 14.45
C THR B 38 -7.88 -12.45 15.16
N ILE B 39 -7.29 -12.47 16.35
CA ILE B 39 -6.98 -11.26 17.08
C ILE B 39 -5.48 -11.16 17.27
N SER B 40 -4.86 -10.22 16.57
CA SER B 40 -3.40 -10.14 16.53
C SER B 40 -2.86 -8.74 16.78
N LYS B 41 -1.55 -8.61 16.75
CA LYS B 41 -0.88 -7.33 16.95
C LYS B 41 -1.53 -6.45 17.99
N ILE B 42 -1.49 -6.89 19.25
CA ILE B 42 -2.03 -6.12 20.35
C ILE B 42 -1.01 -5.08 20.83
N ASP B 43 -0.98 -3.94 20.15
CA ASP B 43 -0.01 -2.88 20.43
C ASP B 43 -0.32 -2.15 21.72
N VAL B 44 0.60 -2.19 22.67
CA VAL B 44 0.36 -1.55 23.97
C VAL B 44 0.86 -0.12 23.99
N VAL B 45 1.80 0.20 23.10
CA VAL B 45 2.32 1.56 23.00
C VAL B 45 1.29 2.49 22.40
N ASN B 46 0.74 2.11 21.24
CA ASN B 46 -0.28 2.91 20.57
C ASN B 46 -1.68 2.54 21.03
N MET B 47 -1.76 1.59 21.95
CA MET B 47 -3.03 1.15 22.51
C MET B 47 -4.05 0.92 21.41
N GLU B 48 -3.80 -0.13 20.63
CA GLU B 48 -4.71 -0.57 19.59
C GLU B 48 -4.46 -2.04 19.34
N TYR B 49 -5.33 -2.69 18.59
CA TYR B 49 -5.15 -4.09 18.24
C TYR B 49 -5.76 -4.40 16.88
N SER B 50 -5.22 -5.41 16.20
CA SER B 50 -5.76 -5.83 14.93
C SER B 50 -6.66 -7.05 15.13
N ALA B 51 -7.67 -7.18 14.27
CA ALA B 51 -8.60 -8.30 14.36
C ALA B 51 -9.32 -8.50 13.04
N GLN B 52 -9.42 -9.74 12.60
CA GLN B 52 -10.15 -10.07 11.39
C GLN B 52 -11.41 -10.83 11.73
N LEU B 53 -12.55 -10.32 11.28
CA LEU B 53 -13.84 -10.88 11.65
C LEU B 53 -14.76 -11.01 10.44
N THR B 54 -15.83 -11.78 10.60
CA THR B 54 -16.86 -11.89 9.59
C THR B 54 -18.12 -11.22 10.08
N LEU B 55 -18.50 -10.13 9.44
CA LEU B 55 -19.71 -9.42 9.79
C LEU B 55 -20.90 -10.08 9.10
N ARG B 56 -21.99 -10.28 9.84
CA ARG B 56 -23.20 -10.90 9.30
C ARG B 56 -24.45 -10.12 9.66
N GLU B 57 -25.04 -9.46 8.67
CA GLU B 57 -26.22 -8.65 8.92
C GLU B 57 -27.46 -9.28 8.30
N SER B 58 -28.59 -9.10 8.95
CA SER B 58 -29.84 -9.65 8.46
C SER B 58 -31.01 -8.71 8.75
N TRP B 59 -31.71 -8.31 7.69
CA TRP B 59 -32.88 -7.44 7.83
C TRP B 59 -33.98 -7.90 6.88
N ILE B 60 -35.15 -7.30 6.97
CA ILE B 60 -36.25 -7.65 6.09
C ILE B 60 -36.55 -6.54 5.08
N ASP B 61 -36.72 -6.94 3.83
CA ASP B 61 -37.01 -6.01 2.75
C ASP B 61 -38.14 -6.58 1.90
N LYS B 62 -39.37 -6.31 2.32
CA LYS B 62 -40.55 -6.90 1.67
C LYS B 62 -40.53 -6.75 0.16
N ARG B 63 -39.92 -5.66 -0.31
CA ARG B 63 -39.81 -5.41 -1.74
C ARG B 63 -39.09 -6.53 -2.47
N LEU B 64 -38.24 -7.26 -1.75
CA LEU B 64 -37.40 -8.29 -2.35
C LEU B 64 -38.01 -9.68 -2.24
N SER B 65 -39.15 -9.78 -1.56
CA SER B 65 -39.83 -11.06 -1.43
C SER B 65 -40.35 -11.52 -2.78
N TYR B 66 -40.04 -12.76 -3.14
CA TYR B 66 -40.38 -13.28 -4.45
C TYR B 66 -41.25 -14.53 -4.32
N GLY B 67 -40.90 -15.37 -3.36
CA GLY B 67 -41.63 -16.61 -3.15
C GLY B 67 -42.68 -16.46 -2.08
N VAL B 68 -42.51 -15.46 -1.22
CA VAL B 68 -43.42 -15.24 -0.10
C VAL B 68 -43.53 -16.53 0.71
N LYS B 69 -44.66 -17.22 0.59
CA LYS B 69 -44.83 -18.51 1.25
C LYS B 69 -43.87 -19.51 0.62
N GLY B 70 -43.67 -19.35 -0.70
CA GLY B 70 -42.80 -20.23 -1.45
C GLY B 70 -43.32 -21.64 -1.46
N ASP B 71 -42.56 -22.55 -0.86
CA ASP B 71 -42.97 -23.95 -0.75
C ASP B 71 -43.19 -24.57 -2.12
N GLY B 72 -42.92 -23.79 -3.16
CA GLY B 72 -42.89 -24.27 -4.53
C GLY B 72 -41.61 -23.79 -5.18
N GLN B 73 -41.03 -22.74 -4.60
CA GLN B 73 -39.81 -22.14 -5.11
C GLN B 73 -38.64 -22.38 -4.15
N PRO B 74 -37.41 -22.02 -4.58
CA PRO B 74 -36.23 -22.17 -3.71
C PRO B 74 -36.34 -21.29 -2.47
N ASP B 75 -35.86 -21.78 -1.35
CA ASP B 75 -35.95 -21.05 -0.10
C ASP B 75 -35.38 -19.64 -0.23
N PHE B 76 -34.17 -19.54 -0.79
CA PHE B 76 -33.51 -18.25 -1.00
C PHE B 76 -32.75 -18.22 -2.31
N VAL B 77 -32.40 -17.03 -2.74
CA VAL B 77 -31.66 -16.84 -3.98
C VAL B 77 -30.39 -16.04 -3.72
N ILE B 78 -29.25 -16.54 -4.19
CA ILE B 78 -27.99 -15.81 -4.06
C ILE B 78 -27.98 -14.59 -4.97
N LEU B 79 -27.76 -13.42 -4.39
CA LEU B 79 -27.74 -12.18 -5.15
C LEU B 79 -26.48 -12.11 -5.99
N THR B 80 -26.65 -12.06 -7.31
CA THR B 80 -25.52 -11.99 -8.23
C THR B 80 -25.10 -10.54 -8.47
N VAL B 81 -23.94 -10.37 -9.11
CA VAL B 81 -23.41 -9.05 -9.42
C VAL B 81 -24.32 -8.26 -10.35
N GLY B 82 -24.39 -6.95 -10.15
CA GLY B 82 -25.15 -6.09 -11.02
C GLY B 82 -26.56 -5.82 -10.54
N HIS B 83 -26.87 -6.31 -9.34
CA HIS B 83 -28.16 -6.06 -8.72
C HIS B 83 -27.99 -5.30 -7.41
N GLN B 84 -28.40 -4.05 -7.40
CA GLN B 84 -28.26 -3.20 -6.22
C GLN B 84 -29.33 -3.50 -5.18
N ILE B 85 -28.94 -3.46 -3.91
CA ILE B 85 -29.88 -3.68 -2.82
C ILE B 85 -29.57 -2.71 -1.68
N TRP B 86 -30.61 -2.10 -1.12
CA TRP B 86 -30.41 -1.24 0.04
C TRP B 86 -29.73 -2.02 1.16
N MET B 87 -28.71 -1.43 1.74
CA MET B 87 -27.99 -2.07 2.84
C MET B 87 -27.69 -1.08 3.96
N PRO B 88 -27.69 -1.57 5.20
CA PRO B 88 -27.35 -0.72 6.34
C PRO B 88 -25.94 -0.17 6.15
N ASP B 89 -25.78 1.14 6.12
CA ASP B 89 -24.47 1.75 5.96
C ASP B 89 -23.67 1.70 7.25
N THR B 90 -23.47 0.49 7.77
CA THR B 90 -22.82 0.32 9.07
C THR B 90 -21.32 0.57 8.97
N PHE B 91 -20.76 1.11 10.04
CA PHE B 91 -19.33 1.34 10.13
C PHE B 91 -18.85 1.00 11.54
N PHE B 92 -17.54 0.98 11.74
CA PHE B 92 -16.98 0.67 13.05
C PHE B 92 -16.41 1.92 13.72
N PRO B 93 -17.20 2.54 14.61
CA PRO B 93 -16.86 3.81 15.25
C PRO B 93 -15.44 3.89 15.79
N ASN B 94 -14.92 2.80 16.32
CA ASN B 94 -13.56 2.82 16.87
C ASN B 94 -12.53 2.16 15.97
N GLU B 95 -12.85 2.04 14.69
CA GLU B 95 -11.91 1.52 13.72
C GLU B 95 -10.95 2.61 13.28
N LYS B 96 -9.65 2.32 13.29
CA LYS B 96 -8.66 3.27 12.80
C LYS B 96 -8.24 2.91 11.38
N GLN B 97 -8.40 1.63 11.03
CA GLN B 97 -8.07 1.12 9.71
C GLN B 97 -8.94 -0.08 9.40
N ALA B 98 -9.35 -0.22 8.14
CA ALA B 98 -10.22 -1.31 7.73
C ALA B 98 -9.99 -1.73 6.29
N TYR B 99 -10.04 -3.03 6.04
CA TYR B 99 -9.88 -3.55 4.69
C TYR B 99 -10.90 -4.63 4.41
N LYS B 100 -11.56 -4.54 3.26
CA LYS B 100 -12.36 -5.65 2.77
C LYS B 100 -11.45 -6.57 1.96
N HIS B 101 -11.74 -7.86 1.99
CA HIS B 101 -10.96 -8.82 1.23
C HIS B 101 -11.58 -9.05 -0.13
N THR B 102 -10.78 -8.85 -1.18
CA THR B 102 -11.28 -8.92 -2.54
C THR B 102 -10.47 -9.88 -3.41
N ILE B 103 -9.80 -10.83 -2.76
CA ILE B 103 -8.90 -11.74 -3.47
C ILE B 103 -9.64 -12.68 -4.42
N ASP B 104 -9.19 -12.67 -5.68
CA ASP B 104 -9.97 -13.22 -6.79
C ASP B 104 -11.29 -12.46 -6.89
N LYS B 105 -12.34 -13.06 -6.34
CA LYS B 105 -13.62 -12.36 -6.24
C LYS B 105 -13.76 -11.77 -4.83
N PRO B 106 -14.47 -10.64 -4.72
CA PRO B 106 -14.68 -10.01 -3.40
C PRO B 106 -15.33 -10.99 -2.43
N ASN B 107 -14.88 -10.99 -1.18
CA ASN B 107 -15.40 -11.91 -0.18
C ASN B 107 -16.71 -11.44 0.44
N VAL B 108 -17.79 -11.51 -0.33
CA VAL B 108 -19.11 -11.16 0.19
C VAL B 108 -20.13 -12.21 -0.18
N LEU B 109 -21.22 -12.26 0.58
CA LEU B 109 -22.32 -13.15 0.30
C LEU B 109 -23.62 -12.44 0.62
N ILE B 110 -24.52 -12.38 -0.36
CA ILE B 110 -25.85 -11.83 -0.11
C ILE B 110 -26.91 -12.83 -0.51
N ARG B 111 -27.82 -13.12 0.41
CA ARG B 111 -28.93 -14.02 0.12
C ARG B 111 -30.25 -13.30 0.30
N ILE B 112 -31.19 -13.57 -0.60
CA ILE B 112 -32.52 -12.99 -0.52
C ILE B 112 -33.55 -14.09 -0.33
N HIS B 113 -33.98 -14.29 0.92
CA HIS B 113 -34.97 -15.32 1.21
C HIS B 113 -36.32 -14.97 0.59
N ASN B 114 -37.12 -15.99 0.32
CA ASN B 114 -38.42 -15.80 -0.32
C ASN B 114 -39.30 -14.76 0.38
N ASP B 115 -39.22 -14.70 1.70
CA ASP B 115 -40.05 -13.77 2.48
C ASP B 115 -39.52 -12.35 2.46
N GLY B 116 -38.35 -12.15 1.86
CA GLY B 116 -37.77 -10.84 1.76
C GLY B 116 -36.65 -10.62 2.77
N THR B 117 -36.37 -11.64 3.57
CA THR B 117 -35.27 -11.59 4.53
C THR B 117 -33.94 -11.61 3.79
N VAL B 118 -33.04 -10.70 4.16
CA VAL B 118 -31.74 -10.60 3.53
C VAL B 118 -30.62 -11.01 4.48
N LEU B 119 -29.72 -11.86 3.98
CA LEU B 119 -28.52 -12.19 4.73
C LEU B 119 -27.29 -11.59 4.04
N TYR B 120 -26.49 -10.87 4.81
CA TYR B 120 -25.29 -10.23 4.29
C TYR B 120 -24.08 -10.68 5.09
N SER B 121 -23.09 -11.23 4.39
CA SER B 121 -21.88 -11.72 5.03
C SER B 121 -20.66 -11.13 4.33
N VAL B 122 -19.69 -10.66 5.11
CA VAL B 122 -18.49 -10.06 4.54
C VAL B 122 -17.28 -10.18 5.47
N ARG B 123 -16.13 -10.49 4.90
CA ARG B 123 -14.89 -10.53 5.67
C ARG B 123 -14.30 -9.14 5.77
N ILE B 124 -13.88 -8.78 6.97
CA ILE B 124 -13.32 -7.46 7.21
C ILE B 124 -12.13 -7.54 8.15
N SER B 125 -11.04 -6.88 7.79
CA SER B 125 -9.89 -6.79 8.66
C SER B 125 -9.85 -5.41 9.28
N LEU B 126 -9.73 -5.34 10.60
CA LEU B 126 -9.80 -4.08 11.32
C LEU B 126 -8.54 -3.81 12.15
N VAL B 127 -8.30 -2.53 12.39
CA VAL B 127 -7.34 -2.10 13.39
C VAL B 127 -8.06 -1.13 14.32
N LEU B 128 -8.40 -1.61 15.51
CA LEU B 128 -9.27 -0.87 16.42
C LEU B 128 -8.46 -0.24 17.54
N SER B 129 -8.91 0.90 18.06
CA SER B 129 -8.25 1.50 19.21
C SER B 129 -8.78 0.88 20.48
N CYS B 130 -7.88 0.50 21.38
CA CYS B 130 -8.26 -0.17 22.62
C CYS B 130 -7.47 0.42 23.78
N PRO B 131 -8.04 1.43 24.44
CA PRO B 131 -7.37 2.05 25.59
C PRO B 131 -7.06 1.01 26.65
N MET B 132 -5.79 0.92 27.04
CA MET B 132 -5.36 -0.09 28.00
C MET B 132 -4.87 0.55 29.29
N TYR B 133 -4.98 -0.19 30.38
CA TYR B 133 -4.61 0.33 31.69
C TYR B 133 -3.58 -0.58 32.36
N LEU B 134 -2.37 -0.06 32.49
CA LEU B 134 -1.22 -0.86 32.89
C LEU B 134 -0.88 -0.75 34.38
N GLN B 135 -1.89 -0.49 35.21
CA GLN B 135 -1.66 -0.38 36.66
C GLN B 135 -0.97 -1.62 37.21
N TYR B 136 -1.40 -2.78 36.76
CA TYR B 136 -0.81 -4.05 37.19
C TYR B 136 0.02 -4.68 36.08
N TYR B 137 0.62 -3.83 35.24
CA TYR B 137 1.17 -4.24 33.94
C TYR B 137 1.51 -5.72 33.76
N PRO B 138 2.48 -6.23 34.53
CA PRO B 138 2.91 -7.61 34.30
C PRO B 138 1.72 -8.56 34.34
N MET B 139 0.89 -8.44 35.38
CA MET B 139 -0.30 -9.28 35.52
C MET B 139 -1.58 -8.46 35.36
N ASP B 140 -1.84 -7.99 34.14
CA ASP B 140 -3.03 -7.18 33.89
C ASP B 140 -4.06 -7.91 33.02
N VAL B 141 -5.26 -7.35 32.95
CA VAL B 141 -6.26 -7.80 31.98
C VAL B 141 -6.82 -6.58 31.26
N GLN B 142 -6.85 -6.65 29.93
CA GLN B 142 -7.39 -5.56 29.14
C GLN B 142 -8.72 -5.97 28.53
N GLN B 143 -9.56 -4.99 28.23
CA GLN B 143 -10.82 -5.25 27.56
C GLN B 143 -10.91 -4.45 26.27
N CYS B 144 -10.92 -5.16 25.15
CA CYS B 144 -10.96 -4.52 23.85
C CYS B 144 -12.32 -4.71 23.20
N SER B 145 -12.75 -3.70 22.45
CA SER B 145 -14.11 -3.71 21.91
C SER B 145 -14.16 -3.39 20.41
N ILE B 146 -15.18 -3.93 19.76
CA ILE B 146 -15.51 -3.55 18.39
C ILE B 146 -16.89 -2.91 18.39
N ASP B 147 -16.94 -1.63 18.01
CA ASP B 147 -18.22 -0.94 17.94
C ASP B 147 -18.80 -0.99 16.54
N LEU B 148 -20.11 -1.03 16.45
CA LEU B 148 -20.79 -1.15 15.18
C LEU B 148 -22.07 -0.31 15.21
N ALA B 149 -22.22 0.57 14.22
CA ALA B 149 -23.39 1.43 14.16
C ALA B 149 -23.63 1.96 12.75
N SER B 150 -24.81 2.53 12.54
CA SER B 150 -25.12 3.18 11.27
C SER B 150 -24.54 4.58 11.28
N TYR B 151 -24.16 5.09 10.12
CA TYR B 151 -23.54 6.42 10.05
C TYR B 151 -24.56 7.52 9.73
N ALA B 152 -25.39 7.26 8.73
CA ALA B 152 -26.33 8.28 8.25
C ALA B 152 -27.71 8.10 8.85
N TYR B 153 -28.15 6.84 8.95
CA TYR B 153 -29.49 6.54 9.43
C TYR B 153 -29.59 6.63 10.94
N THR B 154 -30.60 7.35 11.39
CA THR B 154 -30.80 7.59 12.81
C THR B 154 -31.60 6.44 13.45
N THR B 155 -32.23 6.71 14.59
CA THR B 155 -32.94 5.67 15.34
C THR B 155 -34.34 5.42 14.79
N LYS B 156 -34.81 6.30 13.92
CA LYS B 156 -36.14 6.17 13.36
C LYS B 156 -36.11 5.31 12.09
N ASP B 157 -34.91 5.11 11.55
CA ASP B 157 -34.76 4.42 10.28
C ASP B 157 -34.09 3.06 10.43
N ILE B 158 -33.16 2.94 11.36
CA ILE B 158 -32.40 1.71 11.50
C ILE B 158 -32.05 1.42 12.96
N GLU B 159 -32.24 0.18 13.37
CA GLU B 159 -31.98 -0.22 14.75
C GLU B 159 -31.25 -1.56 14.77
N TYR B 160 -30.12 -1.61 15.48
CA TYR B 160 -29.33 -2.83 15.54
C TYR B 160 -29.64 -3.66 16.78
N LEU B 161 -29.67 -4.97 16.58
CA LEU B 161 -29.89 -5.91 17.66
C LEU B 161 -29.00 -7.12 17.44
N TRP B 162 -28.35 -7.57 18.51
CA TRP B 162 -27.52 -8.77 18.43
C TRP B 162 -28.38 -10.00 18.19
N LYS B 163 -27.92 -10.88 17.31
CA LYS B 163 -28.63 -12.12 17.06
C LYS B 163 -29.03 -12.75 18.39
N GLU B 164 -30.20 -13.38 18.43
CA GLU B 164 -30.70 -13.90 19.69
C GLU B 164 -29.83 -15.04 20.23
N HIS B 165 -29.40 -15.93 19.34
CA HIS B 165 -28.57 -17.07 19.74
C HIS B 165 -27.14 -16.95 19.23
N SER B 166 -26.18 -17.04 20.16
CA SER B 166 -24.76 -16.90 19.85
C SER B 166 -24.45 -15.76 18.89
N PRO B 167 -24.55 -14.52 19.40
CA PRO B 167 -24.33 -13.31 18.60
C PRO B 167 -22.85 -13.22 18.23
N LEU B 168 -21.98 -13.59 19.17
CA LEU B 168 -20.54 -13.57 18.92
C LEU B 168 -19.98 -14.99 18.92
N GLN B 169 -19.26 -15.33 17.86
CA GLN B 169 -18.63 -16.63 17.75
C GLN B 169 -17.14 -16.47 17.51
N LEU B 170 -16.36 -17.45 17.93
CA LEU B 170 -14.92 -17.43 17.69
C LEU B 170 -14.54 -18.61 16.82
N LYS B 171 -13.65 -18.38 15.85
CA LYS B 171 -13.10 -19.48 15.08
C LYS B 171 -12.23 -20.33 15.99
N VAL B 172 -12.15 -21.63 15.70
CA VAL B 172 -11.43 -22.55 16.58
C VAL B 172 -9.95 -22.18 16.72
N GLY B 173 -9.33 -21.78 15.61
CA GLY B 173 -7.92 -21.43 15.63
C GLY B 173 -7.66 -19.96 15.93
N LEU B 174 -8.32 -19.45 16.97
CA LEU B 174 -8.12 -18.05 17.36
C LEU B 174 -7.11 -17.95 18.50
N SER B 175 -7.33 -18.73 19.54
CA SER B 175 -6.44 -18.73 20.70
C SER B 175 -5.04 -19.21 20.35
N SER B 176 -4.95 -20.07 19.32
CA SER B 176 -3.67 -20.62 18.91
C SER B 176 -2.84 -19.60 18.13
N SER B 177 -3.52 -18.62 17.55
CA SER B 177 -2.86 -17.57 16.81
C SER B 177 -2.64 -16.36 17.72
N LEU B 178 -3.01 -16.52 18.98
CA LEU B 178 -2.86 -15.47 19.98
C LEU B 178 -2.03 -16.01 21.16
N PRO B 179 -0.70 -15.99 21.01
CA PRO B 179 0.22 -16.64 21.94
C PRO B 179 0.46 -15.84 23.22
N SER B 180 0.44 -14.52 23.09
CA SER B 180 0.82 -13.64 24.19
C SER B 180 -0.27 -13.47 25.24
N PHE B 181 -1.52 -13.67 24.84
CA PHE B 181 -2.64 -13.48 25.74
C PHE B 181 -3.53 -14.73 25.81
N GLN B 182 -4.55 -14.64 26.67
CA GLN B 182 -5.55 -15.69 26.81
C GLN B 182 -6.94 -15.06 26.82
N LEU B 183 -7.70 -15.33 25.76
CA LEU B 183 -9.04 -14.75 25.62
C LEU B 183 -10.02 -15.39 26.58
N THR B 184 -10.14 -14.84 27.78
CA THR B 184 -10.89 -15.47 28.86
C THR B 184 -12.40 -15.30 28.76
N ASN B 185 -12.86 -14.10 28.44
CA ASN B 185 -14.29 -13.83 28.42
C ASN B 185 -14.71 -12.90 27.27
N THR B 186 -15.91 -13.09 26.77
CA THR B 186 -16.49 -12.18 25.78
C THR B 186 -17.88 -11.71 26.19
N SER B 187 -18.28 -10.55 25.67
CA SER B 187 -19.59 -9.99 25.98
C SER B 187 -20.17 -9.28 24.76
N THR B 188 -21.50 -9.23 24.72
CA THR B 188 -22.21 -8.59 23.62
C THR B 188 -23.19 -7.55 24.19
N THR B 189 -22.94 -6.27 23.89
CA THR B 189 -23.67 -5.17 24.52
C THR B 189 -24.12 -4.12 23.51
N TYR B 190 -24.89 -3.14 24.00
CA TYR B 190 -25.35 -2.03 23.18
C TYR B 190 -24.69 -0.71 23.63
N CYS B 191 -24.39 0.15 22.67
CA CYS B 191 -23.72 1.41 22.96
C CYS B 191 -24.40 2.58 22.27
N THR B 192 -25.68 2.41 21.96
CA THR B 192 -26.47 3.49 21.38
C THR B 192 -26.19 4.79 22.10
N SER B 193 -26.01 5.87 21.35
CA SER B 193 -25.66 7.16 21.95
C SER B 193 -26.39 8.31 21.28
N VAL B 194 -26.57 9.40 22.03
CA VAL B 194 -27.23 10.58 21.52
C VAL B 194 -26.23 11.67 21.16
N THR B 195 -26.13 11.98 19.88
CA THR B 195 -25.17 12.96 19.36
C THR B 195 -25.88 14.24 18.93
N ASN B 196 -25.11 15.18 18.38
CA ASN B 196 -25.67 16.45 17.92
C ASN B 196 -26.44 16.31 16.62
N THR B 197 -26.17 15.23 15.89
CA THR B 197 -26.85 14.97 14.63
C THR B 197 -28.04 14.03 14.80
N GLY B 198 -28.19 13.48 16.01
CA GLY B 198 -29.32 12.60 16.32
C GLY B 198 -28.96 11.45 17.23
N ILE B 199 -29.88 10.51 17.39
CA ILE B 199 -29.65 9.34 18.23
C ILE B 199 -29.37 8.10 17.37
N TYR B 200 -28.15 7.57 17.45
CA TYR B 200 -27.74 6.48 16.59
C TYR B 200 -27.63 5.14 17.32
N SER B 201 -28.27 4.12 16.76
CA SER B 201 -28.21 2.77 17.34
C SER B 201 -26.80 2.22 17.21
N CYS B 202 -26.38 1.43 18.20
CA CYS B 202 -25.00 0.94 18.21
C CYS B 202 -24.81 -0.33 19.02
N LEU B 203 -24.08 -1.29 18.45
CA LEU B 203 -23.74 -2.53 19.13
C LEU B 203 -22.28 -2.50 19.56
N ARG B 204 -21.94 -3.29 20.57
CA ARG B 204 -20.56 -3.37 21.02
C ARG B 204 -20.19 -4.76 21.52
N THR B 205 -19.25 -5.39 20.83
CA THR B 205 -18.73 -6.67 21.28
C THR B 205 -17.43 -6.43 22.05
N THR B 206 -17.21 -7.22 23.11
CA THR B 206 -16.07 -7.01 23.98
C THR B 206 -15.35 -8.32 24.32
N ILE B 207 -14.05 -8.36 24.04
CA ILE B 207 -13.23 -9.51 24.42
C ILE B 207 -12.35 -9.12 25.59
N GLN B 208 -12.07 -10.08 26.48
CA GLN B 208 -11.23 -9.82 27.64
C GLN B 208 -9.91 -10.58 27.54
N LEU B 209 -8.81 -9.84 27.50
CA LEU B 209 -7.49 -10.43 27.29
C LEU B 209 -6.68 -10.46 28.57
N LYS B 210 -6.23 -11.66 28.94
CA LYS B 210 -5.43 -11.87 30.13
C LYS B 210 -3.99 -12.15 29.73
N ARG B 211 -3.07 -11.30 30.16
CA ARG B 211 -1.67 -11.40 29.73
C ARG B 211 -0.98 -12.65 30.26
N GLU B 212 -0.34 -13.40 29.37
CA GLU B 212 0.37 -14.60 29.78
C GLU B 212 1.53 -14.26 30.70
N PHE B 213 1.70 -15.05 31.75
CA PHE B 213 2.65 -14.75 32.81
C PHE B 213 4.00 -15.45 32.65
N SER B 214 3.99 -16.60 31.98
CA SER B 214 5.20 -17.41 31.83
C SER B 214 6.40 -16.61 31.35
N PHE B 215 6.17 -15.73 30.38
CA PHE B 215 7.23 -14.89 29.85
C PHE B 215 7.83 -14.00 30.94
N TYR B 216 6.97 -13.25 31.63
CA TYR B 216 7.44 -12.29 32.62
C TYR B 216 8.07 -12.97 33.84
N LEU B 217 7.64 -14.19 34.12
CA LEU B 217 8.27 -14.98 35.17
C LEU B 217 9.72 -15.25 34.81
N LEU B 218 9.96 -15.69 33.57
CA LEU B 218 11.30 -16.08 33.13
C LEU B 218 12.19 -14.92 32.70
N GLN B 219 11.60 -13.86 32.19
CA GLN B 219 12.39 -12.76 31.63
C GLN B 219 12.50 -11.55 32.56
N LEU B 220 11.82 -11.61 33.69
CA LEU B 220 11.82 -10.47 34.60
C LEU B 220 12.00 -10.87 36.07
N TYR B 221 11.07 -11.65 36.59
CA TYR B 221 11.10 -12.01 38.00
C TYR B 221 12.26 -12.95 38.37
N ILE B 222 12.26 -14.14 37.77
CA ILE B 222 13.34 -15.11 38.03
C ILE B 222 14.72 -14.46 37.94
N PRO B 223 15.03 -13.82 36.80
CA PRO B 223 16.38 -13.26 36.64
C PRO B 223 16.70 -12.17 37.65
N SER B 224 15.69 -11.44 38.12
CA SER B 224 15.93 -10.39 39.12
C SER B 224 16.20 -10.98 40.50
N CYS B 225 15.47 -12.04 40.85
CA CYS B 225 15.77 -12.75 42.08
C CYS B 225 17.18 -13.28 42.00
N MET B 226 17.50 -13.91 40.88
CA MET B 226 18.82 -14.46 40.67
C MET B 226 19.88 -13.36 40.77
N LEU B 227 19.51 -12.15 40.40
CA LEU B 227 20.41 -11.02 40.46
C LEU B 227 20.57 -10.49 41.89
N VAL B 228 19.45 -10.41 42.60
CA VAL B 228 19.46 -9.97 43.99
C VAL B 228 20.18 -10.99 44.88
N ILE B 229 19.96 -12.27 44.61
CA ILE B 229 20.60 -13.34 45.37
C ILE B 229 22.12 -13.29 45.21
N VAL B 230 22.58 -12.90 44.02
CA VAL B 230 24.01 -12.76 43.78
C VAL B 230 24.61 -11.67 44.66
N SER B 231 23.87 -10.57 44.85
CA SER B 231 24.36 -9.47 45.65
C SER B 231 24.59 -9.90 47.11
N TRP B 232 24.00 -11.03 47.49
CA TRP B 232 24.11 -11.52 48.87
C TRP B 232 25.36 -12.34 49.09
N VAL B 233 25.84 -13.00 48.05
CA VAL B 233 27.00 -13.88 48.18
C VAL B 233 28.26 -13.07 48.48
N SER B 234 28.12 -11.76 48.59
CA SER B 234 29.25 -10.92 48.96
C SER B 234 29.31 -10.71 50.47
N PHE B 235 28.25 -11.11 51.16
CA PHE B 235 28.23 -11.05 52.61
C PHE B 235 29.10 -12.14 53.20
N TRP B 236 29.55 -13.06 52.35
CA TRP B 236 30.34 -14.21 52.80
C TRP B 236 31.81 -14.06 52.42
N PHE B 237 32.13 -12.97 51.75
CA PHE B 237 33.52 -12.62 51.48
C PHE B 237 34.08 -11.84 52.67
N ASP B 238 35.32 -12.15 53.04
CA ASP B 238 35.97 -11.45 54.15
C ASP B 238 35.90 -9.93 53.96
N ARG B 239 35.68 -9.23 55.06
CA ARG B 239 35.50 -7.78 55.02
C ARG B 239 36.73 -7.04 54.52
N THR B 240 37.85 -7.75 54.42
CA THR B 240 39.10 -7.14 53.97
C THR B 240 39.13 -7.05 52.45
N ALA B 241 38.57 -8.04 51.77
CA ALA B 241 38.51 -8.05 50.32
C ALA B 241 37.27 -7.33 49.82
N ILE B 242 37.28 -6.00 49.95
CA ILE B 242 36.15 -5.17 49.53
C ILE B 242 36.02 -5.03 48.01
N PRO B 243 37.14 -5.14 47.26
CA PRO B 243 37.01 -5.08 45.80
C PRO B 243 35.99 -6.11 45.29
N ALA B 244 36.05 -7.33 45.81
CA ALA B 244 35.13 -8.38 45.41
C ALA B 244 33.69 -7.98 45.68
N ARG B 245 33.43 -7.48 46.89
CA ARG B 245 32.08 -7.05 47.26
C ARG B 245 31.52 -5.99 46.33
N VAL B 246 32.29 -4.92 46.14
CA VAL B 246 31.86 -3.83 45.27
C VAL B 246 31.55 -4.34 43.86
N THR B 247 32.46 -5.13 43.30
CA THR B 247 32.27 -5.69 41.97
C THR B 247 30.94 -6.42 41.83
N LEU B 248 30.59 -7.20 42.84
CA LEU B 248 29.32 -7.89 42.84
C LEU B 248 28.16 -6.89 42.94
N GLY B 249 28.09 -6.16 44.05
CA GLY B 249 27.03 -5.20 44.26
C GLY B 249 26.82 -4.24 43.10
N VAL B 250 27.92 -3.76 42.53
CA VAL B 250 27.86 -2.79 41.44
C VAL B 250 27.39 -3.43 40.13
N THR B 251 27.95 -4.58 39.80
CA THR B 251 27.57 -5.28 38.57
C THR B 251 26.10 -5.67 38.57
N THR B 252 25.64 -6.25 39.66
CA THR B 252 24.25 -6.65 39.79
C THR B 252 23.33 -5.43 39.68
N LEU B 253 23.76 -4.31 40.24
CA LEU B 253 22.97 -3.08 40.21
C LEU B 253 22.85 -2.56 38.78
N LEU B 254 23.98 -2.47 38.09
CA LEU B 254 24.01 -2.04 36.70
C LEU B 254 23.11 -2.94 35.85
N THR B 255 23.32 -4.24 35.95
CA THR B 255 22.51 -5.22 35.22
C THR B 255 21.02 -5.05 35.52
N MET B 256 20.70 -4.77 36.77
CA MET B 256 19.33 -4.52 37.17
C MET B 256 18.75 -3.39 36.34
N THR B 257 19.51 -2.29 36.23
CA THR B 257 19.11 -1.16 35.41
C THR B 257 18.83 -1.58 33.98
N ALA B 258 19.81 -2.20 33.35
CA ALA B 258 19.69 -2.66 31.98
C ALA B 258 18.40 -3.44 31.77
N GLN B 259 18.23 -4.51 32.54
CA GLN B 259 17.05 -5.34 32.42
C GLN B 259 15.76 -4.52 32.44
N SER B 260 15.67 -3.59 33.39
CA SER B 260 14.50 -2.74 33.51
C SER B 260 14.30 -1.90 32.26
N ALA B 261 15.38 -1.32 31.77
CA ALA B 261 15.34 -0.51 30.55
C ALA B 261 14.73 -1.31 29.40
N GLY B 262 14.99 -2.61 29.39
CA GLY B 262 14.45 -3.49 28.38
C GLY B 262 12.95 -3.60 28.44
N ILE B 263 12.42 -3.92 29.62
CA ILE B 263 10.98 -4.06 29.79
C ILE B 263 10.29 -2.72 29.56
N ASN B 264 10.81 -1.67 30.19
CA ASN B 264 10.21 -0.35 30.10
C ASN B 264 10.26 0.24 28.70
N SER B 265 11.05 -0.36 27.82
CA SER B 265 11.17 0.15 26.45
C SER B 265 9.99 -0.26 25.59
N GLN B 266 9.36 -1.38 25.93
CA GLN B 266 8.22 -1.86 25.16
C GLN B 266 6.90 -1.31 25.70
N LEU B 267 7.00 -0.30 26.56
CA LEU B 267 5.84 0.30 27.18
C LEU B 267 5.73 1.79 26.85
N PRO B 268 4.48 2.30 26.78
CA PRO B 268 4.24 3.72 26.53
C PRO B 268 4.36 4.51 27.83
N PRO B 269 5.02 5.68 27.79
CA PRO B 269 5.07 6.50 28.99
C PRO B 269 3.66 6.79 29.50
N VAL B 270 3.39 6.44 30.76
CA VAL B 270 2.08 6.67 31.34
C VAL B 270 2.16 7.69 32.48
N SER B 271 1.05 7.90 33.17
CA SER B 271 0.98 8.88 34.24
C SER B 271 0.83 8.25 35.61
N TYR B 272 0.90 6.92 35.67
CA TYR B 272 0.72 6.21 36.93
C TYR B 272 1.86 5.24 37.21
N ILE B 273 1.92 4.75 38.45
CA ILE B 273 2.95 3.78 38.82
C ILE B 273 2.44 2.37 38.57
N LYS B 274 3.17 1.62 37.74
CA LYS B 274 2.80 0.25 37.42
C LYS B 274 3.32 -0.72 38.47
N ALA B 275 2.69 -1.89 38.58
CA ALA B 275 3.13 -2.91 39.54
C ALA B 275 4.54 -3.37 39.20
N ILE B 276 4.86 -3.34 37.91
CA ILE B 276 6.21 -3.65 37.45
C ILE B 276 7.23 -2.69 38.07
N ASP B 277 6.84 -1.42 38.22
CA ASP B 277 7.73 -0.40 38.76
C ASP B 277 8.06 -0.69 40.22
N VAL B 278 7.05 -1.08 40.98
CA VAL B 278 7.23 -1.39 42.40
C VAL B 278 8.21 -2.55 42.58
N TRP B 279 8.18 -3.50 41.67
CA TRP B 279 9.02 -4.68 41.81
C TRP B 279 10.46 -4.42 41.38
N ILE B 280 10.63 -3.66 40.31
CA ILE B 280 11.97 -3.25 39.89
C ILE B 280 12.58 -2.35 40.96
N GLY B 281 11.82 -1.37 41.40
CA GLY B 281 12.30 -0.41 42.37
C GLY B 281 12.75 -1.05 43.66
N ALA B 282 12.03 -2.08 44.09
CA ALA B 282 12.35 -2.76 45.35
C ALA B 282 13.65 -3.54 45.23
N CYS B 283 13.74 -4.41 44.23
CA CYS B 283 14.95 -5.20 44.00
C CYS B 283 16.14 -4.27 43.87
N MET B 284 15.89 -3.11 43.26
CA MET B 284 16.92 -2.09 43.11
C MET B 284 17.45 -1.68 44.48
N THR B 285 16.53 -1.51 45.42
CA THR B 285 16.87 -1.09 46.78
C THR B 285 17.69 -2.14 47.51
N PHE B 286 17.25 -3.40 47.46
CA PHE B 286 17.95 -4.49 48.13
C PHE B 286 19.42 -4.56 47.70
N ILE B 287 19.68 -4.25 46.44
CA ILE B 287 21.03 -4.25 45.93
C ILE B 287 21.77 -2.98 46.34
N PHE B 288 21.04 -1.86 46.38
CA PHE B 288 21.62 -0.60 46.82
C PHE B 288 22.06 -0.68 48.28
N CYS B 289 21.21 -1.28 49.11
CA CYS B 289 21.49 -1.42 50.53
C CYS B 289 22.64 -2.39 50.76
N ALA B 290 22.78 -3.36 49.86
CA ALA B 290 23.92 -4.27 49.93
C ALA B 290 25.21 -3.46 49.82
N LEU B 291 25.29 -2.59 48.82
CA LEU B 291 26.43 -1.69 48.67
C LEU B 291 26.63 -0.85 49.93
N LEU B 292 25.55 -0.22 50.40
CA LEU B 292 25.60 0.56 51.62
C LEU B 292 26.19 -0.25 52.75
N GLU B 293 25.79 -1.52 52.85
CA GLU B 293 26.30 -2.40 53.88
C GLU B 293 27.80 -2.60 53.75
N PHE B 294 28.28 -2.81 52.53
CA PHE B 294 29.70 -2.96 52.27
C PHE B 294 30.47 -1.78 52.83
N ALA B 295 29.98 -0.57 52.54
CA ALA B 295 30.62 0.65 53.01
C ALA B 295 30.61 0.73 54.53
N LEU B 296 29.44 0.58 55.13
CA LEU B 296 29.31 0.59 56.58
C LEU B 296 30.29 -0.38 57.22
N VAL B 297 30.23 -1.64 56.78
CA VAL B 297 31.09 -2.67 57.33
C VAL B 297 32.57 -2.33 57.20
N ASN B 298 32.99 -1.99 55.98
CA ASN B 298 34.40 -1.69 55.72
C ASN B 298 34.89 -0.45 56.44
N HIS B 299 33.98 0.49 56.71
CA HIS B 299 34.36 1.74 57.36
C HIS B 299 34.65 1.55 58.85
N ILE B 300 33.73 0.93 59.56
CA ILE B 300 33.91 0.69 60.99
C ILE B 300 34.91 -0.43 61.25
N ALA B 301 35.30 -1.14 60.18
CA ALA B 301 36.22 -2.25 60.31
C ALA B 301 37.66 -1.79 60.49
N ASN B 302 38.09 -0.82 59.67
CA ASN B 302 39.46 -0.33 59.74
C ASN B 302 39.69 0.60 60.93
N ALA B 303 38.63 0.91 61.66
CA ALA B 303 38.75 1.71 62.87
C ALA B 303 39.65 0.99 63.88
N GLY B 304 40.61 1.72 64.44
CA GLY B 304 41.61 1.14 65.32
C GLY B 304 41.11 0.20 66.39
N THR B 305 40.08 0.63 67.11
CA THR B 305 39.57 -0.14 68.26
C THR B 305 38.91 -1.44 67.85
N THR B 306 39.12 -2.49 68.63
CA THR B 306 38.47 -3.77 68.40
C THR B 306 36.99 -3.67 68.71
N GLU B 307 36.61 -2.57 69.37
CA GLU B 307 35.22 -2.31 69.72
C GLU B 307 34.35 -2.26 68.47
N TRP B 308 34.81 -1.53 67.46
CA TRP B 308 34.09 -1.41 66.20
C TRP B 308 34.31 -2.63 65.33
N ASN B 309 35.51 -3.21 65.43
CA ASN B 309 35.88 -4.33 64.57
C ASN B 309 34.91 -5.50 64.65
N ASP B 310 34.56 -5.91 65.86
CA ASP B 310 33.63 -7.03 66.03
C ASP B 310 32.18 -6.61 65.75
N ILE B 311 31.91 -5.31 65.82
CA ILE B 311 30.63 -4.78 65.37
C ILE B 311 30.53 -4.98 63.86
N SER B 312 31.63 -4.70 63.17
CA SER B 312 31.72 -4.92 61.74
C SER B 312 31.37 -6.37 61.40
N LYS B 313 31.92 -7.30 62.17
CA LYS B 313 31.62 -8.71 61.99
C LYS B 313 30.15 -8.98 62.23
N ARG B 314 29.60 -8.33 63.24
CA ARG B 314 28.20 -8.53 63.63
C ARG B 314 27.24 -8.12 62.51
N VAL B 315 27.55 -7.00 61.85
CA VAL B 315 26.71 -6.50 60.77
C VAL B 315 26.57 -7.54 59.65
N ASP B 316 27.68 -8.15 59.26
CA ASP B 316 27.63 -9.21 58.25
C ASP B 316 26.72 -10.35 58.67
N LEU B 317 26.97 -10.90 59.85
CA LEU B 317 26.17 -12.00 60.37
C LEU B 317 24.69 -11.68 60.27
N ILE B 318 24.32 -10.49 60.72
CA ILE B 318 22.93 -10.05 60.67
C ILE B 318 22.44 -9.95 59.23
N SER B 319 23.24 -9.33 58.36
CA SER B 319 22.87 -9.15 56.97
C SER B 319 22.63 -10.49 56.27
N ARG B 320 23.53 -11.44 56.48
CA ARG B 320 23.45 -12.74 55.82
C ARG B 320 22.07 -13.38 55.99
N ALA B 321 21.38 -12.99 57.06
CA ALA B 321 20.05 -13.53 57.34
C ALA B 321 18.95 -12.49 57.08
N LEU B 322 19.18 -11.27 57.56
CA LEU B 322 18.18 -10.21 57.46
C LEU B 322 17.75 -9.93 56.02
N PHE B 323 18.73 -9.82 55.12
CA PHE B 323 18.44 -9.54 53.73
C PHE B 323 17.50 -10.58 53.10
N PRO B 324 17.89 -11.86 53.13
CA PRO B 324 17.01 -12.88 52.59
C PRO B 324 15.62 -12.81 53.21
N VAL B 325 15.56 -12.79 54.55
CA VAL B 325 14.30 -12.72 55.26
C VAL B 325 13.45 -11.53 54.79
N LEU B 326 14.05 -10.35 54.75
CA LEU B 326 13.33 -9.17 54.30
C LEU B 326 12.86 -9.31 52.85
N PHE B 327 13.71 -9.83 51.99
CA PHE B 327 13.35 -10.01 50.59
C PHE B 327 12.20 -11.02 50.44
N PHE B 328 12.19 -12.02 51.31
CA PHE B 328 11.12 -13.00 51.33
C PHE B 328 9.83 -12.36 51.79
N VAL B 329 9.92 -11.53 52.82
CA VAL B 329 8.78 -10.77 53.30
C VAL B 329 8.23 -9.89 52.18
N PHE B 330 9.13 -9.18 51.50
CA PHE B 330 8.71 -8.34 50.38
C PHE B 330 7.92 -9.14 49.36
N ASN B 331 8.52 -10.21 48.85
CA ASN B 331 7.84 -11.08 47.89
C ASN B 331 6.43 -11.41 48.33
N ILE B 332 6.27 -11.79 49.59
CA ILE B 332 4.96 -12.15 50.12
C ILE B 332 3.97 -10.99 50.02
N LEU B 333 4.40 -9.81 50.47
CA LEU B 333 3.57 -8.62 50.36
C LEU B 333 3.29 -8.26 48.90
N TYR B 334 4.33 -8.30 48.08
CA TYR B 334 4.19 -7.95 46.67
C TYR B 334 3.18 -8.85 45.96
N TRP B 335 3.38 -10.15 46.04
CA TRP B 335 2.55 -11.09 45.29
C TRP B 335 1.11 -11.15 45.76
N SER B 336 0.90 -10.92 47.04
CA SER B 336 -0.46 -10.91 47.57
C SER B 336 -1.17 -9.65 47.10
N ARG B 337 -0.41 -8.61 46.80
CA ARG B 337 -0.97 -7.33 46.42
C ARG B 337 -1.29 -7.24 44.93
N PHE B 338 -0.51 -7.93 44.10
CA PHE B 338 -0.62 -7.77 42.65
C PHE B 338 -0.93 -9.08 41.91
N GLY B 339 -0.81 -10.21 42.61
CA GLY B 339 -1.11 -11.50 42.01
C GLY B 339 -2.58 -11.83 42.14
N HIS B 340 -3.29 -11.01 42.91
CA HIS B 340 -4.71 -11.22 43.19
C HIS B 340 -5.50 -11.40 41.89
N SER C 1 -41.93 9.73 -1.28
CA SER C 1 -41.82 11.02 -0.59
C SER C 1 -40.41 11.58 -0.70
N ASP C 2 -39.48 11.03 0.06
CA ASP C 2 -38.09 11.50 0.03
C ASP C 2 -37.46 11.30 -1.34
N SER C 3 -37.68 10.13 -1.93
CA SER C 3 -37.15 9.85 -3.26
C SER C 3 -37.76 10.78 -4.29
N LYS C 4 -39.01 11.19 -4.06
CA LYS C 4 -39.70 12.10 -4.95
C LYS C 4 -39.18 13.52 -4.79
N ILE C 5 -38.93 13.92 -3.54
CA ILE C 5 -38.38 15.23 -3.25
C ILE C 5 -37.00 15.41 -3.91
N LEU C 6 -36.19 14.36 -3.84
CA LEU C 6 -34.87 14.38 -4.47
C LEU C 6 -35.00 14.46 -5.98
N ALA C 7 -35.89 13.65 -6.53
CA ALA C 7 -36.12 13.64 -7.97
C ALA C 7 -36.53 15.02 -8.48
N HIS C 8 -37.32 15.74 -7.68
CA HIS C 8 -37.79 17.07 -8.07
C HIS C 8 -36.65 18.07 -8.15
N LEU C 9 -35.64 17.87 -7.31
CA LEU C 9 -34.51 18.79 -7.24
C LEU C 9 -33.54 18.62 -8.41
N PHE C 10 -33.38 17.37 -8.85
CA PHE C 10 -32.40 17.07 -9.89
C PHE C 10 -33.03 16.82 -11.27
N THR C 11 -34.35 16.90 -11.34
CA THR C 11 -35.04 16.77 -12.62
C THR C 11 -34.91 18.07 -13.40
N SER C 12 -34.77 19.18 -12.67
CA SER C 12 -34.54 20.48 -13.28
C SER C 12 -33.08 20.60 -13.65
N GLY C 13 -32.68 21.78 -14.14
CA GLY C 13 -31.31 22.02 -14.53
C GLY C 13 -30.43 22.36 -13.35
N TYR C 14 -29.80 21.35 -12.75
CA TYR C 14 -28.93 21.57 -11.62
C TYR C 14 -27.50 21.12 -11.92
N ASP C 15 -26.55 22.03 -11.73
CA ASP C 15 -25.16 21.75 -12.03
C ASP C 15 -24.31 21.73 -10.75
N PHE C 16 -23.87 20.55 -10.35
CA PHE C 16 -23.07 20.40 -9.13
C PHE C 16 -21.71 21.04 -9.28
N ARG C 17 -21.40 21.48 -10.49
CA ARG C 17 -20.11 22.09 -10.77
C ARG C 17 -20.17 23.59 -10.51
N VAL C 18 -21.39 24.12 -10.55
CA VAL C 18 -21.61 25.54 -10.34
C VAL C 18 -21.79 25.86 -8.86
N ARG C 19 -21.07 26.87 -8.40
CA ARG C 19 -21.19 27.35 -7.03
C ARG C 19 -22.62 27.83 -6.75
N PRO C 20 -23.13 27.56 -5.53
CA PRO C 20 -24.46 28.03 -5.15
C PRO C 20 -24.57 29.54 -5.24
N PRO C 21 -25.69 30.05 -5.76
CA PRO C 21 -25.94 31.48 -5.92
C PRO C 21 -26.09 32.19 -4.57
N THR C 22 -25.85 33.49 -4.56
CA THR C 22 -26.02 34.28 -3.35
C THR C 22 -26.87 35.51 -3.64
N ASP C 23 -27.53 36.04 -2.61
CA ASP C 23 -28.42 37.17 -2.77
C ASP C 23 -27.69 38.43 -3.23
N ASN C 24 -26.56 38.73 -2.61
CA ASN C 24 -25.78 39.90 -2.94
C ASN C 24 -24.52 39.58 -3.75
N GLY C 25 -24.45 38.35 -4.24
CA GLY C 25 -23.30 37.91 -5.02
C GLY C 25 -22.12 37.58 -4.13
N GLY C 26 -22.30 37.68 -2.83
CA GLY C 26 -21.26 37.39 -1.87
C GLY C 26 -20.78 35.96 -1.98
N PRO C 27 -19.79 35.59 -1.17
CA PRO C 27 -19.24 34.23 -1.19
C PRO C 27 -20.16 33.24 -0.47
N VAL C 28 -19.98 31.95 -0.75
CA VAL C 28 -20.71 30.91 -0.04
C VAL C 28 -20.11 30.74 1.36
N VAL C 29 -20.93 30.93 2.38
CA VAL C 29 -20.43 30.82 3.75
C VAL C 29 -20.58 29.40 4.27
N VAL C 30 -19.44 28.77 4.56
CA VAL C 30 -19.41 27.40 5.03
C VAL C 30 -19.07 27.33 6.52
N SER C 31 -20.05 27.01 7.34
CA SER C 31 -19.81 26.83 8.78
C SER C 31 -19.19 25.46 9.03
N VAL C 32 -18.19 25.42 9.89
CA VAL C 32 -17.45 24.20 10.13
C VAL C 32 -17.48 23.76 11.59
N ASN C 33 -17.88 22.51 11.82
CA ASN C 33 -17.76 21.89 13.13
C ASN C 33 -16.78 20.74 13.04
N MET C 34 -16.05 20.49 14.12
CA MET C 34 -15.01 19.49 14.08
C MET C 34 -14.98 18.67 15.36
N LEU C 35 -15.06 17.35 15.22
CA LEU C 35 -15.08 16.44 16.36
C LEU C 35 -13.89 15.51 16.35
N LEU C 36 -12.95 15.73 17.27
CA LEU C 36 -11.77 14.88 17.40
C LEU C 36 -12.14 13.56 18.05
N ARG C 37 -11.79 12.46 17.41
CA ARG C 37 -12.08 11.13 17.95
C ARG C 37 -10.89 10.58 18.73
N THR C 38 -9.73 10.56 18.08
CA THR C 38 -8.52 10.06 18.70
C THR C 38 -7.29 10.82 18.21
N ILE C 39 -6.39 11.12 19.14
CA ILE C 39 -5.11 11.74 18.81
C ILE C 39 -3.98 10.79 19.24
N SER C 40 -3.32 10.19 18.25
CA SER C 40 -2.36 9.13 18.52
C SER C 40 -1.02 9.34 17.80
N LYS C 41 -0.09 8.41 18.02
CA LYS C 41 1.22 8.44 17.38
C LYS C 41 1.79 9.85 17.24
N ILE C 42 2.11 10.45 18.38
CA ILE C 42 2.75 11.77 18.39
C ILE C 42 4.25 11.65 18.19
N ASP C 43 4.67 11.57 16.94
CA ASP C 43 6.07 11.36 16.58
C ASP C 43 6.90 12.62 16.80
N VAL C 44 7.90 12.54 17.68
CA VAL C 44 8.72 13.70 18.00
C VAL C 44 9.95 13.80 17.10
N VAL C 45 10.34 12.66 16.52
CA VAL C 45 11.47 12.64 15.59
C VAL C 45 11.10 13.30 14.28
N ASN C 46 10.00 12.86 13.67
CA ASN C 46 9.53 13.43 12.42
C ASN C 46 8.59 14.61 12.65
N MET C 47 8.37 14.94 13.92
CA MET C 47 7.52 16.07 14.27
C MET C 47 6.22 16.05 13.49
N GLU C 48 5.39 15.06 13.80
CA GLU C 48 4.07 14.94 13.23
C GLU C 48 3.22 14.15 14.21
N TYR C 49 1.92 14.11 13.96
CA TYR C 49 1.02 13.33 14.80
C TYR C 49 -0.17 12.84 14.00
N SER C 50 -0.75 11.73 14.43
CA SER C 50 -1.93 11.19 13.78
C SER C 50 -3.17 11.59 14.58
N ALA C 51 -4.29 11.74 13.88
CA ALA C 51 -5.54 12.12 14.52
C ALA C 51 -6.73 11.76 13.63
N GLN C 52 -7.76 11.17 14.23
CA GLN C 52 -8.97 10.84 13.51
C GLN C 52 -10.11 11.74 13.97
N LEU C 53 -10.76 12.42 13.03
CA LEU C 53 -11.77 13.41 13.37
C LEU C 53 -12.98 13.28 12.47
N THR C 54 -14.06 13.93 12.87
CA THR C 54 -15.25 14.01 12.05
C THR C 54 -15.45 15.44 11.58
N LEU C 55 -15.30 15.65 10.27
CA LEU C 55 -15.50 16.97 9.68
C LEU C 55 -16.98 17.18 9.43
N ARG C 56 -17.48 18.37 9.79
CA ARG C 56 -18.88 18.70 9.59
C ARG C 56 -19.05 20.06 8.95
N GLU C 57 -19.48 20.09 7.70
CA GLU C 57 -19.63 21.33 6.97
C GLU C 57 -21.10 21.65 6.73
N SER C 58 -21.44 22.93 6.76
CA SER C 58 -22.81 23.37 6.53
C SER C 58 -22.85 24.67 5.74
N TRP C 59 -23.54 24.64 4.60
CA TRP C 59 -23.70 25.84 3.78
C TRP C 59 -25.12 25.90 3.24
N ILE C 60 -25.46 26.99 2.56
CA ILE C 60 -26.79 27.13 1.99
C ILE C 60 -26.76 27.06 0.46
N ASP C 61 -27.68 26.27 -0.09
CA ASP C 61 -27.77 26.10 -1.53
C ASP C 61 -29.23 26.23 -1.94
N LYS C 62 -29.68 27.46 -2.17
CA LYS C 62 -31.09 27.72 -2.44
C LYS C 62 -31.65 26.81 -3.52
N ARG C 63 -30.80 26.42 -4.46
CA ARG C 63 -31.21 25.53 -5.55
C ARG C 63 -31.77 24.21 -5.03
N LEU C 64 -31.33 23.82 -3.83
CA LEU C 64 -31.71 22.53 -3.28
C LEU C 64 -32.92 22.62 -2.34
N SER C 65 -33.42 23.83 -2.11
CA SER C 65 -34.58 24.00 -1.25
C SER C 65 -35.79 23.38 -1.93
N TYR C 66 -36.53 22.56 -1.18
CA TYR C 66 -37.65 21.83 -1.73
C TYR C 66 -38.92 22.16 -0.94
N GLY C 67 -38.79 22.25 0.37
CA GLY C 67 -39.92 22.51 1.23
C GLY C 67 -40.04 23.98 1.56
N VAL C 68 -38.93 24.70 1.41
CA VAL C 68 -38.88 26.12 1.76
C VAL C 68 -39.38 26.31 3.19
N LYS C 69 -40.59 26.83 3.34
CA LYS C 69 -41.20 26.96 4.66
C LYS C 69 -41.49 25.57 5.21
N GLY C 70 -41.85 24.67 4.30
CA GLY C 70 -42.16 23.29 4.66
C GLY C 70 -43.38 23.23 5.55
N ASP C 71 -43.17 22.77 6.78
CA ASP C 71 -44.24 22.70 7.76
C ASP C 71 -45.39 21.82 7.28
N GLY C 72 -45.20 21.24 6.10
CA GLY C 72 -46.08 20.21 5.58
C GLY C 72 -45.25 19.02 5.13
N GLN C 73 -43.96 19.29 4.88
CA GLN C 73 -43.03 18.28 4.41
C GLN C 73 -41.99 17.95 5.49
N PRO C 74 -41.16 16.91 5.26
CA PRO C 74 -40.10 16.55 6.20
C PRO C 74 -39.07 17.67 6.34
N ASP C 75 -38.56 17.88 7.55
CA ASP C 75 -37.60 18.95 7.79
C ASP C 75 -36.43 18.87 6.82
N PHE C 76 -35.83 17.69 6.70
CA PHE C 76 -34.72 17.49 5.78
C PHE C 76 -34.79 16.13 5.09
N VAL C 77 -34.01 15.97 4.03
CA VAL C 77 -33.97 14.73 3.29
C VAL C 77 -32.54 14.23 3.19
N ILE C 78 -32.32 12.96 3.51
CA ILE C 78 -31.00 12.37 3.38
C ILE C 78 -30.65 12.17 1.91
N LEU C 79 -29.53 12.74 1.49
CA LEU C 79 -29.10 12.63 0.10
C LEU C 79 -28.60 11.22 -0.18
N THR C 80 -29.28 10.55 -1.11
CA THR C 80 -28.91 9.18 -1.49
C THR C 80 -27.85 9.18 -2.59
N VAL C 81 -27.31 7.99 -2.86
CA VAL C 81 -26.27 7.83 -3.86
C VAL C 81 -26.79 8.14 -5.26
N GLY C 82 -25.92 8.72 -6.09
CA GLY C 82 -26.28 9.01 -7.47
C GLY C 82 -26.81 10.40 -7.69
N HIS C 83 -26.78 11.22 -6.64
CA HIS C 83 -27.20 12.61 -6.75
C HIS C 83 -26.03 13.54 -6.41
N GLN C 84 -25.51 14.22 -7.41
CA GLN C 84 -24.37 15.12 -7.23
C GLN C 84 -24.79 16.44 -6.61
N ILE C 85 -23.95 16.96 -5.71
CA ILE C 85 -24.19 18.24 -5.07
C ILE C 85 -22.89 19.03 -4.96
N TRP C 86 -22.94 20.32 -5.30
CA TRP C 86 -21.76 21.15 -5.13
C TRP C 86 -21.31 21.11 -3.69
N MET C 87 -20.02 20.91 -3.48
CA MET C 87 -19.45 20.88 -2.14
C MET C 87 -18.16 21.67 -2.07
N PRO C 88 -17.89 22.28 -0.89
CA PRO C 88 -16.63 23.00 -0.69
C PRO C 88 -15.46 22.04 -0.87
N ASP C 89 -14.57 22.32 -1.81
CA ASP C 89 -13.42 21.45 -2.05
C ASP C 89 -12.35 21.67 -0.98
N THR C 90 -12.74 21.47 0.28
CA THR C 90 -11.84 21.74 1.40
C THR C 90 -10.75 20.68 1.52
N PHE C 91 -9.58 21.10 1.96
CA PHE C 91 -8.46 20.20 2.19
C PHE C 91 -7.74 20.63 3.46
N PHE C 92 -6.80 19.80 3.92
CA PHE C 92 -6.05 20.11 5.13
C PHE C 92 -4.62 20.50 4.78
N PRO C 93 -4.34 21.82 4.74
CA PRO C 93 -3.06 22.37 4.30
C PRO C 93 -1.84 21.70 4.93
N ASN C 94 -1.94 21.33 6.20
CA ASN C 94 -0.79 20.70 6.88
C ASN C 94 -0.94 19.17 7.02
N GLU C 95 -1.80 18.58 6.21
CA GLU C 95 -1.94 17.14 6.18
C GLU C 95 -0.83 16.52 5.33
N LYS C 96 -0.18 15.49 5.86
CA LYS C 96 0.84 14.78 5.11
C LYS C 96 0.24 13.48 4.56
N GLN C 97 -0.80 12.98 5.23
CA GLN C 97 -1.49 11.76 4.82
C GLN C 97 -2.93 11.83 5.28
N ALA C 98 -3.84 11.30 4.46
CA ALA C 98 -5.26 11.34 4.78
C ALA C 98 -6.02 10.14 4.22
N TYR C 99 -6.97 9.62 4.99
CA TYR C 99 -7.78 8.51 4.54
C TYR C 99 -9.24 8.73 4.89
N LYS C 100 -10.13 8.53 3.92
CA LYS C 100 -11.55 8.47 4.21
C LYS C 100 -11.89 7.04 4.60
N HIS C 101 -12.85 6.86 5.48
CA HIS C 101 -13.28 5.52 5.86
C HIS C 101 -14.43 5.05 5.01
N THR C 102 -14.26 3.88 4.38
CA THR C 102 -15.24 3.38 3.43
C THR C 102 -15.69 1.97 3.77
N ILE C 103 -15.54 1.59 5.02
CA ILE C 103 -15.84 0.22 5.44
C ILE C 103 -17.32 -0.14 5.34
N ASP C 104 -17.60 -1.23 4.63
CA ASP C 104 -18.93 -1.53 4.13
C ASP C 104 -19.37 -0.40 3.20
N LYS C 105 -20.18 0.52 3.71
CA LYS C 105 -20.53 1.71 2.96
C LYS C 105 -19.63 2.87 3.41
N PRO C 106 -19.33 3.80 2.49
CA PRO C 106 -18.49 4.96 2.84
C PRO C 106 -19.09 5.75 4.01
N ASN C 107 -18.24 6.17 4.94
CA ASN C 107 -18.70 6.90 6.12
C ASN C 107 -18.98 8.36 5.86
N VAL C 108 -20.07 8.65 5.16
CA VAL C 108 -20.47 10.03 4.91
C VAL C 108 -21.95 10.21 5.18
N LEU C 109 -22.34 11.45 5.45
CA LEU C 109 -23.74 11.80 5.64
C LEU C 109 -24.01 13.16 5.03
N ILE C 110 -24.98 13.22 4.12
CA ILE C 110 -25.40 14.50 3.55
C ILE C 110 -26.87 14.70 3.76
N ARG C 111 -27.23 15.85 4.35
CA ARG C 111 -28.63 16.19 4.55
C ARG C 111 -28.97 17.47 3.81
N ILE C 112 -30.15 17.50 3.20
CA ILE C 112 -30.62 18.69 2.51
C ILE C 112 -31.88 19.21 3.18
N HIS C 113 -31.73 20.23 4.02
CA HIS C 113 -32.87 20.81 4.72
C HIS C 113 -33.80 21.51 3.73
N ASN C 114 -35.08 21.60 4.11
CA ASN C 114 -36.08 22.20 3.25
C ASN C 114 -35.70 23.59 2.73
N ASP C 115 -35.01 24.37 3.56
CA ASP C 115 -34.64 25.73 3.18
C ASP C 115 -33.44 25.79 2.25
N GLY C 116 -32.82 24.62 2.01
CA GLY C 116 -31.66 24.55 1.14
C GLY C 116 -30.35 24.44 1.91
N THR C 117 -30.45 24.41 3.23
CA THR C 117 -29.27 24.24 4.07
C THR C 117 -28.75 22.81 3.94
N VAL C 118 -27.45 22.68 3.74
CA VAL C 118 -26.83 21.37 3.57
C VAL C 118 -25.94 21.02 4.75
N LEU C 119 -26.09 19.81 5.27
CA LEU C 119 -25.18 19.30 6.29
C LEU C 119 -24.32 18.18 5.71
N TYR C 120 -23.01 18.32 5.88
CA TYR C 120 -22.07 17.32 5.37
C TYR C 120 -21.21 16.79 6.51
N SER C 121 -21.22 15.48 6.70
CA SER C 121 -20.44 14.85 7.76
C SER C 121 -19.61 13.71 7.19
N VAL C 122 -18.35 13.64 7.59
CA VAL C 122 -17.45 12.62 7.07
C VAL C 122 -16.33 12.28 8.06
N ARG C 123 -16.02 11.00 8.19
CA ARG C 123 -14.90 10.58 9.01
C ARG C 123 -13.63 10.64 8.21
N ILE C 124 -12.59 11.20 8.83
CA ILE C 124 -11.30 11.35 8.16
C ILE C 124 -10.16 11.04 9.12
N SER C 125 -9.21 10.23 8.67
CA SER C 125 -8.00 9.98 9.44
C SER C 125 -6.85 10.77 8.83
N LEU C 126 -6.15 11.52 9.67
CA LEU C 126 -5.09 12.40 9.19
C LEU C 126 -3.74 12.09 9.84
N VAL C 127 -2.68 12.46 9.14
CA VAL C 127 -1.34 12.52 9.71
C VAL C 127 -0.80 13.92 9.43
N LEU C 128 -0.79 14.76 10.46
CA LEU C 128 -0.48 16.17 10.29
C LEU C 128 0.93 16.46 10.76
N SER C 129 1.56 17.47 10.16
CA SER C 129 2.88 17.90 10.62
C SER C 129 2.72 18.89 11.76
N CYS C 130 3.47 18.67 12.83
CA CYS C 130 3.37 19.51 14.02
C CYS C 130 4.77 19.84 14.54
N PRO C 131 5.32 20.97 14.10
CA PRO C 131 6.65 21.39 14.55
C PRO C 131 6.69 21.51 16.06
N MET C 132 7.62 20.81 16.69
CA MET C 132 7.71 20.77 18.14
C MET C 132 9.00 21.43 18.61
N TYR C 133 8.97 21.94 19.84
CA TYR C 133 10.10 22.66 20.40
C TYR C 133 10.52 22.05 21.74
N LEU C 134 11.68 21.41 21.74
CA LEU C 134 12.11 20.59 22.87
C LEU C 134 13.06 21.30 23.82
N GLN C 135 12.95 22.62 23.93
CA GLN C 135 13.80 23.39 24.83
C GLN C 135 13.74 22.84 26.25
N TYR C 136 12.55 22.51 26.70
CA TYR C 136 12.35 21.96 28.04
C TYR C 136 12.00 20.48 27.98
N TYR C 137 12.53 19.79 26.97
CA TYR C 137 12.05 18.47 26.57
C TYR C 137 11.28 17.65 27.61
N PRO C 138 11.94 17.26 28.71
CA PRO C 138 11.26 16.38 29.66
C PRO C 138 9.92 16.98 30.10
N MET C 139 9.94 18.26 30.48
CA MET C 139 8.70 18.94 30.87
C MET C 139 8.30 20.02 29.87
N ASP C 140 7.88 19.60 28.68
CA ASP C 140 7.50 20.55 27.64
C ASP C 140 5.99 20.52 27.36
N VAL C 141 5.52 21.53 26.62
CA VAL C 141 4.17 21.51 26.07
C VAL C 141 4.22 21.84 24.58
N GLN C 142 3.58 21.01 23.78
CA GLN C 142 3.55 21.25 22.35
C GLN C 142 2.16 21.71 21.93
N GLN C 143 2.08 22.43 20.82
CA GLN C 143 0.80 22.83 20.26
C GLN C 143 0.65 22.35 18.84
N CYS C 144 -0.30 21.45 18.63
CA CYS C 144 -0.50 20.87 17.32
C CYS C 144 -1.79 21.39 16.70
N SER C 145 -1.79 21.56 15.39
CA SER C 145 -2.92 22.19 14.72
C SER C 145 -3.42 21.42 13.51
N ILE C 146 -4.70 21.57 13.22
CA ILE C 146 -5.31 21.07 12.00
C ILE C 146 -5.80 22.26 11.19
N ASP C 147 -5.22 22.47 10.02
CA ASP C 147 -5.65 23.55 9.15
C ASP C 147 -6.69 23.07 8.14
N LEU C 148 -7.61 23.95 7.80
CA LEU C 148 -8.70 23.61 6.90
C LEU C 148 -8.99 24.80 6.00
N ALA C 149 -9.00 24.58 4.69
CA ALA C 149 -9.24 25.66 3.73
C ALA C 149 -9.71 25.13 2.38
N SER C 150 -10.23 26.03 1.55
CA SER C 150 -10.58 25.67 0.19
C SER C 150 -9.34 25.69 -0.68
N TYR C 151 -9.30 24.84 -1.71
CA TYR C 151 -8.12 24.78 -2.56
C TYR C 151 -8.24 25.64 -3.81
N ALA C 152 -9.38 25.54 -4.48
CA ALA C 152 -9.58 26.23 -5.75
C ALA C 152 -10.32 27.54 -5.57
N TYR C 153 -11.33 27.54 -4.71
CA TYR C 153 -12.17 28.71 -4.49
C TYR C 153 -11.50 29.75 -3.61
N THR C 154 -11.50 30.99 -4.09
CA THR C 154 -10.85 32.09 -3.39
C THR C 154 -11.79 32.69 -2.35
N THR C 155 -11.53 33.94 -1.96
CA THR C 155 -12.29 34.59 -0.91
C THR C 155 -13.60 35.18 -1.41
N LYS C 156 -13.76 35.26 -2.73
CA LYS C 156 -14.96 35.83 -3.31
C LYS C 156 -16.03 34.75 -3.50
N ASP C 157 -15.61 33.49 -3.40
CA ASP C 157 -16.50 32.38 -3.69
C ASP C 157 -16.84 31.57 -2.45
N ILE C 158 -15.90 31.44 -1.53
CA ILE C 158 -16.11 30.60 -0.37
C ILE C 158 -15.39 31.16 0.87
N GLU C 159 -16.10 31.16 1.99
CA GLU C 159 -15.56 31.72 3.22
C GLU C 159 -15.90 30.79 4.38
N TYR C 160 -14.88 30.40 5.16
CA TYR C 160 -15.10 29.48 6.27
C TYR C 160 -15.25 30.22 7.60
N LEU C 161 -16.18 29.73 8.41
CA LEU C 161 -16.42 30.25 9.74
C LEU C 161 -16.68 29.10 10.70
N TRP C 162 -16.06 29.15 11.86
CA TRP C 162 -16.30 28.15 12.88
C TRP C 162 -17.72 28.23 13.40
N LYS C 163 -18.35 27.08 13.59
CA LYS C 163 -19.70 27.05 14.15
C LYS C 163 -19.74 27.98 15.37
N GLU C 164 -20.86 28.64 15.56
CA GLU C 164 -20.95 29.62 16.63
C GLU C 164 -20.85 28.98 18.02
N HIS C 165 -21.52 27.84 18.20
CA HIS C 165 -21.50 27.14 19.49
C HIS C 165 -20.72 25.83 19.43
N SER C 166 -19.74 25.70 20.31
CA SER C 166 -18.87 24.52 20.37
C SER C 166 -18.39 24.06 18.99
N PRO C 167 -17.48 24.83 18.39
CA PRO C 167 -16.94 24.53 17.06
C PRO C 167 -16.09 23.28 17.11
N LEU C 168 -15.34 23.12 18.20
CA LEU C 168 -14.51 21.94 18.38
C LEU C 168 -15.03 21.10 19.53
N GLN C 169 -15.24 19.81 19.27
CA GLN C 169 -15.67 18.87 20.30
C GLN C 169 -14.72 17.69 20.38
N LEU C 170 -14.62 17.09 21.57
CA LEU C 170 -13.78 15.92 21.76
C LEU C 170 -14.65 14.73 22.15
N LYS C 171 -14.37 13.57 21.57
CA LYS C 171 -15.03 12.34 22.00
C LYS C 171 -14.58 12.04 23.41
N VAL C 172 -15.45 11.39 24.18
CA VAL C 172 -15.16 11.13 25.58
C VAL C 172 -13.91 10.26 25.78
N GLY C 173 -13.76 9.24 24.94
CA GLY C 173 -12.62 8.34 25.03
C GLY C 173 -11.42 8.80 24.22
N LEU C 174 -11.06 10.08 24.36
CA LEU C 174 -9.90 10.62 23.64
C LEU C 174 -8.69 10.62 24.55
N SER C 175 -8.84 11.18 25.74
CA SER C 175 -7.73 11.26 26.69
C SER C 175 -7.29 9.88 27.17
N SER C 176 -8.21 8.92 27.15
CA SER C 176 -7.90 7.57 27.60
C SER C 176 -7.09 6.80 26.55
N SER C 177 -7.19 7.24 25.29
CA SER C 177 -6.44 6.62 24.21
C SER C 177 -5.14 7.41 23.97
N LEU C 178 -4.91 8.40 24.82
CA LEU C 178 -3.72 9.24 24.74
C LEU C 178 -3.01 9.21 26.09
N PRO C 179 -2.19 8.16 26.31
CA PRO C 179 -1.58 7.87 27.60
C PRO C 179 -0.35 8.72 27.90
N SER C 180 0.40 9.09 26.86
CA SER C 180 1.68 9.75 27.03
C SER C 180 1.54 11.25 27.31
N PHE C 181 0.43 11.84 26.89
CA PHE C 181 0.21 13.27 27.06
C PHE C 181 -1.09 13.59 27.79
N GLN C 182 -1.31 14.87 28.03
CA GLN C 182 -2.54 15.35 28.64
C GLN C 182 -3.07 16.55 27.85
N LEU C 183 -4.20 16.37 27.18
CA LEU C 183 -4.77 17.42 26.34
C LEU C 183 -5.37 18.51 27.21
N THR C 184 -4.56 19.52 27.54
CA THR C 184 -4.96 20.54 28.50
C THR C 184 -5.88 21.62 27.95
N ASN C 185 -5.57 22.12 26.75
CA ASN C 185 -6.34 23.23 26.20
C ASN C 185 -6.56 23.10 24.69
N THR C 186 -7.70 23.60 24.21
CA THR C 186 -7.95 23.69 22.77
C THR C 186 -8.39 25.09 22.35
N SER C 187 -8.16 25.42 21.09
CA SER C 187 -8.52 26.72 20.56
C SER C 187 -9.01 26.62 19.13
N THR C 188 -9.85 27.56 18.74
CA THR C 188 -10.40 27.59 17.39
C THR C 188 -10.15 28.97 16.76
N THR C 189 -9.33 28.99 15.71
CA THR C 189 -8.84 30.24 15.13
C THR C 189 -8.95 30.27 13.61
N TYR C 190 -8.64 31.42 13.03
CA TYR C 190 -8.60 31.59 11.58
C TYR C 190 -7.18 31.79 11.07
N CYS C 191 -6.88 31.26 9.90
CA CYS C 191 -5.53 31.35 9.35
C CYS C 191 -5.57 31.77 7.88
N THR C 192 -6.63 32.46 7.49
CA THR C 192 -6.75 33.01 6.14
C THR C 192 -5.43 33.64 5.74
N SER C 193 -4.99 33.38 4.51
CA SER C 193 -3.70 33.89 4.05
C SER C 193 -3.76 34.37 2.62
N VAL C 194 -2.86 35.29 2.27
CA VAL C 194 -2.80 35.82 0.92
C VAL C 194 -1.64 35.20 0.15
N THR C 195 -1.96 34.44 -0.89
CA THR C 195 -0.96 33.75 -1.69
C THR C 195 -0.82 34.37 -3.08
N ASN C 196 0.01 33.76 -3.92
CA ASN C 196 0.22 34.28 -5.27
C ASN C 196 -0.96 33.98 -6.19
N THR C 197 -1.78 33.01 -5.82
CA THR C 197 -2.94 32.65 -6.61
C THR C 197 -4.21 33.32 -6.10
N GLY C 198 -4.11 33.99 -4.97
CA GLY C 198 -5.25 34.71 -4.41
C GLY C 198 -5.30 34.68 -2.90
N ILE C 199 -6.41 35.16 -2.33
CA ILE C 199 -6.61 35.14 -0.88
C ILE C 199 -7.58 34.03 -0.48
N TYR C 200 -7.07 33.04 0.24
CA TYR C 200 -7.86 31.86 0.58
C TYR C 200 -8.29 31.82 2.05
N SER C 201 -9.58 31.63 2.29
CA SER C 201 -10.12 31.54 3.65
C SER C 201 -9.62 30.26 4.31
N CYS C 202 -9.37 30.32 5.62
CA CYS C 202 -8.79 29.20 6.32
C CYS C 202 -9.09 29.16 7.80
N LEU C 203 -9.46 27.98 8.31
CA LEU C 203 -9.68 27.77 9.73
C LEU C 203 -8.52 27.00 10.34
N ARG C 204 -8.34 27.14 11.65
CA ARG C 204 -7.30 26.40 12.33
C ARG C 204 -7.69 26.02 13.75
N THR C 205 -7.78 24.72 13.99
CA THR C 205 -8.02 24.21 15.34
C THR C 205 -6.69 23.82 15.98
N THR C 206 -6.57 24.08 17.27
CA THR C 206 -5.30 23.86 17.97
C THR C 206 -5.47 23.15 19.31
N ILE C 207 -4.80 22.03 19.48
CA ILE C 207 -4.80 21.31 20.76
C ILE C 207 -3.46 21.53 21.44
N GLN C 208 -3.47 21.58 22.77
CA GLN C 208 -2.24 21.77 23.54
C GLN C 208 -1.90 20.53 24.34
N LEU C 209 -0.75 19.94 24.05
CA LEU C 209 -0.36 18.67 24.66
C LEU C 209 0.73 18.86 25.71
N LYS C 210 0.44 18.40 26.92
CA LYS C 210 1.36 18.51 28.04
C LYS C 210 1.94 17.14 28.35
N ARG C 211 3.26 17.00 28.22
CA ARG C 211 3.90 15.69 28.35
C ARG C 211 3.82 15.15 29.77
N GLU C 212 3.37 13.90 29.90
CA GLU C 212 3.29 13.25 31.20
C GLU C 212 4.67 13.10 31.84
N PHE C 213 4.76 13.38 33.13
CA PHE C 213 6.04 13.45 33.82
C PHE C 213 6.41 12.16 34.56
N SER C 214 5.40 11.39 34.95
CA SER C 214 5.61 10.18 35.74
C SER C 214 6.67 9.26 35.14
N PHE C 215 6.63 9.10 33.83
CA PHE C 215 7.60 8.26 33.13
C PHE C 215 9.02 8.78 33.33
N TYR C 216 9.24 10.05 33.03
CA TYR C 216 10.58 10.63 33.08
C TYR C 216 11.11 10.72 34.50
N LEU C 217 10.20 10.83 35.47
CA LEU C 217 10.60 10.79 36.87
C LEU C 217 11.21 9.42 37.18
N LEU C 218 10.54 8.36 36.76
CA LEU C 218 10.97 7.00 37.09
C LEU C 218 12.08 6.45 36.20
N GLN C 219 12.12 6.88 34.94
CA GLN C 219 13.06 6.30 33.98
C GLN C 219 14.28 7.17 33.73
N LEU C 220 14.31 8.36 34.33
CA LEU C 220 15.41 9.27 34.11
C LEU C 220 15.95 9.93 35.38
N TYR C 221 15.08 10.68 36.07
CA TYR C 221 15.52 11.42 37.24
C TYR C 221 15.86 10.51 38.42
N ILE C 222 14.87 9.76 38.90
CA ILE C 222 15.08 8.85 40.02
C ILE C 222 16.34 8.01 39.84
N PRO C 223 16.43 7.27 38.72
CA PRO C 223 17.58 6.37 38.54
C PRO C 223 18.92 7.12 38.48
N SER C 224 18.92 8.35 38.01
CA SER C 224 20.16 9.12 37.96
C SER C 224 20.58 9.59 39.33
N CYS C 225 19.62 10.00 40.15
CA CYS C 225 19.93 10.36 41.53
C CYS C 225 20.49 9.13 42.21
N MET C 226 19.80 8.00 42.02
CA MET C 226 20.23 6.74 42.59
C MET C 226 21.64 6.38 42.13
N LEU C 227 21.98 6.79 40.92
CA LEU C 227 23.30 6.53 40.36
C LEU C 227 24.35 7.47 40.93
N VAL C 228 23.99 8.75 41.08
CA VAL C 228 24.88 9.74 41.65
C VAL C 228 25.12 9.45 43.13
N ILE C 229 24.07 9.05 43.84
CA ILE C 229 24.17 8.72 45.25
C ILE C 229 25.12 7.55 45.48
N VAL C 230 25.12 6.60 44.55
CA VAL C 230 26.03 5.45 44.63
C VAL C 230 27.49 5.91 44.56
N SER C 231 27.76 6.90 43.70
CA SER C 231 29.13 7.38 43.55
C SER C 231 29.65 7.99 44.85
N TRP C 232 28.74 8.30 45.78
CA TRP C 232 29.13 8.93 47.04
C TRP C 232 29.55 7.91 48.09
N VAL C 233 28.98 6.71 48.01
CA VAL C 233 29.26 5.69 49.01
C VAL C 233 30.70 5.21 48.93
N SER C 234 31.46 5.78 48.02
CA SER C 234 32.87 5.46 47.91
C SER C 234 33.71 6.42 48.76
N PHE C 235 33.09 7.48 49.24
CA PHE C 235 33.76 8.43 50.13
C PHE C 235 33.92 7.81 51.51
N TRP C 236 33.27 6.67 51.73
CA TRP C 236 33.27 6.04 53.04
C TRP C 236 34.15 4.80 53.05
N PHE C 237 34.73 4.48 51.90
CA PHE C 237 35.73 3.42 51.82
C PHE C 237 37.10 3.99 52.17
N ASP C 238 37.89 3.23 52.93
CA ASP C 238 39.24 3.67 53.28
C ASP C 238 40.04 4.07 52.04
N ARG C 239 40.83 5.12 52.18
CA ARG C 239 41.58 5.68 51.06
C ARG C 239 42.61 4.70 50.51
N THR C 240 42.85 3.62 51.24
CA THR C 240 43.83 2.62 50.81
C THR C 240 43.24 1.68 49.77
N ALA C 241 41.95 1.37 49.92
CA ALA C 241 41.26 0.51 48.97
C ALA C 241 40.68 1.32 47.81
N ILE C 242 41.56 1.81 46.94
CA ILE C 242 41.15 2.62 45.80
C ILE C 242 40.46 1.81 44.68
N PRO C 243 40.80 0.51 44.55
CA PRO C 243 40.08 -0.29 43.55
C PRO C 243 38.57 -0.20 43.71
N ALA C 244 38.10 -0.28 44.95
CA ALA C 244 36.67 -0.20 45.22
C ALA C 244 36.10 1.14 44.75
N ARG C 245 36.79 2.22 45.10
CA ARG C 245 36.35 3.56 44.71
C ARG C 245 36.21 3.71 43.20
N VAL C 246 37.28 3.37 42.48
CA VAL C 246 37.27 3.48 41.03
C VAL C 246 36.14 2.67 40.42
N THR C 247 36.00 1.42 40.86
CA THR C 247 34.93 0.56 40.35
C THR C 247 33.56 1.22 40.47
N LEU C 248 33.30 1.85 41.61
CA LEU C 248 32.05 2.57 41.79
C LEU C 248 31.96 3.76 40.84
N GLY C 249 32.85 4.72 41.02
CA GLY C 249 32.87 5.92 40.20
C GLY C 249 32.81 5.64 38.71
N VAL C 250 33.55 4.65 38.25
CA VAL C 250 33.61 4.32 36.83
C VAL C 250 32.33 3.64 36.34
N THR C 251 31.83 2.69 37.11
CA THR C 251 30.61 1.98 36.71
C THR C 251 29.42 2.92 36.63
N THR C 252 29.25 3.75 37.66
CA THR C 252 28.15 4.71 37.68
C THR C 252 28.26 5.67 36.52
N LEU C 253 29.48 6.06 36.17
CA LEU C 253 29.72 6.99 35.07
C LEU C 253 29.33 6.35 33.73
N LEU C 254 29.81 5.13 33.50
CA LEU C 254 29.46 4.40 32.30
C LEU C 254 27.94 4.24 32.19
N THR C 255 27.32 3.74 33.26
CA THR C 255 25.88 3.56 33.29
C THR C 255 25.15 4.87 32.99
N MET C 256 25.67 5.96 33.52
CA MET C 256 25.12 7.29 33.27
C MET C 256 25.06 7.54 31.77
N THR C 257 26.17 7.26 31.10
CA THR C 257 26.24 7.40 29.64
C THR C 257 25.16 6.59 28.95
N ALA C 258 25.14 5.29 29.23
CA ALA C 258 24.16 4.39 28.65
C ALA C 258 22.74 4.95 28.77
N GLN C 259 22.32 5.22 30.00
CA GLN C 259 20.99 5.73 30.25
C GLN C 259 20.67 6.92 29.35
N SER C 260 21.61 7.87 29.27
CA SER C 260 21.43 9.05 28.44
C SER C 260 21.27 8.69 26.97
N ALA C 261 22.11 7.78 26.50
CA ALA C 261 22.03 7.30 25.12
C ALA C 261 20.63 6.78 24.82
N GLY C 262 19.99 6.18 25.81
CA GLY C 262 18.64 5.67 25.66
C GLY C 262 17.63 6.77 25.41
N ILE C 263 17.62 7.78 26.28
CA ILE C 263 16.68 8.88 26.14
C ILE C 263 16.94 9.65 24.86
N ASN C 264 18.20 9.99 24.64
CA ASN C 264 18.59 10.78 23.46
C ASN C 264 18.35 10.06 22.15
N SER C 265 18.11 8.75 22.20
CA SER C 265 17.89 7.97 20.99
C SER C 265 16.48 8.16 20.44
N GLN C 266 15.54 8.48 21.31
CA GLN C 266 14.15 8.67 20.90
C GLN C 266 13.89 10.12 20.52
N LEU C 267 14.96 10.89 20.37
CA LEU C 267 14.85 12.31 20.04
C LEU C 267 15.54 12.65 18.73
N PRO C 268 15.01 13.66 18.02
CA PRO C 268 15.62 14.13 16.78
C PRO C 268 16.75 15.09 17.07
N PRO C 269 17.88 14.96 16.34
CA PRO C 269 18.96 15.91 16.54
C PRO C 269 18.47 17.33 16.32
N VAL C 270 18.65 18.19 17.31
CA VAL C 270 18.21 19.58 17.20
C VAL C 270 19.38 20.53 17.23
N SER C 271 19.09 21.82 17.24
CA SER C 271 20.14 22.84 17.19
C SER C 271 20.26 23.61 18.51
N TYR C 272 19.53 23.18 19.53
CA TYR C 272 19.53 23.87 20.80
C TYR C 272 19.80 22.93 21.97
N ILE C 273 20.09 23.50 23.14
CA ILE C 273 20.32 22.70 24.33
C ILE C 273 19.01 22.46 25.07
N LYS C 274 18.65 21.20 25.25
CA LYS C 274 17.41 20.84 25.95
C LYS C 274 17.64 20.82 27.46
N ALA C 275 16.56 20.97 28.23
CA ALA C 275 16.65 20.93 29.68
C ALA C 275 17.11 19.55 30.15
N ILE C 276 16.79 18.53 29.37
CA ILE C 276 17.27 17.19 29.63
C ILE C 276 18.80 17.14 29.58
N ASP C 277 19.39 17.91 28.66
CA ASP C 277 20.84 17.91 28.48
C ASP C 277 21.53 18.49 29.71
N VAL C 278 20.98 19.57 30.24
CA VAL C 278 21.53 20.22 31.43
C VAL C 278 21.54 19.28 32.62
N TRP C 279 20.51 18.45 32.72
CA TRP C 279 20.41 17.56 33.88
C TRP C 279 21.31 16.34 33.75
N ILE C 280 21.39 15.78 32.55
CA ILE C 280 22.32 14.67 32.30
C ILE C 280 23.76 15.16 32.49
N GLY C 281 24.07 16.29 31.88
CA GLY C 281 25.41 16.85 31.92
C GLY C 281 25.89 17.13 33.34
N ALA C 282 24.97 17.59 34.19
CA ALA C 282 25.32 17.92 35.56
C ALA C 282 25.63 16.67 36.37
N CYS C 283 24.70 15.72 36.37
CA CYS C 283 24.90 14.47 37.09
C CYS C 283 26.19 13.82 36.62
N MET C 284 26.47 13.97 35.34
CA MET C 284 27.70 13.45 34.74
C MET C 284 28.90 14.06 35.45
N THR C 285 28.83 15.35 35.73
CA THR C 285 29.92 16.08 36.38
C THR C 285 30.13 15.62 37.82
N PHE C 286 29.06 15.53 38.58
CA PHE C 286 29.14 15.08 39.97
C PHE C 286 29.85 13.74 40.10
N ILE C 287 29.65 12.86 39.13
CA ILE C 287 30.30 11.56 39.13
C ILE C 287 31.75 11.68 38.66
N PHE C 288 31.98 12.57 37.71
CA PHE C 288 33.32 12.83 37.20
C PHE C 288 34.21 13.40 38.30
N CYS C 289 33.67 14.35 39.06
CA CYS C 289 34.40 14.97 40.15
C CYS C 289 34.66 13.99 41.29
N ALA C 290 33.76 13.02 41.45
CA ALA C 290 33.96 11.96 42.42
C ALA C 290 35.24 11.22 42.09
N LEU C 291 35.39 10.82 40.83
CA LEU C 291 36.60 10.17 40.36
C LEU C 291 37.81 11.07 40.61
N LEU C 292 37.71 12.32 40.19
CA LEU C 292 38.77 13.29 40.42
C LEU C 292 39.17 13.31 41.90
N GLU C 293 38.17 13.26 42.77
CA GLU C 293 38.41 13.27 44.20
C GLU C 293 39.21 12.05 44.62
N PHE C 294 38.84 10.88 44.10
CA PHE C 294 39.56 9.65 44.39
C PHE C 294 41.04 9.81 44.08
N ALA C 295 41.33 10.35 42.90
CA ALA C 295 42.71 10.56 42.48
C ALA C 295 43.44 11.53 43.40
N LEU C 296 42.84 12.71 43.61
CA LEU C 296 43.42 13.70 44.50
C LEU C 296 43.74 13.10 45.86
N VAL C 297 42.74 12.47 46.47
CA VAL C 297 42.89 11.86 47.79
C VAL C 297 44.00 10.83 47.80
N ASN C 298 43.93 9.87 46.89
CA ASN C 298 44.91 8.79 46.84
C ASN C 298 46.33 9.26 46.54
N HIS C 299 46.43 10.37 45.80
CA HIS C 299 47.74 10.89 45.39
C HIS C 299 48.48 11.54 46.56
N ILE C 300 47.82 12.46 47.26
CA ILE C 300 48.43 13.14 48.39
C ILE C 300 48.50 12.24 49.61
N ALA C 301 47.85 11.08 49.53
CA ALA C 301 47.82 10.14 50.64
C ALA C 301 49.12 9.35 50.78
N ASN C 302 49.62 8.84 49.65
CA ASN C 302 50.84 8.05 49.67
C ASN C 302 52.10 8.90 49.82
N ALA C 303 51.93 10.22 49.81
CA ALA C 303 53.04 11.13 50.05
C ALA C 303 53.64 10.88 51.44
N GLY C 304 54.95 10.77 51.50
CA GLY C 304 55.63 10.40 52.73
C GLY C 304 55.20 11.15 53.98
N THR C 305 55.13 12.47 53.87
CA THR C 305 54.85 13.31 55.04
C THR C 305 53.42 13.13 55.57
N THR C 306 53.28 13.14 56.88
CA THR C 306 51.96 13.06 57.51
C THR C 306 51.21 14.37 57.28
N GLU C 307 51.93 15.38 56.81
CA GLU C 307 51.34 16.68 56.50
C GLU C 307 50.25 16.55 55.45
N TRP C 308 50.55 15.82 54.38
CA TRP C 308 49.59 15.60 53.31
C TRP C 308 48.59 14.52 53.69
N ASN C 309 49.05 13.53 54.46
CA ASN C 309 48.22 12.39 54.80
C ASN C 309 46.90 12.77 55.48
N ASP C 310 46.97 13.66 56.47
CA ASP C 310 45.75 14.08 57.17
C ASP C 310 44.95 15.08 56.34
N ILE C 311 45.60 15.72 55.37
CA ILE C 311 44.89 16.53 54.38
C ILE C 311 44.03 15.61 53.53
N SER C 312 44.61 14.47 53.16
CA SER C 312 43.89 13.45 52.40
C SER C 312 42.62 13.06 53.15
N LYS C 313 42.75 12.85 54.45
CA LYS C 313 41.60 12.50 55.29
C LYS C 313 40.58 13.64 55.28
N ARG C 314 41.09 14.86 55.33
CA ARG C 314 40.23 16.05 55.39
C ARG C 314 39.37 16.17 54.14
N VAL C 315 39.95 15.88 52.98
CA VAL C 315 39.23 15.97 51.71
C VAL C 315 38.00 15.06 51.70
N ASP C 316 38.17 13.83 52.18
CA ASP C 316 37.05 12.91 52.28
C ASP C 316 35.94 13.48 53.15
N LEU C 317 36.29 13.86 54.37
CA LEU C 317 35.32 14.42 55.31
C LEU C 317 34.52 15.52 54.65
N ILE C 318 35.21 16.44 53.99
CA ILE C 318 34.55 17.54 53.30
C ILE C 318 33.65 17.05 52.17
N SER C 319 34.17 16.12 51.37
CA SER C 319 33.41 15.58 50.24
C SER C 319 32.11 14.90 50.70
N ARG C 320 32.21 14.08 51.74
CA ARG C 320 31.06 13.33 52.24
C ARG C 320 29.86 14.24 52.48
N ALA C 321 30.12 15.52 52.72
CA ALA C 321 29.06 16.48 52.97
C ALA C 321 28.87 17.43 51.80
N LEU C 322 29.98 17.95 51.28
CA LEU C 322 29.94 18.93 50.20
C LEU C 322 29.19 18.43 48.96
N PHE C 323 29.50 17.20 48.54
CA PHE C 323 28.85 16.63 47.35
C PHE C 323 27.33 16.60 47.47
N PRO C 324 26.80 15.93 48.52
CA PRO C 324 25.34 15.93 48.69
C PRO C 324 24.78 17.35 48.72
N VAL C 325 25.35 18.21 49.55
CA VAL C 325 24.89 19.59 49.65
C VAL C 325 24.86 20.27 48.28
N LEU C 326 25.95 20.19 47.55
CA LEU C 326 26.02 20.79 46.22
C LEU C 326 24.97 20.20 45.26
N PHE C 327 24.82 18.89 45.29
CA PHE C 327 23.85 18.22 44.44
C PHE C 327 22.43 18.65 44.79
N PHE C 328 22.19 18.88 46.08
CA PHE C 328 20.90 19.35 46.55
C PHE C 328 20.66 20.77 46.05
N VAL C 329 21.70 21.60 46.13
CA VAL C 329 21.64 22.96 45.62
C VAL C 329 21.33 22.94 44.14
N PHE C 330 22.03 22.08 43.39
CA PHE C 330 21.79 21.96 41.97
C PHE C 330 20.32 21.64 41.69
N ASN C 331 19.82 20.56 42.30
CA ASN C 331 18.42 20.18 42.14
C ASN C 331 17.49 21.37 42.32
N ILE C 332 17.72 22.15 43.37
CA ILE C 332 16.90 23.31 43.64
C ILE C 332 16.92 24.31 42.50
N LEU C 333 18.12 24.65 42.04
CA LEU C 333 18.26 25.56 40.90
C LEU C 333 17.65 24.96 39.64
N TYR C 334 17.92 23.69 39.40
CA TYR C 334 17.43 23.02 38.20
C TYR C 334 15.90 23.04 38.14
N TRP C 335 15.26 22.53 39.18
CA TRP C 335 13.81 22.38 39.18
C TRP C 335 13.05 23.70 39.18
N SER C 336 13.63 24.72 39.80
CA SER C 336 12.99 26.03 39.80
C SER C 336 13.09 26.64 38.41
N ARG C 337 14.09 26.22 37.64
CA ARG C 337 14.34 26.79 36.32
C ARG C 337 13.54 26.11 35.22
N PHE C 338 13.24 24.83 35.38
CA PHE C 338 12.61 24.05 34.31
C PHE C 338 11.28 23.43 34.71
N GLY C 339 10.98 23.42 36.00
CA GLY C 339 9.71 22.89 36.48
C GLY C 339 8.59 23.90 36.41
N SER D 1 -23.31 32.24 -16.43
CA SER D 1 -22.15 33.02 -16.87
C SER D 1 -20.91 32.12 -17.04
N ASP D 2 -20.31 31.74 -15.91
CA ASP D 2 -19.13 30.88 -15.96
C ASP D 2 -19.44 29.52 -16.57
N SER D 3 -20.55 28.93 -16.17
CA SER D 3 -20.96 27.64 -16.72
C SER D 3 -21.25 27.75 -18.21
N LYS D 4 -21.72 28.92 -18.63
CA LYS D 4 -22.02 29.18 -20.04
C LYS D 4 -20.73 29.37 -20.84
N ILE D 5 -19.78 30.08 -20.25
CA ILE D 5 -18.48 30.30 -20.87
C ILE D 5 -17.76 28.97 -21.11
N LEU D 6 -17.83 28.08 -20.13
CA LEU D 6 -17.23 26.76 -20.25
C LEU D 6 -17.93 25.96 -21.34
N ALA D 7 -19.26 25.99 -21.32
CA ALA D 7 -20.05 25.28 -22.30
C ALA D 7 -19.71 25.71 -23.73
N HIS D 8 -19.43 27.00 -23.90
CA HIS D 8 -19.11 27.54 -25.21
C HIS D 8 -17.77 27.02 -25.73
N LEU D 9 -16.86 26.74 -24.80
CA LEU D 9 -15.52 26.26 -25.17
C LEU D 9 -15.52 24.80 -25.58
N PHE D 10 -16.36 24.00 -24.95
CA PHE D 10 -16.36 22.56 -25.19
C PHE D 10 -17.54 22.08 -26.05
N THR D 11 -18.39 23.02 -26.46
CA THR D 11 -19.49 22.69 -27.36
C THR D 11 -18.95 22.55 -28.78
N SER D 12 -17.86 23.26 -29.06
CA SER D 12 -17.19 23.16 -30.35
C SER D 12 -16.31 21.91 -30.35
N GLY D 13 -15.55 21.74 -31.42
CA GLY D 13 -14.67 20.58 -31.54
C GLY D 13 -13.35 20.79 -30.82
N TYR D 14 -13.31 20.37 -29.56
CA TYR D 14 -12.09 20.51 -28.76
C TYR D 14 -11.56 19.15 -28.33
N ASP D 15 -10.29 18.88 -28.63
CA ASP D 15 -9.68 17.60 -28.31
C ASP D 15 -8.58 17.78 -27.28
N PHE D 16 -8.84 17.32 -26.05
CA PHE D 16 -7.87 17.45 -24.97
C PHE D 16 -6.64 16.58 -25.22
N ARG D 17 -6.71 15.77 -26.25
CA ARG D 17 -5.60 14.86 -26.59
C ARG D 17 -4.63 15.56 -27.51
N VAL D 18 -5.12 16.59 -28.19
CA VAL D 18 -4.29 17.35 -29.13
C VAL D 18 -3.57 18.49 -28.43
N ARG D 19 -2.27 18.59 -28.69
CA ARG D 19 -1.45 19.68 -28.16
C ARG D 19 -1.97 21.02 -28.65
N PRO D 20 -1.93 22.05 -27.78
CA PRO D 20 -2.37 23.39 -28.15
C PRO D 20 -1.55 23.92 -29.33
N PRO D 21 -2.21 24.58 -30.29
CA PRO D 21 -1.57 25.13 -31.49
C PRO D 21 -0.65 26.30 -31.15
N THR D 22 0.31 26.57 -32.03
CA THR D 22 1.23 27.69 -31.84
C THR D 22 1.29 28.53 -33.10
N ASP D 23 1.63 29.79 -32.96
CA ASP D 23 1.67 30.72 -34.09
C ASP D 23 2.71 30.33 -35.13
N ASN D 24 3.90 30.00 -34.68
CA ASN D 24 4.98 29.61 -35.57
C ASN D 24 5.27 28.12 -35.57
N GLY D 25 4.34 27.35 -35.00
CA GLY D 25 4.49 25.90 -34.93
C GLY D 25 5.45 25.48 -33.84
N GLY D 26 5.96 26.46 -33.11
CA GLY D 26 6.90 26.20 -32.03
C GLY D 26 6.29 25.32 -30.96
N PRO D 27 7.08 25.00 -29.92
CA PRO D 27 6.62 24.14 -28.84
C PRO D 27 5.72 24.90 -27.86
N VAL D 28 4.93 24.18 -27.08
CA VAL D 28 4.13 24.79 -26.04
C VAL D 28 5.02 25.15 -24.87
N VAL D 29 5.07 26.44 -24.52
CA VAL D 29 5.92 26.88 -23.42
C VAL D 29 5.19 26.82 -22.09
N VAL D 30 5.69 25.98 -21.19
CA VAL D 30 5.07 25.80 -19.88
C VAL D 30 5.91 26.43 -18.78
N SER D 31 5.43 27.54 -18.23
CA SER D 31 6.12 28.18 -17.11
C SER D 31 5.80 27.44 -15.82
N VAL D 32 6.83 27.23 -15.00
CA VAL D 32 6.68 26.43 -13.79
C VAL D 32 7.03 27.20 -12.51
N ASN D 33 6.11 27.22 -11.57
CA ASN D 33 6.37 27.75 -10.24
C ASN D 33 6.28 26.60 -9.24
N MET D 34 7.09 26.66 -8.20
CA MET D 34 7.15 25.55 -7.25
C MET D 34 7.23 26.05 -5.82
N LEU D 35 6.31 25.58 -4.98
CA LEU D 35 6.24 26.00 -3.58
C LEU D 35 6.45 24.82 -2.64
N LEU D 36 7.62 24.78 -2.00
CA LEU D 36 7.93 23.73 -1.04
C LEU D 36 7.18 23.96 0.27
N ARG D 37 6.45 22.95 0.72
CA ARG D 37 5.69 23.05 1.96
C ARG D 37 6.47 22.49 3.14
N THR D 38 6.93 21.25 3.00
CA THR D 38 7.71 20.59 4.04
C THR D 38 8.76 19.67 3.46
N ILE D 39 9.94 19.68 4.06
CA ILE D 39 11.01 18.77 3.68
C ILE D 39 11.37 17.91 4.88
N SER D 40 11.01 16.64 4.83
CA SER D 40 11.12 15.76 5.98
C SER D 40 11.80 14.43 5.66
N LYS D 41 11.94 13.59 6.67
CA LYS D 41 12.53 12.26 6.53
C LYS D 41 13.72 12.23 5.58
N ILE D 42 14.80 12.89 5.96
CA ILE D 42 16.02 12.90 5.16
C ILE D 42 16.86 11.66 5.46
N ASP D 43 16.52 10.56 4.80
CA ASP D 43 17.16 9.27 5.03
C ASP D 43 18.57 9.22 4.45
N VAL D 44 19.56 9.01 5.32
CA VAL D 44 20.95 9.00 4.89
C VAL D 44 21.42 7.60 4.49
N VAL D 45 20.74 6.59 5.02
CA VAL D 45 21.06 5.21 4.68
C VAL D 45 20.64 4.88 3.25
N ASN D 46 19.38 5.16 2.92
CA ASN D 46 18.87 4.92 1.58
C ASN D 46 19.07 6.12 0.68
N MET D 47 19.69 7.16 1.22
CA MET D 47 19.96 8.37 0.46
C MET D 47 18.75 8.81 -0.34
N GLU D 48 17.74 9.26 0.39
CA GLU D 48 16.54 9.83 -0.21
C GLU D 48 15.92 10.78 0.80
N TYR D 49 14.94 11.55 0.38
CA TYR D 49 14.25 12.45 1.29
C TYR D 49 12.82 12.66 0.85
N SER D 50 11.95 12.97 1.80
CA SER D 50 10.55 13.24 1.51
C SER D 50 10.33 14.75 1.45
N ALA D 51 9.38 15.17 0.63
CA ALA D 51 9.06 16.59 0.50
C ALA D 51 7.68 16.78 -0.11
N GLN D 52 6.91 17.70 0.48
CA GLN D 52 5.58 18.00 -0.04
C GLN D 52 5.59 19.40 -0.64
N LEU D 53 5.18 19.51 -1.89
CA LEU D 53 5.26 20.77 -2.61
C LEU D 53 3.98 21.04 -3.40
N THR D 54 3.84 22.29 -3.83
CA THR D 54 2.74 22.67 -4.69
C THR D 54 3.28 22.99 -6.09
N LEU D 55 2.91 22.16 -7.06
CA LEU D 55 3.33 22.36 -8.43
C LEU D 55 2.38 23.35 -9.10
N ARG D 56 2.94 24.32 -9.82
CA ARG D 56 2.13 25.32 -10.50
C ARG D 56 2.58 25.51 -11.95
N GLU D 57 1.74 25.05 -12.88
CA GLU D 57 2.09 25.14 -14.29
C GLU D 57 1.20 26.14 -15.01
N SER D 58 1.78 26.82 -16.01
CA SER D 58 1.04 27.81 -16.78
C SER D 58 1.46 27.79 -18.24
N TRP D 59 0.49 27.58 -19.12
CA TRP D 59 0.75 27.60 -20.56
C TRP D 59 -0.39 28.30 -21.28
N ILE D 60 -0.24 28.49 -22.58
CA ILE D 60 -1.29 29.14 -23.37
C ILE D 60 -1.99 28.17 -24.31
N ASP D 61 -3.31 28.22 -24.32
CA ASP D 61 -4.11 27.35 -25.16
C ASP D 61 -5.17 28.19 -25.85
N LYS D 62 -4.83 28.78 -26.98
CA LYS D 62 -5.72 29.71 -27.67
C LYS D 62 -7.12 29.15 -27.85
N ARG D 63 -7.22 27.84 -28.01
CA ARG D 63 -8.51 27.18 -28.17
C ARG D 63 -9.44 27.46 -27.01
N LEU D 64 -8.87 27.75 -25.84
CA LEU D 64 -9.65 27.94 -24.62
C LEU D 64 -9.98 29.40 -24.34
N SER D 65 -9.46 30.29 -25.17
CA SER D 65 -9.75 31.71 -25.00
C SER D 65 -11.22 31.97 -25.28
N TYR D 66 -11.87 32.67 -24.36
CA TYR D 66 -13.31 32.91 -24.45
C TYR D 66 -13.60 34.41 -24.47
N GLY D 67 -12.89 35.15 -23.63
CA GLY D 67 -13.08 36.58 -23.53
C GLY D 67 -12.12 37.35 -24.40
N VAL D 68 -11.01 36.70 -24.76
CA VAL D 68 -9.97 37.35 -25.54
C VAL D 68 -9.54 38.65 -24.85
N LYS D 69 -9.95 39.79 -25.40
CA LYS D 69 -9.69 41.06 -24.77
C LYS D 69 -10.50 41.15 -23.48
N GLY D 70 -11.68 40.55 -23.50
CA GLY D 70 -12.56 40.54 -22.35
C GLY D 70 -13.00 41.93 -22.00
N ASP D 71 -12.60 42.38 -20.81
CA ASP D 71 -12.92 43.73 -20.35
C ASP D 71 -14.42 43.97 -20.29
N GLY D 72 -15.19 42.92 -20.60
CA GLY D 72 -16.62 42.90 -20.41
C GLY D 72 -17.00 41.63 -19.67
N GLN D 73 -16.11 40.65 -19.73
CA GLN D 73 -16.30 39.35 -19.09
C GLN D 73 -15.34 39.15 -17.92
N PRO D 74 -15.54 38.07 -17.13
CA PRO D 74 -14.64 37.77 -16.01
C PRO D 74 -13.22 37.49 -16.49
N ASP D 75 -12.22 37.93 -15.73
CA ASP D 75 -10.83 37.75 -16.12
C ASP D 75 -10.53 36.28 -16.44
N PHE D 76 -10.92 35.39 -15.54
CA PHE D 76 -10.71 33.96 -15.74
C PHE D 76 -11.89 33.15 -15.22
N VAL D 77 -11.95 31.88 -15.64
CA VAL D 77 -13.01 30.98 -15.22
C VAL D 77 -12.41 29.73 -14.60
N ILE D 78 -12.90 29.35 -13.43
CA ILE D 78 -12.45 28.12 -12.77
C ILE D 78 -12.98 26.91 -13.52
N LEU D 79 -12.09 26.03 -13.94
CA LEU D 79 -12.48 24.84 -14.68
C LEU D 79 -13.14 23.84 -13.75
N THR D 80 -14.40 23.53 -14.02
CA THR D 80 -15.16 22.59 -13.20
C THR D 80 -14.96 21.15 -13.67
N VAL D 81 -15.44 20.21 -12.87
CA VAL D 81 -15.31 18.79 -13.18
C VAL D 81 -16.07 18.40 -14.45
N GLY D 82 -15.52 17.48 -15.21
CA GLY D 82 -16.19 16.98 -16.40
C GLY D 82 -15.78 17.69 -17.68
N HIS D 83 -14.80 18.58 -17.57
CA HIS D 83 -14.27 19.27 -18.73
C HIS D 83 -12.78 18.95 -18.90
N GLN D 84 -12.47 18.20 -19.95
CA GLN D 84 -11.09 17.79 -20.20
C GLN D 84 -10.28 18.91 -20.86
N ILE D 85 -9.03 19.02 -20.44
CA ILE D 85 -8.12 20.01 -21.00
C ILE D 85 -6.74 19.41 -21.20
N TRP D 86 -6.13 19.66 -22.37
CA TRP D 86 -4.77 19.20 -22.60
C TRP D 86 -3.86 19.74 -21.51
N MET D 87 -3.03 18.86 -20.94
CA MET D 87 -2.10 19.26 -19.91
C MET D 87 -0.72 18.64 -20.12
N PRO D 88 0.33 19.37 -19.75
CA PRO D 88 1.68 18.83 -19.85
C PRO D 88 1.79 17.57 -19.01
N ASP D 89 2.14 16.44 -19.62
CA ASP D 89 2.27 15.19 -18.89
C ASP D 89 3.57 15.15 -18.09
N THR D 90 3.75 16.13 -17.21
CA THR D 90 5.00 16.26 -16.47
C THR D 90 5.12 15.20 -15.39
N PHE D 91 6.35 14.76 -15.14
CA PHE D 91 6.63 13.81 -14.08
C PHE D 91 7.93 14.20 -13.39
N PHE D 92 8.24 13.54 -12.29
CA PHE D 92 9.46 13.84 -11.54
C PHE D 92 10.49 12.73 -11.73
N PRO D 93 11.44 12.93 -12.65
CA PRO D 93 12.44 11.93 -13.04
C PRO D 93 13.11 11.23 -11.86
N ASN D 94 13.39 11.95 -10.77
CA ASN D 94 14.04 11.34 -9.62
C ASN D 94 13.10 11.03 -8.46
N GLU D 95 11.81 10.95 -8.76
CA GLU D 95 10.82 10.56 -7.76
C GLU D 95 10.79 9.04 -7.63
N LYS D 96 10.84 8.55 -6.39
CA LYS D 96 10.73 7.12 -6.14
C LYS D 96 9.30 6.78 -5.71
N GLN D 97 8.62 7.77 -5.14
CA GLN D 97 7.24 7.62 -4.69
C GLN D 97 6.53 8.96 -4.77
N ALA D 98 5.24 8.93 -5.12
CA ALA D 98 4.48 10.16 -5.27
C ALA D 98 2.99 9.96 -4.95
N TYR D 99 2.39 10.95 -4.29
CA TYR D 99 0.98 10.88 -3.97
C TYR D 99 0.32 12.22 -4.23
N LYS D 100 -0.82 12.19 -4.91
CA LYS D 100 -1.66 13.38 -5.01
C LYS D 100 -2.60 13.38 -3.81
N HIS D 101 -2.94 14.56 -3.32
CA HIS D 101 -3.87 14.65 -2.19
C HIS D 101 -5.29 14.81 -2.68
N THR D 102 -6.16 13.91 -2.22
CA THR D 102 -7.54 13.86 -2.70
C THR D 102 -8.54 13.93 -1.56
N ILE D 103 -8.13 14.48 -0.43
CA ILE D 103 -8.97 14.50 0.76
C ILE D 103 -10.22 15.37 0.60
N ASP D 104 -11.37 14.77 0.88
CA ASP D 104 -12.65 15.32 0.46
C ASP D 104 -12.66 15.44 -1.06
N LYS D 105 -12.40 16.64 -1.56
CA LYS D 105 -12.23 16.83 -3.00
C LYS D 105 -10.75 16.84 -3.33
N PRO D 106 -10.39 16.38 -4.54
CA PRO D 106 -8.98 16.37 -4.95
C PRO D 106 -8.37 17.76 -4.88
N ASN D 107 -7.13 17.86 -4.40
CA ASN D 107 -6.49 19.15 -4.24
C ASN D 107 -5.88 19.68 -5.55
N VAL D 108 -6.74 20.12 -6.46
CA VAL D 108 -6.27 20.72 -7.70
C VAL D 108 -7.01 22.02 -7.99
N LEU D 109 -6.40 22.87 -8.80
CA LEU D 109 -7.02 24.10 -9.23
C LEU D 109 -6.64 24.36 -10.68
N ILE D 110 -7.64 24.54 -11.53
CA ILE D 110 -7.38 24.91 -12.92
C ILE D 110 -8.14 26.17 -13.28
N ARG D 111 -7.42 27.16 -13.79
CA ARG D 111 -8.04 28.40 -14.23
C ARG D 111 -7.81 28.62 -15.72
N ILE D 112 -8.84 29.11 -16.40
CA ILE D 112 -8.72 29.41 -17.81
C ILE D 112 -8.94 30.90 -18.04
N HIS D 113 -7.86 31.65 -18.18
CA HIS D 113 -7.95 33.08 -18.40
C HIS D 113 -8.56 33.38 -19.77
N ASN D 114 -9.18 34.55 -19.87
CA ASN D 114 -9.85 34.95 -21.10
C ASN D 114 -8.98 34.81 -22.36
N ASP D 115 -7.69 35.08 -22.22
CA ASP D 115 -6.78 35.04 -23.36
C ASP D 115 -6.37 33.62 -23.73
N GLY D 116 -6.78 32.65 -22.93
CA GLY D 116 -6.44 31.26 -23.17
C GLY D 116 -5.32 30.76 -22.29
N THR D 117 -4.81 31.63 -21.43
CA THR D 117 -3.77 31.25 -20.48
C THR D 117 -4.35 30.33 -19.42
N VAL D 118 -3.67 29.21 -19.16
CA VAL D 118 -4.13 28.23 -18.19
C VAL D 118 -3.23 28.20 -16.97
N LEU D 119 -3.84 28.23 -15.78
CA LEU D 119 -3.10 28.02 -14.54
C LEU D 119 -3.47 26.68 -13.92
N TYR D 120 -2.46 25.89 -13.61
CA TYR D 120 -2.67 24.57 -13.01
C TYR D 120 -1.92 24.47 -11.69
N SER D 121 -2.65 24.16 -10.63
CA SER D 121 -2.05 24.04 -9.29
C SER D 121 -2.46 22.72 -8.67
N VAL D 122 -1.49 22.04 -8.05
CA VAL D 122 -1.75 20.74 -7.46
C VAL D 122 -0.78 20.43 -6.33
N ARG D 123 -1.30 19.85 -5.25
CA ARG D 123 -0.46 19.41 -4.14
C ARG D 123 0.06 18.02 -4.42
N ILE D 124 1.35 17.84 -4.18
CA ILE D 124 1.99 16.56 -4.44
C ILE D 124 2.98 16.24 -3.33
N SER D 125 2.91 15.01 -2.82
CA SER D 125 3.90 14.54 -1.86
C SER D 125 4.88 13.60 -2.55
N LEU D 126 6.17 13.86 -2.38
CA LEU D 126 7.19 13.08 -3.09
C LEU D 126 8.17 12.41 -2.15
N VAL D 127 8.78 11.34 -2.63
CA VAL D 127 9.95 10.76 -2.00
C VAL D 127 11.04 10.67 -3.07
N LEU D 128 12.01 11.56 -2.99
CA LEU D 128 13.00 11.71 -4.05
C LEU D 128 14.32 11.07 -3.63
N SER D 129 15.08 10.58 -4.60
CA SER D 129 16.41 10.06 -4.32
C SER D 129 17.42 11.21 -4.31
N CYS D 130 18.26 11.25 -3.29
CA CYS D 130 19.22 12.32 -3.12
C CYS D 130 20.57 11.75 -2.71
N PRO D 131 21.43 11.45 -3.70
CA PRO D 131 22.76 10.92 -3.40
C PRO D 131 23.52 11.86 -2.49
N MET D 132 23.99 11.34 -1.36
CA MET D 132 24.67 12.15 -0.36
C MET D 132 26.13 11.74 -0.22
N TYR D 133 26.96 12.68 0.20
CA TYR D 133 28.38 12.44 0.32
C TYR D 133 28.88 12.76 1.72
N LEU D 134 29.26 11.72 2.45
CA LEU D 134 29.54 11.83 3.88
C LEU D 134 31.02 11.97 4.21
N GLN D 135 31.79 12.55 3.30
CA GLN D 135 33.22 12.73 3.54
C GLN D 135 33.48 13.47 4.84
N TYR D 136 32.69 14.51 5.11
CA TYR D 136 32.82 15.29 6.34
C TYR D 136 31.65 15.01 7.28
N TYR D 137 31.15 13.77 7.25
CA TYR D 137 29.84 13.44 7.81
C TYR D 137 29.30 14.36 8.91
N PRO D 138 29.99 14.43 10.06
CA PRO D 138 29.43 15.21 11.17
C PRO D 138 29.10 16.64 10.73
N MET D 139 30.04 17.30 10.06
CA MET D 139 29.83 18.64 9.54
C MET D 139 29.78 18.67 8.02
N ASP D 140 28.72 18.11 7.45
CA ASP D 140 28.58 18.07 5.99
C ASP D 140 27.45 18.96 5.48
N VAL D 141 27.42 19.17 4.16
CA VAL D 141 26.28 19.80 3.51
C VAL D 141 25.87 18.97 2.31
N GLN D 142 24.58 18.66 2.22
CA GLN D 142 24.08 17.89 1.11
C GLN D 142 23.26 18.79 0.20
N GLN D 143 23.17 18.39 -1.08
CA GLN D 143 22.32 19.10 -2.01
C GLN D 143 21.29 18.17 -2.64
N CYS D 144 20.03 18.42 -2.33
CA CYS D 144 18.96 17.57 -2.83
C CYS D 144 18.16 18.30 -3.90
N SER D 145 17.68 17.55 -4.89
CA SER D 145 17.03 18.15 -6.03
C SER D 145 15.69 17.51 -6.38
N ILE D 146 14.81 18.31 -6.97
CA ILE D 146 13.56 17.83 -7.55
C ILE D 146 13.61 18.09 -9.06
N ASP D 147 13.59 17.02 -9.84
CA ASP D 147 13.60 17.17 -11.29
C ASP D 147 12.19 17.13 -11.84
N LEU D 148 11.96 17.88 -12.92
CA LEU D 148 10.64 17.99 -13.51
C LEU D 148 10.77 18.04 -15.02
N ALA D 149 10.06 17.16 -15.72
CA ALA D 149 10.14 17.11 -17.16
C ALA D 149 8.91 16.44 -17.78
N SER D 150 8.74 16.60 -19.08
CA SER D 150 7.69 15.91 -19.81
C SER D 150 8.14 14.49 -20.11
N TYR D 151 7.19 13.56 -20.16
CA TYR D 151 7.56 12.16 -20.41
C TYR D 151 7.45 11.78 -21.88
N ALA D 152 6.34 12.16 -22.50
CA ALA D 152 6.07 11.76 -23.87
C ALA D 152 6.47 12.83 -24.88
N TYR D 153 6.17 14.08 -24.52
CA TYR D 153 6.42 15.20 -25.44
C TYR D 153 7.89 15.60 -25.45
N THR D 154 8.43 15.74 -26.65
CA THR D 154 9.83 16.05 -26.84
C THR D 154 10.05 17.56 -26.82
N THR D 155 11.15 18.02 -27.40
CA THR D 155 11.53 19.43 -27.35
C THR D 155 10.80 20.27 -28.40
N LYS D 156 10.16 19.60 -29.35
CA LYS D 156 9.46 20.29 -30.43
C LYS D 156 8.02 20.58 -30.01
N ASP D 157 7.57 19.92 -28.95
CA ASP D 157 6.17 20.02 -28.54
C ASP D 157 6.00 20.76 -27.21
N ILE D 158 6.96 20.59 -26.31
CA ILE D 158 6.82 21.18 -24.98
C ILE D 158 8.17 21.60 -24.42
N GLU D 159 8.21 22.80 -23.85
CA GLU D 159 9.44 23.36 -23.30
C GLU D 159 9.16 24.01 -21.95
N TYR D 160 9.94 23.61 -20.94
CA TYR D 160 9.73 24.15 -19.59
C TYR D 160 10.66 25.30 -19.29
N LEU D 161 10.10 26.30 -18.61
CA LEU D 161 10.86 27.47 -18.17
C LEU D 161 10.41 27.84 -16.78
N TRP D 162 11.37 28.15 -15.91
CA TRP D 162 11.05 28.60 -14.56
C TRP D 162 10.40 29.97 -14.61
N LYS D 163 9.36 30.17 -13.80
CA LYS D 163 8.71 31.47 -13.72
C LYS D 163 9.78 32.55 -13.59
N GLU D 164 9.54 33.70 -14.21
CA GLU D 164 10.54 34.75 -14.23
C GLU D 164 10.83 35.30 -12.84
N HIS D 165 9.78 35.51 -12.05
CA HIS D 165 9.94 36.05 -10.70
C HIS D 165 9.61 35.02 -9.62
N SER D 166 10.57 34.82 -8.71
CA SER D 166 10.45 33.85 -7.63
C SER D 166 9.88 32.50 -8.09
N PRO D 167 10.68 31.73 -8.84
CA PRO D 167 10.28 30.43 -9.37
C PRO D 167 10.08 29.43 -8.25
N LEU D 168 10.96 29.50 -7.25
CA LEU D 168 10.87 28.63 -6.09
C LEU D 168 10.54 29.43 -4.83
N GLN D 169 9.49 28.99 -4.13
CA GLN D 169 9.09 29.64 -2.89
C GLN D 169 9.04 28.61 -1.77
N LEU D 170 9.25 29.05 -0.54
CA LEU D 170 9.16 28.18 0.62
C LEU D 170 8.04 28.64 1.53
N LYS D 171 7.26 27.70 2.06
CA LYS D 171 6.27 28.04 3.06
C LYS D 171 7.00 28.48 4.33
N VAL D 172 6.36 29.36 5.10
CA VAL D 172 7.02 29.94 6.27
C VAL D 172 7.39 28.88 7.31
N GLY D 173 6.50 27.91 7.51
CA GLY D 173 6.75 26.85 8.48
C GLY D 173 7.47 25.64 7.89
N LEU D 174 8.54 25.89 7.14
CA LEU D 174 9.32 24.80 6.55
C LEU D 174 10.52 24.48 7.42
N SER D 175 11.30 25.51 7.76
CA SER D 175 12.48 25.33 8.58
C SER D 175 12.14 24.84 9.98
N SER D 176 10.94 25.18 10.47
CA SER D 176 10.52 24.79 11.80
C SER D 176 10.13 23.31 11.85
N SER D 177 9.76 22.76 10.69
CA SER D 177 9.42 21.35 10.60
C SER D 177 10.63 20.53 10.16
N LEU D 178 11.77 21.21 10.06
CA LEU D 178 13.03 20.59 9.68
C LEU D 178 14.08 20.88 10.74
N PRO D 179 14.07 20.09 11.83
CA PRO D 179 14.88 20.34 13.03
C PRO D 179 16.33 19.93 12.87
N SER D 180 16.57 18.87 12.11
CA SER D 180 17.89 18.27 12.02
C SER D 180 18.84 19.04 11.11
N PHE D 181 18.28 19.79 10.15
CA PHE D 181 19.09 20.52 9.19
C PHE D 181 18.74 22.01 9.14
N GLN D 182 19.49 22.74 8.32
CA GLN D 182 19.26 24.15 8.10
C GLN D 182 19.29 24.44 6.60
N LEU D 183 18.15 24.77 6.04
CA LEU D 183 18.04 25.03 4.60
C LEU D 183 18.69 26.35 4.23
N THR D 184 19.98 26.31 3.90
CA THR D 184 20.77 27.52 3.72
C THR D 184 20.57 28.20 2.37
N ASN D 185 20.56 27.43 1.30
CA ASN D 185 20.49 28.00 -0.04
C ASN D 185 19.60 27.19 -0.99
N THR D 186 18.95 27.87 -1.93
CA THR D 186 18.19 27.20 -2.99
C THR D 186 18.59 27.72 -4.37
N SER D 187 18.38 26.88 -5.37
CA SER D 187 18.70 27.25 -6.75
C SER D 187 17.67 26.69 -7.73
N THR D 188 17.52 27.37 -8.85
CA THR D 188 16.58 26.95 -9.87
C THR D 188 17.30 26.84 -11.22
N THR D 189 17.39 25.62 -11.75
CA THR D 189 18.22 25.34 -12.92
C THR D 189 17.50 24.49 -13.96
N TYR D 190 18.16 24.29 -15.10
CA TYR D 190 17.63 23.43 -16.15
C TYR D 190 18.48 22.17 -16.32
N CYS D 191 17.83 21.06 -16.62
CA CYS D 191 18.52 19.77 -16.75
C CYS D 191 18.11 19.04 -18.03
N THR D 192 17.66 19.80 -19.02
CA THR D 192 17.31 19.24 -20.32
C THR D 192 18.40 18.26 -20.75
N SER D 193 17.98 17.10 -21.25
CA SER D 193 18.94 16.07 -21.63
C SER D 193 18.55 15.39 -22.94
N VAL D 194 19.55 14.85 -23.64
CA VAL D 194 19.31 14.14 -24.89
C VAL D 194 19.37 12.63 -24.69
N THR D 195 18.23 11.97 -24.88
CA THR D 195 18.10 10.54 -24.69
C THR D 195 17.97 9.80 -26.00
N ASN D 196 17.77 8.49 -25.94
CA ASN D 196 17.63 7.67 -27.14
C ASN D 196 16.27 7.85 -27.80
N THR D 197 15.30 8.35 -27.04
CA THR D 197 13.96 8.57 -27.57
C THR D 197 13.75 10.02 -28.00
N GLY D 198 14.73 10.87 -27.72
CA GLY D 198 14.68 12.27 -28.14
C GLY D 198 15.29 13.22 -27.13
N ILE D 199 15.10 14.52 -27.35
CA ILE D 199 15.60 15.54 -26.44
C ILE D 199 14.47 16.11 -25.59
N TYR D 200 14.51 15.87 -24.29
CA TYR D 200 13.42 16.26 -23.40
C TYR D 200 13.77 17.46 -22.50
N SER D 201 12.89 18.45 -22.50
CA SER D 201 13.09 19.64 -21.66
C SER D 201 12.95 19.25 -20.19
N CYS D 202 13.72 19.91 -19.33
CA CYS D 202 13.73 19.53 -17.92
C CYS D 202 14.17 20.66 -16.99
N LEU D 203 13.43 20.84 -15.90
CA LEU D 203 13.78 21.80 -14.86
C LEU D 203 14.34 21.08 -13.64
N ARG D 204 15.12 21.80 -12.84
CA ARG D 204 15.66 21.22 -11.62
C ARG D 204 15.79 22.25 -10.51
N THR D 205 15.06 22.03 -9.43
CA THR D 205 15.17 22.87 -8.25
C THR D 205 16.10 22.18 -7.26
N THR D 206 16.92 22.97 -6.55
CA THR D 206 17.92 22.41 -5.65
C THR D 206 17.96 23.12 -4.30
N ILE D 207 17.79 22.36 -3.23
CA ILE D 207 17.92 22.91 -1.88
C ILE D 207 19.24 22.45 -1.28
N GLN D 208 19.84 23.28 -0.44
CA GLN D 208 21.11 22.94 0.20
C GLN D 208 20.92 22.77 1.71
N LEU D 209 21.20 21.57 2.19
CA LEU D 209 20.95 21.23 3.59
C LEU D 209 22.25 21.17 4.40
N LYS D 210 22.32 21.97 5.46
CA LYS D 210 23.48 22.02 6.32
C LYS D 210 23.16 21.34 7.64
N ARG D 211 23.88 20.27 7.96
CA ARG D 211 23.57 19.45 9.13
C ARG D 211 23.80 20.20 10.45
N GLU D 212 22.82 20.19 11.33
CA GLU D 212 22.94 20.85 12.62
C GLU D 212 24.03 20.19 13.45
N PHE D 213 24.84 21.01 14.12
CA PHE D 213 26.03 20.54 14.82
C PHE D 213 25.81 20.29 16.31
N SER D 214 24.86 21.02 16.90
CA SER D 214 24.59 20.94 18.33
C SER D 214 24.47 19.51 18.83
N PHE D 215 23.76 18.68 18.08
CA PHE D 215 23.59 17.28 18.46
C PHE D 215 24.93 16.56 18.52
N TYR D 216 25.71 16.64 17.46
CA TYR D 216 26.96 15.91 17.39
C TYR D 216 28.01 16.42 18.38
N LEU D 217 27.90 17.70 18.73
CA LEU D 217 28.75 18.26 19.77
C LEU D 217 28.47 17.56 21.10
N LEU D 218 27.19 17.44 21.43
CA LEU D 218 26.79 16.88 22.73
C LEU D 218 26.79 15.35 22.78
N GLN D 219 26.51 14.69 21.66
CA GLN D 219 26.36 13.25 21.66
C GLN D 219 27.57 12.50 21.14
N LEU D 220 28.58 13.24 20.71
CA LEU D 220 29.77 12.61 20.15
C LEU D 220 31.08 13.23 20.64
N TYR D 221 31.28 14.50 20.34
CA TYR D 221 32.54 15.15 20.68
C TYR D 221 32.73 15.34 22.18
N ILE D 222 31.84 16.10 22.81
CA ILE D 222 31.91 16.33 24.25
C ILE D 222 32.14 15.04 25.03
N PRO D 223 31.26 14.04 24.83
CA PRO D 223 31.39 12.81 25.63
C PRO D 223 32.69 12.06 25.36
N SER D 224 33.24 12.16 24.16
CA SER D 224 34.51 11.51 23.84
C SER D 224 35.69 12.20 24.51
N CYS D 225 35.67 13.53 24.52
CA CYS D 225 36.68 14.27 25.26
C CYS D 225 36.60 13.87 26.72
N MET D 226 35.38 13.88 27.24
CA MET D 226 35.14 13.51 28.63
C MET D 226 35.65 12.10 28.90
N LEU D 227 35.59 11.25 27.88
CA LEU D 227 36.05 9.87 28.00
C LEU D 227 37.57 9.78 27.94
N VAL D 228 38.18 10.55 27.04
CA VAL D 228 39.62 10.58 26.91
C VAL D 228 40.26 11.22 28.15
N ILE D 229 39.62 12.27 28.66
CA ILE D 229 40.11 12.96 29.85
C ILE D 229 40.13 12.03 31.05
N VAL D 230 39.13 11.14 31.12
CA VAL D 230 39.08 10.17 32.21
C VAL D 230 40.28 9.22 32.16
N SER D 231 40.69 8.84 30.96
CA SER D 231 41.82 7.92 30.81
C SER D 231 43.11 8.54 31.35
N TRP D 232 43.11 9.85 31.52
CA TRP D 232 44.29 10.56 31.99
C TRP D 232 44.41 10.57 33.51
N VAL D 233 43.27 10.53 34.19
CA VAL D 233 43.27 10.61 35.65
C VAL D 233 43.90 9.36 36.27
N SER D 234 44.35 8.45 35.43
CA SER D 234 45.04 7.25 35.91
C SER D 234 46.54 7.48 35.96
N PHE D 235 47.00 8.58 35.36
CA PHE D 235 48.40 8.97 35.43
C PHE D 235 48.75 9.50 36.81
N TRP D 236 47.72 9.72 37.63
CA TRP D 236 47.91 10.30 38.95
C TRP D 236 47.73 9.28 40.05
N PHE D 237 47.42 8.05 39.65
CA PHE D 237 47.40 6.94 40.59
C PHE D 237 48.80 6.33 40.72
N ASP D 238 49.19 5.99 41.94
CA ASP D 238 50.50 5.39 42.17
C ASP D 238 50.72 4.19 41.25
N ARG D 239 51.95 4.06 40.76
CA ARG D 239 52.29 3.01 39.80
C ARG D 239 52.14 1.61 40.37
N THR D 240 51.95 1.53 41.68
CA THR D 240 51.80 0.24 42.35
C THR D 240 50.37 -0.29 42.20
N ALA D 241 49.40 0.62 42.24
CA ALA D 241 47.99 0.25 42.08
C ALA D 241 47.61 0.22 40.61
N ILE D 242 48.09 -0.79 39.89
CA ILE D 242 47.81 -0.92 38.46
C ILE D 242 46.38 -1.37 38.16
N PRO D 243 45.74 -2.11 39.08
CA PRO D 243 44.35 -2.48 38.85
C PRO D 243 43.47 -1.28 38.54
N ALA D 244 43.65 -0.20 39.31
CA ALA D 244 42.89 1.02 39.09
C ALA D 244 43.12 1.58 37.69
N ARG D 245 44.39 1.67 37.29
CA ARG D 245 44.74 2.19 35.98
C ARG D 245 44.08 1.40 34.86
N VAL D 246 44.26 0.08 34.88
CA VAL D 246 43.69 -0.77 33.84
C VAL D 246 42.18 -0.59 33.76
N THR D 247 41.51 -0.63 34.92
CA THR D 247 40.07 -0.46 34.97
C THR D 247 39.62 0.81 34.26
N LEU D 248 40.34 1.91 34.49
CA LEU D 248 40.03 3.15 33.81
C LEU D 248 40.28 3.03 32.31
N GLY D 249 41.53 2.80 31.93
CA GLY D 249 41.91 2.69 30.53
C GLY D 249 41.04 1.74 29.74
N VAL D 250 40.73 0.59 30.34
CA VAL D 250 39.93 -0.44 29.66
C VAL D 250 38.46 -0.04 29.53
N THR D 251 37.88 0.48 30.61
CA THR D 251 36.48 0.89 30.58
C THR D 251 36.23 2.01 29.58
N THR D 252 37.09 3.02 29.61
CA THR D 252 36.95 4.14 28.69
C THR D 252 37.11 3.67 27.24
N LEU D 253 38.00 2.70 27.02
CA LEU D 253 38.21 2.17 25.69
C LEU D 253 36.98 1.43 25.18
N LEU D 254 36.45 0.53 26.02
CA LEU D 254 35.25 -0.20 25.68
C LEU D 254 34.11 0.78 25.37
N THR D 255 33.87 1.72 26.28
CA THR D 255 32.82 2.72 26.11
C THR D 255 33.01 3.48 24.80
N MET D 256 34.26 3.80 24.48
CA MET D 256 34.58 4.47 23.24
C MET D 256 34.03 3.68 22.06
N THR D 257 34.30 2.37 22.07
CA THR D 257 33.79 1.46 21.05
C THR D 257 32.28 1.57 20.93
N ALA D 258 31.60 1.33 22.05
CA ALA D 258 30.14 1.37 22.09
C ALA D 258 29.61 2.64 21.45
N GLN D 259 30.05 3.79 21.95
CA GLN D 259 29.59 5.07 21.44
C GLN D 259 29.71 5.14 19.92
N SER D 260 30.86 4.73 19.40
CA SER D 260 31.10 4.74 17.96
C SER D 260 30.11 3.84 17.23
N ALA D 261 29.90 2.64 17.76
CA ALA D 261 28.95 1.70 17.19
C ALA D 261 27.58 2.35 17.04
N GLY D 262 27.24 3.22 17.99
CA GLY D 262 25.98 3.92 17.94
C GLY D 262 25.86 4.86 16.76
N ILE D 263 26.85 5.73 16.60
CA ILE D 263 26.84 6.69 15.50
C ILE D 263 26.93 5.97 14.17
N ASN D 264 27.86 5.04 14.06
CA ASN D 264 28.09 4.30 12.83
C ASN D 264 26.90 3.41 12.42
N SER D 265 25.98 3.20 13.35
CA SER D 265 24.82 2.36 13.06
C SER D 265 23.77 3.10 12.24
N GLN D 266 23.72 4.42 12.37
CA GLN D 266 22.75 5.22 11.64
C GLN D 266 23.29 5.67 10.28
N LEU D 267 24.40 5.05 9.88
CA LEU D 267 25.05 5.39 8.62
C LEU D 267 25.13 4.21 7.67
N PRO D 268 25.08 4.48 6.36
CA PRO D 268 25.21 3.43 5.35
C PRO D 268 26.67 3.12 5.11
N PRO D 269 27.02 1.83 4.99
CA PRO D 269 28.41 1.49 4.67
C PRO D 269 28.84 2.18 3.38
N VAL D 270 29.92 2.95 3.45
CA VAL D 270 30.42 3.65 2.27
C VAL D 270 31.80 3.12 1.87
N SER D 271 32.41 3.77 0.88
CA SER D 271 33.70 3.33 0.36
C SER D 271 34.82 4.31 0.70
N TYR D 272 34.52 5.32 1.50
CA TYR D 272 35.51 6.33 1.84
C TYR D 272 35.63 6.54 3.35
N ILE D 273 36.69 7.23 3.77
CA ILE D 273 36.87 7.53 5.19
C ILE D 273 36.20 8.84 5.55
N LYS D 274 35.27 8.80 6.49
CA LYS D 274 34.56 9.99 6.92
C LYS D 274 35.36 10.76 7.97
N ALA D 275 35.08 12.05 8.12
CA ALA D 275 35.75 12.86 9.13
C ALA D 275 35.42 12.36 10.53
N ILE D 276 34.24 11.78 10.68
CA ILE D 276 33.84 11.14 11.94
C ILE D 276 34.79 10.00 12.28
N ASP D 277 35.25 9.27 11.27
CA ASP D 277 36.12 8.12 11.47
C ASP D 277 37.49 8.57 12.02
N VAL D 278 38.00 9.66 11.46
CA VAL D 278 39.29 10.20 11.89
C VAL D 278 39.25 10.62 13.37
N TRP D 279 38.11 11.13 13.80
CA TRP D 279 38.00 11.62 15.16
C TRP D 279 37.79 10.49 16.18
N ILE D 280 36.99 9.51 15.81
CA ILE D 280 36.81 8.33 16.65
C ILE D 280 38.14 7.57 16.75
N GLY D 281 38.76 7.34 15.60
CA GLY D 281 40.01 6.60 15.54
C GLY D 281 41.12 7.22 16.37
N ALA D 282 41.19 8.54 16.38
CA ALA D 282 42.21 9.25 17.13
C ALA D 282 42.01 9.11 18.62
N CYS D 283 40.82 9.47 19.10
CA CYS D 283 40.51 9.34 20.52
C CYS D 283 40.75 7.92 20.98
N MET D 284 40.46 6.97 20.08
CA MET D 284 40.69 5.56 20.34
C MET D 284 42.16 5.33 20.65
N THR D 285 43.02 5.97 19.87
CA THR D 285 44.47 5.83 20.03
C THR D 285 44.96 6.41 21.36
N PHE D 286 44.52 7.62 21.68
CA PHE D 286 44.94 8.26 22.93
C PHE D 286 44.65 7.39 24.14
N ILE D 287 43.55 6.65 24.09
CA ILE D 287 43.18 5.76 25.18
C ILE D 287 44.00 4.46 25.11
N PHE D 288 44.27 4.00 23.89
CA PHE D 288 45.09 2.82 23.69
C PHE D 288 46.51 3.04 24.20
N CYS D 289 47.06 4.21 23.90
CA CYS D 289 48.41 4.55 24.34
C CYS D 289 48.48 4.75 25.84
N ALA D 290 47.36 5.18 26.43
CA ALA D 290 47.28 5.28 27.88
C ALA D 290 47.52 3.90 28.49
N LEU D 291 46.81 2.89 27.99
CA LEU D 291 47.02 1.52 28.42
C LEU D 291 48.47 1.10 28.23
N LEU D 292 48.98 1.33 27.02
CA LEU D 292 50.37 1.03 26.71
C LEU D 292 51.29 1.65 27.75
N GLU D 293 50.99 2.90 28.13
CA GLU D 293 51.79 3.60 29.12
C GLU D 293 51.75 2.88 30.46
N PHE D 294 50.58 2.44 30.87
CA PHE D 294 50.44 1.70 32.13
C PHE D 294 51.37 0.50 32.14
N ALA D 295 51.36 -0.25 31.04
CA ALA D 295 52.21 -1.43 30.92
C ALA D 295 53.69 -1.08 30.98
N LEU D 296 54.10 -0.13 30.15
CA LEU D 296 55.48 0.33 30.15
C LEU D 296 55.93 0.75 31.54
N VAL D 297 55.16 1.62 32.17
CA VAL D 297 55.47 2.12 33.50
C VAL D 297 55.58 0.98 34.52
N ASN D 298 54.55 0.15 34.58
CA ASN D 298 54.51 -0.93 35.55
C ASN D 298 55.60 -1.99 35.34
N HIS D 299 56.02 -2.15 34.09
CA HIS D 299 57.02 -3.16 33.74
C HIS D 299 58.42 -2.76 34.21
N ILE D 300 58.84 -1.55 33.85
CA ILE D 300 60.16 -1.07 34.23
C ILE D 300 60.20 -0.67 35.70
N ALA D 301 59.03 -0.64 36.33
CA ALA D 301 58.93 -0.24 37.73
C ALA D 301 59.36 -1.36 38.67
N ASN D 302 58.89 -2.58 38.43
CA ASN D 302 59.21 -3.71 39.28
C ASN D 302 60.63 -4.23 39.06
N ALA D 303 61.32 -3.69 38.07
CA ALA D 303 62.71 -4.03 37.82
C ALA D 303 63.55 -3.69 39.04
N GLY D 304 64.38 -4.63 39.46
CA GLY D 304 65.15 -4.50 40.69
C GLY D 304 65.88 -3.18 40.87
N THR D 305 66.59 -2.74 39.84
CA THR D 305 67.42 -1.54 39.93
C THR D 305 66.61 -0.26 40.07
N THR D 306 67.10 0.65 40.91
CA THR D 306 66.47 1.96 41.07
C THR D 306 66.66 2.78 39.81
N GLU D 307 67.54 2.31 38.94
CA GLU D 307 67.82 2.98 37.67
C GLU D 307 66.55 3.08 36.82
N TRP D 308 65.84 1.96 36.72
CA TRP D 308 64.60 1.93 35.96
C TRP D 308 63.44 2.51 36.76
N ASN D 309 63.49 2.34 38.08
CA ASN D 309 62.40 2.76 38.93
C ASN D 309 62.07 4.25 38.80
N ASP D 310 63.08 5.10 38.83
CA ASP D 310 62.85 6.54 38.70
C ASP D 310 62.57 6.94 37.26
N ILE D 311 62.96 6.08 36.31
CA ILE D 311 62.54 6.25 34.92
C ILE D 311 61.04 6.04 34.83
N SER D 312 60.56 5.02 35.53
CA SER D 312 59.14 4.74 35.61
C SER D 312 58.39 5.98 36.10
N LYS D 313 58.92 6.62 37.13
CA LYS D 313 58.33 7.84 37.66
C LYS D 313 58.35 8.94 36.61
N ARG D 314 59.44 9.02 35.87
CA ARG D 314 59.62 10.06 34.87
C ARG D 314 58.58 9.97 33.76
N VAL D 315 58.28 8.74 33.34
CA VAL D 315 57.31 8.51 32.28
C VAL D 315 55.94 9.09 32.64
N ASP D 316 55.51 8.86 33.88
CA ASP D 316 54.25 9.42 34.35
C ASP D 316 54.25 10.93 34.27
N LEU D 317 55.25 11.55 34.89
CA LEU D 317 55.37 12.99 34.87
C LEU D 317 55.22 13.54 33.46
N ILE D 318 55.96 12.94 32.52
CA ILE D 318 55.89 13.36 31.13
C ILE D 318 54.49 13.16 30.56
N SER D 319 53.91 11.98 30.80
CA SER D 319 52.59 11.66 30.28
C SER D 319 51.52 12.64 30.77
N ARG D 320 51.55 12.93 32.07
CA ARG D 320 50.56 13.82 32.67
C ARG D 320 50.42 15.13 31.90
N ALA D 321 51.48 15.52 31.20
CA ALA D 321 51.47 16.74 30.43
C ALA D 321 51.40 16.47 28.93
N LEU D 322 52.23 15.54 28.46
CA LEU D 322 52.33 15.25 27.04
C LEU D 322 50.99 14.84 26.42
N PHE D 323 50.25 13.96 27.10
CA PHE D 323 48.96 13.51 26.59
C PHE D 323 47.99 14.67 26.35
N PRO D 324 47.70 15.47 27.38
CA PRO D 324 46.82 16.62 27.18
C PRO D 324 47.31 17.51 26.04
N VAL D 325 48.58 17.90 26.10
CA VAL D 325 49.16 18.73 25.06
C VAL D 325 48.96 18.16 23.67
N LEU D 326 49.30 16.88 23.49
CA LEU D 326 49.13 16.22 22.20
C LEU D 326 47.67 16.19 21.77
N PHE D 327 46.77 15.89 22.70
CA PHE D 327 45.34 15.84 22.39
C PHE D 327 44.82 17.21 21.99
N PHE D 328 45.38 18.25 22.63
CA PHE D 328 45.03 19.62 22.29
C PHE D 328 45.52 19.97 20.89
N VAL D 329 46.74 19.54 20.59
CA VAL D 329 47.30 19.72 19.25
C VAL D 329 46.43 19.02 18.22
N PHE D 330 46.04 17.78 18.51
CA PHE D 330 45.18 17.05 17.62
C PHE D 330 43.89 17.82 17.33
N ASN D 331 43.17 18.18 18.38
CA ASN D 331 41.95 18.97 18.24
C ASN D 331 42.15 20.14 17.28
N ILE D 332 43.24 20.87 17.47
CA ILE D 332 43.52 22.03 16.62
C ILE D 332 43.65 21.64 15.16
N LEU D 333 44.43 20.61 14.88
CA LEU D 333 44.58 20.12 13.51
C LEU D 333 43.26 19.59 12.98
N TYR D 334 42.55 18.83 13.80
CA TYR D 334 41.29 18.22 13.38
C TYR D 334 40.27 19.27 12.98
N TRP D 335 40.01 20.22 13.89
CA TRP D 335 38.95 21.19 13.67
C TRP D 335 39.26 22.17 12.55
N SER D 336 40.53 22.48 12.34
CA SER D 336 40.91 23.36 11.26
C SER D 336 40.73 22.66 9.92
N ARG D 337 40.81 21.33 9.95
CA ARG D 337 40.74 20.54 8.74
C ARG D 337 39.30 20.21 8.31
N PHE D 338 38.40 20.09 9.28
CA PHE D 338 37.03 19.64 8.99
C PHE D 338 35.95 20.62 9.41
N GLY D 339 36.31 21.62 10.20
CA GLY D 339 35.35 22.64 10.61
C GLY D 339 35.25 23.75 9.59
N HIS D 340 36.15 23.72 8.61
CA HIS D 340 36.22 24.75 7.57
C HIS D 340 34.87 24.98 6.92
N SER E 1 -3.86 16.69 -38.48
CA SER E 1 -2.85 15.81 -39.05
C SER E 1 -2.68 14.55 -38.21
N ASP E 2 -2.02 14.67 -37.06
CA ASP E 2 -1.79 13.54 -36.17
C ASP E 2 -3.10 12.96 -35.66
N SER E 3 -4.00 13.83 -35.24
CA SER E 3 -5.31 13.40 -34.76
C SER E 3 -6.10 12.72 -35.87
N LYS E 4 -5.88 13.16 -37.10
CA LYS E 4 -6.55 12.58 -38.26
C LYS E 4 -5.97 11.22 -38.61
N ILE E 5 -4.64 11.10 -38.51
CA ILE E 5 -3.95 9.84 -38.77
C ILE E 5 -4.41 8.78 -37.78
N LEU E 6 -4.55 9.16 -36.53
CA LEU E 6 -5.03 8.24 -35.50
C LEU E 6 -6.47 7.83 -35.78
N ALA E 7 -7.30 8.82 -36.11
CA ALA E 7 -8.70 8.56 -36.40
C ALA E 7 -8.86 7.57 -37.56
N HIS E 8 -7.96 7.66 -38.54
CA HIS E 8 -8.02 6.78 -39.70
C HIS E 8 -7.71 5.33 -39.32
N LEU E 9 -6.87 5.15 -38.31
CA LEU E 9 -6.46 3.81 -37.88
C LEU E 9 -7.54 3.10 -37.07
N PHE E 10 -8.29 3.87 -36.28
CA PHE E 10 -9.29 3.27 -35.40
C PHE E 10 -10.73 3.44 -35.89
N THR E 11 -10.88 4.11 -37.04
CA THR E 11 -12.21 4.23 -37.63
C THR E 11 -12.59 2.92 -38.32
N SER E 12 -11.58 2.18 -38.76
CA SER E 12 -11.80 0.86 -39.35
C SER E 12 -12.00 -0.15 -38.24
N GLY E 13 -12.09 -1.42 -38.61
CA GLY E 13 -12.29 -2.48 -37.63
C GLY E 13 -10.98 -2.92 -37.00
N TYR E 14 -10.63 -2.30 -35.87
CA TYR E 14 -9.40 -2.65 -35.17
C TYR E 14 -9.70 -3.19 -33.78
N ASP E 15 -9.18 -4.37 -33.48
CA ASP E 15 -9.42 -5.01 -32.19
C ASP E 15 -8.13 -5.12 -31.39
N PHE E 16 -8.03 -4.32 -30.32
CA PHE E 16 -6.83 -4.31 -29.50
C PHE E 16 -6.67 -5.62 -28.74
N ARG E 17 -7.69 -6.46 -28.81
CA ARG E 17 -7.68 -7.74 -28.11
C ARG E 17 -7.04 -8.81 -28.98
N VAL E 18 -7.03 -8.56 -30.28
CA VAL E 18 -6.46 -9.50 -31.24
C VAL E 18 -4.97 -9.24 -31.44
N ARG E 19 -4.19 -10.31 -31.38
CA ARG E 19 -2.75 -10.24 -31.63
C ARG E 19 -2.48 -9.75 -33.06
N PRO E 20 -1.44 -8.93 -33.22
CA PRO E 20 -1.05 -8.44 -34.55
C PRO E 20 -0.75 -9.60 -35.50
N PRO E 21 -1.21 -9.50 -36.75
CA PRO E 21 -0.98 -10.53 -37.77
C PRO E 21 0.48 -10.63 -38.18
N THR E 22 0.87 -11.79 -38.71
CA THR E 22 2.23 -12.00 -39.19
C THR E 22 2.21 -12.56 -40.59
N ASP E 23 3.28 -12.32 -41.34
CA ASP E 23 3.36 -12.77 -42.73
C ASP E 23 3.31 -14.29 -42.86
N ASN E 24 4.10 -14.97 -42.04
CA ASN E 24 4.16 -16.43 -42.08
C ASN E 24 3.42 -17.09 -40.93
N GLY E 25 2.62 -16.30 -40.21
CA GLY E 25 1.85 -16.80 -39.09
C GLY E 25 2.70 -16.97 -37.85
N GLY E 26 3.97 -16.59 -37.97
CA GLY E 26 4.90 -16.67 -36.85
C GLY E 26 4.45 -15.84 -35.67
N PRO E 27 5.21 -15.88 -34.58
CA PRO E 27 4.89 -15.12 -33.38
C PRO E 27 5.22 -13.64 -33.52
N VAL E 28 4.62 -12.82 -32.67
CA VAL E 28 4.95 -11.39 -32.63
C VAL E 28 6.28 -11.21 -31.93
N VAL E 29 7.26 -10.64 -32.64
CA VAL E 29 8.58 -10.44 -32.06
C VAL E 29 8.66 -9.10 -31.33
N VAL E 30 8.89 -9.16 -30.03
CA VAL E 30 8.96 -7.96 -29.20
C VAL E 30 10.41 -7.70 -28.75
N SER E 31 11.02 -6.67 -29.32
CA SER E 31 12.36 -6.27 -28.91
C SER E 31 12.29 -5.48 -27.61
N VAL E 32 13.20 -5.77 -26.69
CA VAL E 32 13.16 -5.15 -25.37
C VAL E 32 14.43 -4.39 -25.04
N ASN E 33 14.29 -3.13 -24.64
CA ASN E 33 15.37 -2.34 -24.11
C ASN E 33 15.07 -2.01 -22.66
N MET E 34 16.09 -1.93 -21.83
CA MET E 34 15.89 -1.73 -20.40
C MET E 34 16.90 -0.75 -19.84
N LEU E 35 16.39 0.29 -19.18
CA LEU E 35 17.23 1.32 -18.59
C LEU E 35 17.07 1.39 -17.07
N LEU E 36 18.09 0.93 -16.36
CA LEU E 36 18.09 0.99 -14.90
C LEU E 36 18.32 2.41 -14.42
N ARG E 37 17.44 2.91 -13.56
CA ARG E 37 17.57 4.24 -13.01
C ARG E 37 18.26 4.23 -11.66
N THR E 38 17.75 3.43 -10.74
CA THR E 38 18.31 3.32 -9.41
C THR E 38 18.17 1.91 -8.86
N ILE E 39 19.22 1.42 -8.21
CA ILE E 39 19.17 0.14 -7.52
C ILE E 39 19.43 0.37 -6.04
N SER E 40 18.38 0.19 -5.24
CA SER E 40 18.44 0.56 -3.83
C SER E 40 17.92 -0.54 -2.90
N LYS E 41 17.96 -0.26 -1.61
CA LYS E 41 17.47 -1.19 -0.59
C LYS E 41 17.77 -2.66 -0.89
N ILE E 42 19.06 -3.00 -0.87
CA ILE E 42 19.48 -4.38 -1.09
C ILE E 42 19.40 -5.17 0.20
N ASP E 43 18.21 -5.67 0.50
CA ASP E 43 17.94 -6.38 1.75
C ASP E 43 18.57 -7.78 1.74
N VAL E 44 19.46 -8.03 2.69
CA VAL E 44 20.17 -9.31 2.75
C VAL E 44 19.42 -10.31 3.63
N VAL E 45 18.60 -9.80 4.53
CA VAL E 45 17.81 -10.67 5.40
C VAL E 45 16.69 -11.34 4.63
N ASN E 46 15.90 -10.55 3.91
CA ASN E 46 14.82 -11.08 3.09
C ASN E 46 15.27 -11.43 1.69
N MET E 47 16.56 -11.22 1.43
CA MET E 47 17.13 -11.53 0.13
C MET E 47 16.26 -11.00 -0.99
N GLU E 48 16.21 -9.68 -1.10
CA GLU E 48 15.51 -9.01 -2.18
C GLU E 48 16.15 -7.65 -2.37
N TYR E 49 15.80 -6.96 -3.45
CA TYR E 49 16.33 -5.62 -3.69
C TYR E 49 15.32 -4.79 -4.46
N SER E 50 15.38 -3.48 -4.28
CA SER E 50 14.51 -2.57 -5.00
C SER E 50 15.27 -1.99 -6.19
N ALA E 51 14.54 -1.68 -7.25
CA ALA E 51 15.14 -1.09 -8.45
C ALA E 51 14.09 -0.40 -9.31
N GLN E 52 14.40 0.80 -9.78
CA GLN E 52 13.51 1.54 -10.66
C GLN E 52 14.10 1.59 -12.05
N LEU E 53 13.33 1.14 -13.03
CA LEU E 53 13.83 1.03 -14.40
C LEU E 53 12.82 1.55 -15.41
N THR E 54 13.29 1.78 -16.63
CA THR E 54 12.42 2.15 -17.73
C THR E 54 12.34 1.01 -18.73
N LEU E 55 11.16 0.41 -18.83
CA LEU E 55 10.92 -0.68 -19.77
C LEU E 55 10.61 -0.09 -21.13
N ARG E 56 11.22 -0.65 -22.17
CA ARG E 56 11.02 -0.18 -23.54
C ARG E 56 10.77 -1.35 -24.50
N GLU E 57 9.53 -1.46 -24.97
CA GLU E 57 9.17 -2.56 -25.84
C GLU E 57 8.90 -2.05 -27.26
N SER E 58 9.22 -2.87 -28.25
CA SER E 58 9.00 -2.51 -29.64
C SER E 58 8.60 -3.73 -30.46
N TRP E 59 7.44 -3.64 -31.11
CA TRP E 59 6.98 -4.70 -31.98
C TRP E 59 6.33 -4.10 -33.22
N ILE E 60 5.96 -4.95 -34.18
CA ILE E 60 5.33 -4.48 -35.39
C ILE E 60 3.86 -4.87 -35.46
N ASP E 61 3.03 -3.89 -35.82
CA ASP E 61 1.60 -4.11 -35.92
C ASP E 61 1.10 -3.51 -37.23
N LYS E 62 1.18 -4.28 -38.31
CA LYS E 62 0.87 -3.77 -39.65
C LYS E 62 -0.47 -3.04 -39.69
N ARG E 63 -1.41 -3.47 -38.86
CA ARG E 63 -2.71 -2.84 -38.79
C ARG E 63 -2.63 -1.35 -38.46
N LEU E 64 -1.55 -0.96 -37.79
CA LEU E 64 -1.39 0.42 -37.33
C LEU E 64 -0.59 1.27 -38.29
N SER E 65 -0.07 0.67 -39.36
CA SER E 65 0.68 1.41 -40.36
C SER E 65 -0.23 2.39 -41.08
N TYR E 66 0.19 3.64 -41.16
CA TYR E 66 -0.63 4.70 -41.73
C TYR E 66 0.09 5.36 -42.88
N GLY E 67 1.40 5.58 -42.72
CA GLY E 67 2.19 6.23 -43.74
C GLY E 67 2.89 5.23 -44.63
N VAL E 68 3.05 4.01 -44.13
CA VAL E 68 3.77 2.97 -44.84
C VAL E 68 5.14 3.49 -45.24
N LYS E 69 5.33 3.80 -46.53
CA LYS E 69 6.58 4.40 -46.99
C LYS E 69 6.69 5.79 -46.41
N GLY E 70 5.55 6.45 -46.27
CA GLY E 70 5.48 7.80 -45.75
C GLY E 70 6.23 8.77 -46.64
N ASP E 71 7.29 9.35 -46.11
CA ASP E 71 8.13 10.27 -46.88
C ASP E 71 7.31 11.48 -47.37
N GLY E 72 6.04 11.51 -46.99
CA GLY E 72 5.19 12.66 -47.19
C GLY E 72 4.50 13.01 -45.88
N GLN E 73 4.45 12.02 -44.98
CA GLN E 73 3.81 12.16 -43.68
C GLN E 73 4.84 12.13 -42.55
N PRO E 74 4.41 12.43 -41.32
CA PRO E 74 5.32 12.37 -40.16
C PRO E 74 5.84 10.95 -39.92
N ASP E 75 7.10 10.85 -39.51
CA ASP E 75 7.72 9.54 -39.30
C ASP E 75 6.86 8.68 -38.37
N PHE E 76 6.48 9.24 -37.23
CA PHE E 76 5.65 8.53 -36.27
C PHE E 76 4.60 9.45 -35.64
N VAL E 77 3.62 8.84 -34.98
CA VAL E 77 2.56 9.60 -34.32
C VAL E 77 2.47 9.16 -32.86
N ILE E 78 2.45 10.13 -31.95
CA ILE E 78 2.26 9.82 -30.54
C ILE E 78 0.84 9.38 -30.25
N LEU E 79 0.69 8.19 -29.68
CA LEU E 79 -0.62 7.66 -29.37
C LEU E 79 -1.24 8.41 -28.20
N THR E 80 -2.37 9.06 -28.46
CA THR E 80 -3.06 9.83 -27.43
C THR E 80 -4.03 8.95 -26.64
N VAL E 81 -4.55 9.49 -25.55
CA VAL E 81 -5.48 8.77 -24.68
C VAL E 81 -6.77 8.42 -25.41
N GLY E 82 -7.34 7.27 -25.08
CA GLY E 82 -8.61 6.87 -25.65
C GLY E 82 -8.49 6.00 -26.88
N HIS E 83 -7.26 5.63 -27.22
CA HIS E 83 -7.01 4.74 -28.35
C HIS E 83 -6.33 3.47 -27.87
N GLN E 84 -7.06 2.36 -27.92
CA GLN E 84 -6.55 1.08 -27.46
C GLN E 84 -5.63 0.43 -28.49
N ILE E 85 -4.56 -0.19 -28.01
CA ILE E 85 -3.62 -0.89 -28.87
C ILE E 85 -3.19 -2.20 -28.22
N TRP E 86 -3.18 -3.27 -29.01
CA TRP E 86 -2.68 -4.55 -28.49
C TRP E 86 -1.26 -4.37 -27.98
N MET E 87 -1.01 -4.88 -26.78
CA MET E 87 0.32 -4.79 -26.18
C MET E 87 0.73 -6.12 -25.54
N PRO E 88 2.03 -6.43 -25.58
CA PRO E 88 2.53 -7.63 -24.92
C PRO E 88 2.20 -7.58 -23.44
N ASP E 89 1.46 -8.55 -22.93
CA ASP E 89 1.10 -8.59 -21.52
C ASP E 89 2.28 -9.05 -20.66
N THR E 90 3.40 -8.33 -20.77
CA THR E 90 4.62 -8.73 -20.09
C THR E 90 4.55 -8.47 -18.59
N PHE E 91 5.19 -9.34 -17.82
CA PHE E 91 5.26 -9.18 -16.37
C PHE E 91 6.66 -9.58 -15.91
N PHE E 92 6.96 -9.33 -14.64
CA PHE E 92 8.27 -9.65 -14.09
C PHE E 92 8.17 -10.86 -13.15
N PRO E 93 8.49 -12.05 -13.67
CA PRO E 93 8.34 -13.32 -12.94
C PRO E 93 8.88 -13.30 -11.51
N ASN E 94 9.98 -12.60 -11.27
CA ASN E 94 10.56 -12.56 -9.93
C ASN E 94 10.27 -11.25 -9.18
N GLU E 95 9.26 -10.52 -9.63
CA GLU E 95 8.83 -9.32 -8.94
C GLU E 95 7.94 -9.68 -7.76
N LYS E 96 8.23 -9.10 -6.60
CA LYS E 96 7.40 -9.30 -5.42
C LYS E 96 6.47 -8.11 -5.24
N GLN E 97 6.88 -6.96 -5.76
CA GLN E 97 6.10 -5.73 -5.69
C GLN E 97 6.42 -4.85 -6.89
N ALA E 98 5.42 -4.15 -7.40
CA ALA E 98 5.61 -3.31 -8.58
C ALA E 98 4.68 -2.10 -8.59
N TYR E 99 5.19 -0.95 -9.02
CA TYR E 99 4.39 0.25 -9.10
C TYR E 99 4.67 0.97 -10.40
N LYS E 100 3.61 1.36 -11.10
CA LYS E 100 3.73 2.30 -12.22
C LYS E 100 3.67 3.72 -11.67
N HIS E 101 4.39 4.63 -12.30
CA HIS E 101 4.37 6.02 -11.86
C HIS E 101 3.31 6.80 -12.64
N THR E 102 2.42 7.44 -11.90
CA THR E 102 1.28 8.12 -12.51
C THR E 102 1.18 9.57 -12.05
N ILE E 103 2.31 10.14 -11.63
CA ILE E 103 2.31 11.48 -11.08
C ILE E 103 1.97 12.56 -12.11
N ASP E 104 0.97 13.38 -11.78
CA ASP E 104 0.29 14.22 -12.75
C ASP E 104 -0.33 13.32 -13.82
N LYS E 105 0.35 13.19 -14.95
CA LYS E 105 -0.08 12.24 -15.97
C LYS E 105 0.73 10.96 -15.84
N PRO E 106 0.14 9.81 -16.19
CA PRO E 106 0.85 8.53 -16.12
C PRO E 106 2.14 8.57 -16.95
N ASN E 107 3.21 8.00 -16.41
CA ASN E 107 4.50 8.02 -17.10
C ASN E 107 4.62 6.95 -18.16
N VAL E 108 3.92 7.13 -19.28
CA VAL E 108 4.04 6.21 -20.41
C VAL E 108 4.20 6.97 -21.71
N LEU E 109 4.76 6.29 -22.70
CA LEU E 109 4.93 6.85 -24.03
C LEU E 109 4.69 5.76 -25.06
N ILE E 110 3.75 6.00 -25.98
CA ILE E 110 3.52 5.07 -27.06
C ILE E 110 3.64 5.79 -28.41
N ARG E 111 4.49 5.26 -29.27
CA ARG E 111 4.64 5.81 -30.62
C ARG E 111 4.27 4.80 -31.67
N ILE E 112 3.58 5.27 -32.71
CA ILE E 112 3.20 4.41 -33.81
C ILE E 112 3.87 4.88 -35.09
N HIS E 113 4.97 4.24 -35.45
CA HIS E 113 5.69 4.61 -36.68
C HIS E 113 4.85 4.31 -37.91
N ASN E 114 5.12 5.04 -38.98
CA ASN E 114 4.38 4.90 -40.23
C ASN E 114 4.29 3.46 -40.72
N ASP E 115 5.36 2.68 -40.52
CA ASP E 115 5.40 1.30 -41.01
C ASP E 115 4.63 0.33 -40.11
N GLY E 116 4.13 0.84 -38.99
CA GLY E 116 3.39 0.01 -38.05
C GLY E 116 4.21 -0.40 -36.85
N THR E 117 5.46 0.03 -36.81
CA THR E 117 6.32 -0.26 -35.67
C THR E 117 5.86 0.53 -34.46
N VAL E 118 5.73 -0.14 -33.32
CA VAL E 118 5.28 0.48 -32.09
C VAL E 118 6.40 0.59 -31.06
N LEU E 119 6.56 1.76 -30.46
CA LEU E 119 7.47 1.93 -29.35
C LEU E 119 6.69 2.17 -28.07
N TYR E 120 6.99 1.39 -27.04
CA TYR E 120 6.31 1.51 -25.76
C TYR E 120 7.33 1.76 -24.66
N SER E 121 7.16 2.85 -23.92
CA SER E 121 8.08 3.20 -22.84
C SER E 121 7.29 3.46 -21.56
N VAL E 122 7.77 2.92 -20.45
CA VAL E 122 7.07 3.08 -19.18
C VAL E 122 8.03 2.99 -17.98
N ARG E 123 7.83 3.87 -17.00
CA ARG E 123 8.61 3.81 -15.77
C ARG E 123 7.98 2.82 -14.81
N ILE E 124 8.80 1.98 -14.21
CA ILE E 124 8.32 0.97 -13.30
C ILE E 124 9.25 0.84 -12.10
N SER E 125 8.69 0.83 -10.91
CA SER E 125 9.46 0.56 -9.71
C SER E 125 9.19 -0.87 -9.24
N LEU E 126 10.27 -1.61 -9.01
CA LEU E 126 10.15 -3.02 -8.66
C LEU E 126 10.80 -3.34 -7.32
N VAL E 127 10.32 -4.42 -6.71
CA VAL E 127 11.00 -5.06 -5.59
C VAL E 127 11.16 -6.53 -5.95
N LEU E 128 12.38 -6.92 -6.32
CA LEU E 128 12.64 -8.24 -6.86
C LEU E 128 13.30 -9.14 -5.82
N SER E 129 13.04 -10.44 -5.90
CA SER E 129 13.71 -11.37 -5.01
C SER E 129 15.06 -11.74 -5.62
N CYS E 130 16.09 -11.71 -4.78
CA CYS E 130 17.45 -11.98 -5.23
C CYS E 130 18.16 -12.88 -4.23
N PRO E 131 18.09 -14.20 -4.44
CA PRO E 131 18.76 -15.14 -3.53
C PRO E 131 20.24 -14.84 -3.45
N MET E 132 20.73 -14.64 -2.23
CA MET E 132 22.12 -14.27 -2.01
C MET E 132 22.87 -15.36 -1.28
N TYR E 133 24.18 -15.41 -1.50
CA TYR E 133 25.02 -16.45 -0.91
C TYR E 133 26.16 -15.84 -0.12
N LEU E 134 26.11 -15.98 1.20
CA LEU E 134 27.00 -15.27 2.10
C LEU E 134 28.19 -16.09 2.57
N GLN E 135 28.63 -17.05 1.75
CA GLN E 135 29.78 -17.88 2.11
C GLN E 135 31.00 -17.02 2.48
N TYR E 136 31.23 -15.97 1.71
CA TYR E 136 32.35 -15.07 1.96
C TYR E 136 31.86 -13.73 2.48
N TYR E 137 30.75 -13.76 3.24
CA TYR E 137 29.96 -12.57 3.54
C TYR E 137 30.66 -11.21 3.45
N PRO E 138 31.67 -10.97 4.31
CA PRO E 138 32.30 -9.64 4.32
C PRO E 138 32.76 -9.25 2.91
N MET E 139 33.47 -10.14 2.23
CA MET E 139 33.93 -9.89 0.86
C MET E 139 33.22 -10.79 -0.14
N ASP E 140 31.93 -10.54 -0.36
CA ASP E 140 31.16 -11.36 -1.29
C ASP E 140 30.75 -10.59 -2.55
N VAL E 141 30.27 -11.31 -3.55
CA VAL E 141 29.62 -10.69 -4.70
C VAL E 141 28.30 -11.40 -4.96
N GLN E 142 27.24 -10.60 -5.11
CA GLN E 142 25.92 -11.16 -5.39
C GLN E 142 25.53 -10.87 -6.83
N GLN E 143 24.66 -11.70 -7.38
CA GLN E 143 24.13 -11.45 -8.71
C GLN E 143 22.61 -11.39 -8.67
N CYS E 144 22.08 -10.20 -8.96
CA CYS E 144 20.64 -10.00 -8.93
C CYS E 144 20.08 -9.86 -10.33
N SER E 145 18.86 -10.35 -10.53
CA SER E 145 18.29 -10.41 -11.87
C SER E 145 16.87 -9.84 -11.96
N ILE E 146 16.54 -9.32 -13.13
CA ILE E 146 15.17 -8.93 -13.45
C ILE E 146 14.67 -9.82 -14.59
N ASP E 147 13.64 -10.62 -14.32
CA ASP E 147 13.09 -11.48 -15.35
C ASP E 147 11.90 -10.81 -16.01
N LEU E 148 11.73 -11.09 -17.31
CA LEU E 148 10.68 -10.46 -18.09
C LEU E 148 10.11 -11.47 -19.06
N ALA E 149 8.80 -11.64 -19.05
CA ALA E 149 8.16 -12.62 -19.92
C ALA E 149 6.68 -12.32 -20.12
N SER E 150 6.08 -12.96 -21.11
CA SER E 150 4.64 -12.84 -21.34
C SER E 150 3.92 -13.79 -20.39
N TYR E 151 2.71 -13.43 -19.96
CA TYR E 151 1.98 -14.27 -19.02
C TYR E 151 1.01 -15.22 -19.72
N ALA E 152 0.23 -14.69 -20.65
CA ALA E 152 -0.80 -15.47 -21.30
C ALA E 152 -0.34 -16.04 -22.63
N TYR E 153 0.39 -15.23 -23.39
CA TYR E 153 0.84 -15.63 -24.72
C TYR E 153 2.03 -16.58 -24.67
N THR E 154 1.90 -17.68 -25.41
CA THR E 154 2.93 -18.71 -25.43
C THR E 154 4.01 -18.39 -26.45
N THR E 155 4.74 -19.40 -26.90
CA THR E 155 5.86 -19.20 -27.81
C THR E 155 5.43 -19.07 -29.27
N LYS E 156 4.17 -19.40 -29.55
CA LYS E 156 3.65 -19.34 -30.91
C LYS E 156 3.08 -17.96 -31.19
N ASP E 157 2.87 -17.19 -30.14
CA ASP E 157 2.22 -15.88 -30.27
C ASP E 157 3.16 -14.71 -30.01
N ILE E 158 4.08 -14.89 -29.08
CA ILE E 158 4.95 -13.79 -28.69
C ILE E 158 6.35 -14.28 -28.31
N GLU E 159 7.37 -13.59 -28.81
CA GLU E 159 8.76 -13.99 -28.58
C GLU E 159 9.58 -12.76 -28.24
N TYR E 160 10.30 -12.81 -27.12
CA TYR E 160 11.10 -11.67 -26.70
C TYR E 160 12.56 -11.78 -27.12
N LEU E 161 13.13 -10.66 -27.54
CA LEU E 161 14.52 -10.59 -27.92
C LEU E 161 15.10 -9.29 -27.42
N TRP E 162 16.29 -9.34 -26.85
CA TRP E 162 16.96 -8.14 -26.40
C TRP E 162 17.37 -7.28 -27.59
N LYS E 163 17.16 -5.97 -27.46
CA LYS E 163 17.59 -5.05 -28.50
C LYS E 163 19.00 -5.41 -28.95
N GLU E 164 19.28 -5.26 -30.23
CA GLU E 164 20.57 -5.68 -30.77
C GLU E 164 21.72 -4.86 -30.22
N HIS E 165 21.53 -3.55 -30.11
CA HIS E 165 22.57 -2.66 -29.60
C HIS E 165 22.22 -2.07 -28.22
N SER E 166 23.13 -2.27 -27.27
CA SER E 166 22.94 -1.82 -25.89
C SER E 166 21.53 -2.10 -25.36
N PRO E 167 21.24 -3.37 -25.08
CA PRO E 167 19.94 -3.80 -24.58
C PRO E 167 19.72 -3.27 -23.17
N LEU E 168 20.78 -3.27 -22.37
CA LEU E 168 20.69 -2.75 -21.01
C LEU E 168 21.53 -1.49 -20.88
N GLN E 169 20.92 -0.43 -20.36
CA GLN E 169 21.61 0.82 -20.12
C GLN E 169 21.46 1.24 -18.66
N LEU E 170 22.43 1.98 -18.14
CA LEU E 170 22.38 2.48 -16.78
C LEU E 170 22.34 4.01 -16.81
N LYS E 171 21.49 4.61 -15.97
CA LYS E 171 21.52 6.06 -15.81
C LYS E 171 22.83 6.44 -15.14
N VAL E 172 23.32 7.63 -15.43
CA VAL E 172 24.63 8.06 -14.94
C VAL E 172 24.67 8.10 -13.41
N GLY E 173 23.61 8.58 -12.79
CA GLY E 173 23.54 8.67 -11.34
C GLY E 173 23.01 7.42 -10.67
N LEU E 174 23.52 6.27 -11.07
CA LEU E 174 23.08 5.00 -10.47
C LEU E 174 24.06 4.56 -9.39
N SER E 175 25.35 4.53 -9.74
CA SER E 175 26.38 4.11 -8.79
C SER E 175 26.49 5.08 -7.61
N SER E 176 26.14 6.35 -7.84
CA SER E 176 26.22 7.36 -6.79
C SER E 176 25.08 7.23 -5.78
N SER E 177 23.99 6.61 -6.21
CA SER E 177 22.86 6.37 -5.33
C SER E 177 22.95 4.97 -4.73
N LEU E 178 24.06 4.29 -5.02
CA LEU E 178 24.31 2.95 -4.50
C LEU E 178 25.65 2.94 -3.77
N PRO E 179 25.64 3.37 -2.51
CA PRO E 179 26.87 3.62 -1.73
C PRO E 179 27.50 2.34 -1.18
N SER E 180 26.66 1.36 -0.84
CA SER E 180 27.11 0.17 -0.14
C SER E 180 27.77 -0.85 -1.06
N PHE E 181 27.43 -0.81 -2.34
CA PHE E 181 27.97 -1.76 -3.32
C PHE E 181 28.63 -1.07 -4.51
N GLN E 182 29.19 -1.90 -5.39
CA GLN E 182 29.81 -1.43 -6.61
C GLN E 182 29.34 -2.30 -7.77
N LEU E 183 28.55 -1.71 -8.67
CA LEU E 183 27.97 -2.44 -9.80
C LEU E 183 29.05 -2.74 -10.84
N THR E 184 29.70 -3.89 -10.70
CA THR E 184 30.88 -4.20 -11.52
C THR E 184 30.55 -4.69 -12.93
N ASN E 185 29.57 -5.58 -13.05
CA ASN E 185 29.28 -6.18 -14.34
C ASN E 185 27.78 -6.37 -14.58
N THR E 186 27.36 -6.26 -15.83
CA THR E 186 25.98 -6.58 -16.21
C THR E 186 25.92 -7.55 -17.38
N SER E 187 24.81 -8.27 -17.49
CA SER E 187 24.63 -9.24 -18.55
C SER E 187 23.18 -9.27 -19.01
N THR E 188 22.99 -9.65 -20.27
CA THR E 188 21.66 -9.74 -20.85
C THR E 188 21.45 -11.13 -21.47
N THR E 189 20.51 -11.90 -20.89
CA THR E 189 20.35 -13.30 -21.24
C THR E 189 18.90 -13.70 -21.46
N TYR E 190 18.68 -14.94 -21.90
CA TYR E 190 17.33 -15.48 -22.07
C TYR E 190 17.04 -16.57 -21.05
N CYS E 191 15.80 -16.64 -20.59
CA CYS E 191 15.40 -17.61 -19.58
C CYS E 191 14.11 -18.32 -19.96
N THR E 192 13.83 -18.38 -21.26
CA THR E 192 12.68 -19.10 -21.77
C THR E 192 12.58 -20.45 -21.06
N SER E 193 11.38 -20.82 -20.64
CA SER E 193 11.19 -22.07 -19.92
C SER E 193 9.94 -22.81 -20.35
N VAL E 194 9.93 -24.12 -20.16
CA VAL E 194 8.78 -24.95 -20.51
C VAL E 194 7.98 -25.32 -19.26
N THR E 195 6.75 -24.82 -19.18
CA THR E 195 5.89 -25.06 -18.04
C THR E 195 4.74 -26.00 -18.38
N ASN E 196 3.84 -26.21 -17.44
CA ASN E 196 2.70 -27.09 -17.65
C ASN E 196 1.62 -26.47 -18.53
N THR E 197 1.65 -25.14 -18.64
CA THR E 197 0.69 -24.43 -19.46
C THR E 197 1.25 -24.11 -20.84
N GLY E 198 2.53 -24.39 -21.05
CA GLY E 198 3.17 -24.17 -22.35
C GLY E 198 4.60 -23.69 -22.25
N ILE E 199 5.17 -23.30 -23.39
CA ILE E 199 6.53 -22.79 -23.42
C ILE E 199 6.54 -21.27 -23.56
N TYR E 200 7.01 -20.58 -22.53
CA TYR E 200 6.94 -19.12 -22.50
C TYR E 200 8.30 -18.44 -22.71
N SER E 201 8.35 -17.49 -23.64
CA SER E 201 9.58 -16.76 -23.93
C SER E 201 9.91 -15.87 -22.75
N CYS E 202 11.20 -15.69 -22.48
CA CYS E 202 11.61 -14.94 -21.31
C CYS E 202 13.01 -14.33 -21.42
N LEU E 203 13.14 -13.06 -21.02
CA LEU E 203 14.43 -12.39 -20.98
C LEU E 203 14.90 -12.26 -19.53
N ARG E 204 16.21 -12.12 -19.35
CA ARG E 204 16.77 -11.93 -18.02
C ARG E 204 17.97 -11.01 -18.03
N THR E 205 17.85 -9.88 -17.36
CA THR E 205 18.98 -8.98 -17.17
C THR E 205 19.61 -9.25 -15.80
N THR E 206 20.94 -9.17 -15.74
CA THR E 206 21.65 -9.50 -14.51
C THR E 206 22.73 -8.48 -14.14
N ILE E 207 22.65 -7.93 -12.94
CA ILE E 207 23.67 -7.02 -12.44
C ILE E 207 24.52 -7.75 -11.40
N GLN E 208 25.80 -7.41 -11.34
CA GLN E 208 26.69 -8.04 -10.36
C GLN E 208 27.15 -7.02 -9.33
N LEU E 209 26.83 -7.28 -8.06
CA LEU E 209 27.10 -6.34 -6.98
C LEU E 209 28.25 -6.81 -6.11
N LYS E 210 29.25 -5.95 -5.98
CA LYS E 210 30.44 -6.25 -5.19
C LYS E 210 30.40 -5.41 -3.92
N ARG E 211 30.35 -6.07 -2.77
CA ARG E 211 30.19 -5.36 -1.50
C ARG E 211 31.40 -4.49 -1.15
N GLU E 212 31.15 -3.23 -0.80
CA GLU E 212 32.22 -2.32 -0.42
C GLU E 212 32.90 -2.79 0.85
N PHE E 213 34.23 -2.72 0.87
CA PHE E 213 35.02 -3.29 1.96
C PHE E 213 35.40 -2.29 3.04
N SER E 214 35.49 -1.01 2.68
CA SER E 214 35.93 0.04 3.59
C SER E 214 35.20 0.01 4.92
N PHE E 215 33.89 -0.20 4.87
CA PHE E 215 33.09 -0.28 6.09
C PHE E 215 33.53 -1.43 6.98
N TYR E 216 33.61 -2.63 6.43
CA TYR E 216 33.95 -3.81 7.22
C TYR E 216 35.38 -3.79 7.72
N LEU E 217 36.26 -3.10 6.99
CA LEU E 217 37.62 -2.91 7.45
C LEU E 217 37.62 -2.09 8.75
N LEU E 218 36.86 -1.00 8.75
CA LEU E 218 36.83 -0.08 9.89
C LEU E 218 35.93 -0.51 11.04
N GLN E 219 34.85 -1.22 10.73
CA GLN E 219 33.86 -1.54 11.76
C GLN E 219 33.96 -2.98 12.26
N LEU E 220 34.86 -3.75 11.67
CA LEU E 220 34.99 -5.15 12.06
C LEU E 220 36.43 -5.61 12.24
N TYR E 221 37.22 -5.54 11.18
CA TYR E 221 38.58 -6.04 11.22
C TYR E 221 39.52 -5.20 12.08
N ILE E 222 39.67 -3.92 11.72
CA ILE E 222 40.52 -3.02 12.49
C ILE E 222 40.22 -3.11 13.99
N PRO E 223 38.96 -2.89 14.39
CA PRO E 223 38.64 -2.87 15.82
C PRO E 223 38.89 -4.21 16.51
N SER E 224 38.77 -5.32 15.79
CA SER E 224 39.05 -6.62 16.38
C SER E 224 40.54 -6.85 16.58
N CYS E 225 41.35 -6.42 15.62
CA CYS E 225 42.79 -6.48 15.79
C CYS E 225 43.16 -5.64 16.99
N MET E 226 42.61 -4.43 17.04
CA MET E 226 42.86 -3.52 18.14
C MET E 226 42.45 -4.14 19.46
N LEU E 227 41.43 -5.00 19.41
CA LEU E 227 40.93 -5.68 20.61
C LEU E 227 41.83 -6.85 21.00
N VAL E 228 42.29 -7.60 20.00
CA VAL E 228 43.19 -8.72 20.24
C VAL E 228 44.54 -8.22 20.73
N ILE E 229 45.01 -7.12 20.13
CA ILE E 229 46.30 -6.53 20.51
C ILE E 229 46.27 -6.07 21.97
N VAL E 230 45.12 -5.59 22.43
CA VAL E 230 44.98 -5.18 23.82
C VAL E 230 45.15 -6.37 24.77
N SER E 231 44.63 -7.53 24.37
CA SER E 231 44.74 -8.71 25.21
C SER E 231 46.19 -9.13 25.41
N TRP E 232 47.08 -8.62 24.58
CA TRP E 232 48.49 -8.97 24.65
C TRP E 232 49.26 -8.11 25.64
N VAL E 233 48.81 -6.88 25.84
CA VAL E 233 49.52 -5.95 26.72
C VAL E 233 49.44 -6.40 28.17
N SER E 234 48.79 -7.54 28.40
CA SER E 234 48.73 -8.10 29.75
C SER E 234 49.87 -9.09 29.98
N PHE E 235 50.56 -9.45 28.90
CA PHE E 235 51.73 -10.31 29.00
C PHE E 235 52.90 -9.54 29.59
N TRP E 236 52.75 -8.23 29.70
CA TRP E 236 53.82 -7.36 30.16
C TRP E 236 53.58 -6.88 31.58
N PHE E 237 52.44 -7.27 32.15
CA PHE E 237 52.17 -7.01 33.56
C PHE E 237 52.77 -8.13 34.40
N ASP E 238 53.36 -7.77 35.54
CA ASP E 238 53.95 -8.75 36.43
C ASP E 238 52.94 -9.85 36.77
N ARG E 239 53.43 -11.09 36.84
CA ARG E 239 52.56 -12.25 37.06
C ARG E 239 51.86 -12.21 38.42
N THR E 240 52.29 -11.30 39.28
CA THR E 240 51.70 -11.17 40.61
C THR E 240 50.39 -10.39 40.56
N ALA E 241 50.33 -9.39 39.68
CA ALA E 241 49.13 -8.58 39.52
C ALA E 241 48.20 -9.22 38.49
N ILE E 242 47.57 -10.32 38.88
CA ILE E 242 46.65 -11.04 38.00
C ILE E 242 45.31 -10.33 37.79
N PRO E 243 44.86 -9.53 38.77
CA PRO E 243 43.62 -8.78 38.55
C PRO E 243 43.67 -7.97 37.27
N ALA E 244 44.79 -7.30 37.02
CA ALA E 244 44.95 -6.50 35.81
C ALA E 244 44.81 -7.36 34.56
N ARG E 245 45.50 -8.49 34.55
CA ARG E 245 45.46 -9.40 33.41
C ARG E 245 44.03 -9.87 33.10
N VAL E 246 43.34 -10.38 34.11
CA VAL E 246 41.99 -10.87 33.93
C VAL E 246 41.08 -9.77 33.38
N THR E 247 41.14 -8.59 34.00
CA THR E 247 40.33 -7.45 33.55
C THR E 247 40.50 -7.19 32.07
N LEU E 248 41.74 -7.23 31.59
CA LEU E 248 42.01 -7.04 30.17
C LEU E 248 41.42 -8.17 29.35
N GLY E 249 41.91 -9.39 29.58
CA GLY E 249 41.46 -10.56 28.86
C GLY E 249 39.95 -10.71 28.82
N VAL E 250 39.32 -10.48 29.96
CA VAL E 250 37.87 -10.63 30.08
C VAL E 250 37.10 -9.53 29.36
N THR E 251 37.52 -8.29 29.54
CA THR E 251 36.86 -7.17 28.90
C THR E 251 36.94 -7.26 27.37
N THR E 252 38.13 -7.55 26.87
CA THR E 252 38.31 -7.68 25.43
C THR E 252 37.46 -8.81 24.87
N LEU E 253 37.34 -9.89 25.65
CA LEU E 253 36.55 -11.04 25.23
C LEU E 253 35.07 -10.70 25.15
N LEU E 254 34.56 -10.06 26.21
CA LEU E 254 33.18 -9.62 26.24
C LEU E 254 32.89 -8.69 25.07
N THR E 255 33.73 -7.66 24.91
CA THR E 255 33.58 -6.71 23.81
C THR E 255 33.58 -7.43 22.46
N MET E 256 34.45 -8.42 22.32
CA MET E 256 34.51 -9.22 21.11
C MET E 256 33.13 -9.79 20.80
N THR E 257 32.51 -10.38 21.82
CA THR E 257 31.16 -10.92 21.70
C THR E 257 30.19 -9.87 21.19
N ALA E 258 30.10 -8.76 21.92
CA ALA E 258 29.21 -7.66 21.56
C ALA E 258 29.35 -7.29 20.10
N GLN E 259 30.57 -6.94 19.70
CA GLN E 259 30.83 -6.53 18.33
C GLN E 259 30.26 -7.54 17.33
N SER E 260 30.52 -8.82 17.57
CA SER E 260 30.04 -9.88 16.69
C SER E 260 28.51 -9.90 16.64
N ALA E 261 27.88 -9.78 17.80
CA ALA E 261 26.42 -9.74 17.88
C ALA E 261 25.87 -8.63 16.99
N GLY E 262 26.61 -7.53 16.89
CA GLY E 262 26.21 -6.43 16.05
C GLY E 262 26.18 -6.79 14.57
N ILE E 263 27.28 -7.35 14.08
CA ILE E 263 27.36 -7.72 12.67
C ILE E 263 26.36 -8.84 12.36
N ASN E 264 26.36 -9.87 13.20
CA ASN E 264 25.48 -11.01 12.99
C ASN E 264 23.99 -10.68 13.09
N SER E 265 23.68 -9.50 13.61
CA SER E 265 22.29 -9.09 13.76
C SER E 265 21.69 -8.60 12.44
N GLN E 266 22.53 -8.09 11.56
CA GLN E 266 22.06 -7.59 10.27
C GLN E 266 22.07 -8.69 9.22
N LEU E 267 22.23 -9.93 9.66
CA LEU E 267 22.30 -11.07 8.75
C LEU E 267 21.19 -12.09 9.03
N PRO E 268 20.73 -12.78 7.97
CA PRO E 268 19.71 -13.81 8.11
C PRO E 268 20.35 -15.12 8.54
N PRO E 269 19.73 -15.84 9.49
CA PRO E 269 20.27 -17.14 9.87
C PRO E 269 20.40 -18.02 8.63
N VAL E 270 21.60 -18.54 8.38
CA VAL E 270 21.83 -19.41 7.24
C VAL E 270 22.22 -20.81 7.69
N SER E 271 22.56 -21.67 6.73
CA SER E 271 22.88 -23.06 7.03
C SER E 271 24.36 -23.37 6.82
N TYR E 272 25.15 -22.34 6.52
CA TYR E 272 26.57 -22.54 6.24
C TYR E 272 27.46 -21.63 7.08
N ILE E 273 28.75 -21.92 7.11
CA ILE E 273 29.69 -21.09 7.84
C ILE E 273 30.23 -19.98 6.94
N LYS E 274 30.03 -18.74 7.37
CA LYS E 274 30.49 -17.57 6.62
C LYS E 274 31.96 -17.26 6.93
N ALA E 275 32.64 -16.58 6.01
CA ALA E 275 34.03 -16.21 6.22
C ALA E 275 34.14 -15.26 7.42
N ILE E 276 33.09 -14.48 7.64
CA ILE E 276 33.02 -13.62 8.82
C ILE E 276 33.07 -14.45 10.10
N ASP E 277 32.47 -15.62 10.08
CA ASP E 277 32.43 -16.49 11.26
C ASP E 277 33.82 -16.98 11.62
N VAL E 278 34.58 -17.38 10.59
CA VAL E 278 35.94 -17.87 10.79
C VAL E 278 36.83 -16.82 11.42
N TRP E 279 36.61 -15.55 11.06
CA TRP E 279 37.46 -14.49 11.55
C TRP E 279 37.09 -14.06 12.97
N ILE E 280 35.80 -14.00 13.26
CA ILE E 280 35.34 -13.71 14.61
C ILE E 280 35.77 -14.85 15.53
N GLY E 281 35.52 -16.08 15.11
CA GLY E 281 35.85 -17.25 15.91
C GLY E 281 37.31 -17.35 16.27
N ALA E 282 38.17 -16.98 15.33
CA ALA E 282 39.61 -17.05 15.54
C ALA E 282 40.07 -16.02 16.56
N CYS E 283 39.73 -14.75 16.33
CA CYS E 283 40.10 -13.69 17.24
C CYS E 283 39.59 -14.02 18.63
N MET E 284 38.42 -14.65 18.68
CA MET E 284 37.82 -15.09 19.92
C MET E 284 38.77 -16.03 20.65
N THR E 285 39.38 -16.94 19.88
CA THR E 285 40.29 -17.94 20.43
C THR E 285 41.57 -17.30 20.99
N PHE E 286 42.18 -16.41 20.21
CA PHE E 286 43.41 -15.74 20.64
C PHE E 286 43.23 -15.05 22.00
N ILE E 287 42.03 -14.51 22.23
CA ILE E 287 41.74 -13.85 23.49
C ILE E 287 41.45 -14.88 24.59
N PHE E 288 40.79 -15.97 24.21
CA PHE E 288 40.50 -17.05 25.14
C PHE E 288 41.79 -17.69 25.64
N CYS E 289 42.73 -17.91 24.72
CA CYS E 289 44.01 -18.53 25.08
C CYS E 289 44.85 -17.58 25.92
N ALA E 290 44.66 -16.28 25.73
CA ALA E 290 45.33 -15.29 26.56
C ALA E 290 44.92 -15.51 28.01
N LEU E 291 43.62 -15.61 28.25
CA LEU E 291 43.09 -15.93 29.58
C LEU E 291 43.69 -17.22 30.11
N LEU E 292 43.62 -18.27 29.29
CA LEU E 292 44.19 -19.57 29.64
C LEU E 292 45.64 -19.40 30.08
N GLU E 293 46.38 -18.57 29.34
CA GLU E 293 47.78 -18.32 29.66
C GLU E 293 47.91 -17.69 31.05
N PHE E 294 47.07 -16.71 31.34
CA PHE E 294 47.08 -16.06 32.66
C PHE E 294 46.97 -17.09 33.75
N ALA E 295 46.01 -18.00 33.59
CA ALA E 295 45.77 -19.04 34.59
C ALA E 295 46.98 -19.96 34.72
N LEU E 296 47.45 -20.49 33.59
CA LEU E 296 48.62 -21.36 33.58
C LEU E 296 49.80 -20.68 34.29
N VAL E 297 50.12 -19.47 33.86
CA VAL E 297 51.23 -18.74 34.44
C VAL E 297 51.06 -18.53 35.94
N ASN E 298 49.92 -17.98 36.35
CA ASN E 298 49.66 -17.69 37.75
C ASN E 298 49.62 -18.93 38.63
N HIS E 299 49.23 -20.07 38.05
CA HIS E 299 49.10 -21.31 38.80
C HIS E 299 50.46 -21.91 39.14
N ILE E 300 51.31 -22.08 38.14
CA ILE E 300 52.64 -22.65 38.36
C ILE E 300 53.57 -21.64 39.03
N ALA E 301 53.12 -20.39 39.12
CA ALA E 301 53.94 -19.33 39.70
C ALA E 301 53.96 -19.40 41.23
N ASN E 302 52.80 -19.57 41.84
CA ASN E 302 52.69 -19.64 43.29
C ASN E 302 53.19 -20.97 43.87
N ALA E 303 53.52 -21.91 42.99
CA ALA E 303 54.09 -23.17 43.43
C ALA E 303 55.40 -22.92 44.16
N GLY E 304 55.56 -23.55 45.32
CA GLY E 304 56.70 -23.31 46.19
C GLY E 304 58.06 -23.32 45.52
N THR E 305 58.32 -24.34 44.71
CA THR E 305 59.63 -24.51 44.10
C THR E 305 59.96 -23.44 43.07
N THR E 306 61.21 -23.01 43.06
CA THR E 306 61.68 -22.04 42.06
C THR E 306 61.74 -22.72 40.69
N GLU E 307 61.62 -24.05 40.68
CA GLU E 307 61.64 -24.82 39.45
C GLU E 307 60.49 -24.40 38.53
N TRP E 308 59.30 -24.28 39.10
CA TRP E 308 58.13 -23.86 38.34
C TRP E 308 58.11 -22.35 38.17
N ASN E 309 58.62 -21.63 39.15
CA ASN E 309 58.57 -20.18 39.12
C ASN E 309 59.20 -19.56 37.87
N ASP E 310 60.39 -20.02 37.52
CA ASP E 310 61.08 -19.49 36.33
C ASP E 310 60.48 -20.05 35.04
N ILE E 311 59.78 -21.18 35.15
CA ILE E 311 58.99 -21.69 34.03
C ILE E 311 57.85 -20.72 33.77
N SER E 312 57.23 -20.25 34.85
CA SER E 312 56.17 -19.26 34.77
C SER E 312 56.67 -18.04 33.99
N LYS E 313 57.88 -17.59 34.33
CA LYS E 313 58.48 -16.46 33.64
C LYS E 313 58.69 -16.77 32.16
N ARG E 314 59.11 -18.01 31.89
CA ARG E 314 59.41 -18.44 30.53
C ARG E 314 58.17 -18.40 29.64
N VAL E 315 57.04 -18.82 30.19
CA VAL E 315 55.79 -18.84 29.44
C VAL E 315 55.42 -17.45 28.93
N ASP E 316 55.56 -16.44 29.80
CA ASP E 316 55.30 -15.06 29.39
C ASP E 316 56.20 -14.65 28.23
N LEU E 317 57.50 -14.81 28.41
CA LEU E 317 58.47 -14.45 27.38
C LEU E 317 58.06 -15.06 26.05
N ILE E 318 57.74 -16.35 26.05
CA ILE E 318 57.31 -17.03 24.84
C ILE E 318 56.03 -16.44 24.28
N SER E 319 55.05 -16.23 25.14
CA SER E 319 53.76 -15.69 24.73
C SER E 319 53.89 -14.32 24.09
N ARG E 320 54.68 -13.44 24.70
CA ARG E 320 54.86 -12.07 24.21
C ARG E 320 55.22 -12.05 22.73
N ALA E 321 55.83 -13.13 22.26
CA ALA E 321 56.23 -13.22 20.86
C ALA E 321 55.33 -14.19 20.08
N LEU E 322 55.08 -15.36 20.66
CA LEU E 322 54.31 -16.40 20.00
C LEU E 322 52.92 -15.93 19.56
N PHE E 323 52.22 -15.25 20.46
CA PHE E 323 50.88 -14.76 20.15
C PHE E 323 50.84 -13.86 18.91
N PRO E 324 51.62 -12.76 18.93
CA PRO E 324 51.66 -11.90 17.75
C PRO E 324 52.01 -12.69 16.49
N VAL E 325 53.11 -13.45 16.54
CA VAL E 325 53.53 -14.27 15.41
C VAL E 325 52.40 -15.15 14.89
N LEU E 326 51.76 -15.90 15.78
CA LEU E 326 50.66 -16.77 15.40
C LEU E 326 49.50 -15.99 14.78
N PHE E 327 49.16 -14.85 15.39
CA PHE E 327 48.07 -14.03 14.90
C PHE E 327 48.40 -13.48 13.51
N PHE E 328 49.68 -13.17 13.29
CA PHE E 328 50.14 -12.70 11.99
C PHE E 328 50.03 -13.83 10.96
N VAL E 329 50.43 -15.03 11.37
CA VAL E 329 50.29 -16.21 10.51
C VAL E 329 48.83 -16.41 10.15
N PHE E 330 47.96 -16.35 11.15
CA PHE E 330 46.53 -16.49 10.90
C PHE E 330 46.06 -15.51 9.85
N ASN E 331 46.29 -14.22 10.09
CA ASN E 331 45.92 -13.19 9.13
C ASN E 331 46.33 -13.56 7.71
N ILE E 332 47.57 -14.01 7.55
CA ILE E 332 48.07 -14.38 6.24
C ILE E 332 47.25 -15.49 5.61
N LEU E 333 47.01 -16.56 6.38
CA LEU E 333 46.18 -17.66 5.90
C LEU E 333 44.76 -17.19 5.60
N TYR E 334 44.20 -16.41 6.53
CA TYR E 334 42.83 -15.95 6.39
C TYR E 334 42.63 -15.12 5.12
N TRP E 335 43.45 -14.08 4.96
CA TRP E 335 43.27 -13.15 3.85
C TRP E 335 43.55 -13.77 2.49
N SER E 336 44.47 -14.73 2.45
CA SER E 336 44.78 -15.40 1.20
C SER E 336 43.62 -16.31 0.81
N ARG E 337 42.87 -16.76 1.81
CA ARG E 337 41.78 -17.70 1.59
C ARG E 337 40.46 -17.02 1.21
N PHE E 338 40.24 -15.81 1.71
CA PHE E 338 38.96 -15.14 1.52
C PHE E 338 39.04 -13.79 0.80
N GLY E 339 40.25 -13.25 0.67
CA GLY E 339 40.45 -12.00 -0.03
C GLY E 339 40.60 -12.22 -1.53
N HIS E 340 40.71 -13.49 -1.91
CA HIS E 340 40.93 -13.85 -3.31
C HIS E 340 39.89 -13.20 -4.22
N GLU F 1 -25.79 9.18 47.18
CA GLU F 1 -27.12 9.16 46.58
C GLU F 1 -27.27 10.27 45.57
N VAL F 2 -27.99 10.00 44.49
CA VAL F 2 -28.22 11.00 43.46
C VAL F 2 -29.52 11.75 43.76
N GLN F 3 -29.62 12.97 43.25
CA GLN F 3 -30.81 13.78 43.46
C GLN F 3 -31.04 14.75 42.32
N LEU F 4 -32.31 14.92 41.95
CA LEU F 4 -32.70 15.90 40.96
C LEU F 4 -33.68 16.86 41.61
N GLN F 5 -33.21 18.04 41.98
CA GLN F 5 -34.08 19.05 42.58
C GLN F 5 -34.51 20.09 41.55
N GLN F 6 -35.81 20.20 41.34
CA GLN F 6 -36.34 21.12 40.34
C GLN F 6 -36.77 22.43 40.99
N SER F 7 -36.95 23.46 40.16
CA SER F 7 -37.36 24.77 40.64
C SER F 7 -38.76 24.71 41.25
N GLY F 8 -39.11 25.77 42.00
CA GLY F 8 -40.39 25.83 42.67
C GLY F 8 -41.54 26.03 41.70
N PRO F 9 -42.77 26.06 42.24
CA PRO F 9 -43.99 26.24 41.44
C PRO F 9 -44.03 27.65 40.85
N GLU F 10 -44.68 27.79 39.70
CA GLU F 10 -44.72 29.06 39.00
C GLU F 10 -46.12 29.39 38.50
N LEU F 11 -46.48 30.67 38.59
CA LEU F 11 -47.74 31.16 38.07
C LEU F 11 -47.47 32.24 37.03
N VAL F 12 -47.88 31.99 35.79
CA VAL F 12 -47.62 32.92 34.70
C VAL F 12 -48.84 33.12 33.81
N ARG F 13 -48.97 34.31 33.25
CA ARG F 13 -50.07 34.62 32.35
C ARG F 13 -49.82 34.06 30.96
N PRO F 14 -50.90 33.77 30.22
CA PRO F 14 -50.81 33.25 28.86
C PRO F 14 -50.04 34.20 27.95
N GLY F 15 -49.31 33.64 26.98
CA GLY F 15 -48.53 34.44 26.07
C GLY F 15 -47.09 34.58 26.53
N ALA F 16 -46.90 34.55 27.84
CA ALA F 16 -45.56 34.66 28.42
C ALA F 16 -44.80 33.36 28.26
N SER F 17 -43.58 33.34 28.79
CA SER F 17 -42.75 32.14 28.73
C SER F 17 -41.83 32.08 29.94
N MET F 18 -41.82 30.93 30.61
CA MET F 18 -40.97 30.77 31.78
C MET F 18 -40.05 29.56 31.63
N LYS F 19 -39.07 29.46 32.52
CA LYS F 19 -38.04 28.42 32.42
C LYS F 19 -37.82 27.72 33.76
N ILE F 20 -38.08 26.40 33.77
CA ILE F 20 -37.88 25.61 34.99
C ILE F 20 -36.55 24.86 34.97
N SER F 21 -35.99 24.66 36.15
CA SER F 21 -34.66 24.08 36.28
C SER F 21 -34.68 22.71 36.95
N CYS F 22 -33.55 22.02 36.87
CA CYS F 22 -33.41 20.69 37.46
C CYS F 22 -31.95 20.47 37.84
N LYS F 23 -31.61 20.81 39.09
CA LYS F 23 -30.24 20.71 39.55
C LYS F 23 -29.87 19.30 39.97
N ALA F 24 -28.91 18.71 39.27
CA ALA F 24 -28.47 17.34 39.56
C ALA F 24 -27.30 17.32 40.51
N SER F 25 -27.27 16.31 41.38
CA SER F 25 -26.19 16.15 42.34
C SER F 25 -26.05 14.68 42.74
N GLY F 26 -24.84 14.27 43.10
CA GLY F 26 -24.60 12.93 43.54
C GLY F 26 -24.11 12.00 42.45
N TYR F 27 -23.92 12.55 41.26
CA TYR F 27 -23.41 11.77 40.13
C TYR F 27 -22.72 12.66 39.12
N SER F 28 -21.84 12.07 38.31
CA SER F 28 -21.17 12.79 37.25
C SER F 28 -22.21 13.33 36.27
N PHE F 29 -22.60 14.59 36.47
CA PHE F 29 -23.73 15.18 35.76
C PHE F 29 -23.69 15.00 34.26
N THR F 30 -22.49 15.10 33.70
CA THR F 30 -22.32 15.15 32.25
C THR F 30 -22.36 13.75 31.62
N GLY F 31 -22.62 12.74 32.44
CA GLY F 31 -22.58 11.36 31.97
C GLY F 31 -23.93 10.75 31.64
N TYR F 32 -25.01 11.32 32.16
CA TYR F 32 -26.35 10.78 31.95
C TYR F 32 -27.24 11.80 31.27
N THR F 33 -27.94 11.38 30.21
CA THR F 33 -28.84 12.29 29.50
C THR F 33 -30.16 12.47 30.25
N MET F 34 -30.77 13.65 30.08
CA MET F 34 -31.97 14.00 30.84
C MET F 34 -33.24 13.98 29.98
N ASN F 35 -34.31 13.43 30.53
CA ASN F 35 -35.62 13.47 29.89
C ASN F 35 -36.51 14.49 30.58
N TRP F 36 -37.48 15.02 29.84
CA TRP F 36 -38.50 15.90 30.43
C TRP F 36 -39.89 15.33 30.18
N VAL F 37 -40.64 15.13 31.25
CA VAL F 37 -41.98 14.54 31.16
C VAL F 37 -43.04 15.53 31.66
N LYS F 38 -44.15 15.60 30.94
CA LYS F 38 -45.24 16.50 31.30
C LYS F 38 -46.47 15.72 31.77
N GLN F 39 -46.84 15.90 33.03
CA GLN F 39 -48.04 15.27 33.58
C GLN F 39 -49.16 16.30 33.74
N SER F 40 -50.12 16.25 32.84
CA SER F 40 -51.25 17.18 32.88
C SER F 40 -52.50 16.51 33.45
N HIS F 41 -53.41 17.32 33.97
CA HIS F 41 -54.63 16.79 34.57
C HIS F 41 -55.55 16.24 33.50
N GLY F 42 -55.47 16.81 32.31
CA GLY F 42 -56.35 16.44 31.22
C GLY F 42 -55.95 15.18 30.46
N LYS F 43 -54.65 14.90 30.43
CA LYS F 43 -54.14 13.75 29.69
C LYS F 43 -53.22 12.87 30.54
N ASN F 44 -52.52 11.95 29.89
CA ASN F 44 -51.58 11.08 30.59
C ASN F 44 -50.23 11.74 30.75
N LEU F 45 -49.20 10.93 30.92
CA LEU F 45 -47.83 11.41 30.90
C LEU F 45 -47.40 11.59 29.45
N GLU F 46 -46.74 12.71 29.16
CA GLU F 46 -46.21 12.95 27.84
C GLU F 46 -44.71 13.14 27.87
N TRP F 47 -44.02 12.57 26.90
CA TRP F 47 -42.58 12.74 26.80
C TRP F 47 -42.26 13.97 25.94
N ILE F 48 -41.62 14.97 26.53
CA ILE F 48 -41.33 16.21 25.84
C ILE F 48 -40.10 16.08 24.95
N GLY F 49 -38.98 15.72 25.56
CA GLY F 49 -37.73 15.57 24.83
C GLY F 49 -36.60 15.16 25.76
N LEU F 50 -35.39 15.09 25.22
CA LEU F 50 -34.24 14.72 26.03
C LEU F 50 -33.00 15.48 25.58
N ILE F 51 -32.04 15.63 26.49
CA ILE F 51 -30.81 16.34 26.19
C ILE F 51 -29.60 15.62 26.79
N ASN F 52 -28.52 15.57 26.02
CA ASN F 52 -27.27 14.99 26.49
C ASN F 52 -26.36 16.09 27.02
N PRO F 53 -26.17 16.14 28.34
CA PRO F 53 -25.38 17.19 28.98
C PRO F 53 -24.01 17.34 28.34
N TYR F 54 -23.32 16.22 28.16
CA TYR F 54 -21.96 16.22 27.65
C TYR F 54 -21.91 16.75 26.22
N ASN F 55 -22.98 16.50 25.50
CA ASN F 55 -23.00 16.70 24.07
C ASN F 55 -23.67 18.01 23.66
N GLY F 56 -24.66 18.42 24.45
CA GLY F 56 -25.48 19.56 24.10
C GLY F 56 -26.60 19.10 23.20
N GLY F 57 -26.47 17.89 22.67
CA GLY F 57 -27.43 17.34 21.72
C GLY F 57 -28.83 17.20 22.30
N THR F 58 -29.83 17.43 21.46
CA THR F 58 -31.22 17.34 21.89
C THR F 58 -32.08 16.60 20.87
N SER F 59 -33.15 15.99 21.36
CA SER F 59 -34.15 15.35 20.51
C SER F 59 -35.54 15.55 21.11
N TYR F 60 -36.42 16.21 20.37
CA TYR F 60 -37.74 16.55 20.88
C TYR F 60 -38.84 15.64 20.34
N ASN F 61 -39.90 15.49 21.13
CA ASN F 61 -41.13 14.89 20.65
C ASN F 61 -41.74 15.84 19.63
N GLN F 62 -42.13 15.33 18.47
CA GLN F 62 -42.69 16.15 17.41
C GLN F 62 -43.75 17.11 17.97
N LYS F 63 -44.48 16.64 18.98
CA LYS F 63 -45.56 17.42 19.58
C LYS F 63 -45.06 18.73 20.19
N PHE F 64 -43.90 18.68 20.85
CA PHE F 64 -43.36 19.83 21.57
C PHE F 64 -42.27 20.57 20.79
N LYS F 65 -42.14 20.24 19.51
CA LYS F 65 -41.21 20.94 18.65
C LYS F 65 -41.57 22.41 18.54
N GLY F 66 -40.86 23.26 19.27
CA GLY F 66 -41.13 24.68 19.26
C GLY F 66 -41.78 25.18 20.55
N LYS F 67 -42.34 24.25 21.31
CA LYS F 67 -42.96 24.57 22.60
C LYS F 67 -41.93 24.52 23.72
N ALA F 68 -41.05 23.52 23.67
CA ALA F 68 -40.01 23.37 24.69
C ALA F 68 -38.62 23.51 24.09
N THR F 69 -37.69 24.01 24.89
CA THR F 69 -36.30 24.16 24.47
C THR F 69 -35.35 23.71 25.57
N LEU F 70 -34.80 22.50 25.42
CA LEU F 70 -33.91 21.93 26.43
C LEU F 70 -32.50 22.48 26.31
N THR F 71 -31.97 22.93 27.44
CA THR F 71 -30.59 23.38 27.51
C THR F 71 -29.94 22.79 28.74
N VAL F 72 -28.66 23.10 28.95
CA VAL F 72 -27.93 22.53 30.07
C VAL F 72 -26.73 23.42 30.45
N ASP F 73 -26.50 23.55 31.74
CA ASP F 73 -25.35 24.32 32.24
C ASP F 73 -24.40 23.40 32.99
N LYS F 74 -23.33 23.01 32.31
CA LYS F 74 -22.38 22.04 32.86
C LYS F 74 -21.77 22.48 34.19
N SER F 75 -21.43 23.77 34.29
CA SER F 75 -20.76 24.29 35.48
C SER F 75 -21.58 24.08 36.75
N SER F 76 -22.88 24.31 36.66
CA SER F 76 -23.75 24.22 37.83
C SER F 76 -24.53 22.91 37.88
N SER F 77 -24.18 21.98 36.99
CA SER F 77 -24.85 20.68 36.93
C SER F 77 -26.38 20.83 36.89
N THR F 78 -26.86 21.77 36.08
CA THR F 78 -28.28 22.04 36.02
C THR F 78 -28.84 21.89 34.60
N ALA F 79 -29.99 21.22 34.50
CA ALA F 79 -30.70 21.11 33.23
C ALA F 79 -31.90 22.04 33.24
N TYR F 80 -32.04 22.85 32.19
CA TYR F 80 -33.15 23.80 32.11
C TYR F 80 -34.13 23.40 31.01
N MET F 81 -35.35 23.94 31.09
CA MET F 81 -36.35 23.76 30.05
C MET F 81 -37.19 25.01 29.84
N GLU F 82 -37.07 25.61 28.66
CA GLU F 82 -37.90 26.76 28.30
C GLU F 82 -39.25 26.30 27.79
N LEU F 83 -40.29 27.07 28.09
CA LEU F 83 -41.62 26.82 27.53
C LEU F 83 -42.17 28.12 26.94
N LEU F 84 -42.35 28.15 25.62
CA LEU F 84 -42.76 29.36 24.94
C LEU F 84 -44.26 29.43 24.69
N SER F 85 -44.76 30.64 24.42
CA SER F 85 -46.16 30.86 24.09
C SER F 85 -47.10 30.09 25.01
N LEU F 86 -46.84 30.17 26.31
CA LEU F 86 -47.63 29.44 27.30
C LEU F 86 -49.12 29.69 27.18
N THR F 87 -49.90 28.63 27.33
CA THR F 87 -51.36 28.72 27.25
C THR F 87 -52.01 27.89 28.34
N SER F 88 -53.33 27.78 28.29
CA SER F 88 -54.08 27.00 29.27
C SER F 88 -53.62 25.54 29.25
N GLU F 89 -53.32 25.02 28.07
CA GLU F 89 -52.95 23.63 27.90
C GLU F 89 -51.60 23.29 28.52
N ASP F 90 -50.80 24.32 28.80
CA ASP F 90 -49.47 24.10 29.34
C ASP F 90 -49.48 24.00 30.87
N SER F 91 -50.65 24.21 31.47
CA SER F 91 -50.80 24.06 32.91
C SER F 91 -50.66 22.60 33.31
N ALA F 92 -49.51 22.25 33.88
CA ALA F 92 -49.24 20.87 34.24
C ALA F 92 -48.08 20.76 35.23
N VAL F 93 -47.70 19.53 35.56
CA VAL F 93 -46.53 19.28 36.38
C VAL F 93 -45.44 18.69 35.51
N TYR F 94 -44.29 19.37 35.47
CA TYR F 94 -43.19 18.95 34.60
C TYR F 94 -42.07 18.27 35.38
N TYR F 95 -41.85 17.00 35.09
CA TYR F 95 -40.80 16.23 35.75
C TYR F 95 -39.56 16.16 34.88
N CYS F 96 -38.41 15.94 35.50
CA CYS F 96 -37.19 15.64 34.77
C CYS F 96 -36.67 14.29 35.22
N ALA F 97 -36.51 13.37 34.27
CA ALA F 97 -36.09 12.01 34.59
C ALA F 97 -34.78 11.62 33.89
N ARG F 98 -33.83 11.12 34.67
CA ARG F 98 -32.52 10.76 34.15
C ARG F 98 -32.56 9.45 33.38
N ASP F 99 -31.71 9.33 32.36
CA ASP F 99 -31.54 8.06 31.67
C ASP F 99 -30.59 7.18 32.47
N GLY F 100 -30.66 5.88 32.24
CA GLY F 100 -29.96 4.92 33.08
C GLY F 100 -28.49 4.67 32.80
N ASP F 101 -28.07 4.77 31.55
CA ASP F 101 -26.73 4.35 31.16
C ASP F 101 -25.66 5.44 31.32
N TYR F 102 -24.43 4.98 31.57
CA TYR F 102 -23.29 5.86 31.83
C TYR F 102 -22.55 6.24 30.54
N TYR F 103 -22.69 7.49 30.15
CA TYR F 103 -22.11 7.99 28.90
C TYR F 103 -22.59 7.21 27.68
N ARG F 104 -23.86 6.84 27.71
CA ARG F 104 -24.52 6.26 26.55
C ARG F 104 -26.02 6.17 26.79
N TYR F 105 -26.79 6.13 25.71
CA TYR F 105 -28.25 6.13 25.79
C TYR F 105 -28.75 4.70 25.98
N GLY F 106 -29.42 4.45 27.11
CA GLY F 106 -29.90 3.12 27.42
C GLY F 106 -31.40 2.97 27.28
N ARG F 107 -32.09 4.09 27.15
CA ARG F 107 -33.54 4.10 27.00
C ARG F 107 -34.25 3.44 28.18
N TYR F 108 -33.89 3.84 29.39
CA TYR F 108 -34.62 3.44 30.58
C TYR F 108 -34.43 4.45 31.71
N PHE F 109 -35.48 4.64 32.49
CA PHE F 109 -35.50 5.73 33.46
C PHE F 109 -34.92 5.39 34.82
N ASP F 110 -34.08 6.28 35.33
CA ASP F 110 -33.50 6.14 36.67
C ASP F 110 -34.33 6.91 37.67
N TYR F 111 -33.83 8.09 38.03
CA TYR F 111 -34.43 8.94 39.04
C TYR F 111 -35.21 10.08 38.41
N TRP F 112 -36.27 10.49 39.07
CA TRP F 112 -37.06 11.62 38.63
C TRP F 112 -36.92 12.76 39.63
N GLY F 113 -37.35 13.96 39.24
CA GLY F 113 -37.40 15.08 40.15
C GLY F 113 -38.70 15.05 40.93
N GLN F 114 -38.83 15.95 41.91
CA GLN F 114 -40.07 16.04 42.67
C GLN F 114 -41.18 16.63 41.81
N GLY F 115 -40.78 17.23 40.69
CA GLY F 115 -41.73 17.83 39.77
C GLY F 115 -41.89 19.32 39.97
N THR F 116 -42.21 20.03 38.91
CA THR F 116 -42.48 21.46 38.99
C THR F 116 -43.89 21.76 38.49
N THR F 117 -44.70 22.38 39.34
CA THR F 117 -46.07 22.68 38.98
C THR F 117 -46.20 24.05 38.31
N LEU F 118 -46.54 24.04 37.03
CA LEU F 118 -46.72 25.27 36.27
C LEU F 118 -48.20 25.58 36.07
N THR F 119 -48.62 26.74 36.56
CA THR F 119 -50.01 27.17 36.40
C THR F 119 -50.10 28.37 35.47
N VAL F 120 -50.73 28.18 34.32
CA VAL F 120 -50.91 29.24 33.35
C VAL F 120 -52.37 29.68 33.36
N SER F 121 -52.64 30.77 34.08
CA SER F 121 -53.99 31.31 34.25
C SER F 121 -53.93 32.83 34.22
N SER F 122 -55.06 33.46 33.90
CA SER F 122 -55.13 34.91 33.85
C SER F 122 -55.88 35.47 35.04
N ALA F 123 -56.06 34.63 36.07
CA ALA F 123 -56.77 35.05 37.28
C ALA F 123 -55.86 35.87 38.18
N LYS F 124 -56.44 36.86 38.86
CA LYS F 124 -55.69 37.72 39.76
C LYS F 124 -55.76 37.23 41.20
N THR F 125 -54.82 37.65 42.02
CA THR F 125 -54.77 37.25 43.43
C THR F 125 -56.04 37.65 44.15
N THR F 126 -56.82 36.65 44.54
CA THR F 126 -58.10 36.89 45.20
C THR F 126 -58.12 36.29 46.60
N PRO F 127 -58.41 37.13 47.61
CA PRO F 127 -58.52 36.69 49.01
C PRO F 127 -59.76 35.82 49.24
N PRO F 128 -59.61 34.75 50.03
CA PRO F 128 -60.65 33.77 50.31
C PRO F 128 -61.80 34.33 51.15
N SER F 129 -63.02 34.05 50.71
CA SER F 129 -64.22 34.44 51.46
C SER F 129 -64.71 33.24 52.25
N VAL F 130 -64.65 33.34 53.58
CA VAL F 130 -64.98 32.22 54.46
C VAL F 130 -66.44 32.24 54.92
N TYR F 131 -67.12 31.12 54.75
CA TYR F 131 -68.51 30.99 55.18
C TYR F 131 -68.65 29.85 56.18
N PRO F 132 -69.42 30.07 57.25
CA PRO F 132 -69.65 29.05 58.29
C PRO F 132 -70.56 27.91 57.81
N LEU F 133 -70.17 26.68 58.13
CA LEU F 133 -70.97 25.51 57.78
C LEU F 133 -71.46 24.78 59.02
N CYS F 149 -66.76 24.66 57.58
CA CYS F 149 -65.98 25.84 57.26
C CYS F 149 -65.62 25.85 55.78
N LEU F 150 -66.21 26.77 55.03
CA LEU F 150 -66.04 26.82 53.59
C LEU F 150 -65.15 27.99 53.15
N VAL F 151 -64.02 27.66 52.52
CA VAL F 151 -63.11 28.66 52.00
C VAL F 151 -63.35 28.83 50.51
N LYS F 152 -64.18 29.82 50.16
CA LYS F 152 -64.65 29.97 48.77
C LYS F 152 -64.01 31.16 48.05
N GLY F 153 -63.71 30.96 46.77
CA GLY F 153 -63.23 32.03 45.92
C GLY F 153 -61.89 32.61 46.33
N TYR F 154 -60.84 31.81 46.26
CA TYR F 154 -59.49 32.29 46.57
C TYR F 154 -58.49 31.93 45.48
N PHE F 155 -57.36 32.62 45.48
CA PHE F 155 -56.34 32.45 44.44
C PHE F 155 -55.13 33.30 44.77
N PRO F 156 -53.93 32.73 44.59
CA PRO F 156 -53.69 31.34 44.19
C PRO F 156 -53.43 30.45 45.40
N GLU F 157 -53.40 29.14 45.19
CA GLU F 157 -53.13 28.20 46.27
C GLU F 157 -51.79 28.48 46.95
N PRO F 158 -51.59 27.96 48.17
CA PRO F 158 -52.54 27.17 48.95
C PRO F 158 -53.20 27.99 50.06
N VAL F 159 -54.02 27.33 50.87
CA VAL F 159 -54.61 27.95 52.05
C VAL F 159 -54.52 26.99 53.23
N THR F 160 -54.14 27.54 54.39
CA THR F 160 -54.00 26.74 55.60
C THR F 160 -55.17 26.96 56.55
N VAL F 161 -55.79 25.85 56.98
CA VAL F 161 -56.96 25.92 57.85
C VAL F 161 -56.70 25.24 59.18
N THR F 162 -57.08 25.90 60.28
CA THR F 162 -56.92 25.35 61.61
C THR F 162 -58.19 25.49 62.43
N TRP F 163 -58.21 24.90 63.61
CA TRP F 163 -59.36 25.00 64.52
C TRP F 163 -58.93 25.37 65.94
N ASN F 164 -59.54 26.43 66.47
CA ASN F 164 -59.19 26.97 67.78
C ASN F 164 -57.73 27.41 67.87
N SER F 165 -57.23 27.96 66.77
CA SER F 165 -55.85 28.45 66.71
C SER F 165 -54.82 27.34 66.84
N GLY F 166 -55.28 26.09 66.78
CA GLY F 166 -54.39 24.95 66.86
C GLY F 166 -54.81 23.92 67.89
N SER F 167 -55.77 24.27 68.74
CA SER F 167 -56.25 23.36 69.78
C SER F 167 -56.79 22.07 69.18
N LEU F 168 -57.96 22.14 68.56
CA LEU F 168 -58.57 20.98 67.92
C LEU F 168 -57.67 20.43 66.82
N SER F 169 -56.93 19.37 67.13
CA SER F 169 -56.06 18.74 66.17
C SER F 169 -56.62 17.38 65.78
N SER F 170 -57.36 16.77 66.69
CA SER F 170 -57.98 15.47 66.44
C SER F 170 -59.39 15.61 65.87
N GLY F 171 -59.65 14.91 64.77
CA GLY F 171 -60.95 14.92 64.15
C GLY F 171 -61.08 16.00 63.08
N VAL F 172 -59.93 16.54 62.66
CA VAL F 172 -59.89 17.60 61.67
C VAL F 172 -59.69 17.04 60.27
N HIS F 173 -60.48 17.55 59.32
CA HIS F 173 -60.38 17.12 57.92
C HIS F 173 -60.42 18.30 56.96
N THR F 174 -59.33 18.49 56.23
CA THR F 174 -59.24 19.55 55.23
C THR F 174 -59.19 18.95 53.83
N PHE F 175 -60.26 19.17 53.07
CA PHE F 175 -60.40 18.55 51.75
C PHE F 175 -59.63 19.29 50.66
N PRO F 176 -59.29 18.59 49.57
CA PRO F 176 -58.62 19.19 48.40
C PRO F 176 -59.50 20.24 47.74
N ALA F 177 -58.89 21.19 47.04
CA ALA F 177 -59.64 22.29 46.44
C ALA F 177 -59.96 22.06 44.98
N VAL F 178 -61.18 22.42 44.59
CA VAL F 178 -61.60 22.33 43.19
C VAL F 178 -61.31 23.64 42.48
N LEU F 179 -61.98 23.85 41.35
CA LEU F 179 -61.80 25.08 40.58
C LEU F 179 -63.14 25.60 40.08
N GLN F 180 -63.83 26.36 40.94
CA GLN F 180 -65.12 26.92 40.58
C GLN F 180 -64.97 28.29 39.93
N SER F 181 -65.05 28.32 38.60
CA SER F 181 -64.96 29.56 37.85
C SER F 181 -63.66 30.32 38.09
N ASP F 182 -62.54 29.75 37.66
CA ASP F 182 -61.24 30.42 37.70
C ASP F 182 -60.71 30.68 39.10
N LEU F 183 -61.40 30.16 40.11
CA LEU F 183 -60.96 30.29 41.49
C LEU F 183 -61.08 28.96 42.22
N TYR F 184 -60.38 28.84 43.36
CA TYR F 184 -60.36 27.61 44.12
C TYR F 184 -61.35 27.65 45.29
N THR F 185 -61.75 26.48 45.77
CA THR F 185 -62.68 26.37 46.88
C THR F 185 -62.52 25.03 47.58
N LEU F 186 -62.42 25.08 48.91
CA LEU F 186 -62.29 23.86 49.70
C LEU F 186 -63.06 23.97 51.02
N SER F 187 -63.12 22.86 51.76
CA SER F 187 -63.86 22.82 53.01
C SER F 187 -63.14 22.00 54.06
N THR F 203 -64.45 27.95 66.13
CA THR F 203 -64.00 28.88 65.09
C THR F 203 -62.87 28.24 64.29
N CYS F 204 -62.66 28.74 63.07
CA CYS F 204 -61.57 28.24 62.24
C CYS F 204 -60.74 29.37 61.67
N ASN F 205 -59.43 29.22 61.71
CA ASN F 205 -58.53 30.22 61.17
C ASN F 205 -58.13 29.92 59.74
N VAL F 206 -58.64 30.71 58.80
CA VAL F 206 -58.30 30.56 57.40
C VAL F 206 -57.27 31.62 57.01
N ALA F 207 -56.11 31.16 56.52
CA ALA F 207 -55.03 32.07 56.16
C ALA F 207 -54.56 31.86 54.72
N HIS F 208 -54.46 32.96 53.97
CA HIS F 208 -54.01 32.91 52.60
C HIS F 208 -52.71 33.69 52.44
N PRO F 209 -51.61 32.98 52.17
CA PRO F 209 -50.26 33.55 52.01
C PRO F 209 -50.20 34.72 51.03
N ALA F 210 -50.70 34.52 49.81
CA ALA F 210 -50.60 35.54 48.77
C ALA F 210 -51.39 36.82 49.10
N SER F 211 -52.65 36.63 49.51
CA SER F 211 -53.52 37.77 49.84
C SER F 211 -53.13 38.41 51.16
N SER F 212 -52.40 37.68 51.99
CA SER F 212 -52.02 38.15 53.32
C SER F 212 -53.27 38.34 54.17
N THR F 213 -54.29 37.54 53.91
CA THR F 213 -55.57 37.66 54.59
C THR F 213 -55.78 36.52 55.59
N LYS F 214 -56.26 36.86 56.78
CA LYS F 214 -56.61 35.88 57.79
C LYS F 214 -57.99 36.22 58.36
N VAL F 215 -58.90 35.24 58.31
CA VAL F 215 -60.27 35.47 58.76
C VAL F 215 -60.72 34.47 59.83
N ASP F 216 -61.73 34.85 60.60
CA ASP F 216 -62.30 34.00 61.64
C ASP F 216 -63.82 33.94 61.56
N LYS F 217 -64.35 32.72 61.54
CA LYS F 217 -65.79 32.52 61.51
C LYS F 217 -66.19 31.40 62.47
N LYS F 218 -66.76 31.78 63.61
CA LYS F 218 -67.15 30.80 64.63
C LYS F 218 -68.43 30.04 64.27
N GLU G 1 8.66 49.90 19.40
CA GLU G 1 7.54 50.49 18.67
C GLU G 1 7.71 50.30 17.16
N VAL G 2 6.60 50.09 16.47
CA VAL G 2 6.64 49.93 15.02
C VAL G 2 6.42 51.28 14.35
N GLN G 3 6.93 51.41 13.13
CA GLN G 3 6.77 52.66 12.38
C GLN G 3 6.75 52.41 10.89
N LEU G 4 5.88 53.14 10.20
CA LEU G 4 5.83 53.11 8.75
C LEU G 4 6.10 54.52 8.22
N GLN G 5 7.32 54.76 7.75
CA GLN G 5 7.68 56.07 7.21
C GLN G 5 7.61 56.05 5.70
N GLN G 6 6.76 56.91 5.14
CA GLN G 6 6.58 56.96 3.70
C GLN G 6 7.42 58.07 3.07
N SER G 7 7.60 57.99 1.75
CA SER G 7 8.39 58.98 1.03
C SER G 7 7.74 60.37 1.11
N GLY G 8 8.52 61.39 0.76
CA GLY G 8 8.04 62.76 0.82
C GLY G 8 7.01 63.05 -0.26
N PRO G 9 6.48 64.29 -0.25
CA PRO G 9 5.49 64.74 -1.23
C PRO G 9 6.09 64.83 -2.62
N GLU G 10 5.27 64.63 -3.64
CA GLU G 10 5.75 64.63 -5.02
C GLU G 10 4.86 65.43 -5.94
N LEU G 11 5.49 66.15 -6.87
CA LEU G 11 4.76 66.88 -7.89
C LEU G 11 5.17 66.37 -9.27
N VAL G 12 4.21 65.82 -10.01
CA VAL G 12 4.49 65.24 -11.31
C VAL G 12 3.45 65.65 -12.36
N ARG G 13 3.89 65.75 -13.61
CA ARG G 13 2.99 66.09 -14.70
C ARG G 13 2.19 64.89 -15.15
N PRO G 14 0.98 65.13 -15.70
CA PRO G 14 0.11 64.07 -16.21
C PRO G 14 0.82 63.23 -17.27
N GLY G 15 0.49 61.95 -17.33
CA GLY G 15 1.10 61.05 -18.30
C GLY G 15 2.30 60.32 -17.71
N ALA G 16 2.98 60.99 -16.78
CA ALA G 16 4.15 60.40 -16.14
C ALA G 16 3.74 59.36 -15.11
N SER G 17 4.73 58.77 -14.43
CA SER G 17 4.47 57.78 -13.41
C SER G 17 5.53 57.84 -12.32
N MET G 18 5.10 57.90 -11.07
CA MET G 18 6.06 57.95 -9.97
C MET G 18 5.80 56.83 -8.97
N LYS G 19 6.75 56.63 -8.06
CA LYS G 19 6.69 55.52 -7.12
C LYS G 19 6.95 55.97 -5.68
N ILE G 20 5.97 55.77 -4.81
CA ILE G 20 6.12 56.14 -3.40
C ILE G 20 6.47 54.94 -2.53
N SER G 21 7.23 55.19 -1.47
CA SER G 21 7.76 54.12 -0.63
C SER G 21 7.16 54.14 0.77
N CYS G 22 7.39 53.05 1.51
CA CYS G 22 6.90 52.91 2.87
C CYS G 22 7.86 52.02 3.66
N LYS G 23 8.83 52.64 4.32
CA LYS G 23 9.85 51.89 5.05
C LYS G 23 9.35 51.47 6.42
N ALA G 24 9.28 50.16 6.64
CA ALA G 24 8.80 49.62 7.91
C ALA G 24 9.95 49.35 8.87
N SER G 25 9.71 49.56 10.16
CA SER G 25 10.71 49.31 11.18
C SER G 25 10.05 49.02 12.52
N GLY G 26 10.72 48.23 13.36
CA GLY G 26 10.20 47.93 14.68
C GLY G 26 9.43 46.62 14.73
N TYR G 27 9.39 45.91 13.61
CA TYR G 27 8.72 44.61 13.56
C TYR G 27 9.28 43.74 12.44
N SER G 28 9.11 42.44 12.57
CA SER G 28 9.54 41.51 11.53
C SER G 28 8.78 41.83 10.24
N PHE G 29 9.43 42.61 9.37
CA PHE G 29 8.78 43.18 8.20
C PHE G 29 8.03 42.16 7.35
N THR G 30 8.62 40.98 7.22
CA THR G 30 8.12 39.98 6.29
C THR G 30 6.93 39.20 6.85
N GLY G 31 6.48 39.58 8.05
CA GLY G 31 5.41 38.86 8.71
C GLY G 31 4.02 39.44 8.57
N TYR G 32 3.94 40.72 8.24
CA TYR G 32 2.65 41.41 8.14
C TYR G 32 2.43 41.95 6.74
N THR G 33 1.26 41.68 6.16
CA THR G 33 0.96 42.16 4.82
C THR G 33 0.56 43.64 4.83
N MET G 34 0.85 44.34 3.73
CA MET G 34 0.64 45.78 3.66
C MET G 34 -0.55 46.17 2.77
N ASN G 35 -1.34 47.11 3.25
CA ASN G 35 -2.43 47.69 2.45
C ASN G 35 -2.04 49.08 1.95
N TRP G 36 -2.63 49.49 0.84
CA TRP G 36 -2.46 50.86 0.35
C TRP G 36 -3.81 51.54 0.21
N VAL G 37 -3.95 52.69 0.87
CA VAL G 37 -5.20 53.43 0.87
C VAL G 37 -5.04 54.80 0.23
N LYS G 38 -6.01 55.19 -0.58
CA LYS G 38 -5.97 56.48 -1.27
C LYS G 38 -7.04 57.43 -0.74
N GLN G 39 -6.61 58.53 -0.14
CA GLN G 39 -7.52 59.55 0.36
C GLN G 39 -7.51 60.76 -0.55
N SER G 40 -8.55 60.90 -1.38
CA SER G 40 -8.65 62.04 -2.30
C SER G 40 -9.61 63.09 -1.76
N HIS G 41 -9.44 64.32 -2.23
CA HIS G 41 -10.29 65.42 -1.78
C HIS G 41 -11.70 65.26 -2.34
N GLY G 42 -11.80 64.64 -3.51
CA GLY G 42 -13.08 64.50 -4.19
C GLY G 42 -13.95 63.36 -3.69
N LYS G 43 -13.32 62.31 -3.16
CA LYS G 43 -14.06 61.14 -2.70
C LYS G 43 -13.66 60.73 -1.28
N ASN G 44 -14.09 59.55 -0.88
CA ASN G 44 -13.76 59.03 0.44
C ASN G 44 -12.40 58.36 0.42
N LEU G 45 -12.21 57.46 1.38
CA LEU G 45 -11.04 56.60 1.40
C LEU G 45 -11.27 55.45 0.44
N GLU G 46 -10.26 55.13 -0.37
CA GLU G 46 -10.37 53.99 -1.28
C GLU G 46 -9.27 52.98 -1.00
N TRP G 47 -9.62 51.70 -1.06
CA TRP G 47 -8.65 50.63 -0.86
C TRP G 47 -8.04 50.24 -2.22
N ILE G 48 -6.74 50.45 -2.36
CA ILE G 48 -6.07 50.18 -3.62
C ILE G 48 -5.75 48.70 -3.80
N GLY G 49 -5.00 48.14 -2.85
CA GLY G 49 -4.63 46.75 -2.90
C GLY G 49 -3.78 46.37 -1.70
N LEU G 50 -3.27 45.15 -1.69
CA LEU G 50 -2.43 44.69 -0.59
C LEU G 50 -1.36 43.74 -1.10
N ILE G 51 -0.26 43.64 -0.35
CA ILE G 51 0.82 42.76 -0.74
C ILE G 51 1.41 42.05 0.47
N ASN G 52 1.72 40.77 0.28
CA ASN G 52 2.36 39.97 1.33
C ASN G 52 3.87 39.97 1.13
N PRO G 53 4.59 40.66 2.01
CA PRO G 53 6.05 40.79 1.90
C PRO G 53 6.74 39.45 1.73
N TYR G 54 6.38 38.50 2.60
CA TYR G 54 7.01 37.19 2.60
C TYR G 54 6.75 36.44 1.31
N ASN G 55 5.59 36.69 0.73
CA ASN G 55 5.09 35.89 -0.35
C ASN G 55 5.32 36.52 -1.72
N GLY G 56 5.31 37.85 -1.75
CA GLY G 56 5.36 38.58 -3.00
C GLY G 56 3.95 38.71 -3.57
N GLY G 57 3.03 37.92 -3.02
CA GLY G 57 1.66 37.88 -3.49
C GLY G 57 0.94 39.20 -3.39
N THR G 58 0.09 39.48 -4.37
CA THR G 58 -0.67 40.74 -4.37
C THR G 58 -2.13 40.51 -4.74
N SER G 59 -2.98 41.41 -4.27
CA SER G 59 -4.40 41.41 -4.63
C SER G 59 -4.89 42.85 -4.74
N TYR G 60 -5.34 43.23 -5.93
CA TYR G 60 -5.74 44.61 -6.17
C TYR G 60 -7.25 44.80 -6.16
N ASN G 61 -7.68 46.02 -5.83
CA ASN G 61 -9.05 46.44 -6.04
C ASN G 61 -9.28 46.54 -7.54
N GLN G 62 -10.36 45.96 -8.03
CA GLN G 62 -10.65 45.98 -9.45
C GLN G 62 -10.48 47.37 -10.04
N LYS G 63 -10.79 48.39 -9.25
CA LYS G 63 -10.71 49.77 -9.69
C LYS G 63 -9.29 50.18 -10.08
N PHE G 64 -8.31 49.73 -9.32
CA PHE G 64 -6.92 50.14 -9.53
C PHE G 64 -6.10 49.09 -10.28
N LYS G 65 -6.78 48.09 -10.84
CA LYS G 65 -6.11 47.09 -11.66
C LYS G 65 -5.46 47.74 -12.87
N GLY G 66 -4.15 47.92 -12.80
CA GLY G 66 -3.41 48.54 -13.89
C GLY G 66 -2.95 49.95 -13.56
N LYS G 67 -3.56 50.54 -12.55
CA LYS G 67 -3.18 51.88 -12.10
C LYS G 67 -2.07 51.81 -11.06
N ALA G 68 -2.18 50.84 -10.16
CA ALA G 68 -1.17 50.66 -9.11
C ALA G 68 -0.46 49.32 -9.24
N THR G 69 0.80 49.28 -8.83
CA THR G 69 1.59 48.06 -8.85
C THR G 69 2.39 47.91 -7.56
N LEU G 70 1.90 47.05 -6.66
CA LEU G 70 2.54 46.85 -5.37
C LEU G 70 3.74 45.92 -5.46
N THR G 71 4.86 46.37 -4.91
CA THR G 71 6.06 45.55 -4.82
C THR G 71 6.62 45.64 -3.42
N VAL G 72 7.73 44.95 -3.17
CA VAL G 72 8.33 44.94 -1.85
C VAL G 72 9.80 44.56 -1.91
N ASP G 73 10.61 45.23 -1.10
CA ASP G 73 12.04 44.93 -1.02
C ASP G 73 12.39 44.42 0.37
N LYS G 74 12.52 43.10 0.48
CA LYS G 74 12.75 42.46 1.78
C LYS G 74 13.99 42.98 2.49
N SER G 75 15.07 43.18 1.75
CA SER G 75 16.35 43.57 2.33
C SER G 75 16.25 44.89 3.10
N SER G 76 15.53 45.85 2.53
CA SER G 76 15.43 47.18 3.13
C SER G 76 14.13 47.38 3.90
N SER G 77 13.37 46.30 4.07
CA SER G 77 12.09 46.37 4.77
C SER G 77 11.20 47.49 4.23
N THR G 78 11.14 47.62 2.92
CA THR G 78 10.38 48.71 2.31
C THR G 78 9.31 48.21 1.35
N ALA G 79 8.11 48.78 1.45
CA ALA G 79 7.04 48.48 0.51
C ALA G 79 6.86 49.64 -0.45
N TYR G 80 6.82 49.34 -1.75
CA TYR G 80 6.70 50.37 -2.77
C TYR G 80 5.35 50.29 -3.47
N MET G 81 4.95 51.39 -4.10
CA MET G 81 3.74 51.42 -4.92
C MET G 81 3.92 52.27 -6.17
N GLU G 82 3.86 51.64 -7.34
CA GLU G 82 3.92 52.37 -8.60
C GLU G 82 2.54 52.90 -8.95
N LEU G 83 2.50 54.07 -9.59
CA LEU G 83 1.26 54.62 -10.13
C LEU G 83 1.49 55.05 -11.56
N LEU G 84 0.80 54.38 -12.49
CA LEU G 84 1.02 54.61 -13.92
C LEU G 84 -0.01 55.58 -14.53
N SER G 85 0.34 56.14 -15.69
CA SER G 85 -0.55 57.03 -16.42
C SER G 85 -1.23 58.05 -15.52
N LEU G 86 -0.44 58.69 -14.66
CA LEU G 86 -0.98 59.64 -13.70
C LEU G 86 -1.82 60.73 -14.35
N THR G 87 -2.93 61.08 -13.71
CA THR G 87 -3.82 62.12 -14.20
C THR G 87 -4.29 63.01 -13.06
N SER G 88 -5.22 63.91 -13.37
CA SER G 88 -5.77 64.82 -12.36
C SER G 88 -6.41 64.04 -11.22
N GLU G 89 -7.06 62.93 -11.55
CA GLU G 89 -7.80 62.14 -10.56
C GLU G 89 -6.88 61.44 -9.57
N ASP G 90 -5.60 61.34 -9.91
CA ASP G 90 -4.65 60.64 -9.05
C ASP G 90 -4.06 61.56 -7.99
N SER G 91 -4.41 62.84 -8.04
CA SER G 91 -3.95 63.79 -7.04
C SER G 91 -4.63 63.49 -5.70
N ALA G 92 -3.87 62.89 -4.79
CA ALA G 92 -4.42 62.51 -3.49
C ALA G 92 -3.32 62.24 -2.48
N VAL G 93 -3.73 61.81 -1.29
CA VAL G 93 -2.79 61.39 -0.25
C VAL G 93 -2.85 59.87 -0.12
N TYR G 94 -1.71 59.23 -0.34
CA TYR G 94 -1.66 57.77 -0.32
C TYR G 94 -1.05 57.23 0.97
N TYR G 95 -1.84 56.50 1.74
CA TYR G 95 -1.37 55.90 2.99
C TYR G 95 -1.02 54.44 2.79
N CYS G 96 -0.16 53.94 3.65
CA CYS G 96 0.11 52.50 3.70
C CYS G 96 -0.22 51.99 5.10
N ALA G 97 -1.12 51.01 5.17
CA ALA G 97 -1.59 50.49 6.45
C ALA G 97 -1.31 49.00 6.61
N ARG G 98 -0.69 48.63 7.72
CA ARG G 98 -0.31 47.25 7.98
C ARG G 98 -1.51 46.41 8.40
N ASP G 99 -1.49 45.13 8.04
CA ASP G 99 -2.49 44.19 8.52
C ASP G 99 -2.10 43.73 9.92
N GLY G 100 -3.08 43.24 10.68
CA GLY G 100 -2.88 42.97 12.09
C GLY G 100 -2.24 41.65 12.48
N ASP G 101 -2.46 40.60 11.68
CA ASP G 101 -2.03 39.27 12.08
C ASP G 101 -0.59 38.90 11.69
N TYR G 102 0.01 38.03 12.49
CA TYR G 102 1.40 37.62 12.34
C TYR G 102 1.55 36.41 11.43
N TYR G 103 2.08 36.65 10.23
CA TYR G 103 2.22 35.61 9.22
C TYR G 103 0.90 34.97 8.85
N ARG G 104 -0.14 35.79 8.79
CA ARG G 104 -1.44 35.39 8.29
C ARG G 104 -2.34 36.61 8.10
N TYR G 105 -3.33 36.49 7.21
CA TYR G 105 -4.22 37.60 6.91
C TYR G 105 -5.38 37.65 7.91
N GLY G 106 -5.46 38.76 8.64
CA GLY G 106 -6.48 38.90 9.67
C GLY G 106 -7.59 39.85 9.29
N ARG G 107 -7.37 40.61 8.23
CA ARG G 107 -8.35 41.58 7.75
C ARG G 107 -8.68 42.63 8.81
N TYR G 108 -7.67 43.23 9.41
CA TYR G 108 -7.88 44.38 10.30
C TYR G 108 -6.62 45.24 10.36
N PHE G 109 -6.81 46.55 10.47
CA PHE G 109 -5.71 47.49 10.31
C PHE G 109 -4.96 47.79 11.61
N ASP G 110 -3.64 47.76 11.52
CA ASP G 110 -2.77 48.13 12.64
C ASP G 110 -2.37 49.58 12.55
N TYR G 111 -1.14 49.78 12.08
CA TYR G 111 -0.55 51.10 11.99
C TYR G 111 -0.59 51.62 10.56
N TRP G 112 -0.71 52.94 10.42
CA TRP G 112 -0.68 53.58 9.12
C TRP G 112 0.57 54.43 9.00
N GLY G 113 0.89 54.87 7.78
CA GLY G 113 1.98 55.79 7.57
C GLY G 113 1.48 57.21 7.77
N GLN G 114 2.39 58.18 7.72
CA GLN G 114 2.00 59.58 7.85
C GLN G 114 1.28 60.03 6.57
N GLY G 115 1.42 59.23 5.53
CA GLY G 115 0.80 59.53 4.24
C GLY G 115 1.76 60.23 3.28
N THR G 116 1.52 60.03 1.98
CA THR G 116 2.31 60.70 0.96
C THR G 116 1.39 61.50 0.05
N THR G 117 1.65 62.81 -0.04
CA THR G 117 0.81 63.68 -0.86
C THR G 117 1.31 63.76 -2.29
N LEU G 118 0.53 63.22 -3.22
CA LEU G 118 0.88 63.25 -4.63
C LEU G 118 0.05 64.30 -5.36
N THR G 119 0.72 65.26 -5.98
CA THR G 119 0.05 66.30 -6.75
C THR G 119 0.35 66.16 -8.24
N VAL G 120 -0.68 65.85 -9.02
CA VAL G 120 -0.53 65.71 -10.46
C VAL G 120 -1.18 66.87 -11.19
N SER G 121 -0.35 67.75 -11.74
CA SER G 121 -0.81 68.95 -12.42
C SER G 121 0.19 69.38 -13.49
N SER G 122 -0.33 69.65 -14.69
CA SER G 122 0.51 70.11 -15.78
C SER G 122 0.71 71.62 -15.71
N ALA G 123 0.21 72.23 -14.63
CA ALA G 123 0.27 73.68 -14.47
C ALA G 123 1.71 74.19 -14.45
N LYS G 124 1.87 75.43 -14.88
CA LYS G 124 3.17 76.11 -14.85
C LYS G 124 3.25 76.98 -13.61
N THR G 125 4.47 77.20 -13.11
CA THR G 125 4.65 78.04 -11.93
C THR G 125 3.94 79.38 -12.12
N THR G 126 2.85 79.59 -11.37
CA THR G 126 2.02 80.77 -11.54
C THR G 126 1.88 81.58 -10.25
N PRO G 127 2.13 82.89 -10.34
CA PRO G 127 1.94 83.83 -9.22
C PRO G 127 0.46 84.09 -8.95
N PRO G 128 0.10 84.40 -7.70
CA PRO G 128 -1.29 84.60 -7.30
C PRO G 128 -1.84 85.95 -7.74
N SER G 129 -3.07 85.95 -8.26
CA SER G 129 -3.76 87.19 -8.58
C SER G 129 -4.69 87.56 -7.43
N VAL G 130 -4.33 88.59 -6.67
CA VAL G 130 -5.07 88.95 -5.46
C VAL G 130 -6.21 89.93 -5.74
N TYR G 131 -7.41 89.56 -5.29
CA TYR G 131 -8.57 90.41 -5.43
C TYR G 131 -9.11 90.77 -4.03
N PRO G 132 -9.52 92.03 -3.85
CA PRO G 132 -10.06 92.49 -2.56
C PRO G 132 -11.48 92.02 -2.31
N LEU G 133 -11.78 91.63 -1.07
CA LEU G 133 -13.12 91.22 -0.69
C LEU G 133 -13.72 92.19 0.32
N ALA G 134 -14.63 93.04 -0.15
CA ALA G 134 -15.26 94.02 0.71
C ALA G 134 -16.78 93.83 0.74
N PRO G 135 -17.42 94.19 1.86
CA PRO G 135 -18.87 94.07 2.03
C PRO G 135 -19.65 95.06 1.14
N GLY G 148 -11.78 90.51 4.02
CA GLY G 148 -11.21 89.33 3.41
C GLY G 148 -10.46 89.57 2.10
N CYS G 149 -9.53 88.66 1.79
CA CYS G 149 -8.81 88.70 0.53
C CYS G 149 -9.20 87.50 -0.33
N LEU G 150 -8.64 87.41 -1.54
CA LEU G 150 -8.91 86.28 -2.41
C LEU G 150 -7.71 85.93 -3.27
N VAL G 151 -6.78 85.15 -2.72
CA VAL G 151 -5.64 84.66 -3.48
C VAL G 151 -6.13 83.66 -4.52
N LYS G 152 -6.02 84.03 -5.79
CA LYS G 152 -6.65 83.25 -6.86
C LYS G 152 -5.71 82.87 -8.00
N GLY G 153 -5.80 81.60 -8.42
CA GLY G 153 -5.05 81.12 -9.56
C GLY G 153 -3.55 81.03 -9.35
N TYR G 154 -3.15 80.50 -8.19
CA TYR G 154 -1.72 80.40 -7.88
C TYR G 154 -1.25 78.94 -7.81
N PHE G 155 0.02 78.73 -8.12
CA PHE G 155 0.59 77.39 -8.14
C PHE G 155 2.11 77.44 -8.30
N PRO G 156 2.82 76.52 -7.64
CA PRO G 156 2.17 75.56 -6.76
C PRO G 156 2.06 76.21 -5.37
N GLU G 157 1.45 75.52 -4.40
CA GLU G 157 1.46 75.97 -2.99
C GLU G 157 2.88 75.97 -2.45
N PRO G 158 3.09 76.63 -1.29
CA PRO G 158 2.07 77.31 -0.50
C PRO G 158 2.05 78.82 -0.71
N VAL G 159 1.22 79.50 0.07
CA VAL G 159 1.20 80.96 0.16
C VAL G 159 1.04 81.35 1.61
N THR G 160 1.35 82.59 1.90
CA THR G 160 1.18 83.12 3.24
C THR G 160 0.54 84.49 3.18
N VAL G 161 -0.33 84.78 4.14
CA VAL G 161 -1.10 86.01 4.13
C VAL G 161 -1.07 86.70 5.48
N THR G 162 -0.70 87.97 5.50
CA THR G 162 -0.72 88.78 6.71
C THR G 162 -1.65 89.96 6.52
N TRP G 163 -1.86 90.72 7.59
CA TRP G 163 -2.68 91.93 7.52
C TRP G 163 -1.93 93.14 8.05
N ASN G 164 -2.04 94.26 7.34
CA ASN G 164 -1.35 95.48 7.72
C ASN G 164 0.13 95.23 7.95
N SER G 165 0.72 94.40 7.09
CA SER G 165 2.15 94.09 7.16
C SER G 165 2.50 93.36 8.45
N GLY G 166 1.50 92.75 9.08
CA GLY G 166 1.72 91.99 10.30
C GLY G 166 1.08 92.60 11.54
N SER G 167 0.70 93.87 11.44
CA SER G 167 0.12 94.59 12.57
C SER G 167 -1.18 93.94 13.06
N LEU G 168 -2.22 94.04 12.24
CA LEU G 168 -3.52 93.46 12.56
C LEU G 168 -3.47 91.94 12.49
N SER G 169 -3.22 91.31 13.64
CA SER G 169 -3.03 89.86 13.69
C SER G 169 -4.09 89.16 14.55
N SER G 170 -5.07 89.91 15.01
CA SER G 170 -6.13 89.35 15.85
C SER G 170 -7.43 89.17 15.08
N GLY G 171 -7.97 87.96 15.12
CA GLY G 171 -9.22 87.66 14.44
C GLY G 171 -9.02 87.31 12.97
N VAL G 172 -7.78 87.01 12.61
CA VAL G 172 -7.46 86.67 11.24
C VAL G 172 -7.61 85.18 10.99
N HIS G 173 -8.29 84.82 9.91
CA HIS G 173 -8.50 83.42 9.57
C HIS G 173 -8.05 83.16 8.14
N THR G 174 -7.07 82.28 7.97
CA THR G 174 -6.61 81.93 6.64
C THR G 174 -7.26 80.63 6.17
N PHE G 175 -8.03 80.73 5.09
CA PHE G 175 -8.75 79.59 4.54
C PHE G 175 -7.85 78.67 3.75
N PRO G 176 -8.20 77.38 3.73
CA PRO G 176 -7.56 76.30 3.00
C PRO G 176 -7.70 76.48 1.49
N ALA G 177 -6.66 76.13 0.76
CA ALA G 177 -6.66 76.29 -0.69
C ALA G 177 -7.61 75.30 -1.36
N VAL G 178 -8.18 75.72 -2.49
CA VAL G 178 -9.03 74.85 -3.29
C VAL G 178 -8.59 74.82 -4.75
N LEU G 179 -8.56 73.61 -5.31
CA LEU G 179 -8.23 73.43 -6.72
C LEU G 179 -9.45 73.72 -7.56
N GLN G 180 -9.54 74.93 -8.12
CA GLN G 180 -10.75 75.35 -8.83
C GLN G 180 -10.61 75.32 -10.36
N SER G 181 -9.40 75.51 -10.86
CA SER G 181 -9.16 75.51 -12.31
C SER G 181 -7.77 74.94 -12.58
N ASP G 182 -7.40 73.92 -11.82
CA ASP G 182 -6.06 73.35 -11.88
C ASP G 182 -5.06 74.26 -11.15
N LEU G 183 -5.54 75.41 -10.69
CA LEU G 183 -4.74 76.32 -9.87
C LEU G 183 -5.40 76.49 -8.50
N TYR G 184 -4.57 76.52 -7.46
CA TYR G 184 -5.07 76.66 -6.10
C TYR G 184 -5.64 78.06 -5.85
N THR G 185 -6.50 78.17 -4.84
CA THR G 185 -7.17 79.43 -4.54
C THR G 185 -7.71 79.45 -3.12
N LEU G 186 -7.22 80.38 -2.32
CA LEU G 186 -7.70 80.51 -0.95
C LEU G 186 -8.04 81.95 -0.63
N SER G 187 -8.77 82.16 0.46
CA SER G 187 -9.04 83.51 0.94
C SER G 187 -8.57 83.66 2.39
N SER G 188 -8.85 84.82 2.98
CA SER G 188 -8.50 85.08 4.38
C SER G 188 -9.24 86.30 4.90
N SER G 189 -9.95 86.13 6.02
CA SER G 189 -10.79 87.19 6.55
C SER G 189 -10.19 87.88 7.78
N VAL G 190 -10.92 88.86 8.30
CA VAL G 190 -10.48 89.61 9.47
C VAL G 190 -11.65 90.40 10.07
N THR G 191 -11.60 90.61 11.38
CA THR G 191 -12.69 91.28 12.09
C THR G 191 -12.36 92.72 12.48
N THR G 201 -7.64 102.33 7.71
CA THR G 201 -7.23 101.60 6.52
C THR G 201 -6.84 100.16 6.87
N VAL G 202 -6.99 99.25 5.90
CA VAL G 202 -6.70 97.84 6.09
C VAL G 202 -6.24 97.17 4.80
N THR G 203 -5.02 96.66 4.80
CA THR G 203 -4.44 95.99 3.64
C THR G 203 -4.06 94.55 3.96
N CYS G 204 -4.15 93.67 2.96
CA CYS G 204 -3.69 92.29 3.14
C CYS G 204 -2.43 92.06 2.32
N ASN G 205 -1.53 91.25 2.87
CA ASN G 205 -0.22 91.01 2.26
C ASN G 205 -0.05 89.54 1.87
N VAL G 206 0.14 89.30 0.59
CA VAL G 206 0.33 87.95 0.08
C VAL G 206 1.77 87.71 -0.37
N ALA G 207 2.30 86.54 -0.04
CA ALA G 207 3.68 86.22 -0.37
C ALA G 207 3.83 84.82 -0.94
N HIS G 208 3.97 84.73 -2.27
CA HIS G 208 4.14 83.46 -2.94
C HIS G 208 5.63 83.17 -3.17
N PRO G 209 6.20 82.24 -2.39
CA PRO G 209 7.63 81.94 -2.42
C PRO G 209 8.05 81.16 -3.67
N ALA G 210 7.08 80.66 -4.42
CA ALA G 210 7.37 79.81 -5.57
C ALA G 210 7.72 80.63 -6.81
N SER G 211 7.34 81.90 -6.81
CA SER G 211 7.65 82.81 -7.90
C SER G 211 8.07 84.18 -7.38
N SER G 212 8.35 84.26 -6.09
CA SER G 212 8.82 85.49 -5.46
C SER G 212 7.81 86.63 -5.63
N THR G 213 6.54 86.30 -5.48
CA THR G 213 5.47 87.28 -5.63
C THR G 213 4.99 87.74 -4.27
N LYS G 214 5.29 88.99 -3.92
CA LYS G 214 4.78 89.57 -2.68
C LYS G 214 3.90 90.78 -2.99
N VAL G 215 2.66 90.52 -3.40
CA VAL G 215 1.73 91.56 -3.79
C VAL G 215 0.75 91.92 -2.65
N ASP G 216 0.43 93.20 -2.53
CA ASP G 216 -0.52 93.67 -1.53
C ASP G 216 -1.70 94.36 -2.19
N LYS G 217 -2.88 94.24 -1.59
CA LYS G 217 -4.08 94.88 -2.12
C LYS G 217 -4.88 95.55 -1.01
N LYS G 218 -5.11 96.85 -1.15
CA LYS G 218 -5.86 97.61 -0.16
C LYS G 218 -7.33 97.20 -0.18
N ILE G 219 -7.98 97.26 0.98
CA ILE G 219 -9.40 96.89 1.07
C ILE G 219 -10.29 98.11 1.20
N VAL G 220 -10.79 98.60 0.06
CA VAL G 220 -11.67 99.76 0.02
C VAL G 220 -13.14 99.32 -0.08
N PRO G 221 -14.06 100.21 0.35
CA PRO G 221 -15.50 99.93 0.26
C PRO G 221 -15.96 99.68 -1.18
N GLU H 1 -11.69 -45.26 24.49
CA GLU H 1 -12.70 -45.62 23.52
C GLU H 1 -13.82 -44.59 23.50
N VAL H 2 -14.36 -44.32 22.31
CA VAL H 2 -15.48 -43.39 22.18
C VAL H 2 -16.80 -44.13 22.28
N GLN H 3 -17.84 -43.42 22.68
CA GLN H 3 -19.17 -44.01 22.81
C GLN H 3 -20.27 -42.99 22.59
N LEU H 4 -21.32 -43.43 21.90
CA LEU H 4 -22.50 -42.60 21.71
C LEU H 4 -23.69 -43.35 22.30
N GLN H 5 -24.12 -42.94 23.49
CA GLN H 5 -25.27 -43.58 24.13
C GLN H 5 -26.52 -42.74 23.93
N GLN H 6 -27.53 -43.33 23.31
CA GLN H 6 -28.76 -42.61 23.01
C GLN H 6 -29.82 -42.90 24.06
N SER H 7 -30.86 -42.07 24.09
CA SER H 7 -31.94 -42.22 25.05
C SER H 7 -32.70 -43.52 24.81
N GLY H 8 -33.50 -43.92 25.79
CA GLY H 8 -34.26 -45.15 25.70
C GLY H 8 -35.40 -45.07 24.71
N PRO H 9 -36.12 -46.19 24.53
CA PRO H 9 -37.25 -46.27 23.60
C PRO H 9 -38.41 -45.40 24.09
N GLU H 10 -39.20 -44.90 23.16
CA GLU H 10 -40.29 -44.00 23.49
C GLU H 10 -41.59 -44.36 22.76
N LEU H 11 -42.70 -44.22 23.47
CA LEU H 11 -44.02 -44.44 22.90
C LEU H 11 -44.83 -43.16 23.03
N VAL H 12 -45.22 -42.58 21.89
CA VAL H 12 -45.94 -41.33 21.89
C VAL H 12 -47.12 -41.35 20.91
N ARG H 13 -48.16 -40.60 21.24
CA ARG H 13 -49.34 -40.51 20.38
C ARG H 13 -49.10 -39.53 19.24
N PRO H 14 -49.79 -39.74 18.10
CA PRO H 14 -49.67 -38.87 16.93
C PRO H 14 -50.03 -37.42 17.29
N GLY H 15 -49.39 -36.48 16.62
CA GLY H 15 -49.63 -35.07 16.88
C GLY H 15 -48.66 -34.50 17.90
N ALA H 16 -48.20 -35.36 18.81
CA ALA H 16 -47.24 -34.93 19.83
C ALA H 16 -45.85 -34.80 19.25
N SER H 17 -44.89 -34.45 20.09
CA SER H 17 -43.51 -34.31 19.67
C SER H 17 -42.56 -34.66 20.81
N MET H 18 -41.60 -35.53 20.53
CA MET H 18 -40.64 -35.92 21.56
C MET H 18 -39.21 -35.68 21.09
N LYS H 19 -38.27 -35.76 22.03
CA LYS H 19 -36.87 -35.43 21.76
C LYS H 19 -35.91 -36.50 22.26
N ILE H 20 -35.17 -37.11 21.34
CA ILE H 20 -34.20 -38.14 21.71
C ILE H 20 -32.79 -37.59 21.81
N SER H 21 -31.99 -38.17 22.70
CA SER H 21 -30.65 -37.66 22.99
C SER H 21 -29.55 -38.62 22.56
N CYS H 22 -28.32 -38.11 22.55
CA CYS H 22 -27.15 -38.90 22.16
C CYS H 22 -25.94 -38.37 22.90
N LYS H 23 -25.66 -38.96 24.06
CA LYS H 23 -24.55 -38.51 24.91
C LYS H 23 -23.22 -39.08 24.44
N ALA H 24 -22.31 -38.18 24.04
CA ALA H 24 -21.00 -38.59 23.55
C ALA H 24 -19.97 -38.59 24.67
N SER H 25 -19.04 -39.54 24.61
CA SER H 25 -17.98 -39.65 25.59
C SER H 25 -16.77 -40.35 24.99
N GLY H 26 -15.58 -40.01 25.50
CA GLY H 26 -14.36 -40.64 25.03
C GLY H 26 -13.65 -39.86 23.95
N TYR H 27 -14.18 -38.69 23.62
CA TYR H 27 -13.55 -37.83 22.62
C TYR H 27 -13.94 -36.37 22.83
N SER H 28 -13.12 -35.46 22.32
CA SER H 28 -13.42 -34.05 22.39
C SER H 28 -14.73 -33.77 21.64
N PHE H 29 -15.83 -33.74 22.39
CA PHE H 29 -17.17 -33.70 21.81
C PHE H 29 -17.36 -32.63 20.75
N THR H 30 -16.76 -31.47 20.98
CA THR H 30 -17.01 -30.31 20.15
C THR H 30 -16.20 -30.34 18.85
N GLY H 31 -15.48 -31.42 18.62
CA GLY H 31 -14.59 -31.51 17.48
C GLY H 31 -15.15 -32.28 16.29
N TYR H 32 -16.14 -33.12 16.52
CA TYR H 32 -16.71 -33.94 15.47
C TYR H 32 -18.20 -33.65 15.27
N THR H 33 -18.61 -33.44 14.02
CA THR H 33 -20.02 -33.14 13.74
C THR H 33 -20.87 -34.42 13.76
N MET H 34 -22.14 -34.28 14.13
CA MET H 34 -23.03 -35.43 14.31
C MET H 34 -24.07 -35.56 13.20
N ASN H 35 -24.27 -36.79 12.73
CA ASN H 35 -25.33 -37.09 11.77
C ASN H 35 -26.49 -37.77 12.47
N TRP H 36 -27.69 -37.65 11.91
CA TRP H 36 -28.83 -38.40 12.40
C TRP H 36 -29.44 -39.24 11.28
N VAL H 37 -29.54 -40.54 11.52
CA VAL H 37 -30.05 -41.47 10.51
C VAL H 37 -31.34 -42.13 10.98
N LYS H 38 -32.31 -42.25 10.07
CA LYS H 38 -33.58 -42.87 10.40
C LYS H 38 -33.77 -44.21 9.68
N GLN H 39 -33.85 -45.29 10.44
CA GLN H 39 -34.09 -46.61 9.89
C GLN H 39 -35.52 -47.07 10.14
N SER H 40 -36.35 -47.00 9.11
CA SER H 40 -37.74 -47.39 9.23
C SER H 40 -37.97 -48.78 8.64
N HIS H 41 -39.04 -49.44 9.08
CA HIS H 41 -39.35 -50.78 8.61
C HIS H 41 -39.83 -50.74 7.16
N GLY H 42 -40.45 -49.63 6.79
CA GLY H 42 -41.04 -49.48 5.47
C GLY H 42 -40.06 -49.11 4.38
N LYS H 43 -39.00 -48.40 4.74
CA LYS H 43 -38.01 -47.94 3.76
C LYS H 43 -36.59 -48.31 4.16
N ASN H 44 -35.61 -47.72 3.47
CA ASN H 44 -34.21 -47.96 3.77
C ASN H 44 -33.73 -47.04 4.89
N LEU H 45 -32.43 -46.81 4.93
CA LEU H 45 -31.85 -45.81 5.81
C LEU H 45 -32.02 -44.44 5.19
N GLU H 46 -32.43 -43.47 5.99
CA GLU H 46 -32.56 -42.11 5.50
C GLU H 46 -31.66 -41.17 6.32
N TRP H 47 -31.02 -40.24 5.63
CA TRP H 47 -30.20 -39.24 6.30
C TRP H 47 -31.05 -38.02 6.65
N ILE H 48 -31.18 -37.75 7.95
CA ILE H 48 -32.02 -36.64 8.40
C ILE H 48 -31.30 -35.31 8.30
N GLY H 49 -30.16 -35.19 8.95
CA GLY H 49 -29.39 -33.96 8.93
C GLY H 49 -28.13 -34.11 9.74
N LEU H 50 -27.39 -33.01 9.89
CA LEU H 50 -26.17 -33.03 10.68
C LEU H 50 -25.97 -31.72 11.41
N ILE H 51 -25.22 -31.77 12.50
CA ILE H 51 -24.95 -30.57 13.29
C ILE H 51 -23.50 -30.52 13.76
N ASN H 52 -22.92 -29.33 13.70
CA ASN H 52 -21.57 -29.10 14.19
C ASN H 52 -21.60 -28.58 15.61
N PRO H 53 -21.21 -29.43 16.58
CA PRO H 53 -21.26 -29.07 18.00
C PRO H 53 -20.59 -27.72 18.28
N TYR H 54 -19.38 -27.55 17.76
CA TYR H 54 -18.60 -26.36 18.02
C TYR H 54 -19.26 -25.13 17.46
N ASN H 55 -19.96 -25.32 16.36
CA ASN H 55 -20.45 -24.22 15.55
C ASN H 55 -21.91 -23.90 15.82
N GLY H 56 -22.69 -24.92 16.16
CA GLY H 56 -24.12 -24.80 16.30
C GLY H 56 -24.77 -24.96 14.94
N GLY H 57 -23.95 -24.89 13.90
CA GLY H 57 -24.43 -24.96 12.53
C GLY H 57 -25.13 -26.26 12.19
N THR H 58 -26.16 -26.17 11.36
CA THR H 58 -26.94 -27.35 10.98
C THR H 58 -27.23 -27.37 9.48
N SER H 59 -27.40 -28.56 8.95
CA SER H 59 -27.82 -28.75 7.56
C SER H 59 -28.76 -29.96 7.47
N TYR H 60 -29.99 -29.71 7.02
CA TYR H 60 -30.99 -30.77 6.99
C TYR H 60 -31.22 -31.33 5.59
N ASN H 61 -31.65 -32.59 5.55
CA ASN H 61 -32.16 -33.18 4.33
C ASN H 61 -33.47 -32.49 4.01
N GLN H 62 -33.64 -32.05 2.76
CA GLN H 62 -34.84 -31.34 2.36
C GLN H 62 -36.10 -32.06 2.86
N LYS H 63 -36.04 -33.39 2.90
CA LYS H 63 -37.16 -34.21 3.30
C LYS H 63 -37.61 -33.92 4.74
N PHE H 64 -36.64 -33.72 5.63
CA PHE H 64 -36.93 -33.55 7.05
C PHE H 64 -36.90 -32.09 7.49
N LYS H 65 -36.87 -31.18 6.52
CA LYS H 65 -36.93 -29.76 6.81
C LYS H 65 -38.24 -29.42 7.51
N GLY H 66 -38.18 -29.23 8.82
CA GLY H 66 -39.37 -28.91 9.59
C GLY H 66 -39.85 -30.07 10.45
N LYS H 67 -39.40 -31.28 10.11
CA LYS H 67 -39.75 -32.47 10.87
C LYS H 67 -38.76 -32.69 12.01
N ALA H 68 -37.47 -32.46 11.73
CA ALA H 68 -36.44 -32.64 12.74
C ALA H 68 -35.73 -31.32 13.05
N THR H 69 -35.27 -31.18 14.29
CA THR H 69 -34.55 -29.99 14.72
C THR H 69 -33.33 -30.38 15.56
N LEU H 70 -32.16 -30.34 14.93
CA LEU H 70 -30.92 -30.72 15.61
C LEU H 70 -30.39 -29.62 16.50
N THR H 71 -30.09 -29.98 17.74
CA THR H 71 -29.46 -29.06 18.68
C THR H 71 -28.32 -29.77 19.38
N VAL H 72 -27.63 -29.05 20.27
CA VAL H 72 -26.48 -29.62 20.95
C VAL H 72 -26.21 -28.88 22.26
N ASP H 73 -25.85 -29.64 23.29
CA ASP H 73 -25.51 -29.06 24.60
C ASP H 73 -24.05 -29.33 24.92
N LYS H 74 -23.21 -28.32 24.70
CA LYS H 74 -21.76 -28.49 24.86
C LYS H 74 -21.35 -28.94 26.25
N SER H 75 -22.00 -28.39 27.27
CA SER H 75 -21.65 -28.69 28.66
C SER H 75 -21.75 -30.17 29.00
N SER H 76 -22.81 -30.81 28.51
CA SER H 76 -23.06 -32.22 28.83
C SER H 76 -22.64 -33.16 27.70
N SER H 77 -21.96 -32.62 26.69
CA SER H 77 -21.53 -33.40 25.55
C SER H 77 -22.66 -34.22 24.95
N THR H 78 -23.83 -33.61 24.81
CA THR H 78 -25.00 -34.32 24.32
C THR H 78 -25.59 -33.69 23.06
N ALA H 79 -25.92 -34.51 22.08
CA ALA H 79 -26.61 -34.05 20.89
C ALA H 79 -28.07 -34.47 20.96
N TYR H 80 -28.97 -33.53 20.71
CA TYR H 80 -30.40 -33.81 20.77
C TYR H 80 -31.05 -33.72 19.40
N MET H 81 -32.22 -34.34 19.26
CA MET H 81 -33.01 -34.23 18.03
C MET H 81 -34.50 -34.17 18.32
N GLU H 82 -35.12 -33.04 17.99
CA GLU H 82 -36.56 -32.89 18.14
C GLU H 82 -37.27 -33.48 16.92
N LEU H 83 -38.43 -34.07 17.15
CA LEU H 83 -39.28 -34.53 16.06
C LEU H 83 -40.70 -33.99 16.25
N LEU H 84 -41.15 -33.14 15.33
CA LEU H 84 -42.44 -32.47 15.48
C LEU H 84 -43.55 -33.17 14.71
N SER H 85 -44.80 -32.87 15.07
CA SER H 85 -45.97 -33.39 14.39
C SER H 85 -45.84 -34.89 14.08
N LEU H 86 -45.43 -35.66 15.09
CA LEU H 86 -45.21 -37.08 14.92
C LEU H 86 -46.43 -37.80 14.35
N THR H 87 -46.17 -38.73 13.44
CA THR H 87 -47.23 -39.52 12.82
C THR H 87 -46.83 -40.98 12.71
N SER H 88 -47.66 -41.78 12.04
CA SER H 88 -47.38 -43.19 11.84
C SER H 88 -46.06 -43.39 11.13
N GLU H 89 -45.77 -42.52 10.17
CA GLU H 89 -44.57 -42.65 9.35
C GLU H 89 -43.29 -42.40 10.12
N ASP H 90 -43.41 -41.78 11.29
CA ASP H 90 -42.23 -41.45 12.08
C ASP H 90 -41.82 -42.60 12.99
N SER H 91 -42.61 -43.67 13.00
CA SER H 91 -42.27 -44.85 13.78
C SER H 91 -41.06 -45.54 13.17
N ALA H 92 -39.91 -45.39 13.82
CA ALA H 92 -38.67 -45.95 13.31
C ALA H 92 -37.59 -46.02 14.39
N VAL H 93 -36.40 -46.44 13.98
CA VAL H 93 -35.24 -46.43 14.86
C VAL H 93 -34.29 -45.33 14.41
N TYR H 94 -34.01 -44.38 15.30
CA TYR H 94 -33.18 -43.25 14.95
C TYR H 94 -31.77 -43.37 15.51
N TYR H 95 -30.78 -43.44 14.63
CA TYR H 95 -29.39 -43.55 15.03
C TYR H 95 -28.70 -42.20 14.96
N CYS H 96 -27.64 -42.04 15.74
CA CYS H 96 -26.79 -40.87 15.61
C CYS H 96 -25.38 -41.33 15.27
N ALA H 97 -24.84 -40.85 14.15
CA ALA H 97 -23.53 -41.28 13.68
C ALA H 97 -22.54 -40.12 13.57
N ARG H 98 -21.36 -40.28 14.17
CA ARG H 98 -20.35 -39.24 14.17
C ARG H 98 -19.63 -39.13 12.83
N ASP H 99 -19.21 -37.92 12.48
CA ASP H 99 -18.37 -37.75 11.31
C ASP H 99 -16.91 -38.05 11.68
N GLY H 100 -16.10 -38.35 10.68
CA GLY H 100 -14.76 -38.87 10.93
C GLY H 100 -13.66 -37.87 11.23
N ASP H 101 -13.76 -36.67 10.67
CA ASP H 101 -12.64 -35.72 10.74
C ASP H 101 -12.65 -34.83 11.99
N TYR H 102 -11.45 -34.43 12.41
CA TYR H 102 -11.23 -33.65 13.62
C TYR H 102 -11.30 -32.16 13.36
N TYR H 103 -12.38 -31.53 13.82
CA TYR H 103 -12.62 -30.12 13.59
C TYR H 103 -12.69 -29.76 12.11
N ARG H 104 -13.27 -30.66 11.33
CA ARG H 104 -13.56 -30.41 9.93
C ARG H 104 -14.47 -31.52 9.38
N TYR H 105 -15.21 -31.20 8.32
CA TYR H 105 -16.15 -32.13 7.74
C TYR H 105 -15.44 -33.05 6.74
N GLY H 106 -15.46 -34.34 7.01
CA GLY H 106 -14.78 -35.31 6.17
C GLY H 106 -15.71 -36.14 5.32
N ARG H 107 -17.00 -36.09 5.64
CA ARG H 107 -18.01 -36.86 4.93
C ARG H 107 -17.75 -38.36 4.97
N TYR H 108 -17.51 -38.88 6.17
CA TYR H 108 -17.43 -40.33 6.36
C TYR H 108 -17.76 -40.70 7.80
N PHE H 109 -18.41 -41.85 7.97
CA PHE H 109 -18.98 -42.20 9.26
C PHE H 109 -18.02 -42.96 10.18
N ASP H 110 -17.97 -42.53 11.44
CA ASP H 110 -17.18 -43.20 12.46
C ASP H 110 -18.04 -44.17 13.22
N TYR H 111 -18.45 -43.73 14.41
CA TYR H 111 -19.20 -44.57 15.34
C TYR H 111 -20.69 -44.19 15.31
N TRP H 112 -21.54 -45.18 15.54
CA TRP H 112 -22.98 -44.94 15.61
C TRP H 112 -23.45 -45.22 17.03
N GLY H 113 -24.67 -44.78 17.34
CA GLY H 113 -25.28 -45.10 18.62
C GLY H 113 -25.95 -46.46 18.54
N GLN H 114 -26.45 -46.95 19.67
CA GLN H 114 -27.16 -48.23 19.68
C GLN H 114 -28.51 -48.06 19.02
N GLY H 115 -28.93 -46.81 18.85
CA GLY H 115 -30.20 -46.50 18.22
C GLY H 115 -31.31 -46.25 19.23
N THR H 116 -32.28 -45.44 18.84
CA THR H 116 -33.45 -45.18 19.68
C THR H 116 -34.72 -45.56 18.94
N THR H 117 -35.50 -46.46 19.52
CA THR H 117 -36.72 -46.92 18.88
C THR H 117 -37.92 -46.04 19.25
N LEU H 118 -38.44 -45.32 18.26
CA LEU H 118 -39.60 -44.47 18.48
C LEU H 118 -40.87 -45.10 17.90
N THR H 119 -41.86 -45.33 18.76
CA THR H 119 -43.12 -45.90 18.32
C THR H 119 -44.24 -44.87 18.44
N VAL H 120 -44.80 -44.48 17.30
CA VAL H 120 -45.89 -43.52 17.27
C VAL H 120 -47.21 -44.20 16.88
N SER H 121 -48.11 -44.35 17.84
CA SER H 121 -49.34 -45.07 17.56
C SER H 121 -50.52 -44.55 18.37
N SER H 122 -51.64 -44.36 17.69
CA SER H 122 -52.87 -43.91 18.33
C SER H 122 -53.65 -45.09 18.89
N ALA H 123 -52.96 -46.23 19.04
CA ALA H 123 -53.58 -47.42 19.59
C ALA H 123 -53.32 -47.54 21.09
N LYS H 124 -54.29 -48.10 21.81
CA LYS H 124 -54.19 -48.19 23.26
C LYS H 124 -53.71 -49.57 23.68
N THR H 125 -53.19 -49.64 24.92
CA THR H 125 -52.68 -50.90 25.45
C THR H 125 -53.65 -52.06 25.25
N THR H 126 -53.16 -53.11 24.59
CA THR H 126 -53.96 -54.30 24.30
C THR H 126 -53.19 -55.56 24.64
N PRO H 127 -53.82 -56.48 25.39
CA PRO H 127 -53.18 -57.76 25.73
C PRO H 127 -53.17 -58.72 24.54
N PRO H 128 -52.11 -59.51 24.41
CA PRO H 128 -51.96 -60.43 23.28
C PRO H 128 -52.94 -61.61 23.36
N SER H 129 -53.48 -62.03 22.22
CA SER H 129 -54.30 -63.24 22.15
C SER H 129 -53.43 -64.42 21.75
N VAL H 130 -53.43 -65.47 22.57
CA VAL H 130 -52.56 -66.63 22.32
C VAL H 130 -53.30 -67.81 21.72
N TYR H 131 -52.87 -68.23 20.53
CA TYR H 131 -53.51 -69.33 19.83
C TYR H 131 -52.50 -70.45 19.54
N PRO H 132 -52.82 -71.68 19.97
CA PRO H 132 -51.94 -72.83 19.83
C PRO H 132 -51.81 -73.29 18.38
N LEU H 133 -50.58 -73.39 17.89
CA LEU H 133 -50.31 -73.89 16.56
C LEU H 133 -50.14 -75.40 16.56
N ALA H 134 -51.12 -76.09 15.99
CA ALA H 134 -51.11 -77.56 15.96
C ALA H 134 -50.38 -78.08 14.74
N PRO H 135 -49.56 -79.12 14.94
CA PRO H 135 -48.80 -79.75 13.86
C PRO H 135 -49.69 -80.57 12.94
N GLY H 136 -49.30 -80.66 11.66
CA GLY H 136 -50.05 -81.48 10.72
C GLY H 136 -49.90 -82.95 11.06
N SER H 137 -50.84 -83.76 10.57
CA SER H 137 -50.78 -85.20 10.80
C SER H 137 -49.58 -85.83 10.10
N ALA H 138 -49.01 -85.12 9.14
CA ALA H 138 -47.83 -85.60 8.42
C ALA H 138 -46.55 -85.22 9.14
N ALA H 139 -46.67 -84.30 10.10
CA ALA H 139 -45.53 -83.89 10.92
C ALA H 139 -45.40 -84.77 12.16
N GLN H 140 -46.49 -85.43 12.56
CA GLN H 140 -46.45 -86.37 13.67
C GLN H 140 -45.66 -87.62 13.31
N THR H 141 -45.41 -87.79 12.02
CA THR H 141 -44.68 -88.96 11.53
C THR H 141 -43.19 -88.65 11.45
N ASN H 142 -42.76 -87.58 12.11
CA ASN H 142 -41.35 -87.20 12.12
C ASN H 142 -40.73 -87.43 13.49
N SER H 143 -39.49 -87.88 13.50
CA SER H 143 -38.78 -88.15 14.75
C SER H 143 -38.87 -86.96 15.69
N MET H 144 -38.89 -85.75 15.13
CA MET H 144 -39.15 -84.55 15.92
C MET H 144 -40.25 -83.71 15.28
N VAL H 145 -41.09 -83.15 16.14
CA VAL H 145 -42.22 -82.34 15.70
C VAL H 145 -42.06 -80.92 16.21
N THR H 146 -42.54 -79.95 15.45
CA THR H 146 -42.44 -78.55 15.85
C THR H 146 -43.81 -77.96 16.21
N LEU H 147 -43.91 -77.39 17.42
CA LEU H 147 -45.15 -76.79 17.91
C LEU H 147 -44.94 -75.29 18.07
N GLY H 148 -46.03 -74.54 18.25
CA GLY H 148 -45.92 -73.09 18.36
C GLY H 148 -47.06 -72.33 18.99
N CYS H 149 -46.75 -71.12 19.46
CA CYS H 149 -47.74 -70.19 20.00
C CYS H 149 -47.87 -68.99 19.07
N LEU H 150 -49.11 -68.66 18.71
CA LEU H 150 -49.37 -67.50 17.86
C LEU H 150 -49.87 -66.34 18.69
N VAL H 151 -48.95 -65.46 19.10
CA VAL H 151 -49.30 -64.29 19.88
C VAL H 151 -49.85 -63.19 18.96
N LYS H 152 -51.17 -63.06 18.92
CA LYS H 152 -51.84 -62.23 17.91
C LYS H 152 -52.54 -60.99 18.48
N GLY H 153 -52.24 -59.85 17.87
CA GLY H 153 -52.94 -58.60 18.17
C GLY H 153 -52.69 -57.98 19.53
N TYR H 154 -51.42 -57.68 19.83
CA TYR H 154 -51.09 -57.01 21.09
C TYR H 154 -50.46 -55.65 20.84
N PHE H 155 -50.15 -54.94 21.92
CA PHE H 155 -49.59 -53.59 21.84
C PHE H 155 -49.49 -52.98 23.22
N PRO H 156 -48.36 -52.31 23.51
CA PRO H 156 -47.20 -52.20 22.63
C PRO H 156 -46.19 -53.30 22.97
N GLU H 157 -45.10 -53.36 22.22
CA GLU H 157 -44.05 -54.32 22.54
C GLU H 157 -43.48 -54.02 23.92
N PRO H 158 -42.76 -54.98 24.51
CA PRO H 158 -42.45 -56.29 23.92
C PRO H 158 -43.33 -57.39 24.50
N VAL H 159 -43.13 -58.61 23.99
CA VAL H 159 -43.71 -59.79 24.60
C VAL H 159 -42.61 -60.83 24.76
N THR H 160 -42.68 -61.61 25.83
CA THR H 160 -41.64 -62.61 26.10
C THR H 160 -42.25 -64.01 26.19
N VAL H 161 -41.82 -64.89 25.29
CA VAL H 161 -42.36 -66.24 25.21
C VAL H 161 -41.34 -67.29 25.62
N THR H 162 -41.78 -68.22 26.48
CA THR H 162 -40.96 -69.34 26.90
C THR H 162 -41.71 -70.65 26.64
N TRP H 163 -41.12 -71.76 27.06
CA TRP H 163 -41.77 -73.06 26.90
C TRP H 163 -41.59 -73.91 28.15
N ASN H 164 -42.69 -74.49 28.63
CA ASN H 164 -42.69 -75.25 29.88
C ASN H 164 -42.09 -74.45 31.03
N SER H 165 -42.42 -73.16 31.09
CA SER H 165 -41.93 -72.26 32.14
C SER H 165 -40.40 -72.09 32.11
N GLY H 166 -39.79 -72.50 31.01
CA GLY H 166 -38.35 -72.35 30.84
C GLY H 166 -37.62 -73.65 30.56
N SER H 167 -38.26 -74.78 30.86
CA SER H 167 -37.64 -76.09 30.70
C SER H 167 -37.05 -76.26 29.30
N LEU H 168 -37.92 -76.25 28.30
CA LEU H 168 -37.47 -76.32 26.91
C LEU H 168 -36.68 -75.07 26.57
N SER H 169 -35.35 -75.18 26.60
CA SER H 169 -34.48 -74.07 26.25
C SER H 169 -33.91 -74.29 24.86
N SER H 170 -33.56 -75.55 24.59
CA SER H 170 -33.03 -75.93 23.30
C SER H 170 -34.16 -76.04 22.28
N GLY H 171 -33.86 -75.71 21.02
CA GLY H 171 -34.83 -75.85 19.95
C GLY H 171 -35.91 -74.80 19.95
N VAL H 172 -35.73 -73.74 20.73
CA VAL H 172 -36.71 -72.67 20.79
C VAL H 172 -36.44 -71.63 19.72
N HIS H 173 -37.51 -71.08 19.16
CA HIS H 173 -37.41 -70.01 18.18
C HIS H 173 -38.55 -69.03 18.37
N THR H 174 -38.21 -67.79 18.70
CA THR H 174 -39.19 -66.73 18.77
C THR H 174 -38.93 -65.72 17.65
N PHE H 175 -39.83 -65.67 16.68
CA PHE H 175 -39.64 -64.86 15.48
C PHE H 175 -39.89 -63.37 15.73
N PRO H 176 -39.49 -62.53 14.76
CA PRO H 176 -39.76 -61.08 14.85
C PRO H 176 -41.25 -60.82 14.88
N ALA H 177 -41.66 -59.69 15.42
CA ALA H 177 -43.05 -59.29 15.42
C ALA H 177 -43.39 -58.59 14.11
N VAL H 178 -44.56 -58.87 13.57
CA VAL H 178 -45.03 -58.17 12.38
C VAL H 178 -46.03 -57.12 12.82
N LEU H 179 -46.44 -56.27 11.89
CA LEU H 179 -47.37 -55.19 12.21
C LEU H 179 -48.57 -55.22 11.28
N GLN H 180 -49.76 -55.24 11.86
CA GLN H 180 -50.99 -55.26 11.06
C GLN H 180 -52.14 -54.59 11.81
N SER H 181 -52.61 -53.47 11.28
CA SER H 181 -53.68 -52.71 11.89
C SER H 181 -53.23 -52.06 13.20
N ASP H 182 -52.07 -51.42 13.18
CA ASP H 182 -51.52 -50.82 14.39
C ASP H 182 -51.54 -51.78 15.57
N LEU H 183 -51.49 -53.07 15.27
CA LEU H 183 -51.42 -54.11 16.31
C LEU H 183 -50.36 -55.15 15.96
N TYR H 184 -49.44 -55.37 16.89
CA TYR H 184 -48.33 -56.28 16.67
C TYR H 184 -48.76 -57.74 16.77
N THR H 185 -47.97 -58.62 16.15
CA THR H 185 -48.21 -60.06 16.16
C THR H 185 -46.90 -60.81 15.94
N LEU H 186 -46.64 -61.81 16.76
CA LEU H 186 -45.48 -62.69 16.55
C LEU H 186 -45.80 -64.12 16.93
N SER H 187 -45.00 -65.05 16.45
CA SER H 187 -45.15 -66.45 16.86
C SER H 187 -43.84 -67.06 17.32
N SER H 188 -43.93 -68.06 18.21
CA SER H 188 -42.76 -68.70 18.78
C SER H 188 -42.87 -70.22 18.62
N SER H 189 -41.96 -70.82 17.86
CA SER H 189 -41.99 -72.27 17.68
C SER H 189 -41.01 -72.95 18.63
N VAL H 190 -41.14 -74.27 18.72
CA VAL H 190 -40.25 -75.08 19.55
C VAL H 190 -40.26 -76.51 19.04
N THR H 191 -39.11 -77.16 19.06
CA THR H 191 -38.99 -78.49 18.49
C THR H 191 -38.67 -79.53 19.56
N VAL H 192 -39.44 -80.62 19.56
CA VAL H 192 -39.31 -81.65 20.57
C VAL H 192 -39.38 -83.04 19.96
N PRO H 193 -38.78 -84.03 20.65
CA PRO H 193 -38.81 -85.45 20.25
C PRO H 193 -40.24 -85.96 20.09
N SER H 194 -40.49 -86.73 19.04
CA SER H 194 -41.82 -87.24 18.76
C SER H 194 -42.36 -88.08 19.92
N SER H 195 -41.46 -88.75 20.62
CA SER H 195 -41.84 -89.64 21.72
C SER H 195 -42.48 -88.89 22.88
N THR H 196 -41.88 -87.77 23.27
CA THR H 196 -42.32 -87.01 24.44
C THR H 196 -43.52 -86.10 24.15
N TRP H 197 -44.25 -86.38 23.07
CA TRP H 197 -45.45 -85.61 22.74
C TRP H 197 -46.32 -86.35 21.73
N PRO H 198 -47.64 -86.38 21.95
CA PRO H 198 -48.33 -85.73 23.07
C PRO H 198 -48.35 -86.56 24.35
N SER H 199 -47.46 -87.56 24.46
CA SER H 199 -47.40 -88.38 25.67
C SER H 199 -47.17 -87.51 26.89
N GLU H 200 -46.33 -86.50 26.74
CA GLU H 200 -46.09 -85.52 27.80
C GLU H 200 -46.84 -84.22 27.50
N THR H 201 -46.35 -83.11 28.02
CA THR H 201 -47.04 -81.83 27.91
C THR H 201 -46.10 -80.65 27.70
N VAL H 202 -46.23 -79.99 26.55
CA VAL H 202 -45.46 -78.79 26.25
C VAL H 202 -46.37 -77.58 26.10
N THR H 203 -46.33 -76.70 27.09
CA THR H 203 -47.16 -75.50 27.09
C THR H 203 -46.30 -74.24 27.02
N CYS H 204 -46.78 -73.23 26.30
CA CYS H 204 -46.02 -71.99 26.15
C CYS H 204 -46.41 -70.99 27.23
N ASN H 205 -45.56 -69.99 27.43
CA ASN H 205 -45.81 -68.96 28.43
C ASN H 205 -45.62 -67.57 27.85
N VAL H 206 -46.73 -66.92 27.51
CA VAL H 206 -46.68 -65.59 26.91
C VAL H 206 -46.87 -64.50 27.95
N ALA H 207 -45.97 -63.53 27.96
CA ALA H 207 -46.00 -62.44 28.92
C ALA H 207 -46.06 -61.08 28.23
N HIS H 208 -46.85 -60.17 28.80
CA HIS H 208 -46.98 -58.82 28.26
C HIS H 208 -46.96 -57.79 29.39
N PRO H 209 -45.80 -57.17 29.62
CA PRO H 209 -45.61 -56.20 30.71
C PRO H 209 -46.58 -55.02 30.61
N ALA H 210 -46.84 -54.56 29.39
CA ALA H 210 -47.62 -53.35 29.16
C ALA H 210 -49.03 -53.43 29.74
N SER H 211 -49.61 -54.63 29.72
CA SER H 211 -50.96 -54.84 30.26
C SER H 211 -50.92 -55.81 31.43
N SER H 212 -49.72 -56.09 31.92
CA SER H 212 -49.52 -57.00 33.05
C SER H 212 -50.25 -58.31 32.84
N THR H 213 -50.00 -58.93 31.69
CA THR H 213 -50.64 -60.19 31.32
C THR H 213 -49.60 -61.30 31.26
N LYS H 214 -50.01 -62.51 31.62
CA LYS H 214 -49.15 -63.67 31.50
C LYS H 214 -50.01 -64.93 31.35
N VAL H 215 -50.53 -65.11 30.14
CA VAL H 215 -51.42 -66.24 29.84
C VAL H 215 -50.66 -67.46 29.35
N ASP H 216 -51.31 -68.61 29.45
CA ASP H 216 -50.70 -69.88 29.04
C ASP H 216 -51.51 -70.58 27.97
N LYS H 217 -50.85 -71.44 27.20
CA LYS H 217 -51.52 -72.20 26.16
C LYS H 217 -50.76 -73.47 25.84
N LYS H 218 -51.33 -74.62 26.21
CA LYS H 218 -50.69 -75.90 25.91
C LYS H 218 -51.17 -76.42 24.56
N ILE H 219 -50.26 -77.03 23.81
CA ILE H 219 -50.55 -77.50 22.46
C ILE H 219 -51.17 -78.88 22.48
N VAL H 220 -52.39 -78.97 21.95
CA VAL H 220 -53.08 -80.25 21.80
C VAL H 220 -53.32 -80.56 20.34
N PRO H 221 -52.96 -81.77 19.91
CA PRO H 221 -53.07 -82.18 18.51
C PRO H 221 -54.48 -81.98 17.94
N GLU I 1 43.69 21.29 -20.93
CA GLU I 1 42.99 21.89 -22.05
C GLU I 1 42.29 20.85 -22.89
N VAL I 2 41.11 21.18 -23.40
CA VAL I 2 40.36 20.26 -24.25
C VAL I 2 40.73 20.51 -25.71
N GLN I 3 40.58 19.48 -26.53
CA GLN I 3 40.87 19.59 -27.95
C GLN I 3 40.00 18.66 -28.78
N LEU I 4 39.58 19.16 -29.94
CA LEU I 4 38.85 18.35 -30.90
C LEU I 4 39.62 18.34 -32.21
N GLN I 5 40.34 17.25 -32.47
CA GLN I 5 41.10 17.13 -33.71
C GLN I 5 40.34 16.29 -34.73
N GLN I 6 40.05 16.89 -35.87
CA GLN I 6 39.30 16.22 -36.91
C GLN I 6 40.21 15.62 -37.96
N SER I 7 39.68 14.71 -38.76
CA SER I 7 40.45 14.06 -39.82
C SER I 7 40.89 15.06 -40.88
N GLY I 8 41.85 14.64 -41.70
CA GLY I 8 42.38 15.50 -42.73
C GLY I 8 41.41 15.73 -43.86
N PRO I 9 41.81 16.58 -44.84
CA PRO I 9 40.98 16.90 -46.00
C PRO I 9 40.77 15.68 -46.89
N GLU I 10 39.65 15.63 -47.59
CA GLU I 10 39.32 14.48 -48.41
C GLU I 10 38.80 14.90 -49.78
N LEU I 11 39.18 14.14 -50.80
CA LEU I 11 38.70 14.34 -52.15
C LEU I 11 38.01 13.06 -52.63
N VAL I 12 36.71 13.16 -52.91
CA VAL I 12 35.94 11.98 -53.31
C VAL I 12 35.03 12.29 -54.51
N ARG I 13 34.79 11.28 -55.33
CA ARG I 13 33.90 11.43 -56.48
C ARG I 13 32.44 11.35 -56.07
N PRO I 14 31.56 12.01 -56.82
CA PRO I 14 30.12 11.98 -56.56
C PRO I 14 29.57 10.56 -56.54
N GLY I 15 28.55 10.31 -55.72
CA GLY I 15 27.96 9.00 -55.61
C GLY I 15 28.58 8.19 -54.48
N ALA I 16 29.85 8.45 -54.21
CA ALA I 16 30.55 7.76 -53.13
C ALA I 16 30.13 8.30 -51.77
N SER I 17 30.75 7.75 -50.72
CA SER I 17 30.44 8.19 -49.36
C SER I 17 31.68 8.04 -48.49
N MET I 18 32.03 9.11 -47.77
CA MET I 18 33.19 9.06 -46.89
C MET I 18 32.82 9.45 -45.45
N LYS I 19 33.74 9.19 -44.52
CA LYS I 19 33.45 9.39 -43.11
C LYS I 19 34.57 10.18 -42.41
N ILE I 20 34.21 11.35 -41.87
CA ILE I 20 35.19 12.19 -41.16
C ILE I 20 35.11 12.01 -39.66
N SER I 21 36.25 12.14 -38.98
CA SER I 21 36.33 11.87 -37.56
C SER I 21 36.62 13.12 -36.74
N CYS I 22 36.46 12.99 -35.42
CA CYS I 22 36.67 14.09 -34.49
C CYS I 22 37.14 13.53 -33.16
N LYS I 23 38.44 13.41 -32.98
CA LYS I 23 38.99 12.82 -31.76
C LYS I 23 39.06 13.84 -30.62
N ALA I 24 38.32 13.56 -29.55
CA ALA I 24 38.28 14.45 -28.40
C ALA I 24 39.31 14.05 -27.35
N SER I 25 39.87 15.05 -26.68
CA SER I 25 40.84 14.82 -25.62
C SER I 25 40.86 15.98 -24.65
N GLY I 26 41.22 15.70 -23.40
CA GLY I 26 41.31 16.74 -22.39
C GLY I 26 40.06 16.88 -21.55
N TYR I 27 39.07 16.02 -21.80
CA TYR I 27 37.84 16.03 -21.03
C TYR I 27 37.16 14.67 -21.04
N SER I 28 36.30 14.41 -20.06
CA SER I 28 35.55 13.17 -20.01
C SER I 28 34.65 13.09 -21.25
N PHE I 29 35.14 12.39 -22.27
CA PHE I 29 34.51 12.38 -23.59
C PHE I 29 33.02 12.09 -23.56
N THR I 30 32.63 11.18 -22.70
CA THR I 30 31.27 10.66 -22.69
C THR I 30 30.29 11.59 -21.97
N GLY I 31 30.78 12.75 -21.54
CA GLY I 31 29.97 13.67 -20.76
C GLY I 31 29.35 14.81 -21.53
N TYR I 32 29.92 15.13 -22.69
CA TYR I 32 29.45 16.26 -23.48
C TYR I 32 28.97 15.80 -24.86
N THR I 33 27.79 16.24 -25.27
CA THR I 33 27.25 15.85 -26.57
C THR I 33 27.89 16.67 -27.70
N MET I 34 28.00 16.07 -28.88
CA MET I 34 28.69 16.68 -30.01
C MET I 34 27.74 17.17 -31.11
N ASN I 35 28.02 18.37 -31.61
CA ASN I 35 27.29 18.91 -32.75
C ASN I 35 28.14 18.81 -34.01
N TRP I 36 27.49 18.75 -35.17
CA TRP I 36 28.19 18.83 -36.44
C TRP I 36 27.67 19.99 -37.28
N VAL I 37 28.57 20.86 -37.68
CA VAL I 37 28.21 22.05 -38.44
C VAL I 37 28.84 22.03 -39.83
N LYS I 38 28.06 22.42 -40.84
CA LYS I 38 28.54 22.45 -42.22
C LYS I 38 28.68 23.87 -42.75
N GLN I 39 29.90 24.29 -43.05
CA GLN I 39 30.15 25.60 -43.62
C GLN I 39 30.47 25.49 -45.11
N SER I 40 29.50 25.83 -45.94
CA SER I 40 29.68 25.77 -47.39
C SER I 40 29.94 27.16 -47.97
N HIS I 41 30.57 27.19 -49.14
CA HIS I 41 30.89 28.46 -49.79
C HIS I 41 29.62 29.13 -50.31
N GLY I 42 28.64 28.31 -50.66
CA GLY I 42 27.41 28.80 -51.25
C GLY I 42 26.40 29.35 -50.26
N LYS I 43 26.41 28.82 -49.04
CA LYS I 43 25.45 29.22 -48.03
C LYS I 43 26.12 29.60 -46.71
N ASN I 44 25.31 29.74 -45.66
CA ASN I 44 25.84 30.08 -44.34
C ASN I 44 26.30 28.83 -43.62
N LEU I 45 26.33 28.92 -42.29
CA LEU I 45 26.57 27.76 -41.45
C LEU I 45 25.27 26.98 -41.30
N GLU I 46 25.36 25.66 -41.44
CA GLU I 46 24.19 24.82 -41.25
C GLU I 46 24.42 23.82 -40.14
N TRP I 47 23.40 23.60 -39.32
CA TRP I 47 23.49 22.62 -38.24
C TRP I 47 23.02 21.26 -38.76
N ILE I 48 23.91 20.28 -38.77
CA ILE I 48 23.60 18.96 -39.30
C ILE I 48 22.83 18.12 -38.28
N GLY I 49 23.43 17.92 -37.12
CA GLY I 49 22.80 17.13 -36.07
C GLY I 49 23.68 17.06 -34.84
N LEU I 50 23.26 16.28 -33.86
CA LEU I 50 24.05 16.12 -32.64
C LEU I 50 23.94 14.70 -32.10
N ILE I 51 24.95 14.29 -31.33
CA ILE I 51 24.95 12.96 -30.76
C ILE I 51 25.45 12.98 -29.31
N ASN I 52 24.81 12.19 -28.47
CA ASN I 52 25.22 12.04 -27.07
C ASN I 52 26.11 10.81 -26.92
N PRO I 53 27.42 11.03 -26.70
CA PRO I 53 28.38 9.94 -26.61
C PRO I 53 27.93 8.86 -25.62
N TYR I 54 27.54 9.29 -24.43
CA TYR I 54 27.16 8.37 -23.36
C TYR I 54 25.95 7.55 -23.73
N ASN I 55 25.08 8.17 -24.53
CA ASN I 55 23.76 7.62 -24.77
C ASN I 55 23.65 6.89 -26.10
N GLY I 56 24.43 7.35 -27.07
CA GLY I 56 24.32 6.84 -28.42
C GLY I 56 23.22 7.60 -29.15
N GLY I 57 22.40 8.32 -28.39
CA GLY I 57 21.26 9.04 -28.93
C GLY I 57 21.64 10.10 -29.95
N THR I 58 20.80 10.27 -30.97
CA THR I 58 21.06 11.25 -32.00
C THR I 58 19.81 12.04 -32.36
N SER I 59 20.02 13.26 -32.84
CA SER I 59 18.93 14.09 -33.35
C SER I 59 19.42 14.90 -34.56
N TYR I 60 18.80 14.67 -35.71
CA TYR I 60 19.26 15.30 -36.94
C TYR I 60 18.41 16.49 -37.36
N ASN I 61 19.03 17.42 -38.09
CA ASN I 61 18.29 18.47 -38.77
C ASN I 61 17.51 17.80 -39.90
N GLN I 62 16.22 18.12 -40.01
CA GLN I 62 15.38 17.51 -41.03
C GLN I 62 16.06 17.53 -42.40
N LYS I 63 16.84 18.57 -42.65
CA LYS I 63 17.52 18.75 -43.92
C LYS I 63 18.50 17.61 -44.22
N PHE I 64 19.23 17.18 -43.19
CA PHE I 64 20.27 16.16 -43.37
C PHE I 64 19.82 14.76 -42.97
N LYS I 65 18.52 14.59 -42.76
CA LYS I 65 17.97 13.28 -42.47
C LYS I 65 18.22 12.33 -43.63
N GLY I 66 19.21 11.46 -43.48
CA GLY I 66 19.55 10.50 -44.51
C GLY I 66 20.86 10.83 -45.21
N LYS I 67 21.29 12.09 -45.08
CA LYS I 67 22.55 12.53 -45.68
C LYS I 67 23.72 12.29 -44.71
N ALA I 68 23.48 12.55 -43.43
CA ALA I 68 24.50 12.35 -42.42
C ALA I 68 24.09 11.28 -41.41
N THR I 69 25.09 10.57 -40.87
CA THR I 69 24.85 9.55 -39.85
C THR I 69 25.89 9.65 -38.73
N LEU I 70 25.47 10.24 -37.62
CA LEU I 70 26.36 10.43 -36.48
C LEU I 70 26.54 9.18 -35.64
N THR I 71 27.80 8.83 -35.38
CA THR I 71 28.12 7.70 -34.53
C THR I 71 29.21 8.13 -33.55
N VAL I 72 29.62 7.22 -32.68
CA VAL I 72 30.61 7.54 -31.66
C VAL I 72 31.30 6.29 -31.17
N ASP I 73 32.61 6.39 -30.95
CA ASP I 73 33.40 5.27 -30.43
C ASP I 73 33.96 5.63 -29.06
N LYS I 74 33.30 5.14 -28.01
CA LYS I 74 33.66 5.50 -26.64
C LYS I 74 35.12 5.17 -26.30
N SER I 75 35.58 4.00 -26.75
CA SER I 75 36.92 3.54 -26.41
C SER I 75 38.01 4.51 -26.85
N SER I 76 37.87 5.07 -28.05
CA SER I 76 38.88 5.95 -28.62
C SER I 76 38.52 7.42 -28.49
N SER I 77 37.45 7.70 -27.75
CA SER I 77 36.98 9.07 -27.57
C SER I 77 36.84 9.81 -28.89
N THR I 78 36.26 9.15 -29.88
CA THR I 78 36.14 9.73 -31.21
C THR I 78 34.70 9.79 -31.69
N ALA I 79 34.31 10.94 -32.26
CA ALA I 79 33.00 11.09 -32.86
C ALA I 79 33.13 11.07 -34.38
N TYR I 80 32.33 10.23 -35.04
CA TYR I 80 32.38 10.10 -36.49
C TYR I 80 31.15 10.67 -37.15
N MET I 81 31.25 10.97 -38.44
CA MET I 81 30.11 11.40 -39.24
C MET I 81 30.15 10.86 -40.66
N GLU I 82 29.19 10.00 -41.00
CA GLU I 82 29.08 9.49 -42.35
C GLU I 82 28.34 10.48 -43.23
N LEU I 83 28.74 10.56 -44.50
CA LEU I 83 28.01 11.35 -45.48
C LEU I 83 27.73 10.50 -46.72
N LEU I 84 26.46 10.24 -46.99
CA LEU I 84 26.08 9.34 -48.08
C LEU I 84 25.71 10.08 -49.36
N SER I 85 25.73 9.35 -50.48
CA SER I 85 25.33 9.90 -51.78
C SER I 85 25.93 11.28 -52.02
N LEU I 86 27.23 11.41 -51.76
CA LEU I 86 27.92 12.69 -51.90
C LEU I 86 27.71 13.31 -53.28
N THR I 87 27.50 14.62 -53.30
CA THR I 87 27.32 15.37 -54.55
C THR I 87 28.09 16.67 -54.51
N SER I 88 27.89 17.51 -55.53
CA SER I 88 28.54 18.80 -55.61
C SER I 88 28.19 19.67 -54.41
N GLU I 89 26.95 19.57 -53.96
CA GLU I 89 26.46 20.40 -52.86
C GLU I 89 27.09 20.06 -51.52
N ASP I 90 27.69 18.88 -51.43
CA ASP I 90 28.29 18.43 -50.19
C ASP I 90 29.72 18.93 -50.02
N SER I 91 30.25 19.60 -51.04
CA SER I 91 31.57 20.19 -50.97
C SER I 91 31.58 21.35 -49.98
N ALA I 92 32.14 21.11 -48.80
CA ALA I 92 32.15 22.13 -47.76
C ALA I 92 33.19 21.81 -46.68
N VAL I 93 33.20 22.64 -45.64
CA VAL I 93 34.04 22.40 -44.48
C VAL I 93 33.16 22.00 -43.31
N TYR I 94 33.39 20.80 -42.78
CA TYR I 94 32.56 20.27 -41.71
C TYR I 94 33.25 20.37 -40.35
N TYR I 95 32.65 21.15 -39.45
CA TYR I 95 33.18 21.31 -38.10
C TYR I 95 32.43 20.43 -37.11
N CYS I 96 33.09 20.11 -36.01
CA CYS I 96 32.41 19.44 -34.91
C CYS I 96 32.54 20.32 -33.66
N ALA I 97 31.39 20.68 -33.08
CA ALA I 97 31.38 21.58 -31.93
C ALA I 97 30.73 20.94 -30.70
N ARG I 98 31.44 21.00 -29.58
CA ARG I 98 30.96 20.39 -28.33
C ARG I 98 29.87 21.22 -27.68
N ASP I 99 28.94 20.56 -27.00
CA ASP I 99 27.97 21.25 -26.19
C ASP I 99 28.59 21.62 -24.84
N GLY I 100 28.01 22.60 -24.17
CA GLY I 100 28.63 23.17 -22.99
C GLY I 100 28.44 22.46 -21.66
N ASP I 101 27.30 21.79 -21.49
CA ASP I 101 26.95 21.23 -20.18
C ASP I 101 27.49 19.83 -19.91
N TYR I 102 27.72 19.54 -18.63
CA TYR I 102 28.31 18.29 -18.17
C TYR I 102 27.26 17.23 -17.90
N TYR I 103 27.18 16.24 -18.77
CA TYR I 103 26.18 15.17 -18.67
C TYR I 103 24.76 15.72 -18.71
N ARG I 104 24.56 16.74 -19.53
CA ARG I 104 23.23 17.26 -19.83
C ARG I 104 23.30 18.25 -20.99
N TYR I 105 22.17 18.42 -21.68
CA TYR I 105 22.11 19.29 -22.84
C TYR I 105 21.87 20.74 -22.42
N GLY I 106 22.82 21.61 -22.74
CA GLY I 106 22.73 23.00 -22.34
C GLY I 106 22.41 23.93 -23.49
N ARG I 107 22.51 23.43 -24.71
CA ARG I 107 22.25 24.21 -25.91
C ARG I 107 23.14 25.44 -26.02
N TYR I 108 24.45 25.24 -25.85
CA TYR I 108 25.41 26.31 -26.12
C TYR I 108 26.77 25.71 -26.47
N PHE I 109 27.49 26.38 -27.36
CA PHE I 109 28.69 25.80 -27.94
C PHE I 109 29.96 26.11 -27.15
N ASP I 110 30.76 25.07 -26.94
CA ASP I 110 32.06 25.21 -26.30
C ASP I 110 33.15 25.36 -27.34
N TYR I 111 33.85 24.25 -27.57
CA TYR I 111 35.00 24.23 -28.46
C TYR I 111 34.61 23.61 -29.80
N TRP I 112 35.26 24.08 -30.86
CA TRP I 112 35.06 23.53 -32.19
C TRP I 112 36.34 22.83 -32.65
N GLY I 113 36.24 22.05 -33.72
CA GLY I 113 37.40 21.45 -34.33
C GLY I 113 38.03 22.43 -35.31
N GLN I 114 39.19 22.07 -35.86
CA GLN I 114 39.83 22.92 -36.86
C GLN I 114 39.05 22.86 -38.17
N GLY I 115 38.17 21.87 -38.27
CA GLY I 115 37.36 21.69 -39.46
C GLY I 115 37.94 20.68 -40.42
N THR I 116 37.06 20.03 -41.19
CA THR I 116 37.50 19.09 -42.23
C THR I 116 36.97 19.53 -43.58
N THR I 117 37.87 19.74 -44.53
CA THR I 117 37.48 20.19 -45.85
C THR I 117 37.19 19.02 -46.78
N LEU I 118 35.92 18.88 -47.17
CA LEU I 118 35.51 17.82 -48.08
C LEU I 118 35.25 18.38 -49.48
N THR I 119 35.98 17.85 -50.45
CA THR I 119 35.82 18.27 -51.84
C THR I 119 35.24 17.13 -52.68
N VAL I 120 34.02 17.33 -53.18
CA VAL I 120 33.36 16.35 -54.02
C VAL I 120 33.31 16.86 -55.46
N SER I 121 34.18 16.32 -56.32
CA SER I 121 34.27 16.80 -57.70
C SER I 121 34.47 15.69 -58.72
N SER I 122 34.02 15.94 -59.95
CA SER I 122 34.12 14.94 -61.02
C SER I 122 34.68 15.54 -62.31
N ALA I 123 35.68 16.40 -62.18
CA ALA I 123 36.32 17.02 -63.34
C ALA I 123 37.82 16.75 -63.35
N LYS I 124 38.34 16.32 -64.50
CA LYS I 124 39.77 16.00 -64.61
C LYS I 124 40.56 17.27 -64.94
N THR I 125 41.88 17.13 -64.94
CA THR I 125 42.77 18.27 -65.18
C THR I 125 42.39 19.03 -66.45
N THR I 126 42.43 20.36 -66.38
CA THR I 126 42.06 21.21 -67.50
C THR I 126 42.96 22.43 -67.59
N PRO I 127 43.50 22.71 -68.80
CA PRO I 127 44.39 23.85 -69.01
C PRO I 127 43.68 25.19 -68.81
N PRO I 128 44.36 26.16 -68.17
CA PRO I 128 43.78 27.47 -67.88
C PRO I 128 43.54 28.29 -69.15
N SER I 129 42.33 28.81 -69.29
CA SER I 129 41.95 29.63 -70.43
C SER I 129 42.16 31.11 -70.12
N VAL I 130 43.29 31.66 -70.60
CA VAL I 130 43.67 33.04 -70.29
C VAL I 130 43.13 34.04 -71.30
N TYR I 131 42.34 34.99 -70.81
CA TYR I 131 41.78 36.06 -71.63
C TYR I 131 42.23 37.40 -71.07
N PRO I 132 42.93 38.20 -71.89
CA PRO I 132 43.41 39.51 -71.45
C PRO I 132 42.28 40.51 -71.24
N LEU I 133 42.49 41.46 -70.33
CA LEU I 133 41.52 42.51 -70.06
C LEU I 133 42.18 43.89 -70.17
N ALA I 134 41.38 44.91 -70.44
CA ALA I 134 41.88 46.27 -70.57
C ALA I 134 40.75 47.29 -70.55
N PRO I 135 41.04 48.53 -70.12
CA PRO I 135 40.03 49.59 -70.06
C PRO I 135 39.37 49.81 -71.42
N SER I 143 48.05 59.58 -66.19
CA SER I 143 48.17 59.15 -64.80
C SER I 143 48.64 57.70 -64.73
N MET I 144 47.86 56.86 -64.07
CA MET I 144 48.17 55.44 -63.95
C MET I 144 47.01 54.59 -64.46
N VAL I 145 47.28 53.79 -65.50
CA VAL I 145 46.27 52.90 -66.05
C VAL I 145 46.38 51.50 -65.47
N THR I 146 45.24 50.92 -65.11
CA THR I 146 45.19 49.57 -64.56
C THR I 146 44.80 48.55 -65.63
N LEU I 147 45.60 47.50 -65.75
CA LEU I 147 45.34 46.43 -66.72
C LEU I 147 44.90 45.15 -66.02
N GLY I 148 44.12 44.34 -66.72
CA GLY I 148 43.62 43.09 -66.15
C GLY I 148 43.95 41.86 -66.98
N CYS I 149 44.10 40.73 -66.30
CA CYS I 149 44.38 39.47 -66.95
C CYS I 149 43.44 38.40 -66.38
N LEU I 150 42.71 37.71 -67.24
CA LEU I 150 41.68 36.78 -66.76
C LEU I 150 41.97 35.32 -67.06
N VAL I 151 42.25 34.55 -66.00
CA VAL I 151 42.43 33.11 -66.11
C VAL I 151 41.08 32.42 -65.92
N LYS I 152 40.74 31.52 -66.83
CA LYS I 152 39.38 30.95 -66.86
C LYS I 152 39.34 29.44 -67.03
N GLY I 153 38.47 28.80 -66.25
CA GLY I 153 38.24 27.36 -66.34
C GLY I 153 39.47 26.50 -66.19
N TYR I 154 40.09 26.54 -65.01
CA TYR I 154 41.31 25.76 -64.76
C TYR I 154 41.14 24.81 -63.58
N SER I 170 55.27 45.56 -58.40
CA SER I 170 54.53 46.79 -58.15
C SER I 170 53.10 46.72 -58.67
N GLY I 171 52.15 46.62 -57.74
CA GLY I 171 50.74 46.58 -58.11
C GLY I 171 50.30 45.20 -58.56
N VAL I 172 51.04 44.19 -58.15
CA VAL I 172 50.74 42.81 -58.52
C VAL I 172 49.63 42.24 -57.64
N HIS I 173 48.38 42.44 -58.05
CA HIS I 173 47.22 41.99 -57.27
C HIS I 173 46.49 40.80 -57.88
N THR I 174 46.66 39.64 -57.26
CA THR I 174 45.96 38.43 -57.67
C THR I 174 44.85 38.07 -56.67
N PHE I 175 43.60 38.22 -57.11
CA PHE I 175 42.44 38.05 -56.24
C PHE I 175 42.08 36.58 -56.08
N PRO I 176 41.26 36.25 -55.07
CA PRO I 176 40.79 34.89 -54.80
C PRO I 176 40.21 34.21 -56.04
N ALA I 177 40.05 32.90 -55.98
CA ALA I 177 39.57 32.14 -57.14
C ALA I 177 38.17 31.57 -56.92
N VAL I 178 37.23 31.99 -57.76
CA VAL I 178 35.86 31.51 -57.66
C VAL I 178 35.72 30.09 -58.18
N LEU I 179 34.48 29.64 -58.35
CA LEU I 179 34.21 28.32 -58.89
C LEU I 179 33.08 28.41 -59.91
N GLN I 180 33.45 28.67 -61.16
CA GLN I 180 32.48 28.85 -62.22
C GLN I 180 32.25 27.55 -63.00
N SER I 181 31.04 27.00 -62.87
CA SER I 181 30.67 25.80 -63.61
C SER I 181 31.62 24.62 -63.38
N ASP I 182 31.90 24.33 -62.11
CA ASP I 182 32.72 23.17 -61.76
C ASP I 182 34.19 23.34 -62.17
N LEU I 183 34.62 24.59 -62.33
CA LEU I 183 36.01 24.91 -62.61
C LEU I 183 36.36 26.22 -61.92
N TYR I 184 37.64 26.59 -61.96
CA TYR I 184 38.09 27.80 -61.28
C TYR I 184 38.30 28.97 -62.25
N THR I 185 38.34 30.19 -61.69
CA THR I 185 38.49 31.40 -62.49
C THR I 185 38.93 32.60 -61.64
N LEU I 186 40.10 33.13 -61.92
CA LEU I 186 40.59 34.33 -61.22
C LEU I 186 41.18 35.34 -62.21
N SER I 187 41.25 36.60 -61.78
CA SER I 187 41.82 37.66 -62.60
C SER I 187 43.10 38.19 -61.95
N SER I 188 43.71 39.19 -62.57
CA SER I 188 44.96 39.74 -62.05
C SER I 188 45.18 41.21 -62.42
N SER I 189 44.88 42.09 -61.48
CA SER I 189 45.10 43.53 -61.66
C SER I 189 46.59 43.83 -61.64
N VAL I 190 46.96 45.00 -62.15
CA VAL I 190 48.34 45.45 -62.13
C VAL I 190 48.48 46.91 -62.57
N THR I 191 48.65 47.79 -61.59
CA THR I 191 48.71 49.23 -61.87
C THR I 191 50.13 49.67 -62.23
N VAL I 192 50.23 50.46 -63.30
CA VAL I 192 51.52 50.97 -63.75
C VAL I 192 51.37 52.39 -64.28
N PRO I 193 52.47 53.16 -64.32
CA PRO I 193 52.44 54.47 -64.98
C PRO I 193 51.99 54.33 -66.43
N SER I 194 51.08 55.19 -66.86
CA SER I 194 50.52 55.11 -68.21
C SER I 194 51.57 55.28 -69.30
N SER I 195 52.71 55.86 -68.94
CA SER I 195 53.78 56.12 -69.90
C SER I 195 54.57 54.86 -70.27
N THR I 196 54.23 53.75 -69.62
CA THR I 196 54.86 52.47 -69.90
C THR I 196 53.88 51.53 -70.60
N TRP I 197 52.88 52.11 -71.25
CA TRP I 197 51.86 51.33 -71.94
C TRP I 197 51.01 52.24 -72.84
N PRO I 198 50.84 51.84 -74.11
CA PRO I 198 51.38 50.61 -74.69
C PRO I 198 52.80 50.76 -75.23
N SER I 199 53.50 51.82 -74.82
CA SER I 199 54.86 52.07 -75.29
C SER I 199 55.78 50.89 -75.00
N GLU I 200 55.41 50.08 -74.01
CA GLU I 200 56.19 48.91 -73.64
C GLU I 200 55.27 47.70 -73.47
N THR I 201 55.81 46.52 -73.74
CA THR I 201 55.00 45.30 -73.74
C THR I 201 54.62 44.78 -72.36
N VAL I 202 53.35 44.93 -72.01
CA VAL I 202 52.82 44.38 -70.78
C VAL I 202 52.21 43.01 -71.05
N THR I 203 52.78 41.98 -70.45
CA THR I 203 52.26 40.63 -70.63
C THR I 203 52.14 39.95 -69.27
N CYS I 204 51.31 38.91 -69.19
CA CYS I 204 51.13 38.18 -67.95
C CYS I 204 51.35 36.67 -68.11
N ASN I 205 52.13 36.11 -67.19
CA ASN I 205 52.47 34.70 -67.21
C ASN I 205 51.50 33.84 -66.41
N VAL I 206 50.86 32.89 -67.10
CA VAL I 206 49.86 32.03 -66.48
C VAL I 206 50.28 30.56 -66.56
N ALA I 207 50.83 30.04 -65.46
CA ALA I 207 51.27 28.65 -65.42
C ALA I 207 50.30 27.78 -64.62
N HIS I 208 50.39 26.47 -64.82
CA HIS I 208 49.49 25.51 -64.16
C HIS I 208 50.16 24.15 -64.04
N PRO I 209 50.85 23.90 -62.91
CA PRO I 209 51.62 22.68 -62.67
C PRO I 209 50.86 21.38 -62.94
N ALA I 210 49.58 21.33 -62.57
CA ALA I 210 48.79 20.11 -62.69
C ALA I 210 48.43 19.79 -64.14
N SER I 211 48.47 20.80 -65.00
CA SER I 211 48.15 20.62 -66.41
C SER I 211 49.38 20.81 -67.29
N SER I 212 50.47 21.27 -66.68
CA SER I 212 51.71 21.51 -67.40
C SER I 212 51.48 22.40 -68.61
N THR I 213 50.86 23.56 -68.38
CA THR I 213 50.61 24.51 -69.45
C THR I 213 50.83 25.94 -68.98
N LYS I 214 51.71 26.65 -69.69
CA LYS I 214 52.00 28.04 -69.38
C LYS I 214 51.71 28.91 -70.61
N VAL I 215 50.81 29.87 -70.46
CA VAL I 215 50.38 30.70 -71.57
C VAL I 215 50.61 32.19 -71.29
N ASP I 216 50.86 32.94 -72.35
CA ASP I 216 51.07 34.39 -72.24
C ASP I 216 50.04 35.16 -73.07
N LYS I 217 49.53 36.25 -72.50
CA LYS I 217 48.60 37.11 -73.22
C LYS I 217 49.08 38.56 -73.16
N LYS I 218 49.31 39.13 -74.33
CA LYS I 218 49.80 40.50 -74.43
C LYS I 218 48.65 41.49 -74.26
N ILE I 219 48.79 42.38 -73.28
CA ILE I 219 47.77 43.41 -73.05
C ILE I 219 47.92 44.56 -74.04
N VAL I 220 46.99 44.64 -74.98
CA VAL I 220 47.00 45.69 -75.99
C VAL I 220 45.80 46.63 -75.80
N PRO I 221 45.98 47.92 -76.13
CA PRO I 221 44.92 48.93 -75.96
C PRO I 221 43.83 48.84 -77.03
N GLU J 1 30.97 -37.84 -17.99
CA GLU J 1 30.32 -37.86 -19.30
C GLU J 1 28.84 -38.19 -19.15
N VAL J 2 28.02 -37.56 -19.98
CA VAL J 2 26.58 -37.82 -19.96
C VAL J 2 26.24 -38.94 -20.94
N GLN J 3 25.14 -39.63 -20.69
CA GLN J 3 24.71 -40.71 -21.57
C GLN J 3 23.20 -40.88 -21.56
N LEU J 4 22.64 -41.16 -22.72
CA LEU J 4 21.24 -41.47 -22.84
C LEU J 4 21.10 -42.86 -23.46
N GLN J 5 20.82 -43.85 -22.63
CA GLN J 5 20.65 -45.22 -23.11
C GLN J 5 19.17 -45.56 -23.26
N GLN J 6 18.76 -45.88 -24.48
CA GLN J 6 17.37 -46.19 -24.76
C GLN J 6 17.10 -47.69 -24.73
N SER J 7 15.84 -48.06 -24.64
CA SER J 7 15.45 -49.47 -24.60
C SER J 7 15.81 -50.18 -25.91
N GLY J 8 15.80 -51.51 -25.88
CA GLY J 8 16.14 -52.30 -27.04
C GLY J 8 15.08 -52.23 -28.12
N PRO J 9 15.35 -52.89 -29.25
CA PRO J 9 14.44 -52.93 -30.40
C PRO J 9 13.16 -53.70 -30.05
N GLU J 10 12.05 -53.35 -30.68
CA GLU J 10 10.77 -53.95 -30.37
C GLU J 10 10.00 -54.32 -31.63
N LEU J 11 9.33 -55.46 -31.58
CA LEU J 11 8.46 -55.90 -32.66
C LEU J 11 7.04 -56.06 -32.13
N VAL J 12 6.11 -55.27 -32.66
CA VAL J 12 4.73 -55.32 -32.19
C VAL J 12 3.73 -55.31 -33.33
N ARG J 13 2.59 -55.95 -33.12
CA ARG J 13 1.54 -56.00 -34.12
C ARG J 13 0.73 -54.71 -34.13
N PRO J 14 0.16 -54.36 -35.30
CA PRO J 14 -0.67 -53.16 -35.45
C PRO J 14 -1.84 -53.16 -34.47
N GLY J 15 -2.23 -51.98 -34.02
CA GLY J 15 -3.33 -51.86 -33.08
C GLY J 15 -2.84 -51.83 -31.64
N ALA J 16 -1.73 -52.49 -31.39
CA ALA J 16 -1.15 -52.53 -30.05
C ALA J 16 -0.45 -51.21 -29.73
N SER J 17 0.15 -51.15 -28.55
CA SER J 17 0.87 -49.95 -28.13
C SER J 17 2.02 -50.33 -27.21
N MET J 18 3.22 -49.82 -27.51
CA MET J 18 4.38 -50.11 -26.69
C MET J 18 5.05 -48.83 -26.20
N LYS J 19 5.96 -48.98 -25.24
CA LYS J 19 6.58 -47.83 -24.59
C LYS J 19 8.10 -47.98 -24.53
N ILE J 20 8.82 -47.05 -25.17
CA ILE J 20 10.28 -47.06 -25.16
C ILE J 20 10.86 -46.10 -24.13
N SER J 21 12.01 -46.47 -23.58
CA SER J 21 12.60 -45.71 -22.48
C SER J 21 13.91 -45.04 -22.87
N CYS J 22 14.37 -44.13 -22.02
CA CYS J 22 15.61 -43.39 -22.26
C CYS J 22 16.24 -43.04 -20.92
N LYS J 23 17.10 -43.90 -20.42
CA LYS J 23 17.73 -43.71 -19.12
C LYS J 23 18.91 -42.74 -19.18
N ALA J 24 18.79 -41.62 -18.49
CA ALA J 24 19.83 -40.61 -18.47
C ALA J 24 20.79 -40.80 -17.30
N SER J 25 22.06 -40.49 -17.54
CA SER J 25 23.08 -40.60 -16.50
C SER J 25 24.23 -39.67 -16.81
N GLY J 26 24.91 -39.20 -15.76
CA GLY J 26 26.06 -38.34 -15.93
C GLY J 26 25.73 -36.87 -15.80
N TYR J 27 24.47 -36.57 -15.52
CA TYR J 27 24.05 -35.19 -15.33
C TYR J 27 22.81 -35.10 -14.46
N SER J 28 22.59 -33.94 -13.86
CA SER J 28 21.40 -33.71 -13.05
C SER J 28 20.16 -33.87 -13.93
N PHE J 29 19.58 -35.07 -13.91
CA PHE J 29 18.52 -35.45 -14.84
C PHE J 29 17.38 -34.43 -14.94
N THR J 30 17.02 -33.86 -13.80
CA THR J 30 15.83 -33.03 -13.71
C THR J 30 16.09 -31.60 -14.21
N GLY J 31 17.29 -31.35 -14.72
CA GLY J 31 17.67 -30.01 -15.13
C GLY J 31 17.55 -29.73 -16.61
N TYR J 32 17.54 -30.78 -17.43
CA TYR J 32 17.49 -30.62 -18.87
C TYR J 32 16.24 -31.28 -19.47
N THR J 33 15.53 -30.54 -20.32
CA THR J 33 14.31 -31.09 -20.92
C THR J 33 14.65 -32.04 -22.09
N MET J 34 13.79 -33.02 -22.32
CA MET J 34 14.06 -34.06 -23.32
C MET J 34 13.19 -33.92 -24.57
N ASN J 35 13.82 -34.10 -25.73
CA ASN J 35 13.09 -34.14 -27.00
C ASN J 35 12.98 -35.57 -27.50
N TRP J 36 11.95 -35.84 -28.30
CA TRP J 36 11.84 -37.14 -28.95
C TRP J 36 11.75 -36.95 -30.46
N VAL J 37 12.65 -37.62 -31.18
CA VAL J 37 12.73 -37.49 -32.63
C VAL J 37 12.45 -38.82 -33.31
N LYS J 38 11.68 -38.79 -34.39
CA LYS J 38 11.34 -39.99 -35.14
C LYS J 38 12.00 -40.01 -36.52
N GLN J 39 12.88 -40.97 -36.75
CA GLN J 39 13.53 -41.13 -38.04
C GLN J 39 12.95 -42.33 -38.79
N SER J 40 12.10 -42.06 -39.77
CA SER J 40 11.49 -43.12 -40.55
C SER J 40 12.18 -43.28 -41.90
N HIS J 41 12.03 -44.45 -42.50
CA HIS J 41 12.66 -44.73 -43.78
C HIS J 41 11.96 -43.96 -44.90
N GLY J 42 10.66 -43.71 -44.70
CA GLY J 42 9.86 -43.04 -45.71
C GLY J 42 9.99 -41.53 -45.75
N LYS J 43 10.28 -40.93 -44.61
CA LYS J 43 10.39 -39.48 -44.52
C LYS J 43 11.69 -39.02 -43.86
N ASN J 44 11.76 -37.74 -43.51
CA ASN J 44 12.94 -37.19 -42.86
C ASN J 44 12.88 -37.42 -41.35
N LEU J 45 13.60 -36.59 -40.62
CA LEU J 45 13.49 -36.56 -39.17
C LEU J 45 12.26 -35.76 -38.78
N GLU J 46 11.49 -36.28 -37.84
CA GLU J 46 10.33 -35.55 -37.34
C GLU J 46 10.45 -35.31 -35.85
N TRP J 47 10.06 -34.12 -35.42
CA TRP J 47 10.06 -33.79 -34.00
C TRP J 47 8.71 -34.16 -33.38
N ILE J 48 8.74 -35.10 -32.43
CA ILE J 48 7.51 -35.59 -31.82
C ILE J 48 7.02 -34.64 -30.72
N GLY J 49 7.86 -34.39 -29.73
CA GLY J 49 7.49 -33.52 -28.63
C GLY J 49 8.64 -33.40 -27.64
N LEU J 50 8.39 -32.70 -26.54
CA LEU J 50 9.41 -32.54 -25.52
C LEU J 50 8.78 -32.52 -24.12
N ILE J 51 9.57 -32.88 -23.13
CA ILE J 51 9.10 -32.91 -21.75
C ILE J 51 10.13 -32.35 -20.79
N ASN J 52 9.68 -31.57 -19.82
CA ASN J 52 10.54 -31.04 -18.78
C ASN J 52 10.48 -31.94 -17.55
N PRO J 53 11.58 -32.66 -17.28
CA PRO J 53 11.62 -33.63 -16.17
C PRO J 53 11.19 -32.99 -14.86
N TYR J 54 11.76 -31.83 -14.56
CA TYR J 54 11.50 -31.16 -13.29
C TYR J 54 10.05 -30.74 -13.16
N ASN J 55 9.45 -30.43 -14.30
CA ASN J 55 8.15 -29.79 -14.34
C ASN J 55 7.01 -30.76 -14.60
N GLY J 56 7.30 -31.80 -15.37
CA GLY J 56 6.28 -32.73 -15.83
C GLY J 56 5.64 -32.17 -17.09
N GLY J 57 5.90 -30.90 -17.36
CA GLY J 57 5.30 -30.21 -18.49
C GLY J 57 5.67 -30.81 -19.83
N THR J 58 4.72 -30.81 -20.75
CA THR J 58 4.95 -31.37 -22.08
C THR J 58 4.42 -30.47 -23.17
N SER J 59 5.02 -30.57 -24.36
CA SER J 59 4.54 -29.88 -25.54
C SER J 59 4.74 -30.75 -26.77
N TYR J 60 3.64 -31.11 -27.44
CA TYR J 60 3.71 -32.02 -28.57
C TYR J 60 3.63 -31.32 -29.93
N ASN J 61 4.22 -31.96 -30.93
CA ASN J 61 4.00 -31.56 -32.31
C ASN J 61 2.56 -31.90 -32.66
N GLN J 62 1.85 -30.95 -33.26
CA GLN J 62 0.44 -31.16 -33.60
C GLN J 62 0.23 -32.51 -34.28
N LYS J 63 1.23 -32.93 -35.05
CA LYS J 63 1.15 -34.17 -35.81
C LYS J 63 1.00 -35.40 -34.91
N PHE J 64 1.72 -35.41 -33.79
CA PHE J 64 1.74 -36.55 -32.88
C PHE J 64 0.83 -36.38 -31.67
N LYS J 65 -0.02 -35.36 -31.70
CA LYS J 65 -1.00 -35.15 -30.65
C LYS J 65 -1.95 -36.34 -30.57
N GLY J 66 -1.73 -37.20 -29.59
CA GLY J 66 -2.58 -38.37 -29.41
C GLY J 66 -1.87 -39.66 -29.80
N LYS J 67 -0.79 -39.52 -30.58
CA LYS J 67 0.00 -40.69 -30.98
C LYS J 67 1.10 -40.99 -29.96
N ALA J 68 1.71 -39.94 -29.43
CA ALA J 68 2.77 -40.10 -28.44
C ALA J 68 2.37 -39.47 -27.10
N THR J 69 2.88 -40.06 -26.02
CA THR J 69 2.63 -39.55 -24.68
C THR J 69 3.92 -39.55 -23.86
N LEU J 70 4.53 -38.38 -23.71
CA LEU J 70 5.78 -38.26 -22.98
C LEU J 70 5.57 -38.21 -21.47
N THR J 71 6.32 -39.05 -20.77
CA THR J 71 6.30 -39.06 -19.32
C THR J 71 7.73 -39.10 -18.80
N VAL J 72 7.89 -39.12 -17.49
CA VAL J 72 9.22 -39.10 -16.89
C VAL J 72 9.20 -39.66 -15.48
N ASP J 73 10.22 -40.43 -15.13
CA ASP J 73 10.34 -40.99 -13.80
C ASP J 73 11.58 -40.43 -13.11
N LYS J 74 11.40 -39.43 -12.25
CA LYS J 74 12.51 -38.73 -11.61
C LYS J 74 13.44 -39.66 -10.84
N SER J 75 12.85 -40.62 -10.11
CA SER J 75 13.63 -41.51 -9.25
C SER J 75 14.68 -42.29 -10.02
N SER J 76 14.32 -42.78 -11.19
CA SER J 76 15.22 -43.62 -11.99
C SER J 76 15.88 -42.85 -13.12
N SER J 77 15.71 -41.53 -13.13
CA SER J 77 16.29 -40.69 -14.17
C SER J 77 15.97 -41.20 -15.56
N THR J 78 14.73 -41.60 -15.78
CA THR J 78 14.34 -42.19 -17.05
C THR J 78 13.20 -41.42 -17.72
N ALA J 79 13.33 -41.17 -19.02
CA ALA J 79 12.26 -40.57 -19.80
C ALA J 79 11.60 -41.63 -20.67
N TYR J 80 10.27 -41.70 -20.61
CA TYR J 80 9.52 -42.70 -21.37
C TYR J 80 8.71 -42.05 -22.49
N MET J 81 8.32 -42.86 -23.47
CA MET J 81 7.43 -42.41 -24.54
C MET J 81 6.46 -43.50 -24.96
N GLU J 82 5.17 -43.25 -24.74
CA GLU J 82 4.14 -44.18 -25.19
C GLU J 82 3.80 -43.91 -26.65
N LEU J 83 3.48 -44.97 -27.38
CA LEU J 83 2.98 -44.85 -28.75
C LEU J 83 1.72 -45.67 -28.91
N LEU J 84 0.59 -44.99 -29.15
CA LEU J 84 -0.71 -45.66 -29.21
C LEU J 84 -1.14 -45.99 -30.63
N SER J 85 -2.09 -46.91 -30.74
CA SER J 85 -2.66 -47.30 -32.03
C SER J 85 -1.60 -47.49 -33.10
N LEU J 86 -0.55 -48.22 -32.76
CA LEU J 86 0.57 -48.44 -33.67
C LEU J 86 0.13 -48.98 -35.03
N THR J 87 0.74 -48.46 -36.08
CA THR J 87 0.44 -48.90 -37.44
C THR J 87 1.72 -49.05 -38.26
N SER J 88 1.56 -49.32 -39.55
CA SER J 88 2.70 -49.47 -40.44
C SER J 88 3.56 -48.21 -40.46
N GLU J 89 2.91 -47.06 -40.39
CA GLU J 89 3.60 -45.77 -40.48
C GLU J 89 4.47 -45.49 -39.26
N ASP J 90 4.23 -46.21 -38.17
CA ASP J 90 4.97 -45.98 -36.95
C ASP J 90 6.28 -46.76 -36.90
N SER J 91 6.51 -47.60 -37.91
CA SER J 91 7.76 -48.35 -38.02
C SER J 91 8.90 -47.38 -38.30
N ALA J 92 9.71 -47.11 -37.28
CA ALA J 92 10.81 -46.17 -37.44
C ALA J 92 11.83 -46.33 -36.31
N VAL J 93 12.84 -45.45 -36.31
CA VAL J 93 13.80 -45.40 -35.24
C VAL J 93 13.56 -44.14 -34.41
N TYR J 94 13.28 -44.31 -33.12
CA TYR J 94 12.95 -43.19 -32.26
C TYR J 94 14.12 -42.80 -31.36
N TYR J 95 14.62 -41.57 -31.55
CA TYR J 95 15.72 -41.07 -30.75
C TYR J 95 15.20 -40.16 -29.64
N CYS J 96 15.99 -40.03 -28.58
CA CYS J 96 15.71 -39.04 -27.55
C CYS J 96 16.90 -38.10 -27.45
N ALA J 97 16.65 -36.81 -27.62
CA ALA J 97 17.71 -35.81 -27.62
C ALA J 97 17.52 -34.75 -26.54
N ARG J 98 18.56 -34.53 -25.74
CA ARG J 98 18.51 -33.59 -24.63
C ARG J 98 18.59 -32.14 -25.12
N ASP J 99 17.94 -31.24 -24.39
CA ASP J 99 18.09 -29.82 -24.66
C ASP J 99 19.36 -29.32 -23.98
N GLY J 100 19.89 -28.20 -24.46
CA GLY J 100 21.20 -27.74 -24.03
C GLY J 100 21.31 -26.97 -22.73
N ASP J 101 20.26 -26.22 -22.38
CA ASP J 101 20.35 -25.30 -21.24
C ASP J 101 20.01 -25.92 -19.89
N TYR J 102 20.62 -25.37 -18.85
CA TYR J 102 20.51 -25.87 -17.48
C TYR J 102 19.34 -25.24 -16.74
N TYR J 103 18.28 -26.02 -16.52
CA TYR J 103 17.07 -25.54 -15.88
C TYR J 103 16.44 -24.38 -16.63
N ARG J 104 16.51 -24.45 -17.96
CA ARG J 104 15.78 -23.53 -18.82
C ARG J 104 15.84 -24.03 -20.27
N TYR J 105 14.87 -23.61 -21.07
CA TYR J 105 14.75 -24.06 -22.45
C TYR J 105 15.63 -23.20 -23.36
N GLY J 106 16.60 -23.83 -24.01
CA GLY J 106 17.54 -23.11 -24.85
C GLY J 106 17.32 -23.34 -26.34
N ARG J 107 16.50 -24.33 -26.66
CA ARG J 107 16.18 -24.67 -28.04
C ARG J 107 17.43 -25.02 -28.84
N TYR J 108 18.25 -25.92 -28.30
CA TYR J 108 19.36 -26.48 -29.06
C TYR J 108 19.75 -27.85 -28.52
N PHE J 109 20.16 -28.74 -29.40
CA PHE J 109 20.33 -30.14 -29.05
C PHE J 109 21.73 -30.48 -28.52
N ASP J 110 21.75 -31.22 -27.41
CA ASP J 110 23.00 -31.72 -26.83
C ASP J 110 23.29 -33.11 -27.34
N TYR J 111 23.00 -34.08 -26.47
CA TYR J 111 23.29 -35.48 -26.73
C TYR J 111 22.04 -36.22 -27.15
N TRP J 112 22.22 -37.23 -28.01
CA TRP J 112 21.12 -38.08 -28.44
C TRP J 112 21.33 -39.49 -27.90
N GLY J 113 20.29 -40.31 -27.97
CA GLY J 113 20.42 -41.70 -27.62
C GLY J 113 20.91 -42.48 -28.81
N GLN J 114 21.20 -43.77 -28.62
CA GLN J 114 21.61 -44.62 -29.72
C GLN J 114 20.43 -44.90 -30.65
N GLY J 115 19.24 -44.61 -30.15
CA GLY J 115 18.02 -44.82 -30.90
C GLY J 115 17.34 -46.15 -30.60
N THR J 116 16.02 -46.19 -30.76
CA THR J 116 15.27 -47.42 -30.57
C THR J 116 14.51 -47.76 -31.84
N THR J 117 14.76 -48.95 -32.38
CA THR J 117 14.12 -49.38 -33.61
C THR J 117 12.79 -50.08 -33.35
N LEU J 118 11.70 -49.44 -33.75
CA LEU J 118 10.37 -50.03 -33.58
C LEU J 118 9.85 -50.58 -34.91
N THR J 119 9.54 -51.86 -34.93
CA THR J 119 9.00 -52.50 -36.13
C THR J 119 7.56 -52.94 -35.90
N VAL J 120 6.63 -52.32 -36.63
CA VAL J 120 5.22 -52.65 -36.53
C VAL J 120 4.72 -53.39 -37.76
N SER J 121 4.39 -54.66 -37.58
CA SER J 121 3.92 -55.51 -38.68
C SER J 121 3.08 -56.68 -38.19
N SER J 122 1.95 -56.92 -38.86
CA SER J 122 1.04 -58.00 -38.48
C SER J 122 1.39 -59.31 -39.17
N ALA J 123 2.68 -59.51 -39.43
CA ALA J 123 3.12 -60.66 -40.20
C ALA J 123 3.55 -61.85 -39.33
N LYS J 124 3.39 -63.05 -39.87
CA LYS J 124 3.93 -64.25 -39.26
C LYS J 124 5.19 -64.61 -40.04
N THR J 125 6.05 -65.45 -39.46
CA THR J 125 7.25 -65.88 -40.14
C THR J 125 6.91 -66.42 -41.53
N THR J 126 7.31 -65.69 -42.57
CA THR J 126 6.93 -66.02 -43.93
C THR J 126 8.13 -66.23 -44.86
N PRO J 127 8.34 -67.46 -45.32
CA PRO J 127 9.44 -67.76 -46.24
C PRO J 127 9.35 -66.91 -47.50
N PRO J 128 10.50 -66.46 -48.02
CA PRO J 128 10.56 -65.59 -49.20
C PRO J 128 10.23 -66.33 -50.50
N SER J 129 10.03 -65.57 -51.56
CA SER J 129 9.84 -66.13 -52.90
C SER J 129 10.86 -65.51 -53.84
N VAL J 130 11.78 -66.30 -54.33
CA VAL J 130 12.89 -65.78 -55.15
C VAL J 130 12.57 -65.75 -56.64
N TYR J 131 12.58 -64.54 -57.21
CA TYR J 131 12.33 -64.35 -58.63
C TYR J 131 13.59 -63.81 -59.30
N PRO J 132 13.96 -64.39 -60.46
CA PRO J 132 15.21 -64.07 -61.16
C PRO J 132 15.15 -62.73 -61.90
N LEU J 133 16.26 -62.00 -61.90
CA LEU J 133 16.35 -60.72 -62.59
C LEU J 133 17.32 -60.82 -63.76
N ALA J 134 16.79 -60.91 -64.98
CA ALA J 134 17.61 -60.96 -66.18
C ALA J 134 17.48 -59.65 -66.96
N PRO J 135 18.55 -59.28 -67.69
CA PRO J 135 18.61 -58.00 -68.43
C PRO J 135 17.69 -57.98 -69.64
N GLY J 136 16.90 -56.91 -69.77
CA GLY J 136 15.93 -56.77 -70.85
C GLY J 136 16.47 -57.15 -72.22
N SER J 137 15.66 -57.84 -73.00
CA SER J 137 16.05 -58.29 -74.33
C SER J 137 16.22 -57.13 -75.31
N MET J 144 30.16 -56.91 -70.51
CA MET J 144 29.76 -56.90 -69.11
C MET J 144 28.23 -56.89 -68.97
N VAL J 145 27.69 -57.99 -68.46
CA VAL J 145 26.25 -58.10 -68.21
C VAL J 145 25.99 -58.23 -66.72
N THR J 146 24.86 -57.69 -66.27
CA THR J 146 24.53 -57.73 -64.86
C THR J 146 23.27 -58.56 -64.60
N LEU J 147 23.36 -59.46 -63.63
CA LEU J 147 22.22 -60.28 -63.24
C LEU J 147 21.84 -60.00 -61.80
N GLY J 148 20.67 -60.48 -61.37
CA GLY J 148 20.21 -60.24 -60.02
C GLY J 148 19.16 -61.21 -59.52
N CYS J 149 19.04 -61.29 -58.20
CA CYS J 149 17.98 -62.05 -57.55
C CYS J 149 17.00 -61.09 -56.93
N LEU J 150 15.75 -61.52 -56.80
CA LEU J 150 14.74 -60.71 -56.12
C LEU J 150 14.11 -61.51 -54.99
N VAL J 151 14.63 -61.34 -53.78
CA VAL J 151 14.03 -61.98 -52.61
C VAL J 151 12.83 -61.14 -52.16
N LYS J 152 11.64 -61.54 -52.61
CA LYS J 152 10.43 -60.73 -52.44
C LYS J 152 9.42 -61.33 -51.46
N GLY J 153 9.10 -60.56 -50.41
CA GLY J 153 8.03 -60.91 -49.50
C GLY J 153 8.41 -61.92 -48.43
N TYR J 154 9.40 -61.58 -47.62
CA TYR J 154 9.83 -62.44 -46.53
C TYR J 154 9.74 -61.72 -45.19
N PHE J 155 9.86 -62.47 -44.10
CA PHE J 155 9.73 -61.91 -42.77
C PHE J 155 10.03 -62.98 -41.71
N PRO J 156 10.77 -62.61 -40.66
CA PRO J 156 11.40 -61.29 -40.56
C PRO J 156 12.79 -61.37 -41.17
N GLU J 157 13.56 -60.31 -41.04
CA GLU J 157 14.95 -60.32 -41.50
C GLU J 157 15.76 -61.25 -40.60
N PRO J 158 16.96 -61.64 -41.06
CA PRO J 158 17.55 -61.25 -42.34
C PRO J 158 17.51 -62.40 -43.35
N VAL J 159 17.91 -62.10 -44.59
CA VAL J 159 18.13 -63.12 -45.61
C VAL J 159 19.50 -62.91 -46.24
N THR J 160 20.25 -64.00 -46.40
CA THR J 160 21.59 -63.91 -46.96
C THR J 160 21.62 -64.46 -48.38
N VAL J 161 22.42 -63.81 -49.23
CA VAL J 161 22.48 -64.18 -50.63
C VAL J 161 23.93 -64.38 -51.10
N THR J 162 24.20 -65.54 -51.69
CA THR J 162 25.52 -65.81 -52.25
C THR J 162 25.40 -66.09 -53.75
N TRP J 163 26.52 -66.36 -54.40
CA TRP J 163 26.52 -66.63 -55.83
C TRP J 163 27.42 -67.82 -56.20
N ASN J 164 26.79 -68.91 -56.62
CA ASN J 164 27.50 -70.15 -56.94
C ASN J 164 28.11 -70.77 -55.70
N SER J 165 27.47 -70.54 -54.55
CA SER J 165 27.94 -71.06 -53.27
C SER J 165 29.24 -70.41 -52.83
N GLY J 166 29.49 -69.19 -53.32
CA GLY J 166 30.70 -68.46 -52.99
C GLY J 166 31.70 -68.42 -54.13
N SER J 167 31.43 -69.19 -55.18
CA SER J 167 32.32 -69.25 -56.35
C SER J 167 32.70 -67.86 -56.86
N LEU J 168 31.69 -67.05 -57.18
CA LEU J 168 31.94 -65.67 -57.57
C LEU J 168 31.57 -64.71 -56.45
N SER J 169 32.53 -63.84 -56.09
CA SER J 169 32.35 -62.89 -55.01
C SER J 169 32.58 -61.47 -55.50
N SER J 170 33.44 -61.35 -56.51
CA SER J 170 33.75 -60.06 -57.11
C SER J 170 32.58 -59.59 -57.98
N GLY J 171 32.09 -58.39 -57.72
CA GLY J 171 30.98 -57.85 -58.46
C GLY J 171 29.64 -58.19 -57.83
N VAL J 172 29.71 -58.75 -56.62
CA VAL J 172 28.50 -59.12 -55.87
C VAL J 172 28.06 -58.00 -54.94
N HIS J 173 26.83 -57.55 -55.10
CA HIS J 173 26.26 -56.51 -54.26
C HIS J 173 24.86 -56.87 -53.79
N THR J 174 24.73 -57.18 -52.50
CA THR J 174 23.42 -57.42 -51.90
C THR J 174 22.89 -56.15 -51.27
N PHE J 175 21.90 -55.54 -51.92
CA PHE J 175 21.36 -54.25 -51.49
C PHE J 175 20.55 -54.33 -50.21
N PRO J 176 20.30 -53.17 -49.58
CA PRO J 176 19.41 -53.08 -48.42
C PRO J 176 18.01 -53.58 -48.75
N ALA J 177 17.24 -53.91 -47.72
CA ALA J 177 15.86 -54.35 -47.91
C ALA J 177 14.89 -53.20 -47.67
N VAL J 178 13.69 -53.31 -48.24
CA VAL J 178 12.65 -52.32 -48.01
C VAL J 178 11.43 -53.01 -47.38
N LEU J 179 10.74 -52.30 -46.49
CA LEU J 179 9.61 -52.87 -45.77
C LEU J 179 8.28 -52.49 -46.43
N GLN J 180 7.74 -53.39 -47.25
CA GLN J 180 6.51 -53.11 -47.97
C GLN J 180 5.48 -54.23 -47.80
N SER J 181 4.26 -53.84 -47.46
CA SER J 181 3.17 -54.81 -47.26
C SER J 181 3.45 -55.70 -46.06
N ASP J 182 4.02 -55.11 -45.00
CA ASP J 182 4.38 -55.85 -43.80
C ASP J 182 5.46 -56.90 -44.06
N LEU J 183 5.89 -57.02 -45.32
CA LEU J 183 6.88 -58.01 -45.71
C LEU J 183 8.11 -57.36 -46.33
N TYR J 184 9.29 -57.77 -45.87
CA TYR J 184 10.55 -57.24 -46.39
C TYR J 184 10.81 -57.71 -47.82
N THR J 185 11.71 -57.03 -48.51
CA THR J 185 12.05 -57.34 -49.89
C THR J 185 13.36 -56.69 -50.30
N LEU J 186 14.33 -57.50 -50.72
CA LEU J 186 15.60 -56.98 -51.21
C LEU J 186 15.97 -57.59 -52.56
N SER J 187 17.19 -57.31 -53.01
CA SER J 187 17.70 -57.92 -54.23
C SER J 187 19.22 -57.81 -54.28
N SER J 188 19.85 -58.81 -54.88
CA SER J 188 21.30 -58.86 -54.97
C SER J 188 21.75 -59.01 -56.41
N SER J 189 22.72 -58.21 -56.83
CA SER J 189 23.22 -58.26 -58.19
C SER J 189 24.63 -58.84 -58.24
N VAL J 190 25.02 -59.35 -59.41
CA VAL J 190 26.35 -59.88 -59.64
C VAL J 190 26.81 -59.61 -61.06
N THR J 191 27.99 -59.03 -61.21
CA THR J 191 28.48 -58.61 -62.51
C THR J 191 29.47 -59.61 -63.12
N VAL J 192 29.23 -59.98 -64.38
CA VAL J 192 30.11 -60.89 -65.11
C VAL J 192 30.26 -60.40 -66.54
N PRO J 193 31.34 -60.82 -67.22
CA PRO J 193 31.56 -60.48 -68.63
C PRO J 193 30.48 -61.09 -69.54
N SER J 194 29.86 -60.24 -70.36
CA SER J 194 28.69 -60.62 -71.14
C SER J 194 28.75 -61.96 -71.85
N SER J 195 29.88 -62.26 -72.49
CA SER J 195 29.97 -63.43 -73.36
C SER J 195 29.98 -64.77 -72.63
N THR J 196 30.27 -64.74 -71.32
CA THR J 196 30.30 -65.98 -70.53
C THR J 196 28.90 -66.49 -70.21
N TRP J 197 27.93 -65.58 -70.19
CA TRP J 197 26.56 -65.92 -69.85
C TRP J 197 25.71 -65.98 -71.12
N PRO J 198 24.85 -67.00 -71.22
CA PRO J 198 24.62 -68.04 -70.22
C PRO J 198 25.30 -69.36 -70.57
N SER J 199 26.63 -69.37 -70.64
CA SER J 199 27.36 -70.61 -70.89
C SER J 199 27.99 -71.12 -69.59
N GLU J 200 27.77 -70.36 -68.52
CA GLU J 200 28.26 -70.75 -67.20
C GLU J 200 27.13 -70.66 -66.17
N THR J 201 26.98 -71.72 -65.38
CA THR J 201 25.93 -71.77 -64.37
C THR J 201 26.03 -70.63 -63.38
N VAL J 202 24.98 -69.83 -63.31
CA VAL J 202 24.94 -68.69 -62.39
C VAL J 202 23.77 -68.81 -61.42
N THR J 203 23.93 -69.66 -60.41
CA THR J 203 22.90 -69.86 -59.41
C THR J 203 23.13 -68.96 -58.20
N CYS J 204 22.06 -68.32 -57.73
CA CYS J 204 22.16 -67.52 -56.51
C CYS J 204 21.60 -68.30 -55.33
N ASN J 205 22.27 -68.20 -54.18
CA ASN J 205 21.88 -68.95 -52.99
C ASN J 205 21.20 -68.06 -51.96
N VAL J 206 19.90 -68.25 -51.78
CA VAL J 206 19.15 -67.48 -50.80
C VAL J 206 18.81 -68.33 -49.58
N ALA J 207 19.09 -67.79 -48.39
CA ALA J 207 18.82 -68.49 -47.15
C ALA J 207 18.02 -67.62 -46.19
N HIS J 208 16.91 -68.15 -45.69
CA HIS J 208 16.09 -67.47 -44.71
C HIS J 208 16.05 -68.30 -43.42
N PRO J 209 17.07 -68.15 -42.56
CA PRO J 209 17.26 -68.96 -41.36
C PRO J 209 16.05 -68.92 -40.43
N ALA J 210 15.29 -67.83 -40.48
CA ALA J 210 14.14 -67.65 -39.61
C ALA J 210 13.03 -68.68 -39.88
N SER J 211 13.05 -69.25 -41.07
CA SER J 211 12.06 -70.25 -41.47
C SER J 211 12.74 -71.50 -42.02
N SER J 212 14.06 -71.57 -41.86
CA SER J 212 14.84 -72.71 -42.33
C SER J 212 14.73 -72.90 -43.84
N THR J 213 14.60 -71.79 -44.57
CA THR J 213 14.43 -71.84 -46.01
C THR J 213 15.76 -71.72 -46.75
N LYS J 214 15.95 -72.57 -47.76
CA LYS J 214 17.12 -72.53 -48.62
C LYS J 214 16.70 -72.78 -50.06
N VAL J 215 16.85 -71.77 -50.91
CA VAL J 215 16.41 -71.87 -52.30
C VAL J 215 17.45 -71.41 -53.31
N ASP J 216 17.65 -72.22 -54.35
CA ASP J 216 18.54 -71.87 -55.44
C ASP J 216 17.72 -71.51 -56.68
N LYS J 217 18.13 -70.46 -57.39
CA LYS J 217 17.44 -70.02 -58.59
C LYS J 217 18.44 -69.43 -59.60
N LYS J 218 18.93 -70.27 -60.51
CA LYS J 218 19.95 -69.81 -61.46
C LYS J 218 19.35 -68.88 -62.52
N ILE J 219 20.09 -67.82 -62.84
CA ILE J 219 19.63 -66.82 -63.79
C ILE J 219 19.68 -67.36 -65.22
N VAL J 220 18.67 -67.01 -66.01
CA VAL J 220 18.56 -67.49 -67.38
C VAL J 220 17.68 -66.53 -68.20
N PRO J 221 18.09 -66.24 -69.45
CA PRO J 221 17.35 -65.32 -70.31
C PRO J 221 16.06 -65.94 -70.84
N GLN K 1 -21.84 50.67 -7.03
CA GLN K 1 -22.04 49.31 -6.54
C GLN K 1 -22.44 49.32 -5.08
N ALA K 2 -21.64 48.68 -4.23
CA ALA K 2 -21.93 48.60 -2.80
C ALA K 2 -21.44 49.86 -2.09
N VAL K 3 -22.30 50.44 -1.25
CA VAL K 3 -21.96 51.68 -0.55
C VAL K 3 -22.02 51.51 0.97
N VAL K 4 -21.06 52.10 1.68
CA VAL K 4 -21.08 52.09 3.14
C VAL K 4 -21.54 53.44 3.68
N THR K 5 -22.40 53.42 4.69
CA THR K 5 -23.01 54.64 5.21
C THR K 5 -22.74 54.81 6.71
N GLN K 6 -22.38 56.03 7.09
CA GLN K 6 -22.17 56.36 8.49
C GLN K 6 -22.84 57.68 8.86
N GLU K 7 -23.06 57.89 10.16
CA GLU K 7 -23.57 59.17 10.64
C GLU K 7 -22.60 60.27 10.25
N SER K 8 -23.13 61.37 9.71
CA SER K 8 -22.30 62.49 9.30
C SER K 8 -21.43 62.95 10.48
N ALA K 9 -22.06 63.12 11.63
CA ALA K 9 -21.34 63.52 12.84
C ALA K 9 -22.14 63.19 14.10
N LEU K 10 -21.45 63.02 15.22
CA LEU K 10 -22.08 62.74 16.49
C LEU K 10 -21.44 63.54 17.62
N THR K 11 -22.21 63.78 18.68
CA THR K 11 -21.74 64.57 19.82
C THR K 11 -21.89 63.79 21.12
N THR K 12 -20.94 63.98 22.04
CA THR K 12 -20.99 63.31 23.34
C THR K 12 -20.09 64.02 24.34
N SER K 13 -20.42 63.88 25.63
CA SER K 13 -19.63 64.51 26.68
C SER K 13 -18.66 63.50 27.30
N PRO K 14 -17.55 64.00 27.89
CA PRO K 14 -16.55 63.14 28.54
C PRO K 14 -17.18 62.26 29.61
N GLY K 15 -17.08 60.95 29.45
CA GLY K 15 -17.60 60.02 30.43
C GLY K 15 -18.81 59.25 29.94
N GLU K 16 -19.53 59.84 28.99
CA GLU K 16 -20.74 59.21 28.46
C GLU K 16 -20.42 58.04 27.54
N THR K 17 -21.47 57.44 26.97
CA THR K 17 -21.31 56.31 26.07
C THR K 17 -21.95 56.61 24.71
N VAL K 18 -21.12 56.67 23.68
CA VAL K 18 -21.58 56.95 22.34
C VAL K 18 -21.40 55.74 21.45
N THR K 19 -22.23 55.61 20.42
CA THR K 19 -22.16 54.49 19.50
C THR K 19 -22.23 54.92 18.05
N LEU K 20 -21.18 54.60 17.29
CA LEU K 20 -21.17 54.85 15.85
C LEU K 20 -21.65 53.61 15.11
N THR K 21 -22.33 53.80 14.00
CA THR K 21 -22.84 52.67 13.23
C THR K 21 -22.38 52.70 11.78
N CYS K 22 -22.32 51.52 11.19
CA CYS K 22 -21.83 51.34 9.82
C CYS K 22 -22.82 50.49 9.04
N ARG K 23 -23.44 51.06 8.03
CA ARG K 23 -24.49 50.37 7.28
C ARG K 23 -24.05 49.91 5.88
N SER K 24 -24.44 48.69 5.53
CA SER K 24 -24.19 48.16 4.20
C SER K 24 -25.42 48.36 3.32
N SER K 25 -25.21 48.72 2.06
CA SER K 25 -26.31 48.97 1.14
C SER K 25 -26.83 47.68 0.51
N THR K 26 -26.00 46.64 0.48
CA THR K 26 -26.41 45.38 -0.11
C THR K 26 -27.26 44.55 0.85
N GLY K 27 -27.20 44.89 2.13
CA GLY K 27 -27.96 44.17 3.13
C GLY K 27 -27.40 44.32 4.54
N ALA K 28 -27.62 43.30 5.36
CA ALA K 28 -27.13 43.32 6.74
C ALA K 28 -25.64 43.03 6.80
N VAL K 29 -24.94 43.74 7.68
CA VAL K 29 -23.52 43.51 7.87
C VAL K 29 -23.30 42.19 8.60
N THR K 30 -22.76 41.20 7.88
CA THR K 30 -22.48 39.90 8.49
C THR K 30 -21.01 39.77 8.87
N THR K 31 -20.64 38.63 9.45
CA THR K 31 -19.28 38.41 9.94
C THR K 31 -18.26 38.34 8.81
N ILE K 32 -18.72 37.95 7.62
CA ILE K 32 -17.83 37.87 6.46
C ILE K 32 -17.61 39.24 5.82
N ASN K 33 -18.03 40.29 6.51
CA ASN K 33 -17.73 41.65 6.09
C ASN K 33 -16.52 42.18 6.85
N PHE K 34 -16.18 41.51 7.95
CA PHE K 34 -15.02 41.87 8.75
C PHE K 34 -14.96 43.36 9.02
N ALA K 35 -16.05 43.90 9.56
CA ALA K 35 -16.16 45.33 9.82
C ALA K 35 -14.93 45.88 10.54
N ASN K 36 -14.26 46.83 9.88
CA ASN K 36 -13.09 47.49 10.45
C ASN K 36 -13.42 48.91 10.89
N TRP K 37 -12.75 49.36 11.94
CA TRP K 37 -12.91 50.73 12.41
C TRP K 37 -11.56 51.43 12.51
N VAL K 38 -11.47 52.58 11.86
CA VAL K 38 -10.22 53.33 11.81
C VAL K 38 -10.43 54.74 12.36
N GLN K 39 -9.43 55.22 13.09
CA GLN K 39 -9.50 56.56 13.68
C GLN K 39 -8.54 57.52 12.99
N GLU K 40 -9.01 58.72 12.69
CA GLU K 40 -8.17 59.74 12.08
C GLU K 40 -8.10 60.99 12.95
N LYS K 41 -6.99 61.15 13.65
CA LYS K 41 -6.73 62.36 14.42
C LYS K 41 -6.33 63.48 13.47
N PRO K 42 -6.41 64.74 13.93
CA PRO K 42 -6.02 65.88 13.09
C PRO K 42 -4.57 65.75 12.60
N ASP K 43 -4.29 66.29 11.41
CA ASP K 43 -2.97 66.23 10.79
C ASP K 43 -2.69 64.87 10.15
N HIS K 44 -3.76 64.16 9.80
CA HIS K 44 -3.65 62.90 9.06
C HIS K 44 -2.99 61.78 9.86
N LEU K 45 -3.52 61.52 11.06
CA LEU K 45 -3.00 60.44 11.89
C LEU K 45 -4.00 59.29 11.95
N PHE K 46 -3.78 58.28 11.12
CA PHE K 46 -4.66 57.11 11.07
C PHE K 46 -4.17 55.96 11.96
N THR K 47 -5.11 55.29 12.62
CA THR K 47 -4.80 54.09 13.39
C THR K 47 -6.01 53.16 13.44
N GLY K 48 -5.76 51.85 13.42
CA GLY K 48 -6.83 50.88 13.50
C GLY K 48 -7.34 50.67 14.91
N LEU K 49 -8.62 50.32 15.01
CA LEU K 49 -9.23 50.01 16.30
C LEU K 49 -9.65 48.55 16.36
N ILE K 50 -10.76 48.25 15.69
CA ILE K 50 -11.30 46.89 15.64
C ILE K 50 -11.29 46.40 14.19
N GLY K 51 -11.51 45.10 14.00
CA GLY K 51 -11.57 44.52 12.68
C GLY K 51 -11.64 43.01 12.70
N GLY K 52 -11.35 42.39 11.56
CA GLY K 52 -11.31 40.94 11.45
C GLY K 52 -12.51 40.24 12.05
N ILE K 53 -12.27 39.16 12.77
CA ILE K 53 -13.34 38.42 13.42
C ILE K 53 -13.79 39.12 14.70
N ASN K 54 -12.92 39.16 15.70
CA ASN K 54 -13.19 39.96 16.89
C ASN K 54 -11.89 40.40 17.55
N ASN K 55 -10.88 40.62 16.72
CA ASN K 55 -9.58 41.07 17.19
C ASN K 55 -9.42 42.58 17.09
N ARG K 56 -8.46 43.10 17.84
CA ARG K 56 -8.22 44.54 17.90
C ARG K 56 -6.75 44.89 17.71
N ALA K 57 -6.48 46.13 17.32
CA ALA K 57 -5.12 46.61 17.12
C ALA K 57 -4.40 46.68 18.46
N PRO K 58 -3.06 46.65 18.42
CA PRO K 58 -2.26 46.76 19.65
C PRO K 58 -2.42 48.12 20.31
N GLY K 59 -2.84 48.12 21.58
CA GLY K 59 -2.93 49.34 22.34
C GLY K 59 -4.31 50.00 22.33
N VAL K 60 -5.22 49.49 21.51
CA VAL K 60 -6.57 50.03 21.45
C VAL K 60 -7.25 49.91 22.81
N PRO K 61 -7.56 51.06 23.42
CA PRO K 61 -8.16 51.16 24.77
C PRO K 61 -9.33 50.19 24.96
N ALA K 62 -9.60 49.84 26.20
CA ALA K 62 -10.65 48.88 26.52
C ALA K 62 -12.04 49.46 26.31
N ARG K 63 -12.14 50.78 26.36
CA ARG K 63 -13.43 51.45 26.18
C ARG K 63 -14.02 51.24 24.79
N PHE K 64 -13.15 51.04 23.80
CA PHE K 64 -13.59 50.72 22.45
C PHE K 64 -14.05 49.27 22.35
N SER K 65 -15.10 49.04 21.58
CA SER K 65 -15.64 47.69 21.43
C SER K 65 -16.56 47.59 20.21
N GLY K 66 -16.50 46.45 19.53
CA GLY K 66 -17.30 46.25 18.34
C GLY K 66 -18.44 45.27 18.54
N SER K 67 -19.44 45.36 17.68
CA SER K 67 -20.61 44.48 17.74
C SER K 67 -21.43 44.58 16.46
N LEU K 68 -22.44 43.74 16.34
CA LEU K 68 -23.36 43.78 15.20
C LEU K 68 -24.79 44.09 15.62
N ILE K 69 -24.95 45.22 16.30
CA ILE K 69 -26.26 45.67 16.74
C ILE K 69 -27.21 45.85 15.56
N GLY K 70 -28.37 45.21 15.63
CA GLY K 70 -29.32 45.25 14.54
C GLY K 70 -28.80 44.51 13.32
N ASP K 71 -28.70 45.21 12.20
CA ASP K 71 -28.17 44.61 10.99
C ASP K 71 -27.04 45.45 10.40
N LYS K 72 -26.38 46.20 11.26
CA LYS K 72 -25.21 46.97 10.86
C LYS K 72 -24.10 46.92 11.92
N ALA K 73 -22.88 47.19 11.51
CA ALA K 73 -21.73 47.16 12.41
C ALA K 73 -21.73 48.36 13.35
N ALA K 74 -21.38 48.13 14.60
CA ALA K 74 -21.36 49.20 15.60
C ALA K 74 -19.98 49.34 16.24
N LEU K 75 -19.67 50.55 16.69
CA LEU K 75 -18.42 50.82 17.40
C LEU K 75 -18.78 51.63 18.64
N THR K 76 -18.68 51.01 19.81
CA THR K 76 -19.13 51.63 21.05
C THR K 76 -18.00 52.05 21.97
N ILE K 77 -17.93 53.36 22.25
CA ILE K 77 -16.94 53.89 23.17
C ILE K 77 -17.57 54.11 24.54
N THR K 78 -17.27 53.21 25.47
CA THR K 78 -17.83 53.26 26.81
C THR K 78 -16.96 54.10 27.75
N GLY K 79 -17.40 55.32 28.03
CA GLY K 79 -16.63 56.24 28.85
C GLY K 79 -15.75 57.11 27.98
N ALA K 80 -16.37 57.89 27.09
CA ALA K 80 -15.64 58.71 26.13
C ALA K 80 -14.63 59.63 26.80
N GLN K 81 -13.51 59.84 26.13
CA GLN K 81 -12.44 60.70 26.64
C GLN K 81 -12.24 61.90 25.73
N THR K 82 -11.54 62.90 26.23
CA THR K 82 -11.24 64.10 25.45
C THR K 82 -10.51 63.76 24.16
N GLU K 83 -9.47 62.94 24.26
CA GLU K 83 -8.66 62.60 23.09
C GLU K 83 -9.43 61.75 22.08
N ASP K 84 -10.55 61.20 22.51
CA ASP K 84 -11.35 60.34 21.63
C ASP K 84 -12.04 61.13 20.52
N GLU K 85 -11.89 62.45 20.56
CA GLU K 85 -12.48 63.30 19.53
C GLU K 85 -11.69 63.21 18.23
N ALA K 86 -12.25 62.51 17.26
CA ALA K 86 -11.61 62.34 15.97
C ALA K 86 -12.62 61.92 14.92
N ILE K 87 -12.13 61.61 13.72
CA ILE K 87 -13.00 61.10 12.66
C ILE K 87 -12.86 59.60 12.56
N TYR K 88 -13.99 58.90 12.61
CA TYR K 88 -13.97 57.44 12.60
C TYR K 88 -14.52 56.87 11.30
N PHE K 89 -13.66 56.18 10.56
CA PHE K 89 -14.07 55.49 9.35
C PHE K 89 -14.28 54.02 9.63
N CYS K 90 -15.36 53.46 9.10
CA CYS K 90 -15.56 52.02 9.15
C CYS K 90 -15.42 51.46 7.76
N ALA K 91 -14.89 50.26 7.65
CA ALA K 91 -14.68 49.63 6.36
C ALA K 91 -15.26 48.23 6.32
N LEU K 92 -15.99 47.92 5.26
CA LEU K 92 -16.56 46.60 5.08
C LEU K 92 -15.84 45.85 3.97
N TRP K 93 -15.79 44.52 4.10
CA TRP K 93 -15.11 43.68 3.12
C TRP K 93 -16.15 43.01 2.23
N TYR K 94 -16.20 43.41 0.97
CA TYR K 94 -17.15 42.83 0.03
C TYR K 94 -16.45 41.88 -0.93
N SER K 95 -16.45 40.59 -0.58
CA SER K 95 -15.90 39.55 -1.44
C SER K 95 -14.37 39.57 -1.57
N ASN K 96 -13.83 40.62 -2.18
CA ASN K 96 -12.40 40.65 -2.47
C ASN K 96 -11.74 42.02 -2.29
N HIS K 97 -12.47 42.99 -1.75
CA HIS K 97 -11.93 44.33 -1.55
C HIS K 97 -12.62 45.08 -0.41
N TRP K 98 -11.98 46.13 0.07
CA TRP K 98 -12.53 46.94 1.13
C TRP K 98 -13.32 48.11 0.57
N VAL K 99 -14.37 48.50 1.27
CA VAL K 99 -15.12 49.70 0.93
C VAL K 99 -15.30 50.54 2.19
N PHE K 100 -14.82 51.78 2.14
CA PHE K 100 -14.88 52.66 3.30
C PHE K 100 -16.19 53.43 3.38
N GLY K 101 -16.49 53.98 4.56
CA GLY K 101 -17.66 54.82 4.72
C GLY K 101 -17.31 56.28 4.55
N GLY K 102 -18.28 57.16 4.80
CA GLY K 102 -18.05 58.58 4.69
C GLY K 102 -17.34 59.12 5.93
N GLY K 103 -17.29 58.30 6.97
CA GLY K 103 -16.68 58.70 8.21
C GLY K 103 -17.65 59.43 9.12
N THR K 104 -17.42 59.34 10.42
CA THR K 104 -18.24 60.01 11.41
C THR K 104 -17.36 60.92 12.25
N LYS K 105 -17.70 62.20 12.30
CA LYS K 105 -16.92 63.14 13.09
C LYS K 105 -17.44 63.23 14.52
N LEU K 106 -16.85 62.43 15.40
CA LEU K 106 -17.22 62.40 16.81
C LEU K 106 -16.64 63.59 17.55
N THR K 107 -17.51 64.33 18.23
CA THR K 107 -17.08 65.49 19.00
C THR K 107 -17.27 65.26 20.49
N VAL K 108 -16.18 65.35 21.25
CA VAL K 108 -16.25 65.28 22.69
C VAL K 108 -16.29 66.70 23.25
N LEU K 109 -17.45 67.08 23.78
CA LEU K 109 -17.70 68.46 24.22
C LEU K 109 -16.84 68.93 25.38
N GLY K 110 -15.93 69.86 25.09
CA GLY K 110 -15.14 70.51 26.11
C GLY K 110 -15.27 72.01 25.95
N GLN K 111 -16.43 72.42 25.45
CA GLN K 111 -16.68 73.81 25.10
C GLN K 111 -18.15 73.96 24.75
N PRO K 112 -18.76 75.08 25.15
CA PRO K 112 -20.18 75.32 24.85
C PRO K 112 -20.39 75.55 23.34
N LYS K 113 -21.54 75.10 22.83
CA LYS K 113 -21.84 75.20 21.41
C LYS K 113 -21.77 76.64 20.91
N SER K 114 -21.28 76.82 19.70
CA SER K 114 -21.14 78.15 19.11
C SER K 114 -21.67 78.18 17.68
N SER K 115 -22.66 79.03 17.43
CA SER K 115 -23.27 79.14 16.11
C SER K 115 -22.36 79.86 15.12
N PRO K 116 -22.43 79.47 13.84
CA PRO K 116 -21.50 79.95 12.82
C PRO K 116 -21.74 81.41 12.43
N SER K 117 -20.66 82.15 12.23
CA SER K 117 -20.75 83.54 11.77
C SER K 117 -20.54 83.61 10.27
N VAL K 118 -21.63 83.56 9.52
CA VAL K 118 -21.57 83.49 8.06
C VAL K 118 -21.48 84.87 7.43
N THR K 119 -20.51 85.02 6.53
CA THR K 119 -20.34 86.26 5.78
C THR K 119 -20.23 85.96 4.28
N LEU K 120 -21.01 86.66 3.47
CA LEU K 120 -20.98 86.47 2.03
C LEU K 120 -20.47 87.71 1.31
N PHE K 121 -19.41 87.54 0.53
CA PHE K 121 -18.80 88.64 -0.20
C PHE K 121 -19.23 88.64 -1.66
N PRO K 122 -19.43 89.84 -2.23
CA PRO K 122 -19.76 89.98 -3.64
C PRO K 122 -18.50 89.96 -4.49
N PRO K 123 -18.57 89.34 -5.68
CA PRO K 123 -17.43 89.24 -6.58
C PRO K 123 -16.88 90.63 -6.93
N SER K 124 -15.69 90.95 -6.42
CA SER K 124 -15.07 92.25 -6.66
C SER K 124 -15.06 92.61 -8.14
N SER K 125 -15.51 93.82 -8.45
CA SER K 125 -15.50 94.31 -9.83
C SER K 125 -14.13 94.08 -10.44
N GLU K 126 -13.11 94.13 -9.60
CA GLU K 126 -11.74 93.89 -10.02
C GLU K 126 -11.62 92.63 -10.88
N GLU K 127 -12.02 91.48 -10.31
CA GLU K 127 -11.88 90.20 -11.01
C GLU K 127 -12.88 90.04 -12.16
N LEU K 128 -13.94 90.82 -12.14
CA LEU K 128 -14.91 90.81 -13.23
C LEU K 128 -14.25 91.25 -14.54
N GLU K 129 -13.16 92.02 -14.42
CA GLU K 129 -12.42 92.44 -15.59
C GLU K 129 -11.81 91.24 -16.29
N THR K 130 -11.54 90.19 -15.51
CA THR K 130 -11.05 88.93 -16.05
C THR K 130 -12.21 88.13 -16.61
N ASN K 131 -13.39 88.75 -16.63
CA ASN K 131 -14.60 88.13 -17.12
C ASN K 131 -14.99 86.91 -16.29
N LYS K 132 -14.55 86.91 -15.02
CA LYS K 132 -14.76 85.78 -14.13
C LYS K 132 -15.38 86.26 -12.82
N ALA K 133 -16.31 85.47 -12.28
CA ALA K 133 -17.00 85.84 -11.04
C ALA K 133 -16.85 84.77 -9.96
N THR K 134 -16.44 85.20 -8.77
CA THR K 134 -16.20 84.28 -7.66
C THR K 134 -16.79 84.79 -6.35
N LEU K 135 -17.77 84.07 -5.82
CA LEU K 135 -18.41 84.44 -4.55
C LEU K 135 -17.78 83.71 -3.37
N VAL K 136 -17.36 84.47 -2.36
CA VAL K 136 -16.72 83.91 -1.17
C VAL K 136 -17.67 83.92 0.02
N CYS K 137 -17.85 82.77 0.66
CA CYS K 137 -18.70 82.69 1.85
C CYS K 137 -17.91 82.17 3.04
N THR K 138 -17.43 83.10 3.85
CA THR K 138 -16.54 82.76 4.95
C THR K 138 -17.35 82.40 6.20
N ILE K 139 -17.01 81.26 6.81
CA ILE K 139 -17.74 80.75 7.97
C ILE K 139 -16.81 80.55 9.17
N THR K 140 -17.05 81.29 10.24
CA THR K 140 -16.13 81.27 11.38
C THR K 140 -16.81 81.07 12.74
N ASP K 141 -16.01 80.72 13.73
CA ASP K 141 -16.45 80.62 15.13
C ASP K 141 -17.66 79.73 15.34
N PHE K 142 -17.54 78.45 14.98
CA PHE K 142 -18.62 77.50 15.25
C PHE K 142 -18.10 76.22 15.89
N TYR K 143 -18.99 75.55 16.62
CA TYR K 143 -18.64 74.35 17.36
C TYR K 143 -19.92 73.58 17.68
N PRO K 144 -19.92 72.27 17.43
CA PRO K 144 -18.81 71.47 16.89
C PRO K 144 -18.50 71.80 15.43
N GLY K 145 -17.33 71.36 14.97
CA GLY K 145 -16.90 71.63 13.61
C GLY K 145 -17.54 70.74 12.58
N VAL K 146 -18.82 70.97 12.31
CA VAL K 146 -19.56 70.20 11.32
C VAL K 146 -20.71 71.02 10.74
N VAL K 147 -20.45 71.68 9.61
CA VAL K 147 -21.47 72.49 8.96
C VAL K 147 -21.75 72.00 7.56
N THR K 148 -22.97 72.25 7.08
CA THR K 148 -23.33 71.90 5.71
C THR K 148 -23.53 73.18 4.89
N VAL K 149 -22.84 73.28 3.76
CA VAL K 149 -22.92 74.48 2.94
C VAL K 149 -23.72 74.23 1.66
N ASP K 150 -24.87 74.91 1.56
CA ASP K 150 -25.71 74.81 0.37
C ASP K 150 -25.95 76.19 -0.23
N TRP K 151 -25.67 76.30 -1.53
CA TRP K 151 -25.84 77.57 -2.24
C TRP K 151 -27.20 77.64 -2.94
N LYS K 152 -27.59 78.84 -3.32
CA LYS K 152 -28.84 79.06 -4.04
C LYS K 152 -28.74 80.27 -4.96
N VAL K 153 -29.21 80.12 -6.19
CA VAL K 153 -29.24 81.22 -7.14
C VAL K 153 -30.67 81.52 -7.58
N ASP K 154 -31.26 82.56 -6.98
CA ASP K 154 -32.62 82.95 -7.29
C ASP K 154 -33.63 81.85 -6.93
N GLY K 155 -33.59 81.41 -5.67
CA GLY K 155 -34.49 80.38 -5.20
C GLY K 155 -33.97 78.98 -5.41
N THR K 156 -33.74 78.62 -6.67
CA THR K 156 -33.25 77.29 -7.02
C THR K 156 -31.83 77.04 -6.50
N PRO K 157 -31.62 75.88 -5.87
CA PRO K 157 -30.34 75.50 -5.27
C PRO K 157 -29.24 75.19 -6.29
N VAL K 158 -28.03 75.67 -6.05
CA VAL K 158 -26.90 75.46 -6.96
C VAL K 158 -26.49 73.99 -7.01
N THR K 159 -26.26 73.50 -8.23
CA THR K 159 -25.89 72.11 -8.43
C THR K 159 -24.46 71.93 -8.92
N GLN K 160 -23.94 72.94 -9.61
CA GLN K 160 -22.61 72.85 -10.21
C GLN K 160 -21.75 74.08 -9.93
N GLY K 161 -20.45 73.87 -9.72
CA GLY K 161 -19.50 74.96 -9.60
C GLY K 161 -19.19 75.39 -8.18
N MET K 162 -19.59 74.58 -7.21
CA MET K 162 -19.36 74.92 -5.81
C MET K 162 -18.32 74.01 -5.15
N GLU K 163 -17.54 74.61 -4.26
CA GLU K 163 -16.50 73.88 -3.53
C GLU K 163 -16.32 74.46 -2.13
N THR K 164 -16.50 73.60 -1.12
CA THR K 164 -16.37 74.01 0.27
C THR K 164 -15.17 73.33 0.92
N THR K 165 -14.42 74.08 1.72
CA THR K 165 -13.28 73.52 2.44
C THR K 165 -13.76 72.76 3.69
N GLN K 166 -12.98 71.75 4.11
CA GLN K 166 -13.27 71.06 5.35
C GLN K 166 -13.07 72.00 6.53
N PRO K 167 -13.95 71.92 7.53
CA PRO K 167 -13.81 72.78 8.72
C PRO K 167 -12.46 72.59 9.38
N SER K 168 -11.82 73.68 9.79
CA SER K 168 -10.52 73.61 10.44
C SER K 168 -10.52 74.32 11.79
N LYS K 169 -9.85 73.72 12.77
CA LYS K 169 -9.73 74.34 14.08
C LYS K 169 -8.99 75.65 13.94
N GLN K 170 -9.57 76.71 14.51
CA GLN K 170 -8.90 78.00 14.53
C GLN K 170 -8.27 78.22 15.90
N SER K 171 -7.93 79.47 16.19
CA SER K 171 -7.25 79.80 17.44
C SER K 171 -8.07 79.37 18.66
N ASN K 172 -9.32 79.83 18.73
CA ASN K 172 -10.14 79.63 19.93
C ASN K 172 -10.84 78.28 20.04
N ASN K 173 -10.19 77.24 19.53
CA ASN K 173 -10.72 75.88 19.62
C ASN K 173 -12.01 75.61 18.86
N LYS K 174 -12.57 76.67 18.27
CA LYS K 174 -13.74 76.54 17.38
C LYS K 174 -13.24 76.27 15.97
N TYR K 175 -14.16 75.92 15.07
CA TYR K 175 -13.78 75.58 13.70
C TYR K 175 -14.16 76.67 12.71
N MET K 176 -13.59 76.59 11.51
CA MET K 176 -13.87 77.56 10.45
C MET K 176 -13.85 76.90 9.07
N ALA K 177 -14.50 77.52 8.10
CA ALA K 177 -14.56 77.00 6.73
C ALA K 177 -14.93 78.09 5.73
N SER K 178 -14.61 77.85 4.46
CA SER K 178 -15.00 78.76 3.39
C SER K 178 -15.70 77.99 2.28
N SER K 179 -16.42 78.72 1.43
CA SER K 179 -17.09 78.12 0.29
C SER K 179 -17.06 79.08 -0.89
N TYR K 180 -16.64 78.58 -2.04
CA TYR K 180 -16.51 79.41 -3.23
C TYR K 180 -17.61 79.06 -4.25
N LEU K 181 -17.88 79.99 -5.17
CA LEU K 181 -18.81 79.74 -6.27
C LEU K 181 -18.20 80.21 -7.60
N THR K 182 -18.26 79.35 -8.61
CA THR K 182 -17.62 79.63 -9.89
C THR K 182 -18.62 80.07 -10.96
N LEU K 183 -18.41 81.26 -11.52
CA LEU K 183 -19.30 81.81 -12.53
C LEU K 183 -18.55 82.61 -13.59
N THR K 184 -19.27 83.46 -14.31
CA THR K 184 -18.65 84.30 -15.34
C THR K 184 -19.10 85.76 -15.24
N CYS K 196 -26.24 81.45 0.02
CA CYS K 196 -25.21 80.82 0.85
C CYS K 196 -25.71 80.51 2.25
N GLN K 197 -26.46 79.43 2.39
CA GLN K 197 -26.99 79.04 3.69
C GLN K 197 -26.18 77.92 4.32
N VAL K 198 -25.95 78.03 5.63
CA VAL K 198 -25.08 77.11 6.35
C VAL K 198 -25.81 76.42 7.49
N THR K 199 -25.84 75.10 7.46
CA THR K 199 -26.50 74.32 8.50
C THR K 199 -25.52 73.87 9.58
N HIS K 200 -25.90 74.06 10.84
CA HIS K 200 -25.06 73.67 11.96
C HIS K 200 -25.87 73.22 13.17
N GLU K 201 -25.64 71.98 13.59
CA GLU K 201 -26.24 71.46 14.81
C GLU K 201 -27.78 71.49 14.75
N GLY K 202 -28.31 71.73 13.56
CA GLY K 202 -29.74 71.77 13.37
C GLY K 202 -30.24 73.06 12.75
N HIS K 203 -29.87 74.19 13.35
CA HIS K 203 -30.32 75.48 12.86
C HIS K 203 -29.59 75.88 11.59
N THR K 204 -30.04 76.97 10.97
CA THR K 204 -29.44 77.45 9.74
C THR K 204 -29.21 78.96 9.77
N VAL K 205 -28.11 79.39 9.15
CA VAL K 205 -27.79 80.80 9.04
C VAL K 205 -27.61 81.18 7.57
N GLU K 206 -28.38 82.18 7.13
CA GLU K 206 -28.36 82.57 5.73
C GLU K 206 -27.82 83.98 5.53
N LYS K 207 -27.02 84.16 4.49
CA LYS K 207 -26.57 85.48 4.07
C LYS K 207 -26.63 85.58 2.55
N SER K 208 -27.37 86.56 2.05
CA SER K 208 -27.56 86.72 0.62
C SER K 208 -27.20 88.12 0.13
N LEU K 209 -27.40 88.36 -1.16
CA LEU K 209 -27.09 89.65 -1.77
C LEU K 209 -27.72 89.79 -3.15
N SER K 210 -28.12 91.01 -3.50
CA SER K 210 -28.74 91.29 -4.79
C SER K 210 -27.81 92.08 -5.71
N GLN L 1 -36.40 -39.53 -6.97
CA GLN L 1 -35.25 -38.78 -7.47
C GLN L 1 -34.07 -39.70 -7.74
N ALA L 2 -32.95 -39.44 -7.06
CA ALA L 2 -31.75 -40.25 -7.22
C ALA L 2 -31.81 -41.50 -6.36
N VAL L 3 -31.50 -42.65 -6.96
CA VAL L 3 -31.57 -43.92 -6.25
C VAL L 3 -30.24 -44.66 -6.23
N VAL L 4 -29.89 -45.24 -5.08
CA VAL L 4 -28.68 -46.04 -4.98
C VAL L 4 -29.01 -47.54 -5.01
N THR L 5 -28.23 -48.30 -5.76
CA THR L 5 -28.51 -49.72 -5.98
C THR L 5 -27.35 -50.62 -5.54
N GLN L 6 -27.67 -51.69 -4.84
CA GLN L 6 -26.67 -52.66 -4.42
C GLN L 6 -27.14 -54.09 -4.67
N GLU L 7 -26.21 -55.03 -4.72
CA GLU L 7 -26.54 -56.44 -4.85
C GLU L 7 -27.40 -56.84 -3.66
N SER L 8 -28.48 -57.55 -3.93
CA SER L 8 -29.38 -57.99 -2.87
C SER L 8 -28.59 -58.75 -1.81
N ALA L 9 -27.77 -59.69 -2.26
CA ALA L 9 -26.94 -60.49 -1.36
C ALA L 9 -25.77 -61.14 -2.11
N LEU L 10 -24.70 -61.42 -1.38
CA LEU L 10 -23.53 -62.08 -1.95
C LEU L 10 -22.99 -63.16 -1.03
N THR L 11 -22.30 -64.13 -1.62
CA THR L 11 -21.75 -65.26 -0.86
C THR L 11 -20.25 -65.40 -1.09
N THR L 12 -19.52 -65.81 -0.05
CA THR L 12 -18.08 -66.01 -0.18
C THR L 12 -17.57 -66.88 0.96
N SER L 13 -16.45 -67.56 0.73
CA SER L 13 -15.85 -68.42 1.74
C SER L 13 -14.71 -67.71 2.47
N PRO L 14 -14.42 -68.14 3.71
CA PRO L 14 -13.34 -67.54 4.49
C PRO L 14 -12.00 -67.62 3.76
N GLY L 15 -11.40 -66.45 3.50
CA GLY L 15 -10.11 -66.39 2.83
C GLY L 15 -10.18 -65.84 1.42
N GLU L 16 -11.36 -65.97 0.80
CA GLU L 16 -11.54 -65.51 -0.57
C GLU L 16 -11.63 -64.00 -0.66
N THR L 17 -11.86 -63.49 -1.86
CA THR L 17 -11.98 -62.06 -2.09
C THR L 17 -13.32 -61.72 -2.74
N VAL L 18 -14.13 -60.97 -2.01
CA VAL L 18 -15.44 -60.59 -2.50
C VAL L 18 -15.49 -59.09 -2.73
N THR L 19 -16.35 -58.65 -3.66
CA THR L 19 -16.49 -57.23 -3.95
C THR L 19 -17.94 -56.78 -4.04
N LEU L 20 -18.32 -55.84 -3.19
CA LEU L 20 -19.65 -55.24 -3.23
C LEU L 20 -19.61 -53.99 -4.08
N THR L 21 -20.70 -53.71 -4.79
CA THR L 21 -20.74 -52.53 -5.64
C THR L 21 -21.94 -51.63 -5.32
N CYS L 22 -21.78 -50.35 -5.63
CA CYS L 22 -22.78 -49.34 -5.32
C CYS L 22 -23.02 -48.49 -6.55
N ARG L 23 -24.23 -48.56 -7.09
CA ARG L 23 -24.54 -47.88 -8.35
C ARG L 23 -25.41 -46.63 -8.16
N SER L 24 -25.07 -45.57 -8.89
CA SER L 24 -25.87 -44.36 -8.91
C SER L 24 -26.80 -44.36 -10.11
N SER L 25 -28.02 -43.89 -9.92
CA SER L 25 -29.02 -43.88 -10.99
C SER L 25 -28.86 -42.65 -11.90
N THR L 26 -28.25 -41.60 -11.37
CA THR L 26 -28.07 -40.37 -12.15
C THR L 26 -26.88 -40.47 -13.10
N GLY L 27 -26.00 -41.43 -12.85
CA GLY L 27 -24.83 -41.62 -13.69
C GLY L 27 -23.71 -42.36 -12.97
N ALA L 28 -22.48 -42.07 -13.39
CA ALA L 28 -21.32 -42.71 -12.80
C ALA L 28 -20.99 -42.12 -11.44
N VAL L 29 -20.59 -42.97 -10.49
CA VAL L 29 -20.20 -42.51 -9.17
C VAL L 29 -18.85 -41.82 -9.24
N THR L 30 -18.85 -40.50 -9.05
CA THR L 30 -17.62 -39.73 -9.07
C THR L 30 -17.10 -39.44 -7.66
N THR L 31 -15.97 -38.77 -7.57
CA THR L 31 -15.35 -38.49 -6.28
C THR L 31 -16.17 -37.53 -5.41
N ILE L 32 -16.98 -36.69 -6.05
CA ILE L 32 -17.82 -35.75 -5.31
C ILE L 32 -19.09 -36.43 -4.79
N ASN L 33 -19.12 -37.76 -4.86
CA ASN L 33 -20.21 -38.51 -4.25
C ASN L 33 -19.78 -39.03 -2.89
N PHE L 34 -18.47 -39.01 -2.66
CA PHE L 34 -17.91 -39.42 -1.38
C PHE L 34 -18.51 -40.74 -0.89
N ALA L 35 -18.43 -41.75 -1.74
CA ALA L 35 -19.01 -43.04 -1.45
C ALA L 35 -18.62 -43.55 -0.05
N ASN L 36 -19.64 -43.77 0.78
CA ASN L 36 -19.44 -44.29 2.13
C ASN L 36 -19.89 -45.74 2.23
N TRP L 37 -19.22 -46.50 3.07
CA TRP L 37 -19.61 -47.89 3.31
C TRP L 37 -19.81 -48.13 4.81
N VAL L 38 -20.98 -48.65 5.16
CA VAL L 38 -21.34 -48.89 6.54
C VAL L 38 -21.66 -50.36 6.76
N GLN L 39 -21.25 -50.88 7.91
CA GLN L 39 -21.50 -52.28 8.24
C GLN L 39 -22.54 -52.40 9.36
N GLU L 40 -23.49 -53.31 9.21
CA GLU L 40 -24.50 -53.56 10.23
C GLU L 40 -24.45 -55.00 10.69
N LYS L 41 -23.87 -55.22 11.87
CA LYS L 41 -23.88 -56.53 12.51
C LYS L 41 -25.26 -56.80 13.10
N PRO L 42 -25.58 -58.07 13.40
CA PRO L 42 -26.87 -58.39 14.00
C PRO L 42 -27.08 -57.64 15.31
N ASP L 43 -28.35 -57.34 15.62
CA ASP L 43 -28.73 -56.60 16.82
C ASP L 43 -28.50 -55.10 16.67
N HIS L 44 -28.49 -54.63 15.43
CA HIS L 44 -28.39 -53.20 15.14
C HIS L 44 -27.06 -52.57 15.55
N LEU L 45 -25.95 -53.16 15.09
CA LEU L 45 -24.63 -52.63 15.36
C LEU L 45 -24.03 -52.01 14.11
N PHE L 46 -24.14 -50.69 13.98
CA PHE L 46 -23.60 -50.00 12.82
C PHE L 46 -22.19 -49.45 13.07
N THR L 47 -21.34 -49.53 12.04
CA THR L 47 -20.01 -48.92 12.08
C THR L 47 -19.56 -48.52 10.68
N GLY L 48 -18.83 -47.41 10.59
CA GLY L 48 -18.31 -46.97 9.31
C GLY L 48 -17.06 -47.73 8.87
N LEU L 49 -16.87 -47.84 7.57
CA LEU L 49 -15.68 -48.47 7.01
C LEU L 49 -14.87 -47.44 6.21
N ILE L 50 -15.34 -47.14 5.01
CA ILE L 50 -14.68 -46.18 4.13
C ILE L 50 -15.61 -44.99 3.90
N GLY L 51 -15.06 -43.92 3.32
CA GLY L 51 -15.86 -42.76 2.98
C GLY L 51 -15.01 -41.60 2.54
N GLY L 52 -15.59 -40.40 2.54
CA GLY L 52 -14.87 -39.18 2.19
C GLY L 52 -14.08 -39.28 0.90
N ILE L 53 -12.87 -38.75 0.91
CA ILE L 53 -12.01 -38.82 -0.26
C ILE L 53 -11.36 -40.19 -0.40
N ASN L 54 -10.49 -40.55 0.53
CA ASN L 54 -9.97 -41.91 0.59
C ASN L 54 -9.56 -42.27 2.00
N ASN L 55 -10.29 -41.71 2.96
CA ASN L 55 -10.05 -41.97 4.38
C ASN L 55 -10.95 -43.07 4.93
N ARG L 56 -10.54 -43.65 6.06
CA ARG L 56 -11.26 -44.75 6.67
C ARG L 56 -11.50 -44.53 8.16
N ALA L 57 -12.50 -45.22 8.70
CA ALA L 57 -12.81 -45.13 10.12
C ALA L 57 -11.69 -45.73 10.95
N PRO L 58 -11.62 -45.34 12.24
CA PRO L 58 -10.58 -45.88 13.13
C PRO L 58 -10.80 -47.37 13.39
N GLY L 59 -9.78 -48.18 13.10
CA GLY L 59 -9.83 -49.60 13.40
C GLY L 59 -10.31 -50.47 12.25
N VAL L 60 -10.79 -49.86 11.17
CA VAL L 60 -11.22 -50.61 10.01
C VAL L 60 -10.07 -51.45 9.45
N PRO L 61 -10.22 -52.77 9.50
CA PRO L 61 -9.20 -53.75 9.08
C PRO L 61 -8.60 -53.40 7.71
N ALA L 62 -7.39 -53.88 7.46
CA ALA L 62 -6.69 -53.58 6.23
C ALA L 62 -7.29 -54.28 5.02
N ARG L 63 -7.98 -55.39 5.27
CA ARG L 63 -8.59 -56.17 4.21
C ARG L 63 -9.68 -55.39 3.48
N PHE L 64 -10.32 -54.46 4.16
CA PHE L 64 -11.31 -53.58 3.54
C PHE L 64 -10.62 -52.50 2.70
N SER L 65 -11.20 -52.17 1.56
CA SER L 65 -10.64 -51.17 0.67
C SER L 65 -11.66 -50.66 -0.33
N GLY L 66 -11.60 -49.37 -0.64
CA GLY L 66 -12.54 -48.78 -1.57
C GLY L 66 -11.92 -48.42 -2.90
N SER L 67 -12.76 -48.29 -3.92
CA SER L 67 -12.32 -47.94 -5.26
C SER L 67 -13.49 -47.52 -6.14
N LEU L 68 -13.21 -47.07 -7.36
CA LEU L 68 -14.25 -46.72 -8.31
C LEU L 68 -14.18 -47.58 -9.56
N ILE L 69 -14.26 -48.89 -9.37
CA ILE L 69 -14.23 -49.84 -10.48
C ILE L 69 -15.39 -49.57 -11.44
N GLY L 70 -15.07 -49.43 -12.72
CA GLY L 70 -16.07 -49.12 -13.72
C GLY L 70 -16.62 -47.72 -13.52
N ASP L 71 -17.93 -47.63 -13.32
CA ASP L 71 -18.57 -46.34 -13.08
C ASP L 71 -19.43 -46.39 -11.83
N LYS L 72 -19.09 -47.29 -10.91
CA LYS L 72 -19.76 -47.34 -9.62
C LYS L 72 -18.76 -47.59 -8.49
N ALA L 73 -19.16 -47.26 -7.27
CA ALA L 73 -18.30 -47.42 -6.10
C ALA L 73 -18.19 -48.89 -5.69
N ALA L 74 -16.99 -49.31 -5.31
CA ALA L 74 -16.77 -50.70 -4.92
C ALA L 74 -16.20 -50.79 -3.51
N LEU L 75 -16.46 -51.90 -2.85
CA LEU L 75 -15.94 -52.18 -1.52
C LEU L 75 -15.37 -53.60 -1.54
N THR L 76 -14.06 -53.72 -1.49
CA THR L 76 -13.41 -55.01 -1.67
C THR L 76 -12.79 -55.56 -0.38
N ILE L 77 -13.28 -56.70 0.05
CA ILE L 77 -12.73 -57.38 1.22
C ILE L 77 -11.74 -58.47 0.79
N THR L 78 -10.45 -58.18 0.92
CA THR L 78 -9.42 -59.12 0.51
C THR L 78 -9.03 -60.06 1.65
N GLY L 79 -9.52 -61.29 1.57
CA GLY L 79 -9.28 -62.27 2.63
C GLY L 79 -10.42 -62.24 3.63
N ALA L 80 -11.62 -62.53 3.16
CA ALA L 80 -12.81 -62.46 3.99
C ALA L 80 -12.68 -63.29 5.26
N GLN L 81 -13.27 -62.80 6.34
CA GLN L 81 -13.24 -63.47 7.62
C GLN L 81 -14.65 -63.86 8.07
N THR L 82 -14.74 -64.75 9.04
CA THR L 82 -16.02 -65.19 9.58
C THR L 82 -16.85 -64.01 10.08
N GLU L 83 -16.23 -63.14 10.88
CA GLU L 83 -16.95 -62.02 11.47
C GLU L 83 -17.38 -61.00 10.42
N ASP L 84 -16.81 -61.10 9.22
CA ASP L 84 -17.12 -60.14 8.16
C ASP L 84 -18.53 -60.35 7.61
N GLU L 85 -19.22 -61.37 8.10
CA GLU L 85 -20.58 -61.62 7.67
C GLU L 85 -21.55 -60.64 8.29
N ALA L 86 -22.01 -59.69 7.49
CA ALA L 86 -22.94 -58.67 7.95
C ALA L 86 -23.67 -58.04 6.77
N ILE L 87 -24.46 -57.01 7.05
CA ILE L 87 -25.13 -56.25 6.01
C ILE L 87 -24.35 -54.98 5.72
N TYR L 88 -24.01 -54.75 4.46
CA TYR L 88 -23.22 -53.57 4.09
C TYR L 88 -24.03 -52.56 3.30
N PHE L 89 -24.19 -51.37 3.88
CA PHE L 89 -24.85 -50.27 3.21
C PHE L 89 -23.80 -49.32 2.63
N CYS L 90 -24.03 -48.89 1.39
CA CYS L 90 -23.21 -47.83 0.82
C CYS L 90 -24.07 -46.58 0.70
N ALA L 91 -23.44 -45.42 0.89
CA ALA L 91 -24.16 -44.16 0.81
C ALA L 91 -23.46 -43.19 -0.12
N LEU L 92 -24.22 -42.56 -1.00
CA LEU L 92 -23.68 -41.57 -1.91
C LEU L 92 -24.14 -40.16 -1.51
N TRP L 93 -23.29 -39.17 -1.79
CA TRP L 93 -23.59 -37.78 -1.47
C TRP L 93 -24.04 -37.04 -2.72
N TYR L 94 -25.31 -36.67 -2.77
CA TYR L 94 -25.84 -35.96 -3.91
C TYR L 94 -26.06 -34.49 -3.58
N SER L 95 -25.07 -33.67 -3.89
CA SER L 95 -25.15 -32.22 -3.71
C SER L 95 -25.16 -31.76 -2.25
N ASN L 96 -26.21 -32.11 -1.50
CA ASN L 96 -26.36 -31.59 -0.14
C ASN L 96 -26.92 -32.59 0.86
N HIS L 97 -27.06 -33.85 0.45
CA HIS L 97 -27.58 -34.87 1.36
C HIS L 97 -27.09 -36.27 0.98
N TRP L 98 -27.23 -37.20 1.93
CA TRP L 98 -26.84 -38.58 1.70
C TRP L 98 -28.02 -39.41 1.21
N VAL L 99 -27.73 -40.39 0.37
CA VAL L 99 -28.75 -41.34 -0.06
C VAL L 99 -28.17 -42.74 0.11
N PHE L 100 -28.86 -43.58 0.88
CA PHE L 100 -28.37 -44.93 1.16
C PHE L 100 -28.83 -45.93 0.11
N GLY L 101 -28.18 -47.09 0.07
CA GLY L 101 -28.59 -48.16 -0.82
C GLY L 101 -29.53 -49.12 -0.12
N GLY L 102 -29.87 -50.22 -0.79
CA GLY L 102 -30.73 -51.23 -0.21
C GLY L 102 -29.95 -52.13 0.72
N GLY L 103 -28.63 -52.05 0.64
CA GLY L 103 -27.76 -52.88 1.45
C GLY L 103 -27.48 -54.22 0.79
N THR L 104 -26.34 -54.80 1.10
CA THR L 104 -25.96 -56.10 0.56
C THR L 104 -25.70 -57.06 1.71
N LYS L 105 -26.38 -58.19 1.72
CA LYS L 105 -26.18 -59.15 2.79
C LYS L 105 -25.09 -60.15 2.44
N LEU L 106 -23.87 -59.85 2.88
CA LEU L 106 -22.72 -60.69 2.63
C LEU L 106 -22.70 -61.88 3.57
N THR L 107 -22.61 -63.07 3.00
CA THR L 107 -22.59 -64.30 3.78
C THR L 107 -21.23 -64.97 3.66
N VAL L 108 -20.58 -65.18 4.81
CA VAL L 108 -19.34 -65.93 4.84
C VAL L 108 -19.60 -67.36 5.27
N LEU L 109 -19.34 -68.31 4.38
CA LEU L 109 -19.54 -69.70 4.70
C LEU L 109 -18.62 -70.11 5.86
N GLY L 110 -19.11 -69.92 7.07
CA GLY L 110 -18.38 -70.34 8.26
C GLY L 110 -18.89 -71.68 8.73
N GLN L 111 -19.70 -72.32 7.88
CA GLN L 111 -20.25 -73.64 8.13
C GLN L 111 -20.91 -74.13 6.85
N PRO L 112 -21.12 -75.45 6.73
CA PRO L 112 -21.75 -75.99 5.53
C PRO L 112 -23.17 -75.46 5.35
N LYS L 113 -23.58 -75.25 4.10
CA LYS L 113 -24.91 -74.72 3.80
C LYS L 113 -26.02 -75.65 4.26
N SER L 114 -26.90 -75.15 5.11
CA SER L 114 -28.04 -75.92 5.59
C SER L 114 -29.32 -75.48 4.89
N SER L 115 -30.30 -76.37 4.80
CA SER L 115 -31.57 -76.04 4.18
C SER L 115 -32.67 -75.80 5.20
N PRO L 116 -33.66 -74.97 4.82
CA PRO L 116 -34.73 -74.52 5.71
C PRO L 116 -35.64 -75.64 6.20
N SER L 117 -35.94 -75.64 7.50
CA SER L 117 -36.88 -76.59 8.07
C SER L 117 -38.26 -75.94 8.17
N VAL L 118 -38.98 -75.90 7.06
CA VAL L 118 -40.27 -75.25 7.00
C VAL L 118 -41.39 -76.16 7.52
N THR L 119 -42.20 -75.64 8.43
CA THR L 119 -43.40 -76.35 8.90
C THR L 119 -44.60 -75.42 8.90
N LEU L 120 -45.66 -75.82 8.19
CA LEU L 120 -46.84 -74.98 8.01
C LEU L 120 -47.95 -75.32 8.99
N PHE L 121 -48.43 -74.30 9.70
CA PHE L 121 -49.51 -74.47 10.66
C PHE L 121 -50.81 -73.87 10.13
N PRO L 122 -51.92 -74.61 10.26
CA PRO L 122 -53.25 -74.18 9.83
C PRO L 122 -53.94 -73.28 10.85
N PRO L 123 -54.94 -72.51 10.42
CA PRO L 123 -55.68 -71.64 11.33
C PRO L 123 -56.22 -72.45 12.49
N SER L 124 -55.79 -72.13 13.70
CA SER L 124 -56.27 -72.83 14.89
C SER L 124 -57.79 -72.70 15.03
N SER L 125 -58.46 -73.83 15.23
CA SER L 125 -59.91 -73.82 15.36
C SER L 125 -60.34 -72.88 16.49
N GLU L 126 -59.36 -72.46 17.28
CA GLU L 126 -59.62 -71.61 18.42
C GLU L 126 -59.72 -70.14 18.01
N GLU L 127 -58.82 -69.71 17.13
CA GLU L 127 -58.84 -68.34 16.63
C GLU L 127 -59.87 -68.18 15.51
N LEU L 128 -60.51 -69.28 15.15
CA LEU L 128 -61.47 -69.27 14.06
C LEU L 128 -62.83 -68.69 14.46
N GLU L 129 -63.19 -68.83 15.73
CA GLU L 129 -64.42 -68.27 16.23
C GLU L 129 -64.32 -66.74 16.26
N THR L 130 -63.11 -66.25 15.98
CA THR L 130 -62.86 -64.83 15.88
C THR L 130 -63.24 -64.34 14.49
N ASN L 131 -63.64 -65.29 13.64
CA ASN L 131 -63.97 -64.99 12.25
C ASN L 131 -62.74 -64.57 11.46
N LYS L 132 -61.57 -65.04 11.91
CA LYS L 132 -60.31 -64.73 11.26
C LYS L 132 -59.43 -65.97 11.19
N ALA L 133 -58.61 -66.05 10.14
CA ALA L 133 -57.73 -67.19 9.93
C ALA L 133 -56.30 -66.77 9.63
N THR L 134 -55.34 -67.49 10.21
CA THR L 134 -53.93 -67.17 10.05
C THR L 134 -53.07 -68.41 9.78
N LEU L 135 -52.54 -68.50 8.57
CA LEU L 135 -51.59 -69.56 8.21
C LEU L 135 -50.18 -69.15 8.66
N VAL L 136 -49.59 -69.96 9.53
CA VAL L 136 -48.23 -69.69 9.98
C VAL L 136 -47.24 -70.64 9.32
N CYS L 137 -46.19 -70.06 8.75
CA CYS L 137 -45.15 -70.85 8.11
C CYS L 137 -43.80 -70.49 8.72
N THR L 138 -43.31 -71.35 9.62
CA THR L 138 -42.04 -71.09 10.30
C THR L 138 -40.86 -71.74 9.56
N ILE L 139 -39.85 -70.94 9.26
CA ILE L 139 -38.66 -71.40 8.55
C ILE L 139 -37.45 -71.30 9.47
N THR L 140 -36.69 -72.38 9.62
CA THR L 140 -35.55 -72.37 10.52
C THR L 140 -34.34 -73.14 10.01
N ASP L 141 -33.17 -72.83 10.56
CA ASP L 141 -31.95 -73.58 10.34
C ASP L 141 -31.51 -73.63 8.88
N PHE L 142 -31.68 -72.52 8.18
CA PHE L 142 -31.16 -72.41 6.83
C PHE L 142 -29.93 -71.51 6.78
N TYR L 143 -29.13 -71.67 5.73
CA TYR L 143 -27.86 -70.97 5.64
C TYR L 143 -27.28 -71.12 4.24
N PRO L 144 -26.91 -70.00 3.60
CA PRO L 144 -26.96 -68.62 4.10
C PRO L 144 -28.38 -68.12 4.36
N GLY L 145 -28.48 -67.00 5.08
CA GLY L 145 -29.77 -66.47 5.48
C GLY L 145 -30.46 -65.61 4.43
N VAL L 146 -30.94 -66.27 3.36
CA VAL L 146 -31.73 -65.60 2.34
C VAL L 146 -32.77 -66.57 1.80
N VAL L 147 -34.04 -66.20 1.89
CA VAL L 147 -35.12 -67.08 1.45
C VAL L 147 -36.22 -66.32 0.72
N THR L 148 -36.91 -67.03 -0.15
CA THR L 148 -37.99 -66.45 -0.94
C THR L 148 -39.26 -67.27 -0.73
N VAL L 149 -40.10 -66.81 0.19
CA VAL L 149 -41.32 -67.54 0.55
C VAL L 149 -42.54 -67.11 -0.28
N ASP L 150 -43.08 -68.04 -1.05
CA ASP L 150 -44.27 -67.77 -1.86
C ASP L 150 -45.47 -68.55 -1.36
N TRP L 151 -46.61 -67.87 -1.24
CA TRP L 151 -47.86 -68.52 -0.84
C TRP L 151 -48.73 -68.77 -2.06
N LYS L 152 -49.32 -69.95 -2.12
CA LYS L 152 -50.24 -70.30 -3.20
C LYS L 152 -51.52 -70.92 -2.64
N VAL L 153 -52.66 -70.41 -3.07
CA VAL L 153 -53.94 -70.94 -2.60
C VAL L 153 -54.75 -71.47 -3.78
N ASP L 154 -54.94 -72.79 -3.81
CA ASP L 154 -55.67 -73.44 -4.90
C ASP L 154 -54.93 -73.31 -6.23
N GLY L 155 -53.61 -73.16 -6.16
CA GLY L 155 -52.81 -73.00 -7.35
C GLY L 155 -52.71 -71.55 -7.78
N THR L 156 -53.58 -70.72 -7.20
CA THR L 156 -53.55 -69.27 -7.46
C THR L 156 -52.54 -68.61 -6.53
N PRO L 157 -51.43 -68.13 -7.08
CA PRO L 157 -50.38 -67.50 -6.26
C PRO L 157 -50.92 -66.26 -5.53
N VAL L 158 -50.87 -66.31 -4.20
CA VAL L 158 -51.37 -65.22 -3.36
C VAL L 158 -50.49 -63.99 -3.48
N THR L 159 -51.13 -62.82 -3.60
CA THR L 159 -50.40 -61.57 -3.77
C THR L 159 -50.94 -60.46 -2.85
N GLN L 160 -51.54 -60.86 -1.74
CA GLN L 160 -51.99 -59.89 -0.74
C GLN L 160 -52.40 -60.60 0.55
N GLY L 161 -52.20 -59.92 1.68
CA GLY L 161 -52.53 -60.49 2.98
C GLY L 161 -51.38 -61.29 3.54
N MET L 162 -50.39 -61.54 2.69
CA MET L 162 -49.20 -62.28 3.09
C MET L 162 -48.15 -61.33 3.64
N GLU L 163 -47.26 -61.86 4.48
CA GLU L 163 -46.21 -61.06 5.05
C GLU L 163 -45.12 -61.93 5.65
N THR L 164 -43.86 -61.57 5.41
CA THR L 164 -42.73 -62.36 5.87
C THR L 164 -41.75 -61.51 6.66
N THR L 165 -41.26 -62.05 7.77
CA THR L 165 -40.25 -61.37 8.55
C THR L 165 -38.87 -61.63 7.94
N GLN L 166 -37.98 -60.65 8.03
CA GLN L 166 -36.65 -60.77 7.48
C GLN L 166 -35.84 -61.80 8.26
N PRO L 167 -35.04 -62.61 7.55
CA PRO L 167 -34.24 -63.66 8.19
C PRO L 167 -33.53 -63.15 9.43
N SER L 168 -33.38 -64.03 10.42
CA SER L 168 -32.80 -63.66 11.71
C SER L 168 -31.76 -64.69 12.15
N LYS L 169 -30.62 -64.21 12.62
CA LYS L 169 -29.54 -65.10 13.03
C LYS L 169 -29.92 -65.92 14.26
N GLN L 170 -29.78 -67.24 14.16
CA GLN L 170 -30.07 -68.13 15.27
C GLN L 170 -28.86 -68.24 16.20
N SER L 171 -29.10 -68.82 17.38
CA SER L 171 -28.03 -69.02 18.36
C SER L 171 -26.94 -69.94 17.81
N ASN L 172 -27.31 -70.78 16.85
CA ASN L 172 -26.36 -71.70 16.22
C ASN L 172 -25.82 -71.13 14.91
N ASN L 173 -25.99 -69.83 14.73
CA ASN L 173 -25.45 -69.11 13.58
C ASN L 173 -26.08 -69.49 12.23
N LYS L 174 -27.21 -70.16 12.26
CA LYS L 174 -28.02 -70.34 11.06
C LYS L 174 -29.08 -69.24 11.03
N TYR L 175 -30.09 -69.36 10.19
CA TYR L 175 -31.08 -68.30 10.10
C TYR L 175 -32.53 -68.77 10.17
N MET L 176 -33.41 -67.95 10.72
CA MET L 176 -34.82 -68.28 10.88
C MET L 176 -35.71 -67.14 10.40
N ALA L 177 -36.90 -67.48 9.91
CA ALA L 177 -37.86 -66.46 9.52
C ALA L 177 -39.27 -67.04 9.47
N SER L 178 -40.27 -66.21 9.77
CA SER L 178 -41.66 -66.65 9.72
C SER L 178 -42.41 -65.93 8.60
N SER L 179 -43.44 -66.57 8.08
CA SER L 179 -44.30 -65.93 7.08
C SER L 179 -45.76 -66.17 7.41
N TYR L 180 -46.54 -65.10 7.50
CA TYR L 180 -47.95 -65.20 7.83
C TYR L 180 -48.83 -64.99 6.60
N LEU L 181 -49.91 -65.75 6.53
CA LEU L 181 -50.93 -65.56 5.52
C LEU L 181 -52.26 -65.31 6.23
N THR L 182 -52.71 -64.06 6.23
CA THR L 182 -53.93 -63.69 6.93
C THR L 182 -55.13 -63.73 5.99
N LEU L 183 -56.21 -64.36 6.46
CA LEU L 183 -57.44 -64.48 5.68
C LEU L 183 -58.64 -64.31 6.58
N THR L 184 -59.73 -63.75 6.05
CA THR L 184 -60.98 -63.73 6.79
C THR L 184 -61.53 -65.14 6.79
N ALA L 185 -62.12 -65.56 7.91
CA ALA L 185 -62.70 -66.89 8.02
C ALA L 185 -63.69 -67.15 6.91
N ARG L 186 -64.50 -66.14 6.59
CA ARG L 186 -65.47 -66.24 5.51
C ARG L 186 -64.78 -66.57 4.19
N ALA L 187 -63.51 -66.22 4.09
CA ALA L 187 -62.72 -66.49 2.88
C ALA L 187 -61.92 -67.78 3.03
N TRP L 188 -61.53 -68.08 4.27
CA TRP L 188 -60.81 -69.32 4.57
C TRP L 188 -61.71 -70.52 4.30
N GLU L 189 -63.00 -70.34 4.53
CA GLU L 189 -63.98 -71.39 4.26
C GLU L 189 -64.14 -71.60 2.76
N ARG L 190 -64.01 -70.51 2.01
CA ARG L 190 -64.18 -70.56 0.55
C ARG L 190 -63.23 -71.54 -0.11
N HIS L 191 -61.95 -71.18 -0.12
CA HIS L 191 -60.93 -71.98 -0.80
C HIS L 191 -60.62 -73.27 -0.04
N SER L 192 -59.81 -74.15 -0.64
CA SER L 192 -59.56 -75.48 -0.06
C SER L 192 -58.09 -75.87 0.06
N SER L 193 -57.24 -75.35 -0.82
CA SER L 193 -55.82 -75.68 -0.83
C SER L 193 -54.94 -74.52 -0.37
N TYR L 194 -53.95 -74.82 0.48
CA TYR L 194 -53.04 -73.81 0.99
C TYR L 194 -51.59 -74.27 0.97
N SER L 195 -50.75 -73.52 0.27
CA SER L 195 -49.37 -73.91 0.03
C SER L 195 -48.37 -72.82 0.40
N CYS L 196 -47.44 -73.16 1.28
CA CYS L 196 -46.33 -72.27 1.61
C CYS L 196 -45.02 -72.90 1.15
N GLN L 197 -44.38 -72.29 0.16
CA GLN L 197 -43.13 -72.83 -0.35
C GLN L 197 -41.97 -71.84 -0.23
N VAL L 198 -40.84 -72.34 0.28
CA VAL L 198 -39.69 -71.50 0.55
C VAL L 198 -38.52 -71.89 -0.35
N THR L 199 -38.09 -70.95 -1.17
CA THR L 199 -36.91 -71.16 -2.01
C THR L 199 -35.65 -70.71 -1.29
N HIS L 200 -34.58 -71.47 -1.43
CA HIS L 200 -33.33 -71.16 -0.76
C HIS L 200 -32.14 -71.78 -1.46
N GLU L 201 -31.37 -70.96 -2.17
CA GLU L 201 -30.21 -71.44 -2.92
C GLU L 201 -30.66 -72.23 -4.13
N GLY L 202 -31.75 -71.79 -4.75
CA GLY L 202 -32.23 -72.38 -5.98
C GLY L 202 -33.25 -73.49 -5.79
N HIS L 203 -33.19 -74.16 -4.65
CA HIS L 203 -34.10 -75.26 -4.37
C HIS L 203 -35.27 -74.80 -3.52
N THR L 204 -36.42 -75.43 -3.70
CA THR L 204 -37.63 -75.03 -3.00
C THR L 204 -38.16 -76.15 -2.10
N VAL L 205 -38.72 -75.76 -0.96
CA VAL L 205 -39.33 -76.71 -0.04
C VAL L 205 -40.78 -76.32 0.18
N GLU L 206 -41.70 -77.18 -0.23
CA GLU L 206 -43.12 -76.86 -0.12
C GLU L 206 -43.77 -77.55 1.07
N LYS L 207 -44.79 -76.92 1.63
CA LYS L 207 -45.60 -77.51 2.68
C LYS L 207 -47.04 -77.10 2.45
N SER L 208 -47.90 -78.08 2.20
CA SER L 208 -49.28 -77.79 1.83
C SER L 208 -50.26 -78.43 2.81
N LEU L 209 -51.55 -78.14 2.62
CA LEU L 209 -52.60 -78.76 3.43
C LEU L 209 -53.99 -78.40 2.92
N SER L 210 -55.01 -78.98 3.54
CA SER L 210 -56.40 -78.76 3.12
C SER L 210 -57.33 -78.49 4.31
N GLN M 1 2.83 -27.90 -45.23
CA GLN M 1 2.97 -26.59 -44.60
C GLN M 1 4.36 -26.01 -44.85
N ALA M 2 5.08 -25.74 -43.78
CA ALA M 2 6.43 -25.17 -43.89
C ALA M 2 7.46 -26.26 -44.16
N VAL M 3 8.33 -26.04 -45.13
CA VAL M 3 9.33 -27.03 -45.51
C VAL M 3 10.76 -26.50 -45.38
N VAL M 4 11.66 -27.33 -44.88
CA VAL M 4 13.08 -26.95 -44.80
C VAL M 4 13.87 -27.63 -45.91
N THR M 5 14.77 -26.88 -46.54
CA THR M 5 15.51 -27.38 -47.70
C THR M 5 17.01 -27.31 -47.49
N GLN M 6 17.71 -28.38 -47.86
CA GLN M 6 19.16 -28.41 -47.78
C GLN M 6 19.77 -29.00 -49.06
N GLU M 7 21.05 -28.71 -49.28
CA GLU M 7 21.77 -29.32 -50.39
C GLU M 7 21.75 -30.83 -50.24
N SER M 8 21.44 -31.52 -51.33
CA SER M 8 21.38 -32.98 -51.30
C SER M 8 22.69 -33.54 -50.76
N ALA M 9 23.81 -33.05 -51.30
CA ALA M 9 25.13 -33.47 -50.88
C ALA M 9 26.20 -32.45 -51.27
N LEU M 10 27.29 -32.43 -50.53
CA LEU M 10 28.42 -31.54 -50.82
C LEU M 10 29.75 -32.27 -50.68
N THR M 11 30.77 -31.76 -51.38
CA THR M 11 32.09 -32.36 -51.37
C THR M 11 33.15 -31.35 -50.96
N THR M 12 34.17 -31.80 -50.25
CA THR M 12 35.27 -30.93 -49.83
C THR M 12 36.50 -31.75 -49.44
N SER M 13 37.67 -31.14 -49.55
CA SER M 13 38.91 -31.82 -49.19
C SER M 13 39.37 -31.42 -47.78
N PRO M 14 40.16 -32.29 -47.11
CA PRO M 14 40.67 -32.02 -45.77
C PRO M 14 41.44 -30.71 -45.72
N GLY M 15 40.98 -29.77 -44.90
CA GLY M 15 41.66 -28.49 -44.75
C GLY M 15 40.89 -27.33 -45.34
N GLU M 16 40.05 -27.62 -46.33
CA GLU M 16 39.29 -26.57 -47.00
C GLU M 16 38.15 -26.05 -46.14
N THR M 17 37.36 -25.13 -46.69
CA THR M 17 36.24 -24.54 -45.98
C THR M 17 34.94 -24.76 -46.76
N VAL M 18 34.03 -25.52 -46.17
CA VAL M 18 32.76 -25.83 -46.80
C VAL M 18 31.63 -25.17 -46.01
N THR M 19 30.53 -24.86 -46.69
CA THR M 19 29.38 -24.24 -46.04
C THR M 19 28.05 -24.89 -46.44
N LEU M 20 27.34 -25.41 -45.44
CA LEU M 20 26.02 -25.97 -45.65
C LEU M 20 24.97 -24.90 -45.38
N THR M 21 23.87 -24.94 -46.13
CA THR M 21 22.82 -23.95 -45.96
C THR M 21 21.46 -24.59 -45.69
N CYS M 22 20.60 -23.84 -45.02
CA CYS M 22 19.29 -24.32 -44.61
C CYS M 22 18.25 -23.27 -44.97
N ARG M 23 17.35 -23.62 -45.87
CA ARG M 23 16.37 -22.67 -46.38
C ARG M 23 14.96 -22.89 -45.85
N SER M 24 14.28 -21.80 -45.49
CA SER M 24 12.89 -21.85 -45.08
C SER M 24 11.97 -21.53 -46.25
N SER M 25 10.85 -22.24 -46.35
CA SER M 25 9.93 -22.05 -47.45
C SER M 25 8.98 -20.88 -47.21
N THR M 26 8.78 -20.53 -45.94
CA THR M 26 7.87 -19.44 -45.59
C THR M 26 8.53 -18.08 -45.75
N GLY M 27 9.84 -18.07 -45.81
CA GLY M 27 10.58 -16.82 -45.99
C GLY M 27 12.02 -16.92 -45.52
N ALA M 28 12.57 -15.79 -45.09
CA ALA M 28 13.95 -15.74 -44.62
C ALA M 28 14.07 -16.34 -43.21
N VAL M 29 15.16 -17.08 -42.99
CA VAL M 29 15.41 -17.64 -41.67
C VAL M 29 15.82 -16.55 -40.70
N THR M 30 14.95 -16.25 -39.75
CA THR M 30 15.25 -15.23 -38.74
C THR M 30 15.72 -15.86 -37.42
N THR M 31 16.05 -15.00 -36.46
CA THR M 31 16.59 -15.48 -35.18
C THR M 31 15.57 -16.27 -34.38
N ILE M 32 14.29 -16.00 -34.59
CA ILE M 32 13.23 -16.73 -33.89
C ILE M 32 12.96 -18.09 -34.51
N ASN M 33 13.84 -18.52 -35.41
CA ASN M 33 13.76 -19.86 -35.96
C ASN M 33 14.73 -20.77 -35.22
N PHE M 34 15.66 -20.15 -34.50
CA PHE M 34 16.63 -20.88 -33.70
C PHE M 34 17.26 -22.04 -34.47
N ALA M 35 17.83 -21.72 -35.63
CA ALA M 35 18.40 -22.73 -36.51
C ALA M 35 19.32 -23.68 -35.77
N ASN M 36 18.98 -24.97 -35.79
CA ASN M 36 19.79 -26.00 -35.18
C ASN M 36 20.51 -26.83 -36.22
N TRP M 37 21.70 -27.31 -35.86
CA TRP M 37 22.46 -28.19 -36.74
C TRP M 37 22.84 -29.48 -36.03
N VAL M 38 22.48 -30.59 -36.63
CA VAL M 38 22.73 -31.90 -36.04
C VAL M 38 23.58 -32.77 -36.96
N GLN M 39 24.50 -33.53 -36.37
CA GLN M 39 25.37 -34.40 -37.15
C GLN M 39 25.01 -35.87 -36.94
N GLU M 40 24.95 -36.63 -38.03
CA GLU M 40 24.69 -38.06 -37.96
C GLU M 40 25.84 -38.87 -38.55
N LYS M 41 26.65 -39.45 -37.67
CA LYS M 41 27.70 -40.36 -38.10
C LYS M 41 27.08 -41.70 -38.47
N PRO M 42 27.82 -42.55 -39.22
CA PRO M 42 27.31 -43.87 -39.58
C PRO M 42 26.93 -44.69 -38.35
N ASP M 43 25.94 -45.57 -38.51
CA ASP M 43 25.46 -46.42 -37.42
C ASP M 43 24.54 -45.66 -36.46
N HIS M 44 23.92 -44.59 -36.96
CA HIS M 44 22.92 -43.82 -36.20
C HIS M 44 23.49 -43.12 -34.98
N LEU M 45 24.54 -42.33 -35.18
CA LEU M 45 25.14 -41.55 -34.10
C LEU M 45 24.83 -40.06 -34.27
N PHE M 46 23.81 -39.59 -33.57
CA PHE M 46 23.42 -38.19 -33.64
C PHE M 46 24.06 -37.35 -32.54
N THR M 47 24.45 -36.12 -32.88
CA THR M 47 24.93 -35.15 -31.91
C THR M 47 24.66 -33.72 -32.36
N GLY M 48 24.35 -32.85 -31.42
CA GLY M 48 24.09 -31.46 -31.74
C GLY M 48 25.36 -30.66 -31.96
N LEU M 49 25.27 -29.64 -32.82
CA LEU M 49 26.39 -28.73 -33.06
C LEU M 49 26.05 -27.32 -32.58
N ILE M 50 25.23 -26.62 -33.37
CA ILE M 50 24.82 -25.26 -33.04
C ILE M 50 23.31 -25.24 -32.84
N GLY M 51 22.80 -24.13 -32.32
CA GLY M 51 21.37 -23.97 -32.13
C GLY M 51 21.03 -22.74 -31.32
N GLY M 52 19.79 -22.68 -30.81
CA GLY M 52 19.36 -21.59 -29.96
C GLY M 52 19.67 -20.21 -30.52
N ILE M 53 20.13 -19.31 -29.65
CA ILE M 53 20.50 -17.97 -30.08
C ILE M 53 21.86 -17.96 -30.77
N ASN M 54 22.92 -18.23 -30.02
CA ASN M 54 24.23 -18.42 -30.63
C ASN M 54 25.09 -19.34 -29.76
N ASN M 55 24.42 -20.27 -29.09
CA ASN M 55 25.10 -21.25 -28.25
C ASN M 55 25.39 -22.55 -28.97
N ARG M 56 26.31 -23.33 -28.43
CA ARG M 56 26.73 -24.58 -29.05
C ARG M 56 26.76 -25.73 -28.04
N ALA M 57 26.69 -26.95 -28.55
CA ALA M 57 26.74 -28.14 -27.70
C ALA M 57 28.12 -28.28 -27.07
N PRO M 58 28.21 -29.02 -25.97
CA PRO M 58 29.49 -29.24 -25.29
C PRO M 58 30.44 -30.07 -26.16
N GLY M 59 31.63 -29.53 -26.42
CA GLY M 59 32.64 -30.25 -27.14
C GLY M 59 32.67 -30.02 -28.64
N VAL M 60 31.67 -29.30 -29.16
CA VAL M 60 31.62 -28.98 -30.58
C VAL M 60 32.84 -28.16 -30.99
N PRO M 61 33.68 -28.75 -31.85
CA PRO M 61 34.94 -28.16 -32.32
C PRO M 61 34.80 -26.70 -32.73
N ALA M 62 35.90 -25.96 -32.67
CA ALA M 62 35.89 -24.53 -32.97
C ALA M 62 35.68 -24.27 -34.45
N ARG M 63 36.05 -25.24 -35.29
CA ARG M 63 35.92 -25.09 -36.73
C ARG M 63 34.46 -24.94 -37.18
N PHE M 64 33.53 -25.51 -36.42
CA PHE M 64 32.11 -25.35 -36.68
C PHE M 64 31.63 -23.97 -36.25
N SER M 65 30.74 -23.37 -37.04
CA SER M 65 30.23 -22.04 -36.72
C SER M 65 28.94 -21.75 -37.50
N GLY M 66 28.02 -21.05 -36.86
CA GLY M 66 26.74 -20.74 -37.48
C GLY M 66 26.62 -19.28 -37.84
N SER M 67 25.71 -18.99 -38.77
CA SER M 67 25.45 -17.63 -39.23
C SER M 67 24.17 -17.56 -40.04
N LEU M 68 23.77 -16.34 -40.40
CA LEU M 68 22.58 -16.15 -41.24
C LEU M 68 22.94 -15.49 -42.57
N ILE M 69 23.84 -16.13 -43.31
CA ILE M 69 24.25 -15.64 -44.62
C ILE M 69 23.05 -15.53 -45.57
N GLY M 70 22.88 -14.36 -46.17
CA GLY M 70 21.75 -14.14 -47.04
C GLY M 70 20.45 -14.14 -46.27
N ASP M 71 19.54 -15.03 -46.64
CA ASP M 71 18.28 -15.14 -45.93
C ASP M 71 18.00 -16.57 -45.51
N LYS M 72 19.08 -17.34 -45.35
CA LYS M 72 18.96 -18.71 -44.83
C LYS M 72 20.08 -19.01 -43.83
N ALA M 73 19.85 -20.03 -43.00
CA ALA M 73 20.82 -20.42 -41.98
C ALA M 73 22.01 -21.14 -42.60
N ALA M 74 23.21 -20.84 -42.11
CA ALA M 74 24.42 -21.47 -42.63
C ALA M 74 25.20 -22.19 -41.54
N LEU M 75 25.94 -23.21 -41.94
CA LEU M 75 26.81 -23.95 -41.03
C LEU M 75 28.17 -24.08 -41.70
N THR M 76 29.16 -23.36 -41.19
CA THR M 76 30.47 -23.30 -41.84
C THR M 76 31.57 -24.05 -41.10
N ILE M 77 32.14 -25.05 -41.75
CA ILE M 77 33.25 -25.80 -41.19
C ILE M 77 34.57 -25.29 -41.74
N THR M 78 35.29 -24.50 -40.93
CA THR M 78 36.54 -23.91 -41.36
C THR M 78 37.72 -24.83 -41.05
N GLY M 79 38.24 -25.49 -42.08
CA GLY M 79 39.31 -26.44 -41.92
C GLY M 79 38.76 -27.83 -41.73
N ALA M 80 38.03 -28.31 -42.73
CA ALA M 80 37.36 -29.61 -42.66
C ALA M 80 38.33 -30.73 -42.30
N GLN M 81 37.82 -31.70 -41.54
CA GLN M 81 38.63 -32.85 -41.12
C GLN M 81 38.03 -34.13 -41.69
N THR M 82 38.82 -35.20 -41.65
CA THR M 82 38.37 -36.50 -42.13
C THR M 82 37.11 -36.96 -41.42
N GLU M 83 37.11 -36.88 -40.09
CA GLU M 83 35.98 -37.35 -39.30
C GLU M 83 34.73 -36.49 -39.51
N ASP M 84 34.91 -35.31 -40.10
CA ASP M 84 33.79 -34.41 -40.33
C ASP M 84 32.85 -34.92 -41.40
N GLU M 85 33.20 -36.04 -42.03
CA GLU M 85 32.35 -36.63 -43.05
C GLU M 85 31.14 -37.32 -42.43
N ALA M 86 29.99 -36.69 -42.55
CA ALA M 86 28.76 -37.24 -42.00
C ALA M 86 27.54 -36.59 -42.67
N ILE M 87 26.36 -36.91 -42.17
CA ILE M 87 25.14 -36.29 -42.65
C ILE M 87 24.70 -35.19 -41.69
N TYR M 88 24.48 -33.99 -42.22
CA TYR M 88 24.13 -32.85 -41.39
C TYR M 88 22.69 -32.42 -41.59
N PHE M 89 21.88 -32.53 -40.54
CA PHE M 89 20.52 -32.05 -40.57
C PHE M 89 20.43 -30.69 -39.90
N CYS M 90 19.69 -29.78 -40.51
CA CYS M 90 19.38 -28.52 -39.86
C CYS M 90 17.90 -28.51 -39.50
N ALA M 91 17.56 -27.87 -38.38
CA ALA M 91 16.19 -27.82 -37.94
C ALA M 91 15.77 -26.39 -37.63
N LEU M 92 14.60 -26.00 -38.13
CA LEU M 92 14.07 -24.67 -37.86
C LEU M 92 12.87 -24.76 -36.91
N TRP M 93 12.69 -23.71 -36.11
CA TRP M 93 11.61 -23.66 -35.15
C TRP M 93 10.50 -22.75 -35.67
N TYR M 94 9.36 -23.36 -36.01
CA TYR M 94 8.23 -22.60 -36.52
C TYR M 94 7.14 -22.46 -35.48
N SER M 95 7.18 -21.37 -34.72
CA SER M 95 6.15 -21.06 -33.73
C SER M 95 6.18 -21.97 -32.50
N ASN M 96 5.87 -23.25 -32.68
CA ASN M 96 5.74 -24.16 -31.55
C ASN M 96 6.29 -25.56 -31.76
N HIS M 97 6.98 -25.77 -32.87
CA HIS M 97 7.54 -27.09 -33.16
C HIS M 97 8.74 -27.01 -34.08
N TRP M 98 9.52 -28.10 -34.12
CA TRP M 98 10.69 -28.17 -34.97
C TRP M 98 10.35 -28.80 -36.32
N VAL M 99 11.02 -28.33 -37.37
CA VAL M 99 10.91 -28.95 -38.67
C VAL M 99 12.31 -29.21 -39.21
N PHE M 100 12.61 -30.47 -39.52
CA PHE M 100 13.93 -30.84 -40.00
C PHE M 100 14.06 -30.71 -41.52
N GLY M 101 15.30 -30.69 -41.99
CA GLY M 101 15.56 -30.65 -43.42
C GLY M 101 15.75 -32.05 -43.98
N GLY M 102 16.13 -32.13 -45.25
CA GLY M 102 16.39 -33.41 -45.87
C GLY M 102 17.76 -33.93 -45.52
N GLY M 103 18.58 -33.05 -44.95
CA GLY M 103 19.95 -33.40 -44.59
C GLY M 103 20.90 -33.22 -45.75
N THR M 104 22.17 -32.96 -45.43
CA THR M 104 23.19 -32.78 -46.44
C THR M 104 24.30 -33.79 -46.18
N LYS M 105 24.63 -34.60 -47.18
CA LYS M 105 25.69 -35.59 -47.01
C LYS M 105 27.04 -35.01 -47.40
N LEU M 106 27.75 -34.50 -46.41
CA LEU M 106 29.07 -33.91 -46.62
C LEU M 106 30.12 -35.00 -46.77
N THR M 107 30.89 -34.94 -47.86
CA THR M 107 31.93 -35.91 -48.12
C THR M 107 33.31 -35.25 -48.05
N VAL M 108 34.15 -35.76 -47.15
CA VAL M 108 35.53 -35.31 -47.08
C VAL M 108 36.37 -36.28 -47.91
N LEU M 109 36.74 -35.82 -49.10
CA LEU M 109 37.27 -36.65 -50.18
C LEU M 109 38.47 -37.52 -49.79
N GLY M 110 38.42 -38.78 -50.20
CA GLY M 110 39.50 -39.72 -49.90
C GLY M 110 39.84 -40.60 -51.09
N GLN M 111 39.11 -40.40 -52.19
CA GLN M 111 39.37 -41.13 -53.42
C GLN M 111 38.72 -40.44 -54.61
N PRO M 112 39.16 -40.80 -55.83
CA PRO M 112 38.61 -40.16 -57.04
C PRO M 112 37.12 -40.44 -57.21
N LYS M 113 36.42 -39.51 -57.84
CA LYS M 113 34.99 -39.64 -58.06
C LYS M 113 34.68 -40.85 -58.93
N SER M 114 33.46 -41.38 -58.81
CA SER M 114 33.06 -42.55 -59.58
C SER M 114 31.58 -42.49 -59.94
N SER M 115 31.29 -42.40 -61.24
CA SER M 115 29.90 -42.36 -61.69
C SER M 115 29.24 -43.73 -61.56
N PRO M 116 27.94 -43.73 -61.24
CA PRO M 116 27.18 -44.94 -60.89
C PRO M 116 26.93 -45.88 -62.07
N SER M 117 26.86 -47.18 -61.77
CA SER M 117 26.57 -48.19 -62.78
C SER M 117 25.10 -48.61 -62.69
N VAL M 118 24.30 -48.11 -63.63
CA VAL M 118 22.86 -48.34 -63.58
C VAL M 118 22.42 -49.54 -64.41
N THR M 119 21.48 -50.31 -63.89
CA THR M 119 20.92 -51.47 -64.57
C THR M 119 19.42 -51.53 -64.31
N LEU M 120 18.64 -51.81 -65.35
CA LEU M 120 17.20 -51.92 -65.19
C LEU M 120 16.70 -53.33 -65.52
N PHE M 121 15.93 -53.90 -64.60
CA PHE M 121 15.46 -55.28 -64.74
C PHE M 121 13.95 -55.36 -64.95
N PRO M 122 13.53 -55.93 -66.08
CA PRO M 122 12.12 -56.20 -66.35
C PRO M 122 11.59 -57.26 -65.39
N PRO M 123 10.28 -57.24 -65.13
CA PRO M 123 9.63 -58.21 -64.26
C PRO M 123 9.84 -59.65 -64.74
N SER M 124 10.24 -60.54 -63.84
CA SER M 124 10.40 -61.95 -64.18
C SER M 124 9.06 -62.57 -64.57
N SER M 125 9.10 -63.53 -65.49
CA SER M 125 7.88 -64.21 -65.93
C SER M 125 7.28 -64.99 -64.77
N GLU M 126 8.16 -65.49 -63.89
CA GLU M 126 7.72 -66.26 -62.73
C GLU M 126 6.90 -65.40 -61.79
N GLU M 127 7.22 -64.11 -61.73
CA GLU M 127 6.53 -63.17 -60.87
C GLU M 127 5.24 -62.67 -61.51
N LEU M 128 5.29 -62.40 -62.82
CA LEU M 128 4.10 -61.96 -63.55
C LEU M 128 2.96 -62.96 -63.40
N GLU M 129 3.32 -64.22 -63.17
CA GLU M 129 2.35 -65.28 -62.97
C GLU M 129 1.45 -65.01 -61.77
N THR M 130 1.95 -64.23 -60.81
CA THR M 130 1.19 -63.93 -59.61
C THR M 130 0.46 -62.60 -59.69
N ASN M 131 0.27 -62.11 -60.92
CA ASN M 131 -0.43 -60.85 -61.17
C ASN M 131 0.31 -59.63 -60.61
N LYS M 132 1.56 -59.81 -60.22
CA LYS M 132 2.41 -58.71 -59.76
C LYS M 132 3.60 -58.48 -60.67
N ALA M 133 4.02 -57.23 -60.79
CA ALA M 133 5.16 -56.88 -61.64
C ALA M 133 6.05 -55.86 -60.97
N THR M 134 7.31 -56.24 -60.71
CA THR M 134 8.23 -55.36 -60.01
C THR M 134 9.43 -54.97 -60.88
N LEU M 135 9.53 -53.68 -61.19
CA LEU M 135 10.70 -53.15 -61.86
C LEU M 135 11.81 -52.90 -60.84
N VAL M 136 12.96 -53.55 -61.03
CA VAL M 136 14.10 -53.35 -60.14
C VAL M 136 15.21 -52.58 -60.85
N CYS M 137 15.70 -51.54 -60.19
CA CYS M 137 16.78 -50.73 -60.75
C CYS M 137 17.95 -50.73 -59.78
N THR M 138 19.08 -51.27 -60.22
CA THR M 138 20.26 -51.37 -59.37
C THR M 138 21.31 -50.32 -59.74
N ILE M 139 21.93 -49.73 -58.71
CA ILE M 139 22.96 -48.72 -58.90
C ILE M 139 24.17 -49.07 -58.04
N THR M 140 25.32 -49.30 -58.67
CA THR M 140 26.51 -49.68 -57.91
C THR M 140 27.73 -48.82 -58.23
N ASP M 141 28.75 -48.95 -57.38
CA ASP M 141 30.06 -48.34 -57.60
C ASP M 141 30.02 -46.85 -57.91
N PHE M 142 29.39 -46.06 -57.05
CA PHE M 142 29.38 -44.61 -57.23
C PHE M 142 29.95 -43.87 -56.02
N TYR M 143 30.44 -42.65 -56.25
CA TYR M 143 31.09 -41.86 -55.21
C TYR M 143 31.25 -40.41 -55.68
N PRO M 144 30.91 -39.43 -54.82
CA PRO M 144 30.41 -39.61 -53.45
C PRO M 144 29.06 -40.33 -53.41
N GLY M 145 28.76 -40.96 -52.27
CA GLY M 145 27.59 -41.81 -52.16
C GLY M 145 26.26 -41.11 -52.02
N VAL M 146 25.91 -40.29 -53.01
CA VAL M 146 24.59 -39.65 -53.04
C VAL M 146 24.05 -39.62 -54.46
N VAL M 147 22.88 -40.23 -54.64
CA VAL M 147 22.21 -40.26 -55.94
C VAL M 147 20.75 -39.82 -55.83
N THR M 148 20.08 -39.74 -56.97
CA THR M 148 18.68 -39.34 -57.01
C THR M 148 17.94 -40.12 -58.08
N VAL M 149 17.21 -41.15 -57.67
CA VAL M 149 16.50 -42.03 -58.60
C VAL M 149 15.15 -41.45 -59.02
N ASP M 150 14.85 -41.54 -60.32
CA ASP M 150 13.58 -41.02 -60.86
C ASP M 150 12.99 -41.92 -61.93
N TRP M 151 11.74 -42.34 -61.72
CA TRP M 151 11.06 -43.22 -62.66
C TRP M 151 10.13 -42.46 -63.58
N LYS M 152 9.92 -42.99 -64.78
CA LYS M 152 9.00 -42.40 -65.74
C LYS M 152 8.36 -43.50 -66.60
N VAL M 153 7.04 -43.64 -66.50
CA VAL M 153 6.30 -44.57 -67.35
C VAL M 153 5.70 -43.87 -68.57
N ASP M 154 6.03 -44.36 -69.76
CA ASP M 154 5.56 -43.78 -71.01
C ASP M 154 5.73 -42.26 -71.04
N GLY M 155 6.97 -41.81 -70.90
CA GLY M 155 7.28 -40.39 -70.99
C GLY M 155 6.97 -39.63 -69.72
N THR M 156 5.89 -40.02 -69.05
CA THR M 156 5.44 -39.35 -67.83
C THR M 156 6.14 -39.89 -66.60
N PRO M 157 6.63 -38.99 -65.73
CA PRO M 157 7.28 -39.35 -64.47
C PRO M 157 6.30 -39.91 -63.45
N VAL M 158 6.75 -40.86 -62.63
CA VAL M 158 5.91 -41.51 -61.65
C VAL M 158 6.10 -40.92 -60.25
N THR M 159 5.00 -40.80 -59.52
CA THR M 159 5.03 -40.23 -58.19
C THR M 159 4.92 -41.32 -57.11
N GLN M 160 4.09 -42.32 -57.37
CA GLN M 160 3.86 -43.38 -56.40
C GLN M 160 4.27 -44.75 -56.93
N GLY M 161 4.49 -45.69 -56.02
CA GLY M 161 4.83 -47.05 -56.40
C GLY M 161 6.34 -47.28 -56.41
N MET M 162 7.09 -46.22 -56.13
CA MET M 162 8.54 -46.30 -56.17
C MET M 162 9.13 -46.37 -54.77
N GLU M 163 10.19 -47.15 -54.61
CA GLU M 163 10.89 -47.28 -53.34
C GLU M 163 12.39 -47.36 -53.59
N THR M 164 13.14 -46.42 -53.02
CA THR M 164 14.59 -46.41 -53.20
C THR M 164 15.33 -46.56 -51.88
N THR M 165 16.20 -47.56 -51.81
CA THR M 165 16.99 -47.81 -50.61
C THR M 165 18.05 -46.74 -50.41
N GLN M 166 18.52 -46.60 -49.18
CA GLN M 166 19.51 -45.58 -48.85
C GLN M 166 20.90 -46.04 -49.28
N PRO M 167 21.72 -45.10 -49.77
CA PRO M 167 23.08 -45.41 -50.21
C PRO M 167 23.83 -46.28 -49.20
N SER M 168 24.05 -47.54 -49.56
CA SER M 168 24.80 -48.46 -48.71
C SER M 168 26.26 -48.49 -49.15
N LYS M 169 27.16 -48.63 -48.18
CA LYS M 169 28.60 -48.58 -48.45
C LYS M 169 29.12 -49.96 -48.85
N GLN M 170 29.99 -49.99 -49.86
CA GLN M 170 30.54 -51.24 -50.36
C GLN M 170 31.84 -51.59 -49.68
N SER M 171 32.37 -52.77 -50.00
CA SER M 171 33.63 -53.23 -49.42
C SER M 171 34.80 -52.42 -49.98
N ASN M 172 34.55 -51.71 -51.07
CA ASN M 172 35.60 -50.91 -51.73
C ASN M 172 35.37 -49.40 -51.60
N ASN M 173 34.79 -49.00 -50.47
CA ASN M 173 34.59 -47.59 -50.15
C ASN M 173 33.71 -46.79 -51.12
N LYS M 174 33.09 -47.50 -52.06
CA LYS M 174 32.13 -46.87 -52.97
C LYS M 174 30.72 -47.23 -52.51
N TYR M 175 29.72 -46.63 -53.12
CA TYR M 175 28.35 -46.80 -52.64
C TYR M 175 27.45 -47.52 -53.64
N MET M 176 26.36 -48.08 -53.12
CA MET M 176 25.37 -48.76 -53.95
C MET M 176 23.96 -48.39 -53.51
N ALA M 177 22.97 -48.63 -54.37
CA ALA M 177 21.57 -48.35 -54.05
C ALA M 177 20.64 -49.12 -54.99
N SER M 178 19.45 -49.46 -54.50
CA SER M 178 18.46 -50.13 -55.32
C SER M 178 17.12 -49.39 -55.26
N SER M 179 16.34 -49.50 -56.33
CA SER M 179 15.04 -48.83 -56.40
C SER M 179 14.02 -49.70 -57.13
N TYR M 180 12.85 -49.87 -56.51
CA TYR M 180 11.81 -50.73 -57.05
C TYR M 180 10.55 -49.95 -57.42
N LEU M 181 10.12 -50.06 -58.67
CA LEU M 181 8.82 -49.54 -59.08
C LEU M 181 7.83 -50.69 -59.16
N THR M 182 6.73 -50.58 -58.43
CA THR M 182 5.79 -51.69 -58.31
C THR M 182 4.54 -51.48 -59.17
N LEU M 183 4.16 -52.53 -59.89
CA LEU M 183 2.99 -52.47 -60.75
C LEU M 183 2.26 -53.80 -60.70
N THR M 184 1.13 -53.87 -61.38
CA THR M 184 0.40 -55.13 -61.51
C THR M 184 0.66 -55.76 -62.87
N ALA M 185 0.60 -57.08 -62.95
CA ALA M 185 0.85 -57.79 -64.20
C ALA M 185 -0.01 -57.24 -65.33
N ARG M 186 -1.26 -56.91 -65.01
CA ARG M 186 -2.18 -56.37 -66.00
C ARG M 186 -1.83 -54.92 -66.34
N ALA M 187 -1.06 -54.28 -65.46
CA ALA M 187 -0.67 -52.89 -65.64
C ALA M 187 0.75 -52.77 -66.19
N TRP M 188 1.49 -53.87 -66.16
CA TRP M 188 2.83 -53.92 -66.72
C TRP M 188 2.77 -54.19 -68.22
N GLU M 189 1.68 -54.80 -68.66
CA GLU M 189 1.46 -55.07 -70.07
C GLU M 189 0.72 -53.90 -70.72
N ARG M 190 0.14 -53.04 -69.88
CA ARG M 190 -0.65 -51.92 -70.36
C ARG M 190 0.23 -50.84 -70.99
N HIS M 191 1.51 -50.88 -70.67
CA HIS M 191 2.47 -49.89 -71.17
C HIS M 191 3.63 -50.58 -71.86
N SER M 192 4.60 -49.80 -72.32
CA SER M 192 5.78 -50.35 -72.98
C SER M 192 7.00 -49.45 -72.88
N SER M 193 6.87 -48.35 -72.13
CA SER M 193 7.99 -47.44 -71.90
C SER M 193 8.23 -47.23 -70.41
N TYR M 194 9.42 -47.59 -69.95
CA TYR M 194 9.79 -47.45 -68.54
C TYR M 194 11.19 -46.88 -68.42
N SER M 195 11.33 -45.90 -67.53
CA SER M 195 12.61 -45.23 -67.36
C SER M 195 13.03 -45.16 -65.90
N CYS M 196 14.32 -45.38 -65.66
CA CYS M 196 14.89 -45.31 -64.34
C CYS M 196 16.15 -44.46 -64.39
N GLN M 197 15.98 -43.14 -64.38
CA GLN M 197 17.13 -42.25 -64.49
C GLN M 197 17.73 -41.84 -63.14
N VAL M 198 19.03 -42.13 -62.98
CA VAL M 198 19.75 -41.90 -61.74
C VAL M 198 20.70 -40.71 -61.87
N THR M 199 20.45 -39.67 -61.07
CA THR M 199 21.32 -38.50 -61.05
C THR M 199 22.39 -38.64 -59.97
N HIS M 200 23.63 -38.33 -60.31
CA HIS M 200 24.72 -38.40 -59.33
C HIS M 200 25.75 -37.28 -59.48
N GLU M 201 25.76 -36.35 -58.53
CA GLU M 201 26.77 -35.30 -58.46
C GLU M 201 26.78 -34.48 -59.76
N GLY M 202 25.58 -34.11 -60.23
CA GLY M 202 25.46 -33.44 -61.51
C GLY M 202 25.46 -34.45 -62.65
N HIS M 203 24.99 -34.03 -63.83
CA HIS M 203 24.77 -34.95 -64.95
C HIS M 203 23.77 -36.04 -64.56
N THR M 204 23.49 -36.96 -65.48
CA THR M 204 22.51 -38.02 -65.24
C THR M 204 22.76 -39.25 -66.12
N VAL M 205 22.36 -40.42 -65.60
CA VAL M 205 22.42 -41.66 -66.36
C VAL M 205 21.01 -42.23 -66.42
N GLU M 206 20.56 -42.61 -67.60
CA GLU M 206 19.22 -43.17 -67.76
C GLU M 206 19.27 -44.57 -68.36
N LYS M 207 18.44 -45.46 -67.82
CA LYS M 207 18.28 -46.80 -68.39
C LYS M 207 16.80 -47.05 -68.67
N SER M 208 16.45 -47.15 -69.95
CA SER M 208 15.06 -47.32 -70.36
C SER M 208 14.68 -48.80 -70.44
N LEU M 209 13.48 -49.07 -70.95
CA LEU M 209 13.00 -50.44 -71.07
C LEU M 209 11.75 -50.52 -71.96
N SER M 210 11.67 -51.57 -72.77
CA SER M 210 10.52 -51.78 -73.64
C SER M 210 10.33 -53.26 -73.96
N GLN N 1 -52.44 8.85 16.75
CA GLN N 1 -51.47 7.94 16.19
C GLN N 1 -51.38 6.65 16.99
N ALA N 2 -50.19 6.35 17.52
CA ALA N 2 -49.98 5.13 18.31
C ALA N 2 -50.40 5.35 19.76
N VAL N 3 -51.18 4.40 20.28
CA VAL N 3 -51.69 4.52 21.65
C VAL N 3 -51.26 3.36 22.54
N VAL N 4 -50.90 3.66 23.79
CA VAL N 4 -50.55 2.61 24.74
C VAL N 4 -51.71 2.39 25.73
N THR N 5 -51.99 1.11 26.01
CA THR N 5 -53.15 0.74 26.82
C THR N 5 -52.75 -0.08 28.05
N GLN N 6 -53.32 0.27 29.19
CA GLN N 6 -53.07 -0.47 30.42
C GLN N 6 -54.38 -0.72 31.17
N GLU N 7 -54.37 -1.71 32.06
CA GLU N 7 -55.51 -1.96 32.92
C GLU N 7 -55.79 -0.72 33.77
N SER N 8 -57.06 -0.33 33.83
CA SER N 8 -57.43 0.85 34.61
C SER N 8 -56.93 0.73 36.04
N ALA N 9 -57.18 -0.43 36.64
CA ALA N 9 -56.73 -0.71 38.01
C ALA N 9 -56.71 -2.20 38.30
N LEU N 10 -55.86 -2.60 39.24
CA LEU N 10 -55.76 -4.00 39.65
C LEU N 10 -55.67 -4.12 41.16
N THR N 11 -56.06 -5.28 41.67
CA THR N 11 -56.07 -5.53 43.11
C THR N 11 -55.27 -6.79 43.45
N THR N 12 -54.60 -6.78 44.59
CA THR N 12 -53.83 -7.95 45.04
C THR N 12 -53.53 -7.86 46.53
N SER N 13 -53.33 -9.02 47.15
CA SER N 13 -53.02 -9.06 48.58
C SER N 13 -51.52 -9.21 48.82
N PRO N 14 -51.04 -8.77 49.99
CA PRO N 14 -49.62 -8.88 50.34
C PRO N 14 -49.12 -10.31 50.26
N GLY N 15 -48.13 -10.56 49.40
CA GLY N 15 -47.55 -11.87 49.26
C GLY N 15 -47.88 -12.54 47.94
N GLU N 16 -49.00 -12.13 47.34
CA GLU N 16 -49.45 -12.73 46.09
C GLU N 16 -48.61 -12.25 44.90
N THR N 17 -48.99 -12.72 43.71
CA THR N 17 -48.29 -12.35 42.48
C THR N 17 -49.23 -11.70 41.49
N VAL N 18 -48.98 -10.42 41.20
CA VAL N 18 -49.82 -9.67 40.27
C VAL N 18 -49.02 -9.33 39.01
N THR N 19 -49.71 -9.17 37.90
CA THR N 19 -49.06 -8.84 36.64
C THR N 19 -49.77 -7.72 35.88
N LEU N 20 -49.06 -6.62 35.65
CA LEU N 20 -49.57 -5.52 34.85
C LEU N 20 -49.15 -5.71 33.40
N THR N 21 -50.00 -5.28 32.47
CA THR N 21 -49.69 -5.43 31.06
C THR N 21 -49.76 -4.10 30.32
N CYS N 22 -49.01 -4.02 29.22
CA CYS N 22 -48.90 -2.82 28.43
C CYS N 22 -49.08 -3.16 26.96
N ARG N 23 -50.15 -2.65 26.35
CA ARG N 23 -50.48 -3.01 24.98
C ARG N 23 -50.21 -1.91 23.97
N SER N 24 -49.65 -2.29 22.82
CA SER N 24 -49.43 -1.37 21.72
C SER N 24 -50.57 -1.46 20.72
N SER N 25 -51.00 -0.31 20.19
CA SER N 25 -52.10 -0.28 19.24
C SER N 25 -51.66 -0.59 17.82
N THR N 26 -50.38 -0.39 17.53
CA THR N 26 -49.84 -0.63 16.20
C THR N 26 -49.55 -2.11 15.96
N GLY N 27 -49.45 -2.87 17.05
CA GLY N 27 -49.19 -4.29 16.96
C GLY N 27 -48.60 -4.87 18.23
N ALA N 28 -47.81 -5.93 18.07
CA ALA N 28 -47.18 -6.59 19.21
C ALA N 28 -45.99 -5.78 19.72
N VAL N 29 -45.85 -5.73 21.05
CA VAL N 29 -44.72 -5.03 21.66
C VAL N 29 -43.44 -5.83 21.46
N THR N 30 -42.55 -5.31 20.62
CA THR N 30 -41.28 -5.97 20.35
C THR N 30 -40.14 -5.35 21.17
N THR N 31 -38.95 -5.91 21.03
CA THR N 31 -37.80 -5.46 21.81
C THR N 31 -37.36 -4.05 21.46
N ILE N 32 -37.65 -3.61 20.23
CA ILE N 32 -37.30 -2.26 19.80
C ILE N 32 -38.31 -1.23 20.30
N ASN N 33 -39.18 -1.64 21.21
CA ASN N 33 -40.08 -0.71 21.88
C ASN N 33 -39.51 -0.32 23.23
N PHE N 34 -38.54 -1.10 23.70
CA PHE N 34 -37.86 -0.82 24.96
C PHE N 34 -38.85 -0.50 26.07
N ALA N 35 -39.81 -1.39 26.29
CA ALA N 35 -40.85 -1.18 27.27
C ALA N 35 -40.30 -0.72 28.62
N ASN N 36 -40.72 0.46 29.05
CA ASN N 36 -40.32 1.00 30.33
C ASN N 36 -41.46 0.96 31.34
N TRP N 37 -41.11 0.79 32.61
CA TRP N 37 -42.10 0.79 33.68
C TRP N 37 -41.73 1.80 34.75
N VAL N 38 -42.66 2.70 35.05
CA VAL N 38 -42.43 3.76 36.02
C VAL N 38 -43.45 3.70 37.14
N GLN N 39 -42.99 3.96 38.37
CA GLN N 39 -43.86 3.93 39.53
C GLN N 39 -44.10 5.34 40.06
N GLU N 40 -45.36 5.64 40.38
CA GLU N 40 -45.71 6.94 40.96
C GLU N 40 -46.37 6.76 42.33
N LYS N 41 -45.61 7.02 43.38
CA LYS N 41 -46.14 7.04 44.74
C LYS N 41 -46.93 8.32 44.95
N PRO N 42 -47.79 8.35 45.98
CA PRO N 42 -48.56 9.57 46.27
C PRO N 42 -47.66 10.78 46.51
N ASP N 43 -48.17 11.96 46.17
CA ASP N 43 -47.42 13.20 46.29
C ASP N 43 -46.41 13.39 45.17
N HIS N 44 -46.66 12.75 44.03
CA HIS N 44 -45.85 12.93 42.83
C HIS N 44 -44.41 12.42 42.99
N LEU N 45 -44.27 11.17 43.40
CA LEU N 45 -42.96 10.56 43.52
C LEU N 45 -42.74 9.51 42.43
N PHE N 46 -42.05 9.91 41.36
CA PHE N 46 -41.78 9.00 40.25
C PHE N 46 -40.42 8.32 40.37
N THR N 47 -40.37 7.05 39.98
CA THR N 47 -39.12 6.30 39.90
C THR N 47 -39.20 5.20 38.85
N GLY N 48 -38.09 4.96 38.15
CA GLY N 48 -38.05 3.92 37.14
C GLY N 48 -37.89 2.53 37.74
N LEU N 49 -38.42 1.54 37.04
CA LEU N 49 -38.27 0.14 37.45
C LEU N 49 -37.47 -0.63 36.41
N ILE N 50 -38.12 -0.97 35.29
CA ILE N 50 -37.49 -1.70 34.20
C ILE N 50 -37.47 -0.83 32.96
N GLY N 51 -36.72 -1.26 31.95
CA GLY N 51 -36.66 -0.55 30.69
C GLY N 51 -35.59 -1.09 29.76
N GLY N 52 -35.23 -0.30 28.74
CA GLY N 52 -34.17 -0.67 27.83
C GLY N 52 -34.29 -2.08 27.28
N ILE N 53 -33.17 -2.78 27.21
CA ILE N 53 -33.16 -4.17 26.73
C ILE N 53 -33.66 -5.12 27.81
N ASN N 54 -32.89 -5.26 28.89
CA ASN N 54 -33.36 -6.01 30.05
C ASN N 54 -32.69 -5.52 31.32
N ASN N 55 -32.39 -4.23 31.33
CA ASN N 55 -31.77 -3.59 32.49
C ASN N 55 -32.79 -2.93 33.41
N ARG N 56 -32.37 -2.69 34.64
CA ARG N 56 -33.26 -2.12 35.65
C ARG N 56 -32.61 -0.94 36.39
N ALA N 57 -33.45 -0.09 36.97
CA ALA N 57 -32.97 1.06 37.73
C ALA N 57 -32.23 0.59 38.98
N PRO N 58 -31.37 1.46 39.53
CA PRO N 58 -30.64 1.12 40.75
C PRO N 58 -31.58 0.99 41.95
N GLY N 59 -31.54 -0.16 42.62
CA GLY N 59 -32.32 -0.36 43.82
C GLY N 59 -33.67 -1.00 43.61
N VAL N 60 -34.08 -1.16 42.36
CA VAL N 60 -35.35 -1.81 42.05
C VAL N 60 -35.37 -3.23 42.60
N PRO N 61 -36.26 -3.49 43.57
CA PRO N 61 -36.40 -4.78 44.26
C PRO N 61 -36.40 -5.97 43.30
N ALA N 62 -36.01 -7.14 43.79
CA ALA N 62 -35.91 -8.33 42.96
C ALA N 62 -37.28 -8.86 42.56
N ARG N 63 -38.30 -8.54 43.35
CA ARG N 63 -39.65 -9.03 43.08
C ARG N 63 -40.20 -8.47 41.75
N PHE N 64 -39.74 -7.29 41.36
CA PHE N 64 -40.12 -6.72 40.08
C PHE N 64 -39.38 -7.41 38.94
N SER N 65 -40.08 -7.62 37.82
CA SER N 65 -39.48 -8.29 36.66
C SER N 65 -40.28 -8.02 35.39
N GLY N 66 -39.58 -7.88 34.28
CA GLY N 66 -40.22 -7.60 33.01
C GLY N 66 -40.20 -8.79 32.06
N SER N 67 -41.11 -8.78 31.10
CA SER N 67 -41.19 -9.84 30.11
C SER N 67 -42.11 -9.43 28.95
N LEU N 68 -42.18 -10.26 27.92
CA LEU N 68 -43.06 -10.01 26.78
C LEU N 68 -44.09 -11.12 26.64
N ILE N 69 -44.87 -11.34 27.68
CA ILE N 69 -45.94 -12.33 27.67
C ILE N 69 -46.95 -12.03 26.57
N GLY N 70 -47.22 -13.03 25.74
CA GLY N 70 -48.13 -12.85 24.62
C GLY N 70 -47.53 -11.90 23.59
N ASP N 71 -48.25 -10.82 23.31
CA ASP N 71 -47.75 -9.82 22.37
C ASP N 71 -47.78 -8.42 22.97
N LYS N 72 -47.71 -8.36 24.30
CA LYS N 72 -47.61 -7.09 25.00
C LYS N 72 -46.62 -7.16 26.16
N ALA N 73 -46.13 -6.00 26.60
CA ALA N 73 -45.14 -5.94 27.67
C ALA N 73 -45.79 -6.19 29.02
N ALA N 74 -45.11 -6.95 29.87
CA ALA N 74 -45.63 -7.28 31.19
C ALA N 74 -44.69 -6.82 32.31
N LEU N 75 -45.27 -6.55 33.47
CA LEU N 75 -44.51 -6.18 34.66
C LEU N 75 -45.02 -7.01 35.82
N THR N 76 -44.22 -7.97 36.27
CA THR N 76 -44.67 -8.93 37.27
C THR N 76 -44.03 -8.73 38.64
N ILE N 77 -44.86 -8.46 39.63
CA ILE N 77 -44.41 -8.32 41.01
C ILE N 77 -44.63 -9.61 41.78
N THR N 78 -43.57 -10.37 41.97
CA THR N 78 -43.65 -11.66 42.67
C THR N 78 -43.47 -11.49 44.17
N GLY N 79 -44.58 -11.56 44.90
CA GLY N 79 -44.56 -11.36 46.34
C GLY N 79 -44.83 -9.90 46.67
N ALA N 80 -46.01 -9.43 46.27
CA ALA N 80 -46.38 -8.03 46.45
C ALA N 80 -46.24 -7.57 47.90
N GLN N 81 -45.83 -6.32 48.06
CA GLN N 81 -45.65 -5.73 49.39
C GLN N 81 -46.62 -4.57 49.59
N THR N 82 -46.78 -4.16 50.84
CA THR N 82 -47.65 -3.04 51.17
C THR N 82 -47.25 -1.76 50.42
N GLU N 83 -45.96 -1.44 50.46
CA GLU N 83 -45.47 -0.22 49.83
C GLU N 83 -45.58 -0.26 48.31
N ASP N 84 -45.80 -1.46 47.76
CA ASP N 84 -45.89 -1.61 46.31
C ASP N 84 -47.18 -1.02 45.75
N GLU N 85 -48.04 -0.52 46.63
CA GLU N 85 -49.28 0.11 46.20
C GLU N 85 -49.01 1.49 45.63
N ALA N 86 -49.09 1.60 44.31
CA ALA N 86 -48.87 2.86 43.63
C ALA N 86 -49.47 2.83 42.23
N ILE N 87 -49.23 3.87 41.45
CA ILE N 87 -49.67 3.91 40.07
C ILE N 87 -48.50 3.58 39.15
N TYR N 88 -48.69 2.61 38.27
CA TYR N 88 -47.62 2.15 37.38
C TYR N 88 -47.87 2.54 35.93
N PHE N 89 -46.99 3.39 35.41
CA PHE N 89 -47.05 3.76 34.00
C PHE N 89 -46.04 2.94 33.21
N CYS N 90 -46.45 2.46 32.05
CA CYS N 90 -45.52 1.83 31.13
C CYS N 90 -45.35 2.73 29.91
N ALA N 91 -44.16 2.75 29.35
CA ALA N 91 -43.89 3.59 28.20
C ALA N 91 -43.24 2.79 27.08
N LEU N 92 -43.74 2.98 25.87
CA LEU N 92 -43.18 2.32 24.70
C LEU N 92 -42.43 3.32 23.83
N TRP N 93 -41.41 2.84 23.13
CA TRP N 93 -40.60 3.68 22.27
C TRP N 93 -40.99 3.43 20.81
N TYR N 94 -41.61 4.42 20.19
CA TYR N 94 -42.02 4.31 18.79
C TYR N 94 -41.12 5.11 17.89
N SER N 95 -40.10 4.45 17.35
CA SER N 95 -39.18 5.06 16.38
C SER N 95 -38.26 6.12 16.99
N ASN N 96 -38.83 7.23 17.45
CA ASN N 96 -38.00 8.36 17.90
C ASN N 96 -38.54 9.09 19.12
N HIS N 97 -39.57 8.56 19.75
CA HIS N 97 -40.14 9.19 20.93
C HIS N 97 -40.86 8.20 21.83
N TRP N 98 -41.10 8.60 23.07
CA TRP N 98 -41.80 7.76 24.04
C TRP N 98 -43.29 8.05 24.03
N VAL N 99 -44.08 7.00 24.26
CA VAL N 99 -45.52 7.16 24.43
C VAL N 99 -45.93 6.43 25.71
N PHE N 100 -46.54 7.16 26.64
CA PHE N 100 -46.94 6.59 27.91
C PHE N 100 -48.34 5.97 27.86
N GLY N 101 -48.65 5.14 28.84
CA GLY N 101 -49.97 4.54 28.94
C GLY N 101 -50.84 5.36 29.86
N GLY N 102 -52.05 4.85 30.13
CA GLY N 102 -52.97 5.53 31.03
C GLY N 102 -52.60 5.28 32.48
N GLY N 103 -51.73 4.30 32.70
CA GLY N 103 -51.32 3.95 34.04
C GLY N 103 -52.26 2.93 34.66
N THR N 104 -51.74 2.13 35.57
CA THR N 104 -52.53 1.13 36.27
C THR N 104 -52.42 1.38 37.77
N LYS N 105 -53.56 1.54 38.43
CA LYS N 105 -53.56 1.78 39.87
C LYS N 105 -53.61 0.48 40.64
N LEU N 106 -52.43 -0.02 41.02
CA LEU N 106 -52.32 -1.27 41.77
C LEU N 106 -52.64 -1.03 43.23
N THR N 107 -53.56 -1.82 43.76
CA THR N 107 -53.95 -1.72 45.16
C THR N 107 -53.55 -2.97 45.93
N VAL N 108 -52.75 -2.78 46.97
CA VAL N 108 -52.39 -3.87 47.86
C VAL N 108 -53.27 -3.83 49.11
N LEU N 109 -54.10 -4.86 49.29
CA LEU N 109 -54.96 -4.96 50.46
C LEU N 109 -54.17 -4.66 51.74
N GLY N 110 -54.61 -3.66 52.50
CA GLY N 110 -53.90 -3.24 53.69
C GLY N 110 -54.77 -2.90 54.89
N GLN N 111 -56.06 -2.72 54.66
CA GLN N 111 -56.99 -2.37 55.74
C GLN N 111 -58.41 -2.79 55.41
N PRO N 112 -59.15 -3.28 56.41
CA PRO N 112 -60.55 -3.69 56.23
C PRO N 112 -61.43 -2.56 55.70
N LYS N 113 -62.48 -2.92 54.96
CA LYS N 113 -63.38 -1.94 54.36
C LYS N 113 -63.99 -1.02 55.43
N SER N 114 -64.34 0.19 55.01
CA SER N 114 -64.93 1.16 55.92
C SER N 114 -66.06 1.93 55.24
N SER N 115 -67.14 2.16 55.98
CA SER N 115 -68.31 2.87 55.46
C SER N 115 -68.10 4.38 55.49
N PRO N 116 -68.59 5.07 54.46
CA PRO N 116 -68.42 6.52 54.31
C PRO N 116 -69.23 7.33 55.33
N SER N 117 -68.55 8.19 56.08
CA SER N 117 -69.22 9.08 57.01
C SER N 117 -69.54 10.40 56.33
N VAL N 118 -70.81 10.59 55.97
CA VAL N 118 -71.21 11.77 55.20
C VAL N 118 -71.86 12.82 56.08
N THR N 119 -71.78 14.07 55.65
CA THR N 119 -72.41 15.18 56.36
C THR N 119 -72.75 16.29 55.39
N LEU N 120 -74.04 16.62 55.31
CA LEU N 120 -74.51 17.67 54.40
C LEU N 120 -74.76 18.96 55.15
N PHE N 121 -74.25 20.07 54.61
CA PHE N 121 -74.44 21.38 55.21
C PHE N 121 -75.30 22.27 54.31
N PRO N 122 -76.15 23.11 54.92
CA PRO N 122 -76.97 24.06 54.15
C PRO N 122 -76.13 25.27 53.73
N PRO N 123 -76.57 25.98 52.68
CA PRO N 123 -75.84 27.18 52.23
C PRO N 123 -75.87 28.27 53.30
N SER N 124 -74.70 28.75 53.71
CA SER N 124 -74.61 29.76 54.75
C SER N 124 -75.29 31.06 54.35
N SER N 125 -75.83 31.77 55.34
CA SER N 125 -76.53 33.03 55.09
C SER N 125 -75.57 34.08 54.54
N THR N 134 -74.51 27.34 48.05
CA THR N 134 -73.53 26.27 47.91
C THR N 134 -73.76 25.18 48.95
N LEU N 135 -74.07 23.97 48.49
CA LEU N 135 -74.25 22.83 49.38
C LEU N 135 -72.97 22.01 49.48
N VAL N 136 -72.58 21.67 50.71
CA VAL N 136 -71.34 20.94 50.94
C VAL N 136 -71.59 19.54 51.46
N CYS N 137 -71.19 18.55 50.68
CA CYS N 137 -71.39 17.15 51.04
C CYS N 137 -70.06 16.45 51.30
N THR N 138 -69.62 16.47 52.55
CA THR N 138 -68.34 15.88 52.92
C THR N 138 -68.44 14.39 53.21
N ILE N 139 -67.38 13.66 52.88
CA ILE N 139 -67.34 12.22 53.08
C ILE N 139 -66.00 11.80 53.66
N THR N 140 -66.02 11.17 54.83
CA THR N 140 -64.79 10.80 55.52
C THR N 140 -64.79 9.35 56.01
N ASP N 141 -63.62 8.90 56.44
CA ASP N 141 -63.44 7.56 57.03
C ASP N 141 -64.03 6.43 56.19
N PHE N 142 -63.57 6.31 54.94
CA PHE N 142 -64.00 5.22 54.07
C PHE N 142 -62.80 4.53 53.43
N TYR N 143 -63.02 3.30 52.96
CA TYR N 143 -61.95 2.50 52.38
C TYR N 143 -62.51 1.31 51.61
N PRO N 144 -62.02 1.08 50.38
CA PRO N 144 -61.01 1.90 49.69
C PRO N 144 -61.53 3.27 49.29
N GLY N 145 -60.66 4.10 48.72
CA GLY N 145 -61.02 5.47 48.38
C GLY N 145 -61.63 5.63 47.00
N VAL N 146 -62.65 4.82 46.70
CA VAL N 146 -63.35 4.90 45.42
C VAL N 146 -64.84 5.10 45.64
N VAL N 147 -65.27 6.35 45.71
CA VAL N 147 -66.67 6.67 46.01
C VAL N 147 -67.37 7.35 44.84
N THR N 159 -78.42 17.15 38.07
CA THR N 159 -77.80 16.62 36.86
C THR N 159 -76.54 17.40 36.50
N GLN N 160 -76.46 18.64 36.95
CA GLN N 160 -75.33 19.50 36.63
C GLN N 160 -75.11 20.57 37.70
N GLY N 161 -74.07 21.36 37.51
CA GLY N 161 -73.73 22.40 38.46
C GLY N 161 -72.87 21.86 39.59
N MET N 162 -73.08 20.59 39.92
CA MET N 162 -72.33 19.94 40.99
C MET N 162 -70.88 19.71 40.61
N GLU N 163 -70.07 19.34 41.59
CA GLU N 163 -68.65 19.11 41.38
C GLU N 163 -68.04 18.36 42.55
N THR N 164 -67.60 17.14 42.31
CA THR N 164 -67.00 16.31 43.36
C THR N 164 -65.49 16.24 43.20
N THR N 165 -64.79 16.20 44.33
CA THR N 165 -63.33 16.19 44.34
C THR N 165 -62.77 14.80 44.07
N GLN N 166 -61.54 14.58 44.53
CA GLN N 166 -60.88 13.28 44.39
C GLN N 166 -60.38 12.81 45.75
N PRO N 167 -60.78 11.60 46.16
CA PRO N 167 -60.39 11.01 47.44
C PRO N 167 -58.87 11.04 47.64
N SER N 168 -58.45 11.62 48.77
CA SER N 168 -57.03 11.65 49.13
C SER N 168 -56.81 11.02 50.51
N LYS N 169 -55.61 10.51 50.74
CA LYS N 169 -55.29 9.82 51.99
C LYS N 169 -55.38 10.74 53.20
N GLN N 170 -55.81 10.18 54.32
CA GLN N 170 -55.97 10.94 55.55
C GLN N 170 -55.20 10.30 56.70
N SER N 171 -54.49 11.12 57.45
CA SER N 171 -53.67 10.67 58.58
C SER N 171 -53.63 9.15 58.71
N ALA N 177 -63.03 12.58 50.58
CA ALA N 177 -63.46 13.34 49.41
C ALA N 177 -64.71 14.17 49.72
N SER N 178 -64.88 15.27 48.98
CA SER N 178 -66.00 16.16 49.20
C SER N 178 -66.61 16.59 47.86
N SER N 179 -67.90 16.94 47.88
CA SER N 179 -68.59 17.34 46.66
C SER N 179 -69.10 18.77 46.77
N LEU N 183 -75.44 26.44 42.91
CA LEU N 183 -76.79 26.95 42.76
C LEU N 183 -76.85 28.46 43.00
N THR N 184 -78.04 29.02 42.85
CA THR N 184 -78.23 30.46 43.01
C THR N 184 -79.30 30.75 44.06
N ALA N 185 -79.43 32.02 44.43
CA ALA N 185 -80.41 32.43 45.42
C ALA N 185 -81.84 32.26 44.90
N GLN O 1 12.12 28.68 -44.91
CA GLN O 1 11.38 28.65 -43.65
C GLN O 1 11.80 29.82 -42.75
N ALA O 2 12.32 29.49 -41.56
CA ALA O 2 12.74 30.52 -40.61
C ALA O 2 14.15 31.00 -40.95
N VAL O 3 14.34 32.32 -41.01
CA VAL O 3 15.68 32.84 -41.27
C VAL O 3 16.23 33.84 -40.24
N VAL O 4 17.52 33.70 -39.98
CA VAL O 4 18.19 34.55 -39.02
C VAL O 4 18.95 35.66 -39.71
N THR O 5 18.85 36.87 -39.18
CA THR O 5 19.44 38.05 -39.83
C THR O 5 20.42 38.78 -38.92
N GLN O 6 21.57 39.16 -39.47
CA GLN O 6 22.56 39.93 -38.72
C GLN O 6 23.09 41.08 -39.56
N GLU O 7 23.68 42.07 -38.90
CA GLU O 7 24.34 43.16 -39.59
C GLU O 7 25.45 42.60 -40.46
N SER O 8 25.53 43.04 -41.70
CA SER O 8 26.56 42.57 -42.61
C SER O 8 27.94 42.76 -42.00
N ALA O 9 28.17 43.96 -41.46
CA ALA O 9 29.44 44.28 -40.81
C ALA O 9 29.30 45.48 -39.89
N LEU O 10 30.16 45.56 -38.89
CA LEU O 10 30.19 46.69 -37.96
C LEU O 10 31.61 47.15 -37.67
N THR O 11 31.74 48.42 -37.28
CA THR O 11 33.05 49.01 -37.00
C THR O 11 33.08 49.60 -35.60
N THR O 12 34.24 49.51 -34.94
CA THR O 12 34.40 50.07 -33.60
C THR O 12 35.88 50.25 -33.27
N SER O 13 36.19 51.20 -32.38
CA SER O 13 37.57 51.44 -31.97
C SER O 13 37.88 50.74 -30.64
N PRO O 14 39.16 50.45 -30.39
CA PRO O 14 39.59 49.80 -29.15
C PRO O 14 39.15 50.59 -27.93
N GLY O 15 38.35 49.97 -27.07
CA GLY O 15 37.90 50.61 -25.85
C GLY O 15 36.42 50.96 -25.86
N GLU O 16 35.87 51.14 -27.06
CA GLU O 16 34.46 51.50 -27.19
C GLU O 16 33.53 50.33 -26.90
N THR O 17 32.23 50.57 -27.05
CA THR O 17 31.22 49.55 -26.82
C THR O 17 30.37 49.32 -28.06
N VAL O 18 30.47 48.12 -28.62
CA VAL O 18 29.71 47.78 -29.82
C VAL O 18 28.68 46.72 -29.50
N THR O 19 27.60 46.69 -30.26
CA THR O 19 26.53 45.71 -30.04
C THR O 19 26.06 45.06 -31.34
N LEU O 20 26.19 43.74 -31.41
CA LEU O 20 25.70 42.96 -32.54
C LEU O 20 24.29 42.47 -32.23
N THR O 21 23.45 42.39 -33.25
CA THR O 21 22.08 41.94 -33.05
C THR O 21 21.73 40.76 -33.95
N CYS O 22 20.77 39.96 -33.48
CA CYS O 22 20.35 38.75 -34.17
C CYS O 22 18.83 38.73 -34.26
N ARG O 23 18.30 38.79 -35.48
CA ARG O 23 16.86 38.89 -35.67
C ARG O 23 16.22 37.60 -36.18
N SER O 24 15.07 37.27 -35.62
CA SER O 24 14.28 36.12 -36.09
C SER O 24 13.21 36.58 -37.05
N SER O 25 12.98 35.79 -38.10
CA SER O 25 11.99 36.16 -39.12
C SER O 25 10.57 35.75 -38.71
N THR O 26 10.47 34.77 -37.82
CA THR O 26 9.16 34.29 -37.37
C THR O 26 8.55 35.20 -36.31
N GLY O 27 9.39 36.02 -35.68
CA GLY O 27 8.93 36.93 -34.66
C GLY O 27 10.03 37.38 -33.72
N ALA O 28 9.67 37.68 -32.48
CA ALA O 28 10.63 38.13 -31.49
C ALA O 28 11.44 36.96 -30.95
N VAL O 29 12.74 37.21 -30.73
CA VAL O 29 13.61 36.19 -30.16
C VAL O 29 13.30 36.01 -28.68
N THR O 30 12.71 34.86 -28.34
CA THR O 30 12.38 34.56 -26.95
C THR O 30 13.43 33.65 -26.31
N THR O 31 13.24 33.34 -25.03
CA THR O 31 14.21 32.55 -24.28
C THR O 31 14.31 31.11 -24.78
N ILE O 32 13.23 30.62 -25.38
CA ILE O 32 13.22 29.26 -25.93
C ILE O 32 13.89 29.19 -27.29
N ASN O 33 14.58 30.26 -27.67
CA ASN O 33 15.40 30.25 -28.87
C ASN O 33 16.85 29.98 -28.51
N PHE O 34 17.17 30.15 -27.23
CA PHE O 34 18.51 29.88 -26.72
C PHE O 34 19.58 30.50 -27.60
N ALA O 35 19.46 31.80 -27.83
CA ALA O 35 20.37 32.51 -28.71
C ALA O 35 21.83 32.20 -28.39
N ASN O 36 22.52 31.66 -29.38
CA ASN O 36 23.95 31.36 -29.24
C ASN O 36 24.81 32.34 -30.05
N TRP O 37 26.01 32.61 -29.54
CA TRP O 37 26.94 33.47 -30.25
C TRP O 37 28.28 32.78 -30.41
N VAL O 38 28.74 32.71 -31.66
CA VAL O 38 29.97 32.02 -31.99
C VAL O 38 30.96 32.97 -32.67
N GLN O 39 32.23 32.84 -32.35
CA GLN O 39 33.27 33.67 -32.92
C GLN O 39 34.15 32.89 -33.89
N GLU O 40 34.43 33.48 -35.05
CA GLU O 40 35.32 32.85 -36.03
C GLU O 40 36.51 33.73 -36.32
N LYS O 41 37.66 33.37 -35.75
CA LYS O 41 38.92 34.04 -36.06
C LYS O 41 39.41 33.57 -37.43
N PRO O 42 40.34 34.32 -38.03
CA PRO O 42 40.89 33.92 -39.34
C PRO O 42 41.52 32.53 -39.29
N ASP O 43 41.48 31.82 -40.41
CA ASP O 43 42.01 30.47 -40.52
C ASP O 43 41.06 29.43 -39.91
N HIS O 44 39.79 29.76 -39.86
CA HIS O 44 38.76 28.83 -39.42
C HIS O 44 38.87 28.43 -37.95
N LEU O 45 38.93 29.41 -37.08
CA LEU O 45 38.99 29.17 -35.63
C LEU O 45 37.67 29.54 -34.96
N PHE O 46 36.82 28.55 -34.74
CA PHE O 46 35.53 28.78 -34.11
C PHE O 46 35.56 28.54 -32.59
N THR O 47 34.85 29.38 -31.85
CA THR O 47 34.67 29.21 -30.41
C THR O 47 33.35 29.81 -29.95
N GLY O 48 32.71 29.17 -28.98
CA GLY O 48 31.46 29.67 -28.44
C GLY O 48 31.67 30.81 -27.45
N LEU O 49 30.68 31.69 -27.37
CA LEU O 49 30.69 32.79 -26.41
C LEU O 49 29.55 32.63 -25.40
N ILE O 50 28.33 32.96 -25.85
CA ILE O 50 27.15 32.86 -25.01
C ILE O 50 26.20 31.84 -25.62
N GLY O 51 25.17 31.46 -24.86
CA GLY O 51 24.16 30.53 -25.35
C GLY O 51 23.22 30.08 -24.25
N GLY O 52 22.50 28.99 -24.52
CA GLY O 52 21.60 28.41 -23.53
C GLY O 52 20.68 29.41 -22.87
N ILE O 53 20.51 29.27 -21.56
CA ILE O 53 19.68 30.19 -20.80
C ILE O 53 20.40 31.52 -20.54
N ASN O 54 21.45 31.48 -19.75
CA ASN O 54 22.32 32.65 -19.58
C ASN O 54 23.72 32.22 -19.19
N ASN O 55 24.11 31.06 -19.70
CA ASN O 55 25.46 30.53 -19.45
C ASN O 55 26.44 30.87 -20.57
N ARG O 56 27.72 30.77 -20.26
CA ARG O 56 28.77 31.12 -21.21
C ARG O 56 29.86 30.04 -21.30
N ALA O 57 30.58 30.04 -22.40
CA ALA O 57 31.66 29.08 -22.61
C ALA O 57 32.80 29.35 -21.64
N PRO O 58 33.64 28.33 -21.38
CA PRO O 58 34.77 28.50 -20.47
C PRO O 58 35.81 29.48 -21.03
N GLY O 59 36.12 30.52 -20.28
CA GLY O 59 37.16 31.46 -20.67
C GLY O 59 36.67 32.68 -21.42
N VAL O 60 35.38 32.70 -21.78
CA VAL O 60 34.81 33.84 -22.47
C VAL O 60 34.93 35.10 -21.61
N PRO O 61 35.71 36.07 -22.10
CA PRO O 61 36.01 37.33 -21.39
C PRO O 61 34.76 37.97 -20.80
N ALA O 62 34.95 38.79 -19.76
CA ALA O 62 33.83 39.42 -19.07
C ALA O 62 33.18 40.52 -19.91
N ARG O 63 33.94 41.08 -20.84
CA ARG O 63 33.43 42.15 -21.68
C ARG O 63 32.27 41.69 -22.57
N PHE O 64 32.26 40.41 -22.92
CA PHE O 64 31.15 39.83 -23.69
C PHE O 64 29.93 39.63 -22.80
N SER O 65 28.75 39.88 -23.35
CA SER O 65 27.52 39.73 -22.60
C SER O 65 26.31 39.66 -23.51
N GLY O 66 25.33 38.83 -23.13
CA GLY O 66 24.14 38.66 -23.93
C GLY O 66 22.91 39.29 -23.32
N SER O 67 21.91 39.55 -24.16
CA SER O 67 20.66 40.14 -23.71
C SER O 67 19.59 40.04 -24.79
N LEU O 68 18.36 40.44 -24.46
CA LEU O 68 17.28 40.44 -25.43
C LEU O 68 16.74 41.85 -25.66
N ILE O 69 17.63 42.76 -26.07
CA ILE O 69 17.25 44.14 -26.36
C ILE O 69 16.19 44.19 -27.46
N GLY O 70 15.10 44.89 -27.17
CA GLY O 70 14.00 44.97 -28.12
C GLY O 70 13.32 43.63 -28.28
N ASP O 71 13.29 43.12 -29.51
CA ASP O 71 12.71 41.82 -29.78
C ASP O 71 13.67 40.93 -30.56
N LYS O 72 14.97 41.19 -30.39
CA LYS O 72 16.00 40.36 -30.98
C LYS O 72 17.17 40.14 -30.03
N ALA O 73 17.94 39.09 -30.25
CA ALA O 73 19.07 38.76 -29.40
C ALA O 73 20.25 39.71 -29.64
N ALA O 74 20.91 40.12 -28.57
CA ALA O 74 22.04 41.04 -28.67
C ALA O 74 23.31 40.44 -28.08
N LEU O 75 24.45 40.90 -28.59
CA LEU O 75 25.75 40.49 -28.07
C LEU O 75 26.59 41.74 -27.90
N THR O 76 26.82 42.13 -26.65
CA THR O 76 27.48 43.41 -26.36
C THR O 76 28.89 43.26 -25.83
N ILE O 77 29.85 43.80 -26.58
CA ILE O 77 31.24 43.81 -26.15
C ILE O 77 31.60 45.14 -25.51
N THR O 78 31.67 45.15 -24.19
CA THR O 78 31.97 46.38 -23.45
C THR O 78 33.47 46.56 -23.25
N GLY O 79 34.06 47.46 -24.04
CA GLY O 79 35.49 47.67 -24.00
C GLY O 79 36.19 46.81 -25.03
N ALA O 80 35.85 47.01 -26.29
CA ALA O 80 36.36 46.20 -27.38
C ALA O 80 37.89 46.17 -27.40
N GLN O 81 38.43 45.01 -27.78
CA GLN O 81 39.88 44.83 -27.84
C GLN O 81 40.31 44.55 -29.28
N THR O 82 41.61 44.66 -29.53
CA THR O 82 42.16 44.40 -30.86
C THR O 82 41.84 42.98 -31.33
N GLU O 83 42.06 42.00 -30.47
CA GLU O 83 41.84 40.61 -30.83
C GLU O 83 40.36 40.29 -31.04
N ASP O 84 39.49 41.18 -30.58
CA ASP O 84 38.05 40.96 -30.71
C ASP O 84 37.57 41.10 -32.15
N GLU O 85 38.48 41.46 -33.05
CA GLU O 85 38.14 41.58 -34.46
C GLU O 85 37.99 40.21 -35.10
N ALA O 86 36.76 39.82 -35.36
CA ALA O 86 36.48 38.52 -35.98
C ALA O 86 35.08 38.51 -36.57
N ILE O 87 34.64 37.35 -37.05
CA ILE O 87 33.28 37.20 -37.56
C ILE O 87 32.42 36.53 -36.51
N TYR O 88 31.29 37.16 -36.19
CA TYR O 88 30.41 36.64 -35.16
C TYR O 88 29.10 36.10 -35.71
N PHE O 89 28.90 34.79 -35.55
CA PHE O 89 27.66 34.15 -35.94
C PHE O 89 26.76 33.97 -34.73
N CYS O 90 25.48 34.28 -34.89
CA CYS O 90 24.50 33.97 -33.86
C CYS O 90 23.60 32.85 -34.37
N ALA O 91 23.17 31.99 -33.46
CA ALA O 91 22.33 30.87 -33.84
C ALA O 91 21.09 30.80 -32.97
N LEU O 92 19.94 30.62 -33.59
CA LEU O 92 18.68 30.48 -32.87
C LEU O 92 18.19 29.03 -32.93
N TRP O 93 17.48 28.63 -31.88
CA TRP O 93 16.94 27.28 -31.79
C TRP O 93 15.45 27.30 -32.11
N TYR O 94 15.07 26.73 -33.24
CA TYR O 94 13.68 26.68 -33.64
C TYR O 94 13.10 25.28 -33.47
N SER O 95 12.49 25.05 -32.30
CA SER O 95 11.81 23.78 -32.01
C SER O 95 12.75 22.60 -31.82
N ASN O 96 13.45 22.20 -32.87
CA ASN O 96 14.26 20.99 -32.81
C ASN O 96 15.60 21.07 -33.55
N HIS O 97 15.96 22.25 -34.02
CA HIS O 97 17.22 22.42 -34.74
C HIS O 97 17.75 23.85 -34.65
N TRP O 98 19.03 24.01 -34.97
CA TRP O 98 19.67 25.31 -34.96
C TRP O 98 19.61 25.97 -36.33
N VAL O 99 19.48 27.29 -36.34
CA VAL O 99 19.56 28.05 -37.58
C VAL O 99 20.55 29.20 -37.39
N PHE O 100 21.58 29.25 -38.21
CA PHE O 100 22.62 30.26 -38.07
C PHE O 100 22.28 31.53 -38.85
N GLY O 101 22.96 32.62 -38.52
CA GLY O 101 22.80 33.87 -39.24
C GLY O 101 23.82 34.00 -40.35
N GLY O 102 23.84 35.16 -40.99
CA GLY O 102 24.81 35.42 -42.04
C GLY O 102 26.15 35.79 -41.47
N GLY O 103 26.17 36.09 -40.18
CA GLY O 103 27.39 36.51 -39.50
C GLY O 103 27.63 38.00 -39.62
N THR O 104 28.32 38.56 -38.65
CA THR O 104 28.65 39.98 -38.65
C THR O 104 30.16 40.12 -38.56
N LYS O 105 30.74 40.85 -39.51
CA LYS O 105 32.19 41.04 -39.51
C LYS O 105 32.57 42.29 -38.72
N LEU O 106 32.87 42.10 -37.45
CA LEU O 106 33.26 43.18 -36.56
C LEU O 106 34.70 43.59 -36.81
N THR O 107 34.92 44.88 -37.05
CA THR O 107 36.25 45.40 -37.29
C THR O 107 36.67 46.34 -36.17
N VAL O 108 37.79 46.01 -35.53
CA VAL O 108 38.37 46.88 -34.53
C VAL O 108 39.48 47.71 -35.19
N LEU O 109 39.22 49.00 -35.38
CA LEU O 109 40.07 49.87 -36.18
C LEU O 109 41.56 49.85 -35.81
N GLY O 110 42.40 49.89 -36.83
CA GLY O 110 43.85 49.93 -36.65
C GLY O 110 44.53 50.85 -37.65
N GLN O 111 43.98 50.91 -38.86
CA GLN O 111 44.51 51.76 -39.91
C GLN O 111 43.42 52.68 -40.46
N PRO O 112 43.78 53.95 -40.74
CA PRO O 112 42.85 54.91 -41.34
C PRO O 112 42.09 54.32 -42.52
N LYS O 113 40.83 54.71 -42.68
CA LYS O 113 39.97 54.17 -43.72
C LYS O 113 40.48 54.47 -45.12
N SER O 114 39.94 53.80 -46.12
CA SER O 114 40.36 53.96 -47.50
C SER O 114 39.23 53.62 -48.47
N SER O 115 39.03 54.47 -49.46
CA SER O 115 38.00 54.24 -50.48
C SER O 115 38.46 53.18 -51.47
N PRO O 116 37.53 52.33 -51.92
CA PRO O 116 37.84 51.23 -52.85
C PRO O 116 38.17 51.72 -54.26
N SER O 117 39.33 51.30 -54.77
CA SER O 117 39.73 51.63 -56.14
C SER O 117 39.14 50.60 -57.11
N VAL O 118 38.09 51.00 -57.82
CA VAL O 118 37.39 50.11 -58.71
C VAL O 118 37.82 50.29 -60.17
N THR O 119 37.70 49.22 -60.95
CA THR O 119 37.98 49.28 -62.38
C THR O 119 37.17 48.19 -63.10
N LEU O 120 36.37 48.60 -64.07
CA LEU O 120 35.49 47.68 -64.78
C LEU O 120 36.05 47.31 -66.15
N PHE O 121 36.41 46.03 -66.29
CA PHE O 121 36.92 45.51 -67.55
C PHE O 121 35.78 44.86 -68.33
N PRO O 122 35.73 45.09 -69.65
CA PRO O 122 34.73 44.46 -70.52
C PRO O 122 35.20 43.07 -70.91
N PRO O 123 34.30 42.26 -71.51
CA PRO O 123 34.67 40.93 -72.00
C PRO O 123 35.54 40.99 -73.25
N SER O 124 36.69 40.32 -73.20
CA SER O 124 37.60 40.26 -74.32
C SER O 124 36.95 39.56 -75.52
N SER O 125 37.58 39.69 -76.68
CA SER O 125 37.04 39.10 -77.90
C SER O 125 37.21 37.58 -77.96
N GLU O 126 38.19 37.06 -77.21
CA GLU O 126 38.40 35.62 -77.17
C GLU O 126 37.22 34.94 -76.50
N GLU O 127 36.59 35.64 -75.56
CA GLU O 127 35.41 35.12 -74.88
C GLU O 127 34.18 35.16 -75.78
N LEU O 128 33.94 36.32 -76.39
CA LEU O 128 32.81 36.48 -77.29
C LEU O 128 32.85 35.41 -78.38
N GLU O 129 34.05 34.95 -78.68
CA GLU O 129 34.25 33.90 -79.68
C GLU O 129 33.82 32.54 -79.13
N THR O 130 34.07 32.32 -77.85
CA THR O 130 33.66 31.10 -77.17
C THR O 130 32.15 31.10 -76.99
N ASN O 131 31.55 32.26 -77.22
CA ASN O 131 30.11 32.45 -77.08
C ASN O 131 29.71 32.70 -75.62
N LYS O 132 30.71 32.88 -74.76
CA LYS O 132 30.46 33.17 -73.35
C LYS O 132 31.19 34.43 -72.91
N ALA O 133 30.44 35.49 -72.63
CA ALA O 133 31.00 36.76 -72.22
C ALA O 133 31.10 36.87 -70.70
N THR O 134 32.21 37.42 -70.21
CA THR O 134 32.41 37.61 -68.77
C THR O 134 32.89 39.01 -68.45
N LEU O 135 32.35 39.59 -67.37
CA LEU O 135 32.78 40.89 -66.89
C LEU O 135 33.61 40.74 -65.61
N VAL O 136 34.54 41.66 -65.41
CA VAL O 136 35.39 41.65 -64.23
C VAL O 136 35.49 43.03 -63.61
N CYS O 137 35.17 43.12 -62.32
CA CYS O 137 35.15 44.39 -61.62
C CYS O 137 36.08 44.35 -60.41
N THR O 138 37.38 44.45 -60.66
CA THR O 138 38.38 44.33 -59.61
C THR O 138 38.31 45.49 -58.62
N ILE O 139 38.40 45.16 -57.33
CA ILE O 139 38.37 46.15 -56.26
C ILE O 139 39.62 46.04 -55.39
N THR O 140 40.49 47.03 -55.48
CA THR O 140 41.75 47.02 -54.75
C THR O 140 41.82 48.12 -53.69
N ASP O 141 42.73 47.95 -52.73
CA ASP O 141 43.00 48.98 -51.73
C ASP O 141 41.74 49.50 -51.05
N PHE O 142 41.26 48.79 -50.03
CA PHE O 142 40.15 49.30 -49.21
C PHE O 142 40.20 48.78 -47.78
N TYR O 143 39.63 49.56 -46.86
CA TYR O 143 39.64 49.21 -45.44
C TYR O 143 38.47 49.88 -44.71
N PRO O 144 37.80 49.14 -43.81
CA PRO O 144 38.03 47.72 -43.50
C PRO O 144 37.57 46.79 -44.62
N GLY O 145 37.87 45.49 -44.49
CA GLY O 145 37.58 44.52 -45.52
C GLY O 145 36.11 44.17 -45.67
N VAL O 146 35.32 45.15 -46.07
CA VAL O 146 33.89 44.94 -46.29
C VAL O 146 33.39 45.79 -47.46
N VAL O 147 33.22 45.16 -48.61
CA VAL O 147 32.64 45.83 -49.77
C VAL O 147 31.37 45.12 -50.22
N THR O 148 30.53 45.83 -50.97
CA THR O 148 29.28 45.26 -51.47
C THR O 148 29.11 45.56 -52.95
N VAL O 149 29.38 44.56 -53.79
CA VAL O 149 29.28 44.71 -55.23
C VAL O 149 27.83 44.67 -55.70
N ASP O 150 27.50 45.55 -56.64
CA ASP O 150 26.16 45.66 -57.17
C ASP O 150 26.22 46.03 -58.65
N TRP O 151 25.76 45.13 -59.51
CA TRP O 151 25.80 45.36 -60.95
C TRP O 151 24.53 46.07 -61.44
N GLY O 161 23.47 35.88 -62.05
CA GLY O 161 24.57 35.71 -62.98
C GLY O 161 25.87 36.29 -62.47
N MET O 162 25.82 36.88 -61.28
CA MET O 162 26.99 37.50 -60.68
C MET O 162 27.60 36.62 -59.58
N GLU O 163 28.87 36.84 -59.29
CA GLU O 163 29.60 36.05 -58.31
C GLU O 163 30.85 36.78 -57.84
N THR O 164 30.77 37.41 -56.68
CA THR O 164 31.89 38.18 -56.13
C THR O 164 32.70 37.38 -55.12
N THR O 165 34.01 37.61 -55.10
CA THR O 165 34.91 36.87 -54.21
C THR O 165 34.94 37.47 -52.82
N GLN O 166 35.47 36.70 -51.88
CA GLN O 166 35.53 37.12 -50.48
C GLN O 166 36.72 38.03 -50.24
N PRO O 167 36.52 39.09 -49.45
CA PRO O 167 37.56 40.05 -49.09
C PRO O 167 38.85 39.38 -48.59
N SER O 168 39.99 39.80 -49.12
CA SER O 168 41.27 39.24 -48.71
C SER O 168 42.37 40.31 -48.67
N LYS O 169 42.97 40.47 -47.50
CA LYS O 169 43.98 41.50 -47.25
C LYS O 169 45.13 41.46 -48.27
N GLN O 170 45.80 42.59 -48.43
CA GLN O 170 46.89 42.70 -49.40
C GLN O 170 48.24 42.72 -48.71
N SER O 171 49.21 43.38 -49.35
CA SER O 171 50.53 43.54 -48.78
C SER O 171 50.60 44.80 -47.93
N ASN O 172 49.66 45.72 -48.17
CA ASN O 172 49.59 46.97 -47.40
C ASN O 172 48.43 46.95 -46.41
N ASN O 173 47.91 45.76 -46.14
CA ASN O 173 46.83 45.57 -45.16
C ASN O 173 45.48 46.20 -45.55
N LYS O 174 45.28 46.46 -46.82
CA LYS O 174 43.99 46.92 -47.32
C LYS O 174 43.34 45.84 -48.18
N TYR O 175 42.34 45.17 -47.61
CA TYR O 175 41.68 44.04 -48.27
C TYR O 175 41.32 44.33 -49.73
N MET O 176 41.32 43.27 -50.55
CA MET O 176 41.01 43.40 -51.97
C MET O 176 40.01 42.32 -52.38
N ALA O 177 39.41 42.49 -53.56
CA ALA O 177 38.42 41.53 -54.05
C ALA O 177 38.10 41.72 -55.53
N SER O 178 37.54 40.67 -56.14
CA SER O 178 37.13 40.70 -57.54
C SER O 178 35.68 40.26 -57.70
N SER O 179 34.98 40.88 -58.66
CA SER O 179 33.60 40.53 -58.95
C SER O 179 33.45 40.02 -60.38
N TYR O 180 32.57 39.05 -60.58
CA TYR O 180 32.39 38.44 -61.90
C TYR O 180 30.93 38.35 -62.31
N LEU O 181 30.56 39.10 -63.34
CA LEU O 181 29.22 39.04 -63.90
C LEU O 181 29.25 38.20 -65.18
N THR O 182 28.59 37.05 -65.14
CA THR O 182 28.62 36.12 -66.25
C THR O 182 27.40 36.28 -67.16
N LEU O 183 27.64 36.25 -68.47
CA LEU O 183 26.57 36.40 -69.46
C LEU O 183 26.81 35.46 -70.62
N THR O 184 26.10 35.69 -71.72
CA THR O 184 26.32 34.95 -72.95
C THR O 184 26.69 35.93 -74.06
N ALA O 185 27.35 35.44 -75.11
CA ALA O 185 27.81 36.29 -76.19
C ALA O 185 26.66 37.05 -76.85
N ARG O 186 25.52 36.39 -76.99
CA ARG O 186 24.36 37.02 -77.61
C ARG O 186 23.72 38.07 -76.70
N ALA O 187 23.74 37.82 -75.40
CA ALA O 187 23.24 38.78 -74.42
C ALA O 187 24.11 40.03 -74.43
N TRP O 188 25.42 39.83 -74.42
CA TRP O 188 26.39 40.91 -74.52
C TRP O 188 26.04 41.84 -75.67
N GLU O 189 25.69 41.23 -76.81
CA GLU O 189 25.28 41.98 -77.99
C GLU O 189 23.84 42.46 -77.86
N TYR O 194 26.35 48.73 -69.41
CA TYR O 194 26.88 47.95 -68.30
C TYR O 194 27.60 48.88 -67.32
N SER O 195 27.52 48.55 -66.03
CA SER O 195 28.20 49.33 -65.01
C SER O 195 28.29 48.57 -63.69
N CYS O 196 29.41 48.77 -62.99
CA CYS O 196 29.65 48.11 -61.72
C CYS O 196 29.83 49.16 -60.63
N GLN O 197 29.01 49.09 -59.58
CA GLN O 197 29.10 50.05 -58.49
C GLN O 197 29.41 49.39 -57.15
N VAL O 198 30.42 49.93 -56.46
CA VAL O 198 30.86 49.40 -55.18
C VAL O 198 30.54 50.35 -54.04
N THR O 199 29.66 49.91 -53.14
CA THR O 199 29.31 50.71 -51.96
C THR O 199 30.18 50.30 -50.79
N HIS O 200 30.98 51.24 -50.29
CA HIS O 200 31.91 50.95 -49.19
C HIS O 200 31.79 51.95 -48.04
N GLU O 201 31.08 51.53 -47.00
CA GLU O 201 31.03 52.29 -45.75
C GLU O 201 30.76 53.77 -45.99
N GLY O 202 29.85 54.08 -46.90
CA GLY O 202 29.49 55.46 -47.19
C GLY O 202 29.22 55.73 -48.65
N HIS O 203 30.12 56.46 -49.29
CA HIS O 203 29.98 56.83 -50.69
C HIS O 203 29.87 55.60 -51.59
N THR O 204 29.60 55.82 -52.87
CA THR O 204 29.43 54.72 -53.81
C THR O 204 30.16 54.97 -55.12
N VAL O 205 31.30 54.29 -55.29
CA VAL O 205 32.10 54.42 -56.51
C VAL O 205 31.51 53.59 -57.64
N GLU O 206 31.16 54.26 -58.74
CA GLU O 206 30.50 53.59 -59.85
C GLU O 206 31.18 53.88 -61.19
N LYS O 207 31.23 52.88 -62.05
CA LYS O 207 31.84 53.03 -63.38
C LYS O 207 31.11 52.22 -64.46
N SER O 208 31.07 52.78 -65.67
CA SER O 208 30.30 52.20 -66.77
C SER O 208 31.17 51.77 -67.96
#